data_4XCY
#
_entry.id   4XCY
#
_cell.length_a   150.220
_cell.length_b   150.220
_cell.length_c   472.160
_cell.angle_alpha   90.00
_cell.angle_beta   90.00
_cell.angle_gamma   120.00
#
_symmetry.space_group_name_H-M   'P 61 2 2'
#
loop_
_entity.id
_entity.type
_entity.pdbx_description
1 polymer '4E10 Fab light chain'
2 polymer '4E10 Fab heavy chain'
3 non-polymer 'UNKNOWN LIGAND'
4 non-polymer '(2S)-3-{[(R)-{[(2R)-2,3-dihydroxypropyl]oxy}(hydroxy)phosphoryl]oxy}-2-(hexanoyloxy)propyl hexanoate'
5 non-polymer GLYCEROL
#
loop_
_entity_poly.entity_id
_entity_poly.type
_entity_poly.pdbx_seq_one_letter_code
_entity_poly.pdbx_strand_id
1 'polypeptide(L)'
;EIVLTQSPGTQSLSPGERATLSCRASQSVGNNKLAWYQQRPGQAPRLLIYGASSRPSGVADRFSGSGSGTDFTLTISRLE
PEDFAVYYCQQYGQSLSTFGQGTKVEVKRTVAAPSVFIFPPSDEQLKSGTASVVCLLNNFYPREAKVQWKVDNALQSGNS
QESVTEQDSKDSTYSLSSTLTLSKADYEKHKVYACEVTHQGLSSPVTKSFNRGEC
;
L,B,D,F,I,K
2 'polypeptide(L)'
;QVQLVQSGAEVKRPGSSVTVSCKASGGSFSTYALSWVRQAPGRGLEWMGGVIPLLTITNYAPRFQGRITITADRSTSTAY
LELNSLRPEDTAVYYCAREGTTGWGWLGKPIGAFAHWGQGTLVTVSSASTKGPSVFPLAPSSKSTSGGTAALGCLVKDYF
PEPVTVSWNSGALTSGVHTFPAVLQSSGLYSLSSVVTVPSSSLGTQTYICNVNHKPSNTKVDKKVEPKSC
;
H,A,C,E,G,J
#
loop_
_chem_comp.id
_chem_comp.type
_chem_comp.name
_chem_comp.formula
44G non-polymer '(2S)-3-{[(R)-{[(2R)-2,3-dihydroxypropyl]oxy}(hydroxy)phosphoryl]oxy}-2-(hexanoyloxy)propyl hexanoate' 'C18 H35 O10 P'
GOL non-polymer GLYCEROL 'C3 H8 O3'
UNL non-polymer 'UNKNOWN LIGAND' ?
#
# COMPACT_ATOMS: atom_id res chain seq x y z
N GLU A 1 -5.49 -7.90 22.79
CA GLU A 1 -5.09 -8.23 24.16
C GLU A 1 -3.74 -7.61 24.50
N ILE A 2 -3.67 -6.99 25.68
CA ILE A 2 -2.42 -6.42 26.16
C ILE A 2 -1.65 -7.48 26.96
N VAL A 3 -0.48 -7.86 26.48
CA VAL A 3 0.32 -8.89 27.15
C VAL A 3 1.41 -8.27 28.00
N LEU A 4 1.39 -8.55 29.30
CA LEU A 4 2.40 -8.02 30.20
C LEU A 4 3.54 -9.00 30.44
N THR A 5 4.77 -8.54 30.25
CA THR A 5 5.95 -9.36 30.49
C THR A 5 6.77 -8.84 31.66
N GLN A 6 6.85 -9.59 32.75
CA GLN A 6 7.63 -9.15 33.91
C GLN A 6 9.07 -9.58 33.79
N SER A 7 9.96 -8.80 34.40
CA SER A 7 11.37 -9.12 34.44
C SER A 7 11.99 -8.68 35.75
N PRO A 8 12.97 -9.45 36.26
CA PRO A 8 13.41 -10.73 35.69
C PRO A 8 12.57 -11.87 36.24
N GLY A 9 12.92 -13.10 35.88
CA GLY A 9 12.18 -14.27 36.31
C GLY A 9 12.26 -14.41 37.82
N THR A 10 13.43 -14.88 38.27
CA THR A 10 13.71 -15.06 39.69
C THR A 10 14.68 -13.97 40.16
N GLN A 11 14.63 -13.67 41.45
CA GLN A 11 15.40 -12.58 42.03
C GLN A 11 16.19 -13.05 43.25
N SER A 12 17.51 -12.88 43.16
CA SER A 12 18.40 -13.28 44.25
C SER A 12 19.01 -12.08 44.95
N LEU A 13 18.35 -11.61 46.00
CA LEU A 13 18.82 -10.45 46.73
C LEU A 13 18.93 -10.76 48.23
N SER A 14 19.67 -9.92 48.94
CA SER A 14 19.89 -10.12 50.38
C SER A 14 18.97 -9.24 51.22
N PRO A 15 18.67 -9.68 52.45
CA PRO A 15 17.84 -8.90 53.39
C PRO A 15 18.43 -7.52 53.70
N GLY A 16 17.78 -6.48 53.18
CA GLY A 16 18.21 -5.10 53.38
C GLY A 16 18.52 -4.41 52.06
N GLU A 17 18.62 -5.23 51.02
CA GLU A 17 18.92 -4.80 49.65
C GLU A 17 17.73 -4.12 48.95
N ARG A 18 18.05 -3.36 47.91
CA ARG A 18 17.06 -2.68 47.09
C ARG A 18 16.54 -3.53 45.95
N ALA A 19 15.24 -3.80 45.96
CA ALA A 19 14.64 -4.65 44.95
C ALA A 19 13.94 -3.82 43.88
N THR A 20 14.36 -3.99 42.63
CA THR A 20 13.72 -3.30 41.50
C THR A 20 13.13 -4.29 40.49
N LEU A 21 11.80 -4.38 40.47
CA LEU A 21 11.09 -5.29 39.58
C LEU A 21 10.49 -4.55 38.39
N SER A 22 10.65 -5.10 37.20
CA SER A 22 10.24 -4.45 35.96
C SER A 22 9.01 -5.12 35.34
N CYS A 23 8.16 -4.31 34.72
CA CYS A 23 6.98 -4.79 34.01
C CYS A 23 6.89 -4.09 32.67
N ARG A 24 6.95 -4.87 31.60
CA ARG A 24 6.93 -4.34 30.23
C ARG A 24 5.60 -4.63 29.54
N ALA A 25 4.99 -3.59 28.99
CA ALA A 25 3.68 -3.73 28.34
C ALA A 25 3.76 -3.99 26.84
N SER A 26 2.75 -4.68 26.31
CA SER A 26 2.67 -4.93 24.88
C SER A 26 2.34 -3.64 24.15
N GLN A 27 1.55 -2.79 24.82
CA GLN A 27 1.17 -1.48 24.31
C GLN A 27 0.84 -0.54 25.45
N SER A 28 0.75 0.76 25.14
CA SER A 28 0.54 1.80 26.14
C SER A 28 -0.68 1.57 27.03
N VAL A 29 -0.41 1.24 28.28
CA VAL A 29 -1.45 1.03 29.30
C VAL A 29 -2.26 2.31 29.51
N GLY A 30 -3.48 2.31 28.96
CA GLY A 30 -4.35 3.47 28.95
C GLY A 30 -4.72 3.99 30.32
N ASN A 31 -4.59 5.30 30.48
CA ASN A 31 -4.90 6.01 31.71
C ASN A 31 -3.99 5.61 32.88
N ASN A 32 -2.82 5.05 32.55
CA ASN A 32 -1.84 4.63 33.56
C ASN A 32 -2.45 3.75 34.66
N LYS A 33 -3.07 2.64 34.26
CA LYS A 33 -3.70 1.73 35.19
C LYS A 33 -2.99 0.38 35.35
N LEU A 34 -1.82 0.41 35.97
CA LEU A 34 -1.04 -0.79 36.26
C LEU A 34 -1.04 -1.03 37.76
N ALA A 35 -1.17 -2.29 38.17
CA ALA A 35 -1.27 -2.63 39.59
C ALA A 35 -0.29 -3.73 39.99
N TRP A 36 0.34 -3.53 41.15
CA TRP A 36 1.28 -4.51 41.69
C TRP A 36 0.71 -5.26 42.88
N TYR A 37 0.70 -6.58 42.78
CA TYR A 37 0.22 -7.45 43.84
C TYR A 37 1.34 -8.31 44.38
N GLN A 38 1.24 -8.63 45.67
CA GLN A 38 2.15 -9.54 46.31
C GLN A 38 1.37 -10.76 46.73
N GLN A 39 1.97 -11.89 46.49
CA GLN A 39 1.40 -13.19 46.89
C GLN A 39 2.43 -14.03 47.60
N ARG A 40 2.15 -14.43 48.83
CA ARG A 40 3.01 -15.33 49.53
C ARG A 40 2.54 -16.74 49.12
N PRO A 41 3.25 -17.78 49.58
CA PRO A 41 2.81 -19.13 49.38
C PRO A 41 1.60 -19.45 50.26
N GLY A 42 0.60 -20.09 49.67
CA GLY A 42 -0.56 -20.42 50.46
C GLY A 42 -1.63 -19.37 50.68
N GLN A 43 -1.38 -18.11 50.39
CA GLN A 43 -2.39 -17.09 50.66
C GLN A 43 -2.74 -16.35 49.38
N ALA A 44 -3.91 -15.72 49.38
CA ALA A 44 -4.40 -14.94 48.25
C ALA A 44 -3.62 -13.65 48.13
N PRO A 45 -3.38 -13.21 46.89
CA PRO A 45 -2.60 -12.01 46.64
C PRO A 45 -3.14 -10.77 47.34
N ARG A 46 -2.22 -9.88 47.64
CA ARG A 46 -2.50 -8.63 48.33
C ARG A 46 -2.07 -7.44 47.47
N LEU A 47 -2.95 -6.45 47.37
CA LEU A 47 -2.67 -5.29 46.54
C LEU A 47 -1.59 -4.42 47.18
N LEU A 48 -0.52 -4.20 46.43
CA LEU A 48 0.59 -3.36 46.89
C LEU A 48 0.47 -1.97 46.29
N ILE A 49 0.32 -1.91 44.98
CA ILE A 49 0.27 -0.63 44.27
C ILE A 49 -0.89 -0.61 43.30
N TYR A 50 -1.60 0.51 43.23
CA TYR A 50 -2.63 0.68 42.23
C TYR A 50 -2.44 2.00 41.49
N GLY A 51 -2.94 2.07 40.27
CA GLY A 51 -2.79 3.26 39.46
C GLY A 51 -1.32 3.54 39.17
N ALA A 52 -0.55 2.46 39.00
CA ALA A 52 0.86 2.53 38.64
C ALA A 52 1.81 3.11 39.69
N SER A 53 1.30 3.98 40.56
CA SER A 53 2.15 4.65 41.54
C SER A 53 1.50 4.86 42.91
N SER A 54 0.18 4.84 42.94
CA SER A 54 -0.58 5.08 44.17
C SER A 54 -0.52 3.87 45.10
N ARG A 55 -0.40 4.12 46.40
CA ARG A 55 -0.31 3.05 47.38
C ARG A 55 -1.52 3.06 48.31
N PRO A 56 -2.19 1.91 48.45
CA PRO A 56 -3.36 1.76 49.31
C PRO A 56 -3.00 1.95 50.78
N SER A 57 -4.00 2.19 51.61
CA SER A 57 -3.79 2.34 53.03
C SER A 57 -3.52 1.00 53.70
N GLY A 58 -2.63 1.01 54.68
CA GLY A 58 -2.27 -0.21 55.37
C GLY A 58 -1.03 -0.88 54.84
N VAL A 59 -0.66 -0.52 53.61
CA VAL A 59 0.53 -1.06 52.97
C VAL A 59 1.78 -0.31 53.41
N ALA A 60 2.82 -1.06 53.76
CA ALA A 60 4.07 -0.46 54.21
C ALA A 60 4.60 0.46 53.12
N ASP A 61 5.16 1.58 53.54
CA ASP A 61 5.60 2.62 52.62
C ASP A 61 6.95 2.32 51.98
N ARG A 62 7.47 1.12 52.19
CA ARG A 62 8.71 0.72 51.55
C ARG A 62 8.47 0.26 50.11
N PHE A 63 7.22 -0.02 49.76
CA PHE A 63 6.87 -0.34 48.38
C PHE A 63 6.53 0.95 47.64
N SER A 64 6.98 1.09 46.39
CA SER A 64 6.63 2.26 45.58
C SER A 64 6.71 1.95 44.08
N GLY A 65 5.62 2.27 43.37
CA GLY A 65 5.53 2.07 41.94
C GLY A 65 5.84 3.30 41.11
N SER A 66 6.44 3.10 39.94
CA SER A 66 6.80 4.22 39.06
C SER A 66 6.71 3.80 37.60
N GLY A 67 6.89 4.77 36.70
CA GLY A 67 6.89 4.48 35.28
C GLY A 67 5.52 4.72 34.66
N SER A 68 5.45 4.73 33.34
CA SER A 68 4.19 4.95 32.63
C SER A 68 4.25 4.45 31.19
N GLY A 69 3.11 4.41 30.53
CA GLY A 69 3.04 3.98 29.15
C GLY A 69 3.25 2.48 28.99
N THR A 70 4.49 2.07 28.72
CA THR A 70 4.79 0.66 28.54
C THR A 70 5.79 0.16 29.59
N ASP A 71 6.53 1.08 30.20
CA ASP A 71 7.51 0.70 31.21
C ASP A 71 7.01 1.00 32.62
N PHE A 72 6.90 -0.03 33.45
CA PHE A 72 6.50 0.13 34.84
C PHE A 72 7.48 -0.56 35.78
N THR A 73 7.61 -0.04 36.99
CA THR A 73 8.61 -0.55 37.94
C THR A 73 8.14 -0.53 39.39
N LEU A 74 8.21 -1.69 40.04
CA LEU A 74 7.92 -1.80 41.46
C LEU A 74 9.22 -1.81 42.25
N THR A 75 9.30 -0.93 43.25
CA THR A 75 10.51 -0.77 44.01
C THR A 75 10.33 -0.97 45.52
N ILE A 76 11.10 -1.90 46.06
CA ILE A 76 11.16 -2.11 47.50
C ILE A 76 12.49 -1.52 47.93
N SER A 77 12.46 -0.38 48.61
CA SER A 77 13.70 0.31 48.96
C SER A 77 14.59 -0.51 49.87
N ARG A 78 13.99 -1.24 50.81
CA ARG A 78 14.78 -2.10 51.68
C ARG A 78 14.00 -3.40 51.86
N LEU A 79 14.60 -4.49 51.40
CA LEU A 79 13.97 -5.80 51.53
C LEU A 79 14.12 -6.27 52.95
N GLU A 80 13.02 -6.72 53.53
CA GLU A 80 13.06 -7.31 54.85
C GLU A 80 12.45 -8.69 54.70
N PRO A 81 12.90 -9.65 55.53
CA PRO A 81 12.60 -11.08 55.52
C PRO A 81 11.16 -11.45 55.14
N GLU A 82 10.21 -10.55 55.36
CA GLU A 82 8.80 -10.80 55.05
C GLU A 82 8.29 -10.77 53.61
N ASP A 83 8.84 -9.81 52.89
CA ASP A 83 8.55 -9.48 51.50
C ASP A 83 9.10 -10.46 50.47
N PHE A 84 9.78 -11.51 50.93
CA PHE A 84 10.30 -12.47 49.98
C PHE A 84 9.19 -13.45 49.65
N ALA A 85 8.57 -13.18 48.51
CA ALA A 85 7.44 -13.94 47.98
C ALA A 85 7.36 -13.74 46.47
N VAL A 86 6.16 -13.85 45.90
CA VAL A 86 5.96 -13.66 44.46
C VAL A 86 5.19 -12.39 44.12
N TYR A 87 5.64 -11.65 43.11
CA TYR A 87 5.00 -10.39 42.76
C TYR A 87 4.41 -10.38 41.35
N TYR A 88 3.14 -10.01 41.22
CA TYR A 88 2.46 -9.97 39.93
C TYR A 88 2.08 -8.55 39.52
N CYS A 89 2.12 -8.25 38.23
CA CYS A 89 1.61 -6.97 37.74
C CYS A 89 0.40 -7.20 36.84
N GLN A 90 -0.59 -6.31 36.92
CA GLN A 90 -1.85 -6.48 36.21
C GLN A 90 -2.33 -5.16 35.64
N GLN A 91 -2.60 -5.12 34.34
CA GLN A 91 -3.17 -3.94 33.72
C GLN A 91 -4.68 -4.03 33.74
N TYR A 92 -5.33 -2.92 34.08
CA TYR A 92 -6.78 -2.89 34.15
C TYR A 92 -7.34 -1.60 33.56
N GLY A 93 -6.67 -1.09 32.53
CA GLY A 93 -7.14 0.10 31.86
C GLY A 93 -7.95 -0.22 30.62
N GLN A 94 -8.08 -1.52 30.33
CA GLN A 94 -8.87 -1.97 29.19
C GLN A 94 -10.01 -2.84 29.69
N SER A 95 -10.94 -3.16 28.78
CA SER A 95 -12.05 -4.05 29.08
C SER A 95 -11.53 -5.41 29.53
N LEU A 96 -10.61 -5.97 28.75
CA LEU A 96 -9.92 -7.19 29.14
C LEU A 96 -8.78 -6.88 30.11
N SER A 97 -8.70 -7.64 31.19
CA SER A 97 -7.61 -7.50 32.16
C SER A 97 -6.65 -8.68 32.11
N THR A 98 -5.36 -8.39 32.22
CA THR A 98 -4.34 -9.45 32.18
C THR A 98 -3.26 -9.25 33.24
N PHE A 99 -2.79 -10.36 33.82
CA PHE A 99 -1.72 -10.35 34.80
C PHE A 99 -0.38 -10.61 34.13
N GLY A 100 0.69 -10.56 34.92
CA GLY A 100 1.99 -10.98 34.44
C GLY A 100 2.16 -12.46 34.74
N GLN A 101 3.39 -12.94 34.75
CA GLN A 101 3.65 -14.34 35.08
C GLN A 101 4.33 -14.46 36.44
N GLY A 102 4.57 -13.31 37.06
CA GLY A 102 5.12 -13.26 38.40
C GLY A 102 6.63 -13.15 38.41
N THR A 103 7.16 -12.71 39.56
CA THR A 103 8.60 -12.59 39.78
C THR A 103 8.94 -12.99 41.20
N LYS A 104 9.60 -14.13 41.34
CA LYS A 104 9.95 -14.65 42.66
C LYS A 104 11.18 -13.95 43.23
N VAL A 105 11.01 -13.35 44.40
CA VAL A 105 12.12 -12.70 45.10
C VAL A 105 12.61 -13.61 46.22
N GLU A 106 13.80 -14.18 46.04
CA GLU A 106 14.33 -15.13 47.03
C GLU A 106 15.48 -14.57 47.87
N VAL A 107 15.73 -15.25 48.98
CA VAL A 107 16.86 -14.94 49.83
C VAL A 107 18.10 -15.58 49.21
N LYS A 108 19.16 -14.79 49.09
CA LYS A 108 20.46 -15.20 48.58
C LYS A 108 21.44 -15.62 49.67
N ARG A 109 21.87 -16.88 49.66
CA ARG A 109 22.83 -17.23 50.71
C ARG A 109 24.13 -17.75 50.06
N THR A 110 25.11 -18.03 50.90
CA THR A 110 26.43 -18.54 50.49
C THR A 110 26.56 -19.95 49.95
N VAL A 111 25.73 -20.34 48.97
CA VAL A 111 25.69 -21.70 48.40
C VAL A 111 26.01 -22.88 49.36
N ALA A 112 25.08 -23.83 49.41
CA ALA A 112 25.22 -24.99 50.29
C ALA A 112 25.13 -26.30 49.53
N ALA A 113 26.11 -27.19 49.72
CA ALA A 113 26.06 -28.47 49.05
C ALA A 113 24.93 -29.28 49.68
N PRO A 114 24.19 -30.03 48.85
CA PRO A 114 23.02 -30.81 49.26
C PRO A 114 23.36 -32.08 50.05
N SER A 115 22.59 -32.34 51.10
CA SER A 115 22.71 -33.58 51.84
C SER A 115 21.93 -34.69 51.15
N VAL A 116 22.63 -35.57 50.45
CA VAL A 116 21.97 -36.58 49.62
C VAL A 116 21.67 -37.87 50.37
N PHE A 117 20.42 -38.34 50.26
CA PHE A 117 20.05 -39.61 50.86
C PHE A 117 19.30 -40.46 49.82
N ILE A 118 19.24 -41.77 50.00
CA ILE A 118 18.46 -42.61 49.10
C ILE A 118 17.72 -43.73 49.84
N PHE A 119 16.44 -43.92 49.51
CA PHE A 119 15.63 -44.93 50.18
C PHE A 119 15.05 -45.95 49.21
N PRO A 120 15.37 -47.24 49.42
CA PRO A 120 14.79 -48.36 48.68
C PRO A 120 13.31 -48.48 49.01
N PRO A 121 12.52 -49.10 48.13
CA PRO A 121 11.09 -49.29 48.38
C PRO A 121 10.80 -50.15 49.61
N SER A 122 9.68 -49.86 50.27
CA SER A 122 9.27 -50.54 51.49
C SER A 122 8.90 -51.99 51.18
N ASP A 123 9.02 -52.86 52.18
CA ASP A 123 8.63 -54.25 52.05
C ASP A 123 7.12 -54.33 51.81
N GLU A 124 6.36 -53.47 52.48
CA GLU A 124 4.93 -53.41 52.28
C GLU A 124 4.58 -52.94 50.87
N GLN A 125 5.31 -51.97 50.35
CA GLN A 125 5.05 -51.46 49.00
C GLN A 125 5.32 -52.53 47.94
N LEU A 126 6.39 -53.30 48.14
CA LEU A 126 6.70 -54.40 47.24
C LEU A 126 5.64 -55.48 47.27
N LYS A 127 5.05 -55.71 48.43
CA LYS A 127 3.97 -56.69 48.58
C LYS A 127 2.63 -56.10 48.13
N SER A 128 2.67 -54.87 47.63
CA SER A 128 1.48 -54.24 47.07
C SER A 128 1.50 -54.28 45.55
N GLY A 129 2.69 -54.49 44.97
CA GLY A 129 2.82 -54.64 43.54
C GLY A 129 3.67 -53.58 42.84
N THR A 130 3.95 -52.48 43.54
CA THR A 130 4.69 -51.37 42.96
C THR A 130 5.90 -51.00 43.81
N ALA A 131 6.97 -50.53 43.16
CA ALA A 131 8.19 -50.15 43.86
C ALA A 131 8.54 -48.69 43.61
N SER A 132 9.04 -48.03 44.64
CA SER A 132 9.39 -46.61 44.53
C SER A 132 10.66 -46.23 45.30
N VAL A 133 11.71 -45.89 44.55
CA VAL A 133 12.95 -45.46 45.15
C VAL A 133 12.94 -43.94 45.35
N VAL A 134 13.37 -43.47 46.52
CA VAL A 134 13.29 -42.04 46.82
C VAL A 134 14.66 -41.41 47.06
N CYS A 135 15.05 -40.48 46.20
CA CYS A 135 16.30 -39.74 46.37
C CYS A 135 16.02 -38.37 46.97
N LEU A 136 16.67 -38.09 48.10
CA LEU A 136 16.47 -36.85 48.84
C LEU A 136 17.66 -35.90 48.79
N LEU A 137 17.39 -34.65 48.43
CA LEU A 137 18.41 -33.61 48.46
C LEU A 137 18.04 -32.60 49.54
N ASN A 138 18.72 -32.68 50.68
CA ASN A 138 18.33 -31.89 51.84
C ASN A 138 19.15 -30.62 52.04
N ASN A 139 18.44 -29.50 52.15
CA ASN A 139 19.03 -28.18 52.43
C ASN A 139 20.19 -27.76 51.52
N PHE A 140 19.86 -27.11 50.41
CA PHE A 140 20.89 -26.64 49.47
C PHE A 140 20.53 -25.30 48.82
N TYR A 141 21.56 -24.60 48.34
CA TYR A 141 21.38 -23.36 47.58
C TYR A 141 22.48 -23.24 46.54
N PRO A 142 22.15 -22.79 45.32
CA PRO A 142 20.81 -22.39 44.87
C PRO A 142 19.93 -23.58 44.48
N ARG A 143 18.74 -23.29 43.96
CA ARG A 143 17.80 -24.32 43.54
C ARG A 143 18.35 -25.24 42.45
N GLU A 144 19.11 -24.66 41.53
CA GLU A 144 19.64 -25.40 40.37
C GLU A 144 20.41 -26.66 40.76
N ALA A 145 19.68 -27.77 40.83
CA ALA A 145 20.29 -29.08 41.11
C ALA A 145 19.68 -30.14 40.21
N LYS A 146 20.53 -30.97 39.61
CA LYS A 146 20.03 -32.00 38.70
C LYS A 146 20.21 -33.41 39.24
N VAL A 147 19.13 -34.19 39.20
CA VAL A 147 19.13 -35.56 39.69
C VAL A 147 18.91 -36.54 38.53
N GLN A 148 19.87 -37.45 38.35
CA GLN A 148 19.79 -38.48 37.31
C GLN A 148 19.67 -39.88 37.90
N TRP A 149 18.64 -40.61 37.48
CA TRP A 149 18.41 -41.95 37.97
C TRP A 149 19.17 -42.99 37.16
N LYS A 150 19.94 -43.81 37.87
CA LYS A 150 20.74 -44.85 37.25
C LYS A 150 20.43 -46.23 37.80
N VAL A 151 19.83 -47.08 36.97
CA VAL A 151 19.57 -48.46 37.36
C VAL A 151 20.48 -49.39 36.57
N ASP A 152 21.31 -50.14 37.27
CA ASP A 152 22.35 -50.95 36.62
C ASP A 152 23.25 -50.11 35.72
N ASN A 153 23.61 -48.91 36.19
CA ASN A 153 24.41 -47.97 35.42
C ASN A 153 23.82 -47.62 34.05
N ALA A 154 22.51 -47.34 34.06
CA ALA A 154 21.79 -46.94 32.86
C ALA A 154 20.83 -45.78 33.15
N LEU A 155 21.05 -44.66 32.48
CA LEU A 155 20.26 -43.44 32.69
C LEU A 155 18.79 -43.71 32.39
N GLN A 156 18.03 -43.95 33.46
CA GLN A 156 16.60 -44.18 33.36
C GLN A 156 15.86 -42.87 33.10
N SER A 157 14.90 -42.87 32.17
CA SER A 157 14.13 -41.66 31.88
C SER A 157 12.69 -41.95 31.49
N GLY A 158 11.78 -41.05 31.86
CA GLY A 158 10.37 -41.22 31.55
C GLY A 158 9.55 -41.27 32.82
N ASN A 159 10.04 -42.07 33.74
CA ASN A 159 9.51 -42.20 35.09
C ASN A 159 10.18 -41.20 36.03
N SER A 160 9.97 -41.36 37.33
CA SER A 160 10.56 -40.50 38.34
C SER A 160 10.07 -39.05 38.27
N GLN A 161 9.44 -38.60 39.34
CA GLN A 161 8.99 -37.21 39.41
C GLN A 161 9.73 -36.51 40.54
N GLU A 162 9.86 -35.19 40.44
CA GLU A 162 10.57 -34.45 41.46
C GLU A 162 9.81 -33.23 41.99
N SER A 163 10.04 -32.91 43.25
CA SER A 163 9.42 -31.74 43.89
C SER A 163 10.40 -30.99 44.77
N VAL A 164 10.35 -29.66 44.72
CA VAL A 164 11.26 -28.83 45.49
C VAL A 164 10.47 -28.02 46.50
N THR A 165 10.90 -28.05 47.76
CA THR A 165 10.25 -27.27 48.81
C THR A 165 10.42 -25.78 48.57
N GLU A 166 9.55 -24.99 49.17
CA GLU A 166 9.69 -23.54 49.12
C GLU A 166 10.93 -23.16 49.92
N GLN A 167 11.47 -21.98 49.64
CA GLN A 167 12.67 -21.53 50.36
C GLN A 167 12.41 -21.42 51.87
N ASP A 168 13.24 -22.10 52.64
CA ASP A 168 13.09 -22.16 54.10
C ASP A 168 13.13 -20.78 54.74
N SER A 169 12.35 -20.61 55.81
CA SER A 169 12.25 -19.32 56.48
C SER A 169 13.39 -19.10 57.49
N LYS A 170 14.22 -20.12 57.69
CA LYS A 170 15.31 -20.02 58.66
C LYS A 170 16.66 -19.97 57.97
N ASP A 171 16.96 -20.97 57.12
CA ASP A 171 18.26 -21.06 56.47
C ASP A 171 18.23 -20.74 54.98
N SER A 172 17.04 -20.49 54.45
CA SER A 172 16.87 -20.09 53.06
C SER A 172 17.42 -21.11 52.06
N THR A 173 17.21 -22.39 52.35
CA THR A 173 17.68 -23.44 51.45
C THR A 173 16.51 -24.25 50.90
N TYR A 174 16.66 -24.71 49.66
CA TYR A 174 15.63 -25.54 49.02
C TYR A 174 15.93 -27.01 49.29
N SER A 175 14.90 -27.84 49.20
CA SER A 175 15.05 -29.28 49.36
C SER A 175 14.31 -30.03 48.26
N LEU A 176 15.01 -30.94 47.58
CA LEU A 176 14.42 -31.66 46.45
C LEU A 176 14.14 -33.11 46.82
N SER A 177 13.09 -33.66 46.21
CA SER A 177 12.72 -35.06 46.37
C SER A 177 12.37 -35.69 45.03
N SER A 178 13.10 -36.73 44.65
CA SER A 178 12.84 -37.44 43.40
C SER A 178 12.35 -38.85 43.68
N THR A 179 11.29 -39.27 43.01
CA THR A 179 10.69 -40.58 43.28
C THR A 179 10.60 -41.45 42.04
N LEU A 180 11.56 -42.36 41.88
CA LEU A 180 11.54 -43.31 40.78
C LEU A 180 10.49 -44.39 40.99
N THR A 181 9.55 -44.51 40.06
CA THR A 181 8.46 -45.47 40.21
C THR A 181 8.59 -46.57 39.16
N LEU A 182 8.65 -47.81 39.63
CA LEU A 182 8.68 -48.97 38.76
C LEU A 182 7.70 -50.01 39.28
N SER A 183 7.41 -51.03 38.48
CA SER A 183 6.61 -52.15 38.94
C SER A 183 7.56 -53.17 39.59
N LYS A 184 6.99 -54.11 40.33
CA LYS A 184 7.78 -55.11 41.05
C LYS A 184 8.61 -56.03 40.15
N ALA A 185 8.04 -56.40 39.01
CA ALA A 185 8.72 -57.27 38.06
C ALA A 185 9.93 -56.54 37.51
N ASP A 186 9.68 -55.32 37.06
CA ASP A 186 10.71 -54.46 36.53
C ASP A 186 11.75 -54.10 37.60
N TYR A 187 11.31 -54.06 38.86
CA TYR A 187 12.21 -53.72 39.96
C TYR A 187 13.15 -54.88 40.30
N GLU A 188 12.63 -56.10 40.20
CA GLU A 188 13.40 -57.30 40.55
C GLU A 188 14.34 -57.83 39.46
N LYS A 189 14.30 -57.23 38.27
CA LYS A 189 15.16 -57.66 37.18
C LYS A 189 16.57 -57.09 37.29
N HIS A 190 16.77 -56.23 38.27
CA HIS A 190 18.03 -55.51 38.42
C HIS A 190 18.58 -55.47 39.85
N LYS A 191 19.86 -55.10 39.98
CA LYS A 191 20.54 -55.11 41.28
C LYS A 191 21.08 -53.78 41.77
N VAL A 192 21.68 -53.02 40.87
CA VAL A 192 22.30 -51.75 41.28
C VAL A 192 21.36 -50.56 41.06
N TYR A 193 20.91 -49.97 42.16
CA TYR A 193 20.07 -48.78 42.07
C TYR A 193 20.79 -47.57 42.66
N ALA A 194 20.97 -46.56 41.82
CA ALA A 194 21.80 -45.40 42.13
C ALA A 194 21.15 -44.08 41.73
N CYS A 195 21.39 -43.05 42.53
CA CYS A 195 20.96 -41.70 42.17
CA CYS A 195 20.95 -41.69 42.22
C CYS A 195 22.15 -40.73 42.14
N GLU A 196 22.29 -40.04 41.01
CA GLU A 196 23.40 -39.12 40.78
C GLU A 196 22.99 -37.66 40.90
N VAL A 197 23.66 -36.92 41.78
CA VAL A 197 23.28 -35.52 42.02
C VAL A 197 24.37 -34.53 41.61
N THR A 198 24.00 -33.58 40.75
CA THR A 198 24.90 -32.50 40.34
C THR A 198 24.41 -31.15 40.85
N HIS A 199 25.30 -30.37 41.45
CA HIS A 199 24.93 -29.08 42.03
C HIS A 199 26.17 -28.17 42.08
N GLN A 200 25.98 -26.87 42.30
CA GLN A 200 27.10 -25.93 42.36
C GLN A 200 28.08 -26.29 43.48
N GLY A 201 27.56 -26.52 44.67
CA GLY A 201 28.39 -26.81 45.83
C GLY A 201 29.16 -28.11 45.73
N LEU A 202 28.80 -28.96 44.76
CA LEU A 202 29.49 -30.22 44.56
C LEU A 202 30.48 -30.14 43.41
N SER A 203 31.76 -30.22 43.72
CA SER A 203 32.82 -30.16 42.71
C SER A 203 32.64 -31.28 41.70
N SER A 204 32.48 -32.49 42.23
CA SER A 204 32.16 -33.65 41.40
C SER A 204 30.79 -34.19 41.79
N PRO A 205 30.07 -34.76 40.80
CA PRO A 205 28.73 -35.32 41.01
C PRO A 205 28.74 -36.38 42.11
N VAL A 206 27.77 -36.32 43.02
CA VAL A 206 27.67 -37.31 44.08
C VAL A 206 26.63 -38.38 43.76
N THR A 207 27.10 -39.63 43.69
CA THR A 207 26.23 -40.76 43.37
C THR A 207 26.01 -41.64 44.59
N LYS A 208 24.81 -41.58 45.15
CA LYS A 208 24.44 -42.40 46.30
C LYS A 208 23.71 -43.64 45.81
N SER A 209 24.09 -44.81 46.30
CA SER A 209 23.53 -46.02 45.73
C SER A 209 23.35 -47.15 46.73
N PHE A 210 22.63 -48.16 46.27
CA PHE A 210 22.48 -49.40 47.00
C PHE A 210 22.31 -50.53 46.01
N ASN A 211 22.29 -51.74 46.55
CA ASN A 211 22.00 -52.91 45.77
C ASN A 211 20.70 -53.47 46.32
N ARG A 212 19.86 -53.94 45.41
CA ARG A 212 18.51 -54.40 45.75
C ARG A 212 18.53 -55.57 46.73
N GLY A 213 17.98 -55.40 47.93
CA GLY A 213 18.00 -56.53 48.84
C GLY A 213 19.25 -56.93 49.62
N GLU A 214 20.13 -55.98 49.94
CA GLU A 214 21.34 -56.34 50.68
C GLU A 214 21.46 -55.72 52.07
N GLN B 1 -14.50 -3.06 57.56
CA GLN B 1 -13.75 -3.61 56.44
C GLN B 1 -14.59 -4.59 55.64
N VAL B 2 -14.20 -4.81 54.39
CA VAL B 2 -14.91 -5.73 53.51
C VAL B 2 -14.24 -7.10 53.51
N GLN B 3 -15.04 -8.16 53.47
CA GLN B 3 -14.48 -9.51 53.33
C GLN B 3 -15.34 -10.39 52.43
N LEU B 4 -14.68 -11.26 51.67
CA LEU B 4 -15.38 -12.15 50.74
C LEU B 4 -15.19 -13.61 51.09
N VAL B 5 -16.28 -14.29 51.43
CA VAL B 5 -16.20 -15.71 51.78
C VAL B 5 -16.82 -16.59 50.69
N GLN B 6 -15.99 -17.42 50.07
CA GLN B 6 -16.42 -18.28 48.96
C GLN B 6 -16.86 -19.65 49.45
N SER B 7 -17.34 -20.47 48.53
CA SER B 7 -17.76 -21.83 48.85
C SER B 7 -16.54 -22.73 49.08
N GLY B 8 -16.77 -23.87 49.72
CA GLY B 8 -15.72 -24.83 50.00
C GLY B 8 -15.20 -25.55 48.77
N ALA B 9 -14.09 -26.26 48.92
CA ALA B 9 -13.49 -26.98 47.81
C ALA B 9 -14.42 -28.11 47.39
N GLU B 10 -14.37 -28.48 46.11
CA GLU B 10 -15.21 -29.55 45.58
C GLU B 10 -14.53 -30.29 44.44
N VAL B 11 -14.95 -31.54 44.23
CA VAL B 11 -14.36 -32.37 43.19
C VAL B 11 -15.41 -32.69 42.15
N LYS B 12 -15.08 -32.42 40.90
CA LYS B 12 -16.03 -32.64 39.81
C LYS B 12 -15.46 -33.62 38.79
N ARG B 13 -16.33 -34.23 37.99
CA ARG B 13 -15.87 -35.14 36.94
C ARG B 13 -15.71 -34.38 35.62
N PRO B 14 -14.82 -34.88 34.74
CA PRO B 14 -14.61 -34.26 33.43
C PRO B 14 -15.90 -34.19 32.61
N GLY B 15 -16.26 -32.99 32.16
CA GLY B 15 -17.47 -32.80 31.38
C GLY B 15 -18.58 -32.10 32.13
N SER B 16 -18.62 -32.32 33.45
CA SER B 16 -19.65 -31.73 34.31
C SER B 16 -19.39 -30.25 34.58
N SER B 17 -20.43 -29.54 35.03
CA SER B 17 -20.31 -28.11 35.30
C SER B 17 -20.25 -27.81 36.81
N VAL B 18 -19.40 -26.87 37.18
CA VAL B 18 -19.21 -26.48 38.57
C VAL B 18 -19.75 -25.07 38.83
N THR B 19 -20.14 -24.79 40.08
CA THR B 19 -20.66 -23.48 40.46
C THR B 19 -20.15 -23.08 41.84
N VAL B 20 -19.26 -22.07 41.86
CA VAL B 20 -18.64 -21.57 43.07
C VAL B 20 -19.27 -20.23 43.47
N SER B 21 -19.51 -20.06 44.76
CA SER B 21 -20.12 -18.84 45.26
C SER B 21 -19.10 -17.91 45.91
N CYS B 22 -19.54 -16.70 46.23
CA CYS B 22 -18.68 -15.71 46.87
C CYS B 22 -19.54 -14.63 47.51
N LYS B 23 -19.67 -14.69 48.84
CA LYS B 23 -20.51 -13.74 49.55
C LYS B 23 -19.74 -12.57 50.13
N ALA B 24 -20.30 -11.37 49.99
CA ALA B 24 -19.65 -10.15 50.46
C ALA B 24 -20.18 -9.71 51.82
N SER B 25 -19.26 -9.38 52.72
CA SER B 25 -19.60 -8.87 54.04
C SER B 25 -18.97 -7.50 54.27
N GLY B 26 -19.74 -6.58 54.84
CA GLY B 26 -19.24 -5.23 55.06
C GLY B 26 -19.33 -4.40 53.79
N GLY B 27 -19.30 -3.08 53.94
CA GLY B 27 -19.33 -2.20 52.78
C GLY B 27 -20.53 -2.41 51.87
N SER B 28 -20.41 -1.94 50.64
CA SER B 28 -21.47 -2.11 49.67
C SER B 28 -21.16 -3.31 48.78
N PHE B 29 -21.88 -3.43 47.67
CA PHE B 29 -21.69 -4.58 46.80
C PHE B 29 -22.15 -4.26 45.38
N SER B 30 -23.23 -3.47 45.31
CA SER B 30 -23.90 -3.21 44.05
C SER B 30 -23.06 -2.40 43.06
N THR B 31 -22.21 -1.53 43.59
CA THR B 31 -21.49 -0.57 42.76
C THR B 31 -19.99 -0.77 42.56
N TYR B 32 -19.46 -1.92 42.96
CA TYR B 32 -18.04 -2.21 42.77
C TYR B 32 -17.87 -3.49 41.96
N ALA B 33 -17.00 -3.42 40.95
CA ALA B 33 -16.83 -4.54 40.01
C ALA B 33 -16.25 -5.79 40.68
N LEU B 34 -16.90 -6.93 40.44
CA LEU B 34 -16.46 -8.18 41.04
C LEU B 34 -15.92 -9.15 39.98
N SER B 35 -14.64 -9.47 40.10
CA SER B 35 -13.96 -10.36 39.16
C SER B 35 -13.61 -11.73 39.75
N TRP B 36 -13.30 -12.68 38.89
CA TRP B 36 -12.85 -14.01 39.31
C TRP B 36 -11.48 -14.33 38.70
N VAL B 37 -10.53 -14.72 39.55
CA VAL B 37 -9.18 -15.03 39.09
C VAL B 37 -8.70 -16.38 39.62
N ARG B 38 -8.43 -17.30 38.71
CA ARG B 38 -7.98 -18.65 39.08
C ARG B 38 -6.47 -18.82 38.95
N GLN B 39 -5.93 -19.77 39.70
CA GLN B 39 -4.49 -20.05 39.70
C GLN B 39 -4.19 -21.55 39.75
N ALA B 40 -3.63 -22.06 38.66
CA ALA B 40 -3.24 -23.47 38.59
C ALA B 40 -2.08 -23.70 39.56
N PRO B 41 -1.95 -24.93 40.09
CA PRO B 41 -0.88 -25.25 41.04
C PRO B 41 0.53 -24.95 40.52
N GLY B 42 1.22 -24.05 41.21
CA GLY B 42 2.58 -23.67 40.84
C GLY B 42 2.68 -22.68 39.70
N ARG B 43 1.55 -22.38 39.06
CA ARG B 43 1.54 -21.44 37.95
C ARG B 43 1.15 -20.05 38.44
N GLY B 44 1.05 -19.10 37.53
CA GLY B 44 0.72 -17.73 37.88
C GLY B 44 -0.77 -17.43 37.85
N LEU B 45 -1.11 -16.19 38.19
CA LEU B 45 -2.50 -15.75 38.19
C LEU B 45 -3.05 -15.56 36.79
N GLU B 46 -4.33 -15.86 36.61
CA GLU B 46 -4.98 -15.77 35.32
C GLU B 46 -6.39 -15.20 35.45
N TRP B 47 -6.67 -14.14 34.70
CA TRP B 47 -7.98 -13.48 34.75
C TRP B 47 -9.03 -14.26 33.98
N MET B 48 -10.21 -14.40 34.58
CA MET B 48 -11.30 -15.14 33.95
C MET B 48 -12.39 -14.18 33.46
N GLY B 49 -12.81 -13.28 34.33
CA GLY B 49 -13.85 -12.32 33.97
C GLY B 49 -14.31 -11.45 35.12
N GLY B 50 -15.25 -10.56 34.83
CA GLY B 50 -15.78 -9.66 35.84
C GLY B 50 -17.20 -9.20 35.55
N VAL B 51 -17.87 -8.67 36.57
CA VAL B 51 -19.23 -8.18 36.44
C VAL B 51 -19.49 -7.06 37.46
N ILE B 52 -20.09 -5.97 36.99
CA ILE B 52 -20.55 -4.93 37.89
C ILE B 52 -22.01 -5.27 38.19
N PRO B 53 -22.31 -5.64 39.45
CA PRO B 53 -23.59 -6.19 39.92
C PRO B 53 -24.80 -5.32 39.60
N LEU B 54 -24.62 -4.02 39.68
CA LEU B 54 -25.70 -3.06 39.44
C LEU B 54 -26.14 -3.11 37.99
N LEU B 55 -25.19 -2.96 37.06
CA LEU B 55 -25.54 -2.96 35.64
C LEU B 55 -25.63 -4.29 34.89
N THR B 56 -25.16 -5.35 35.53
CA THR B 56 -25.13 -6.70 34.95
C THR B 56 -24.37 -6.68 33.61
N ILE B 57 -23.25 -5.97 33.59
CA ILE B 57 -22.37 -5.93 32.44
C ILE B 57 -21.32 -7.04 32.57
N THR B 58 -21.40 -8.06 31.74
CA THR B 58 -20.44 -9.15 31.92
C THR B 58 -19.25 -9.01 30.97
N ASN B 59 -18.05 -9.20 31.51
CA ASN B 59 -16.84 -9.17 30.70
C ASN B 59 -16.00 -10.42 30.89
N TYR B 60 -15.97 -11.28 29.88
CA TYR B 60 -15.26 -12.54 29.96
C TYR B 60 -13.93 -12.51 29.21
N ALA B 61 -12.96 -13.28 29.71
CA ALA B 61 -11.70 -13.42 29.02
C ALA B 61 -11.94 -14.37 27.83
N PRO B 62 -11.39 -14.02 26.66
CA PRO B 62 -11.57 -14.75 25.39
C PRO B 62 -11.34 -16.27 25.47
N ARG B 63 -10.46 -16.69 26.36
CA ARG B 63 -10.11 -18.10 26.57
C ARG B 63 -11.26 -18.90 27.20
N PHE B 64 -12.10 -18.17 27.93
CA PHE B 64 -13.23 -18.67 28.71
C PHE B 64 -14.58 -18.26 28.10
N GLN B 65 -14.53 -17.49 27.03
CA GLN B 65 -15.69 -16.91 26.35
C GLN B 65 -16.81 -17.88 25.92
N GLY B 66 -16.56 -19.17 26.07
CA GLY B 66 -17.50 -20.21 25.71
C GLY B 66 -18.08 -20.98 26.88
N ARG B 67 -17.21 -21.30 27.82
CA ARG B 67 -17.49 -22.11 29.01
C ARG B 67 -17.74 -21.40 30.35
N ILE B 68 -17.57 -20.08 30.41
CA ILE B 68 -17.72 -19.38 31.69
C ILE B 68 -19.03 -18.59 31.79
N THR B 69 -19.54 -18.47 33.02
CA THR B 69 -20.74 -17.68 33.26
C THR B 69 -20.67 -17.08 34.66
N ILE B 70 -20.47 -15.76 34.71
CA ILE B 70 -20.35 -15.04 35.97
C ILE B 70 -21.54 -14.13 36.23
N THR B 71 -22.12 -14.27 37.42
CA THR B 71 -23.27 -13.47 37.84
C THR B 71 -23.15 -12.88 39.23
N ALA B 72 -24.13 -12.05 39.58
CA ALA B 72 -24.15 -11.40 40.88
C ALA B 72 -25.57 -11.12 41.35
N ASP B 73 -25.94 -11.80 42.44
CA ASP B 73 -27.24 -11.66 43.07
C ASP B 73 -27.16 -10.55 44.11
N ARG B 74 -27.91 -9.48 43.89
CA ARG B 74 -27.89 -8.32 44.77
C ARG B 74 -28.71 -8.59 46.05
N SER B 75 -29.65 -9.52 45.95
CA SER B 75 -30.53 -9.84 47.08
C SER B 75 -29.80 -10.57 48.20
N THR B 76 -28.68 -11.21 47.85
CA THR B 76 -27.89 -11.97 48.82
C THR B 76 -26.47 -11.45 48.90
N SER B 77 -26.18 -10.42 48.11
CA SER B 77 -24.84 -9.85 47.99
C SER B 77 -23.85 -10.95 47.64
N THR B 78 -24.22 -11.81 46.70
CA THR B 78 -23.41 -12.99 46.41
C THR B 78 -23.14 -13.17 44.92
N ALA B 79 -21.86 -13.30 44.58
CA ALA B 79 -21.46 -13.55 43.20
C ALA B 79 -21.25 -15.03 42.91
N TYR B 80 -21.62 -15.46 41.71
CA TYR B 80 -21.51 -16.85 41.32
C TYR B 80 -20.71 -17.04 40.05
N LEU B 81 -19.78 -17.98 40.10
CA LEU B 81 -19.01 -18.37 38.92
C LEU B 81 -19.41 -19.78 38.54
N GLU B 82 -19.81 -19.95 37.29
CA GLU B 82 -20.20 -21.27 36.79
C GLU B 82 -19.37 -21.64 35.59
N LEU B 83 -18.59 -22.72 35.74
CA LEU B 83 -17.74 -23.20 34.67
C LEU B 83 -18.28 -24.50 34.08
N ASN B 84 -18.60 -24.46 32.79
CA ASN B 84 -19.17 -25.60 32.10
C ASN B 84 -18.09 -26.38 31.36
N SER B 85 -18.37 -27.66 31.08
CA SER B 85 -17.44 -28.52 30.35
C SER B 85 -16.07 -28.57 30.99
N LEU B 86 -15.98 -29.10 32.20
CA LEU B 86 -14.71 -29.16 32.91
C LEU B 86 -13.80 -30.22 32.29
N ARG B 87 -12.50 -30.01 32.44
CA ARG B 87 -11.49 -30.93 31.92
C ARG B 87 -10.21 -30.81 32.76
N PRO B 88 -9.41 -31.90 32.83
CA PRO B 88 -8.21 -32.00 33.67
C PRO B 88 -7.37 -30.73 33.82
N GLU B 89 -7.38 -29.86 32.80
CA GLU B 89 -6.61 -28.61 32.86
C GLU B 89 -7.37 -27.46 33.52
N ASP B 90 -8.49 -27.77 34.16
CA ASP B 90 -9.25 -26.76 34.89
C ASP B 90 -8.96 -26.83 36.38
N THR B 91 -8.14 -27.81 36.78
CA THR B 91 -7.80 -27.95 38.19
C THR B 91 -6.98 -26.76 38.65
N ALA B 92 -7.55 -25.95 39.54
CA ALA B 92 -6.90 -24.75 40.03
C ALA B 92 -7.56 -24.23 41.29
N VAL B 93 -7.04 -23.12 41.81
CA VAL B 93 -7.66 -22.44 42.93
C VAL B 93 -8.36 -21.18 42.42
N TYR B 94 -9.69 -21.14 42.58
CA TYR B 94 -10.49 -20.05 42.05
C TYR B 94 -10.77 -18.99 43.10
N TYR B 95 -10.27 -17.79 42.86
CA TYR B 95 -10.41 -16.68 43.78
C TYR B 95 -11.47 -15.67 43.34
N CYS B 96 -12.25 -15.18 44.30
CA CYS B 96 -13.17 -14.10 44.03
CA CYS B 96 -13.19 -14.10 44.06
C CYS B 96 -12.57 -12.79 44.51
N ALA B 97 -12.44 -11.83 43.60
CA ALA B 97 -11.86 -10.55 43.97
C ALA B 97 -12.80 -9.37 43.69
N ARG B 98 -12.57 -8.27 44.41
CA ARG B 98 -13.33 -7.05 44.22
C ARG B 98 -12.41 -5.83 44.31
N GLU B 99 -12.68 -4.84 43.48
CA GLU B 99 -11.87 -3.64 43.47
C GLU B 99 -12.07 -2.80 44.74
N GLY B 100 -11.01 -2.15 45.21
CA GLY B 100 -11.07 -1.35 46.41
C GLY B 100 -11.76 -0.02 46.19
N THR B 101 -11.75 0.84 47.21
CA THR B 101 -12.39 2.14 47.09
C THR B 101 -11.68 3.18 47.95
N THR B 102 -12.10 4.44 47.84
CA THR B 102 -11.62 5.49 48.74
C THR B 102 -12.74 6.15 49.56
N GLY B 103 -13.53 5.41 50.32
CA GLY B 103 -14.53 6.11 51.13
C GLY B 103 -15.84 5.45 51.54
N TRP B 104 -15.92 4.12 51.43
CA TRP B 104 -17.15 3.33 51.67
C TRP B 104 -18.18 3.29 50.52
N GLY B 105 -19.38 3.81 50.80
CA GLY B 105 -20.58 3.50 50.04
C GLY B 105 -20.67 3.95 48.60
N TRP B 106 -21.90 3.95 48.07
CA TRP B 106 -22.15 4.21 46.65
C TRP B 106 -21.35 5.38 46.04
N LEU B 107 -20.75 6.21 46.88
CA LEU B 107 -19.84 7.20 46.34
C LEU B 107 -18.56 6.40 46.20
N GLY B 108 -17.55 6.77 47.00
CA GLY B 108 -16.30 6.04 47.07
C GLY B 108 -15.63 5.81 45.73
N LYS B 109 -14.83 6.77 45.28
CA LYS B 109 -14.12 6.65 44.00
C LYS B 109 -13.41 5.31 43.85
N PRO B 110 -13.91 4.44 42.94
CA PRO B 110 -13.37 3.08 42.86
C PRO B 110 -12.01 3.05 42.16
N ILE B 111 -11.12 2.21 42.69
CA ILE B 111 -9.73 2.19 42.24
C ILE B 111 -9.46 1.18 41.12
N GLY B 112 -10.33 0.20 40.97
CA GLY B 112 -10.22 -0.77 39.89
C GLY B 112 -9.41 -2.01 40.21
N ALA B 113 -8.32 -1.84 40.95
CA ALA B 113 -7.44 -2.96 41.29
C ALA B 113 -8.07 -3.86 42.34
N PHE B 114 -7.85 -5.16 42.22
CA PHE B 114 -8.47 -6.12 43.12
C PHE B 114 -7.84 -6.01 44.50
N ALA B 115 -8.51 -5.25 45.37
CA ALA B 115 -8.00 -5.02 46.71
C ALA B 115 -8.67 -5.90 47.74
N HIS B 116 -9.68 -6.65 47.31
CA HIS B 116 -10.36 -7.55 48.25
C HIS B 116 -10.50 -8.97 47.70
N TRP B 117 -9.73 -9.89 48.28
CA TRP B 117 -9.70 -11.26 47.82
C TRP B 117 -10.41 -12.21 48.78
N GLY B 118 -10.90 -13.31 48.23
CA GLY B 118 -11.52 -14.36 49.00
C GLY B 118 -10.47 -15.30 49.57
N GLN B 119 -10.91 -16.41 50.14
CA GLN B 119 -9.99 -17.38 50.72
C GLN B 119 -9.58 -18.40 49.68
N GLY B 120 -10.22 -18.33 48.51
CA GLY B 120 -9.90 -19.23 47.42
C GLY B 120 -10.72 -20.50 47.49
N THR B 121 -10.96 -21.11 46.35
CA THR B 121 -11.72 -22.34 46.30
C THR B 121 -11.03 -23.35 45.39
N LEU B 122 -10.57 -24.44 45.99
CA LEU B 122 -9.87 -25.47 45.23
C LEU B 122 -10.86 -26.32 44.45
N VAL B 123 -10.78 -26.25 43.12
CA VAL B 123 -11.64 -27.08 42.28
C VAL B 123 -10.82 -28.10 41.52
N THR B 124 -10.91 -29.36 41.94
CA THR B 124 -10.14 -30.43 41.30
C THR B 124 -10.97 -31.21 40.29
N VAL B 125 -10.56 -31.15 39.03
CA VAL B 125 -11.23 -31.87 37.94
C VAL B 125 -10.44 -33.09 37.48
N SER B 126 -10.90 -34.28 37.85
CA SER B 126 -10.20 -35.49 37.44
C SER B 126 -11.18 -36.67 37.40
N SER B 127 -10.86 -37.69 36.60
CA SER B 127 -11.73 -38.85 36.48
C SER B 127 -11.31 -39.97 37.41
N ALA B 128 -10.64 -39.60 38.49
CA ALA B 128 -10.18 -40.57 39.49
C ALA B 128 -11.22 -40.67 40.58
N SER B 129 -10.95 -41.48 41.61
CA SER B 129 -11.92 -41.66 42.67
C SER B 129 -11.26 -41.34 44.00
N THR B 130 -12.01 -40.71 44.89
CA THR B 130 -11.52 -40.30 46.19
C THR B 130 -10.99 -41.50 46.96
N LYS B 131 -9.67 -41.57 47.09
CA LYS B 131 -9.02 -42.70 47.73
C LYS B 131 -8.09 -42.24 48.85
N GLY B 132 -8.13 -42.96 49.96
CA GLY B 132 -7.25 -42.69 51.07
C GLY B 132 -5.83 -43.07 50.72
N PRO B 133 -4.86 -42.33 51.28
CA PRO B 133 -3.44 -42.53 50.97
C PRO B 133 -2.84 -43.75 51.67
N SER B 134 -1.89 -44.39 50.99
CA SER B 134 -1.14 -45.47 51.60
C SER B 134 0.14 -44.89 52.17
N VAL B 135 0.40 -45.16 53.44
CA VAL B 135 1.56 -44.59 54.10
C VAL B 135 2.65 -45.64 54.29
N PHE B 136 3.77 -45.45 53.59
CA PHE B 136 4.88 -46.39 53.68
C PHE B 136 6.07 -45.77 54.40
N PRO B 137 6.85 -46.61 55.10
CA PRO B 137 7.98 -46.05 55.86
C PRO B 137 9.23 -45.87 54.99
N LEU B 138 9.85 -44.70 55.09
CA LEU B 138 11.16 -44.49 54.51
C LEU B 138 12.16 -44.65 55.64
N ALA B 139 12.56 -45.89 55.89
CA ALA B 139 13.42 -46.22 57.02
C ALA B 139 14.81 -45.64 56.88
N PRO B 140 15.40 -45.19 57.98
CA PRO B 140 16.77 -44.68 57.94
C PRO B 140 17.76 -45.77 57.53
N SER B 141 18.69 -45.44 56.64
CA SER B 141 19.69 -46.39 56.15
C SER B 141 20.47 -46.93 57.33
N SER B 142 20.69 -48.24 57.37
CA SER B 142 21.43 -48.86 58.45
C SER B 142 22.89 -48.42 58.52
N LYS B 143 23.37 -47.83 57.42
CA LYS B 143 24.75 -47.35 57.37
C LYS B 143 24.83 -45.84 57.54
N GLY B 148 26.24 -37.07 63.06
CA GLY B 148 25.03 -37.87 62.89
C GLY B 148 24.25 -37.49 61.65
N THR B 149 23.12 -36.83 61.85
CA THR B 149 22.22 -36.37 60.79
C THR B 149 21.89 -37.52 59.83
N ALA B 150 21.03 -38.41 60.30
CA ALA B 150 20.46 -39.47 59.49
C ALA B 150 19.09 -39.01 59.02
N ALA B 151 18.65 -39.53 57.88
CA ALA B 151 17.39 -39.08 57.33
C ALA B 151 16.39 -40.23 57.33
N LEU B 152 15.19 -39.97 57.86
CA LEU B 152 14.13 -40.95 57.82
C LEU B 152 12.89 -40.24 57.29
N GLY B 153 11.79 -40.95 57.12
CA GLY B 153 10.57 -40.30 56.69
C GLY B 153 9.43 -41.23 56.36
N CYS B 154 8.41 -40.69 55.70
CA CYS B 154 7.27 -41.48 55.25
CA CYS B 154 7.33 -41.53 55.21
C CYS B 154 6.82 -41.07 53.85
N LEU B 155 6.58 -42.05 52.99
CA LEU B 155 6.05 -41.81 51.66
C LEU B 155 4.54 -41.95 51.69
N VAL B 156 3.86 -40.84 51.43
CA VAL B 156 2.41 -40.83 51.36
C VAL B 156 2.02 -40.99 49.90
N LYS B 157 1.72 -42.23 49.51
CA LYS B 157 1.53 -42.55 48.10
C LYS B 157 0.08 -42.86 47.73
N ASP B 158 -0.29 -42.41 46.54
CA ASP B 158 -1.58 -42.76 45.93
C ASP B 158 -2.79 -42.32 46.75
N TYR B 159 -3.20 -41.07 46.53
CA TYR B 159 -4.42 -40.54 47.12
C TYR B 159 -5.11 -39.53 46.21
N PHE B 160 -6.33 -39.18 46.56
CA PHE B 160 -7.12 -38.20 45.81
C PHE B 160 -8.30 -37.70 46.64
N PRO B 161 -8.52 -36.39 46.65
CA PRO B 161 -7.67 -35.39 46.00
C PRO B 161 -6.83 -34.66 47.03
N GLU B 162 -6.21 -33.56 46.62
CA GLU B 162 -5.46 -32.72 47.54
C GLU B 162 -6.42 -32.07 48.54
N PRO B 163 -5.90 -31.69 49.72
CA PRO B 163 -4.52 -31.83 50.19
C PRO B 163 -4.35 -32.91 51.27
N VAL B 164 -3.11 -33.05 51.75
CA VAL B 164 -2.79 -33.97 52.82
C VAL B 164 -1.91 -33.27 53.85
N THR B 165 -2.27 -33.39 55.12
CA THR B 165 -1.52 -32.77 56.21
C THR B 165 -0.69 -33.81 56.95
N VAL B 166 0.62 -33.61 56.97
CA VAL B 166 1.54 -34.56 57.61
C VAL B 166 2.27 -33.94 58.79
N SER B 167 2.18 -34.58 59.95
CA SER B 167 2.89 -34.11 61.14
C SER B 167 3.85 -35.20 61.65
N TRP B 168 4.67 -34.84 62.64
CA TRP B 168 5.63 -35.80 63.20
C TRP B 168 5.53 -35.86 64.72
N ASN B 169 5.47 -37.08 65.26
CA ASN B 169 5.29 -37.33 66.68
C ASN B 169 4.08 -36.58 67.24
N SER B 170 3.00 -36.58 66.48
CA SER B 170 1.76 -35.89 66.85
C SER B 170 1.95 -34.39 67.02
N GLY B 171 3.07 -33.88 66.51
CA GLY B 171 3.37 -32.46 66.57
C GLY B 171 4.58 -32.12 67.41
N ALA B 172 5.13 -33.09 68.11
CA ALA B 172 6.27 -32.84 68.99
C ALA B 172 7.60 -32.95 68.25
N LEU B 173 7.57 -32.73 66.94
CA LEU B 173 8.77 -32.78 66.11
C LEU B 173 8.63 -31.86 64.90
N THR B 174 9.37 -30.76 64.89
CA THR B 174 9.28 -29.78 63.82
C THR B 174 10.63 -29.46 63.20
N SER B 175 11.70 -29.65 63.98
CA SER B 175 13.05 -29.32 63.54
C SER B 175 13.60 -30.35 62.55
N GLY B 176 13.91 -29.88 61.35
CA GLY B 176 14.49 -30.71 60.30
C GLY B 176 13.44 -31.44 59.47
N VAL B 177 12.19 -31.01 59.62
CA VAL B 177 11.08 -31.65 58.91
C VAL B 177 10.81 -30.96 57.57
N HIS B 178 10.78 -31.75 56.51
CA HIS B 178 10.45 -31.27 55.17
C HIS B 178 9.31 -32.06 54.55
N THR B 179 8.20 -31.36 54.27
CA THR B 179 7.07 -31.98 53.60
C THR B 179 6.92 -31.45 52.17
N PHE B 180 7.36 -32.26 51.21
CA PHE B 180 7.41 -31.85 49.81
C PHE B 180 6.02 -31.70 49.19
N PRO B 181 5.91 -30.80 48.20
CA PRO B 181 4.67 -30.61 47.43
C PRO B 181 4.30 -31.90 46.71
N ALA B 182 3.01 -32.18 46.61
CA ALA B 182 2.55 -33.41 45.99
C ALA B 182 2.71 -33.36 44.48
N VAL B 183 3.15 -34.49 43.92
CA VAL B 183 3.28 -34.61 42.47
C VAL B 183 2.11 -35.43 41.94
N LEU B 184 1.59 -35.03 40.78
CA LEU B 184 0.48 -35.74 40.19
C LEU B 184 0.98 -36.86 39.28
N GLN B 185 0.74 -38.10 39.71
CA GLN B 185 1.19 -39.27 38.98
C GLN B 185 0.31 -39.54 37.76
N SER B 186 0.75 -40.44 36.90
CA SER B 186 0.02 -40.76 35.67
C SER B 186 -1.27 -41.51 35.96
N SER B 187 -1.38 -42.10 37.15
CA SER B 187 -2.56 -42.84 37.53
C SER B 187 -3.72 -41.89 37.86
N GLY B 188 -3.38 -40.63 38.09
CA GLY B 188 -4.36 -39.62 38.45
C GLY B 188 -4.39 -39.40 39.94
N LEU B 189 -3.53 -40.14 40.64
CA LEU B 189 -3.44 -40.01 42.10
C LEU B 189 -2.20 -39.22 42.50
N TYR B 190 -2.33 -38.45 43.57
CA TYR B 190 -1.22 -37.65 44.06
C TYR B 190 -0.31 -38.48 44.96
N SER B 191 0.88 -37.97 45.23
CA SER B 191 1.84 -38.64 46.11
C SER B 191 2.89 -37.64 46.59
N LEU B 192 3.19 -37.67 47.88
CA LEU B 192 4.22 -36.79 48.42
C LEU B 192 5.10 -37.55 49.41
N SER B 193 6.13 -36.88 49.90
CA SER B 193 7.02 -37.47 50.88
C SER B 193 7.31 -36.50 52.02
N SER B 194 7.40 -37.04 53.23
CA SER B 194 7.71 -36.21 54.39
C SER B 194 8.95 -36.77 55.07
N VAL B 195 10.04 -36.02 55.00
CA VAL B 195 11.31 -36.49 55.57
C VAL B 195 11.72 -35.68 56.78
N VAL B 196 12.62 -36.24 57.58
CA VAL B 196 13.16 -35.56 58.74
C VAL B 196 14.55 -36.08 59.08
N THR B 197 15.44 -35.16 59.44
CA THR B 197 16.80 -35.51 59.81
C THR B 197 17.02 -35.43 61.31
N VAL B 198 17.52 -36.52 61.89
CA VAL B 198 17.78 -36.60 63.32
C VAL B 198 19.14 -37.22 63.58
N PRO B 199 19.78 -36.87 64.71
CA PRO B 199 21.09 -37.44 65.06
C PRO B 199 21.12 -38.97 64.97
N SER B 200 22.19 -39.52 64.39
CA SER B 200 22.28 -40.96 64.15
C SER B 200 22.35 -41.77 65.44
N SER B 201 22.72 -41.11 66.53
CA SER B 201 22.83 -41.74 67.83
C SER B 201 21.46 -41.81 68.50
N SER B 202 20.46 -41.23 67.84
CA SER B 202 19.12 -41.15 68.39
C SER B 202 18.11 -42.00 67.62
N LEU B 203 18.64 -42.95 66.86
CA LEU B 203 17.81 -43.83 66.06
C LEU B 203 17.17 -44.95 66.88
N GLY B 204 17.89 -45.45 67.88
CA GLY B 204 17.40 -46.55 68.69
C GLY B 204 16.77 -46.22 70.04
N THR B 205 16.51 -44.94 70.29
CA THR B 205 15.92 -44.51 71.55
C THR B 205 14.59 -43.80 71.35
N GLN B 206 14.55 -42.91 70.37
CA GLN B 206 13.36 -42.11 70.10
C GLN B 206 12.42 -42.77 69.10
N THR B 207 11.13 -42.67 69.39
CA THR B 207 10.10 -43.20 68.51
C THR B 207 9.66 -42.14 67.51
N TYR B 208 9.86 -42.43 66.23
CA TYR B 208 9.49 -41.49 65.19
C TYR B 208 8.30 -42.02 64.41
N ILE B 209 7.15 -41.37 64.59
CA ILE B 209 5.95 -41.74 63.86
C ILE B 209 5.45 -40.54 63.06
N CYS B 210 4.99 -40.79 61.84
CA CYS B 210 4.42 -39.73 61.02
CA CYS B 210 4.42 -39.71 61.05
C CYS B 210 2.89 -39.84 61.01
N ASN B 211 2.23 -38.71 61.18
CA ASN B 211 0.77 -38.67 61.20
C ASN B 211 0.24 -38.06 59.91
N VAL B 212 -0.36 -38.91 59.08
CA VAL B 212 -0.92 -38.49 57.82
C VAL B 212 -2.44 -38.35 57.88
N ASN B 213 -2.91 -37.12 57.70
CA ASN B 213 -4.34 -36.82 57.71
C ASN B 213 -4.77 -36.38 56.32
N HIS B 214 -5.77 -37.06 55.77
CA HIS B 214 -6.33 -36.73 54.46
C HIS B 214 -7.79 -36.38 54.61
N LYS B 215 -8.05 -35.07 54.63
CA LYS B 215 -9.38 -34.53 54.86
C LYS B 215 -10.51 -35.07 53.94
N PRO B 216 -10.31 -35.00 52.60
CA PRO B 216 -11.39 -35.44 51.70
C PRO B 216 -11.81 -36.91 51.80
N SER B 217 -10.85 -37.81 52.02
CA SER B 217 -11.15 -39.25 52.10
C SER B 217 -11.43 -39.72 53.53
N ASN B 218 -11.35 -38.78 54.47
CA ASN B 218 -11.57 -39.07 55.88
C ASN B 218 -10.68 -40.20 56.41
N THR B 219 -9.37 -40.06 56.18
CA THR B 219 -8.41 -41.07 56.58
C THR B 219 -7.28 -40.50 57.42
N LYS B 220 -6.90 -41.19 58.50
CA LYS B 220 -5.76 -40.79 59.30
C LYS B 220 -4.90 -41.99 59.65
N VAL B 221 -3.61 -41.90 59.33
CA VAL B 221 -2.68 -43.00 59.59
C VAL B 221 -1.47 -42.54 60.40
N ASP B 222 -1.21 -43.21 61.52
CA ASP B 222 -0.02 -42.92 62.32
C ASP B 222 1.02 -44.02 62.16
N LYS B 223 1.92 -43.83 61.20
CA LYS B 223 2.91 -44.86 60.85
C LYS B 223 4.26 -44.71 61.55
N LYS B 224 4.70 -45.78 62.20
CA LYS B 224 5.99 -45.75 62.89
C LYS B 224 7.13 -46.17 61.98
N VAL B 225 8.14 -45.31 61.89
CA VAL B 225 9.31 -45.59 61.06
C VAL B 225 10.50 -45.95 61.94
N GLU B 226 11.07 -47.13 61.70
CA GLU B 226 12.19 -47.61 62.49
C GLU B 226 13.19 -48.31 61.59
N PRO B 227 14.47 -48.36 62.00
CA PRO B 227 15.51 -48.96 61.17
C PRO B 227 15.15 -50.40 60.79
N LYS B 228 15.66 -50.89 59.66
CA LYS B 228 15.34 -52.24 59.22
C LYS B 228 16.25 -53.28 59.86
N GLU C 1 5.05 -4.72 21.11
CA GLU C 1 6.39 -5.28 20.98
C GLU C 1 6.45 -6.69 21.53
N ILE C 2 7.04 -7.61 20.77
CA ILE C 2 7.22 -8.97 21.24
C ILE C 2 8.53 -9.12 22.01
N VAL C 3 8.41 -9.45 23.30
CA VAL C 3 9.56 -9.60 24.18
C VAL C 3 9.96 -11.06 24.38
N LEU C 4 11.19 -11.40 24.02
CA LEU C 4 11.67 -12.76 24.20
C LEU C 4 12.44 -12.89 25.52
N THR C 5 12.07 -13.89 26.31
CA THR C 5 12.72 -14.17 27.58
C THR C 5 13.45 -15.50 27.53
N GLN C 6 14.77 -15.46 27.62
CA GLN C 6 15.54 -16.69 27.58
C GLN C 6 15.69 -17.27 28.98
N SER C 7 15.81 -18.60 29.05
CA SER C 7 16.04 -19.31 30.29
C SER C 7 16.93 -20.52 29.98
N PRO C 8 17.83 -20.89 30.90
CA PRO C 8 18.10 -20.20 32.16
C PRO C 8 19.14 -19.10 31.96
N GLY C 9 19.53 -18.45 33.04
CA GLY C 9 20.49 -17.36 32.96
C GLY C 9 21.88 -17.77 32.49
N THR C 10 22.61 -18.38 33.43
CA THR C 10 23.96 -18.90 33.25
C THR C 10 23.94 -20.43 33.21
N GLN C 11 24.92 -21.05 32.57
CA GLN C 11 24.94 -22.49 32.36
C GLN C 11 26.25 -23.16 32.79
N SER C 12 26.15 -24.10 33.72
CA SER C 12 27.32 -24.80 34.21
C SER C 12 27.34 -26.25 33.75
N LEU C 13 27.96 -26.50 32.60
CA LEU C 13 28.02 -27.84 32.02
C LEU C 13 29.45 -28.25 31.67
N SER C 14 29.65 -29.54 31.47
CA SER C 14 30.96 -30.09 31.16
C SER C 14 31.06 -30.32 29.65
N PRO C 15 32.29 -30.29 29.11
CA PRO C 15 32.51 -30.55 27.67
C PRO C 15 32.00 -31.92 27.27
N GLY C 16 30.92 -31.94 26.51
CA GLY C 16 30.31 -33.18 26.06
C GLY C 16 28.87 -33.33 26.52
N GLU C 17 28.46 -32.48 27.46
CA GLU C 17 27.09 -32.55 27.96
C GLU C 17 26.09 -32.01 26.95
N ARG C 18 24.84 -32.40 27.10
CA ARG C 18 23.78 -31.94 26.22
C ARG C 18 23.18 -30.66 26.78
N ALA C 19 23.29 -29.57 26.02
CA ALA C 19 22.81 -28.26 26.47
C ALA C 19 21.45 -27.95 25.85
N THR C 20 20.47 -27.69 26.70
CA THR C 20 19.13 -27.32 26.24
C THR C 20 18.75 -25.93 26.70
N LEU C 21 18.73 -25.00 25.76
CA LEU C 21 18.41 -23.60 26.03
C LEU C 21 16.99 -23.24 25.61
N SER C 22 16.28 -22.54 26.48
CA SER C 22 14.87 -22.24 26.26
C SER C 22 14.66 -20.76 25.94
N CYS C 23 13.70 -20.50 25.07
CA CYS C 23 13.31 -19.15 24.69
C CYS C 23 11.79 -19.03 24.69
N ARG C 24 11.27 -18.15 25.54
CA ARG C 24 9.83 -17.96 25.69
C ARG C 24 9.40 -16.65 25.06
N ALA C 25 8.39 -16.71 24.19
CA ALA C 25 7.92 -15.53 23.47
C ALA C 25 6.79 -14.86 24.25
N SER C 26 6.65 -13.55 24.07
CA SER C 26 5.59 -12.81 24.72
C SER C 26 4.26 -13.21 24.09
N GLN C 27 4.31 -13.51 22.80
CA GLN C 27 3.12 -13.97 22.08
C GLN C 27 3.52 -14.83 20.88
N SER C 28 2.55 -15.53 20.31
CA SER C 28 2.81 -16.47 19.22
C SER C 28 3.55 -15.84 18.04
N VAL C 29 4.81 -16.23 17.89
CA VAL C 29 5.68 -15.79 16.80
C VAL C 29 5.13 -16.23 15.43
N GLY C 30 4.56 -15.27 14.70
CA GLY C 30 3.92 -15.57 13.43
C GLY C 30 4.87 -16.19 12.42
N ASN C 31 4.41 -17.28 11.83
CA ASN C 31 5.14 -18.06 10.82
C ASN C 31 6.40 -18.73 11.33
N ASN C 32 6.51 -18.91 12.65
CA ASN C 32 7.67 -19.54 13.25
C ASN C 32 9.00 -18.97 12.78
N LYS C 33 9.19 -17.67 12.96
CA LYS C 33 10.42 -17.03 12.53
C LYS C 33 11.29 -16.63 13.70
N LEU C 34 11.82 -17.65 14.38
CA LEU C 34 12.73 -17.48 15.50
C LEU C 34 14.11 -17.94 15.07
N ALA C 35 15.14 -17.21 15.47
CA ALA C 35 16.50 -17.50 15.03
C ALA C 35 17.47 -17.57 16.20
N TRP C 36 18.35 -18.57 16.20
CA TRP C 36 19.36 -18.72 17.24
C TRP C 36 20.73 -18.36 16.72
N TYR C 37 21.39 -17.44 17.42
CA TYR C 37 22.74 -16.99 17.10
C TYR C 37 23.71 -17.36 18.23
N GLN C 38 24.97 -17.61 17.87
CA GLN C 38 26.01 -17.84 18.85
C GLN C 38 27.07 -16.73 18.77
N GLN C 39 27.49 -16.22 19.91
CA GLN C 39 28.55 -15.21 19.95
C GLN C 39 29.60 -15.54 21.01
N ARG C 40 30.86 -15.67 20.61
CA ARG C 40 31.98 -15.85 21.54
C ARG C 40 32.51 -14.49 22.02
N PRO C 41 33.45 -14.48 22.97
CA PRO C 41 33.94 -13.12 23.24
C PRO C 41 34.84 -12.50 22.18
N GLY C 42 34.40 -11.31 21.83
CA GLY C 42 34.97 -10.35 20.90
C GLY C 42 34.79 -10.72 19.43
N GLN C 43 33.67 -11.36 19.11
CA GLN C 43 33.39 -11.78 17.73
C GLN C 43 32.01 -11.31 17.31
N ALA C 44 31.77 -11.21 16.01
CA ALA C 44 30.47 -10.84 15.49
C ALA C 44 29.59 -12.08 15.67
N PRO C 45 28.30 -11.91 15.99
CA PRO C 45 27.41 -13.06 16.21
C PRO C 45 27.37 -14.00 15.01
N ARG C 46 27.14 -15.29 15.25
CA ARG C 46 27.07 -16.26 14.17
C ARG C 46 25.72 -16.94 14.16
N LEU C 47 25.09 -17.02 12.99
CA LEU C 47 23.78 -17.63 12.87
C LEU C 47 23.86 -19.14 13.04
N LEU C 48 23.11 -19.68 14.00
CA LEU C 48 23.09 -21.12 14.22
C LEU C 48 21.85 -21.76 13.61
N ILE C 49 20.69 -21.20 13.94
CA ILE C 49 19.41 -21.75 13.48
C ILE C 49 18.50 -20.66 12.92
N TYR C 50 17.82 -20.94 11.81
CA TYR C 50 16.83 -20.01 11.30
C TYR C 50 15.51 -20.73 11.04
N GLY C 51 14.41 -19.97 11.07
CA GLY C 51 13.09 -20.54 10.85
C GLY C 51 12.71 -21.53 11.93
N ALA C 52 13.15 -21.25 13.16
CA ALA C 52 12.83 -22.03 14.35
C ALA C 52 13.43 -23.45 14.41
N SER C 53 13.69 -24.05 13.26
CA SER C 53 14.19 -25.42 13.24
C SER C 53 15.21 -25.70 12.15
N SER C 54 15.20 -24.87 11.10
CA SER C 54 16.09 -25.07 9.96
C SER C 54 17.53 -24.65 10.27
N ARG C 55 18.49 -25.43 9.78
CA ARG C 55 19.89 -25.16 10.02
C ARG C 55 20.62 -24.82 8.72
N PRO C 56 21.33 -23.68 8.69
CA PRO C 56 22.11 -23.21 7.54
C PRO C 56 23.27 -24.14 7.21
N SER C 57 23.81 -24.00 6.00
CA SER C 57 24.96 -24.78 5.59
C SER C 57 26.23 -24.27 6.27
N GLY C 58 27.12 -25.18 6.63
CA GLY C 58 28.35 -24.82 7.30
C GLY C 58 28.22 -24.95 8.81
N VAL C 59 26.98 -24.97 9.29
CA VAL C 59 26.71 -25.12 10.70
C VAL C 59 26.72 -26.59 11.12
N ALA C 60 27.42 -26.88 12.22
CA ALA C 60 27.54 -28.23 12.76
C ALA C 60 26.16 -28.80 13.10
N ASP C 61 25.98 -30.09 12.83
CA ASP C 61 24.67 -30.73 13.01
C ASP C 61 24.37 -31.11 14.46
N ARG C 62 25.22 -30.68 15.40
CA ARG C 62 24.96 -30.92 16.81
C ARG C 62 23.98 -29.90 17.36
N PHE C 63 23.80 -28.81 16.62
CA PHE C 63 22.81 -27.80 16.95
C PHE C 63 21.48 -28.17 16.32
N SER C 64 20.39 -27.95 17.04
CA SER C 64 19.08 -28.22 16.48
C SER C 64 18.03 -27.35 17.16
N GLY C 65 17.24 -26.65 16.35
CA GLY C 65 16.19 -25.80 16.87
C GLY C 65 14.86 -26.51 16.84
N SER C 66 14.03 -26.24 17.83
CA SER C 66 12.72 -26.87 17.92
C SER C 66 11.72 -25.93 18.57
N GLY C 67 10.46 -26.34 18.59
CA GLY C 67 9.41 -25.58 19.24
C GLY C 67 8.66 -24.67 18.29
N SER C 68 7.54 -24.14 18.77
CA SER C 68 6.72 -23.24 17.97
C SER C 68 5.80 -22.43 18.87
N GLY C 69 5.16 -21.42 18.30
CA GLY C 69 4.22 -20.58 19.03
C GLY C 69 4.92 -19.65 20.01
N THR C 70 5.03 -20.07 21.27
CA THR C 70 5.68 -19.24 22.28
C THR C 70 6.90 -19.94 22.88
N ASP C 71 6.95 -21.26 22.76
CA ASP C 71 8.07 -22.02 23.30
C ASP C 71 9.03 -22.47 22.20
N PHE C 72 10.28 -22.03 22.30
CA PHE C 72 11.30 -22.44 21.36
C PHE C 72 12.50 -22.96 22.12
N THR C 73 13.23 -23.90 21.53
CA THR C 73 14.34 -24.54 22.24
C THR C 73 15.52 -24.86 21.33
N LEU C 74 16.70 -24.36 21.70
CA LEU C 74 17.93 -24.70 20.99
C LEU C 74 18.66 -25.81 21.75
N THR C 75 19.02 -26.86 21.03
CA THR C 75 19.66 -28.01 21.65
C THR C 75 21.00 -28.37 21.03
N ILE C 76 22.04 -28.40 21.86
CA ILE C 76 23.35 -28.86 21.48
C ILE C 76 23.58 -30.24 22.09
N SER C 77 23.54 -31.29 21.27
CA SER C 77 23.65 -32.65 21.79
C SER C 77 24.98 -32.93 22.49
N ARG C 78 26.06 -32.39 21.96
CA ARG C 78 27.39 -32.55 22.56
C ARG C 78 28.17 -31.25 22.47
N LEU C 79 28.49 -30.70 23.63
CA LEU C 79 29.25 -29.46 23.78
C LEU C 79 30.73 -29.63 23.51
N GLU C 80 31.28 -28.73 22.69
CA GLU C 80 32.71 -28.72 22.42
C GLU C 80 33.26 -27.33 22.79
N PRO C 81 34.53 -27.24 23.22
CA PRO C 81 35.12 -26.02 23.81
C PRO C 81 34.74 -24.67 23.19
N GLU C 82 34.47 -24.64 21.89
CA GLU C 82 34.04 -23.43 21.21
C GLU C 82 32.56 -23.18 21.47
N ASP C 83 31.78 -24.24 21.62
CA ASP C 83 30.35 -24.07 21.80
C ASP C 83 29.99 -23.44 23.14
N PHE C 84 30.98 -23.20 23.97
CA PHE C 84 30.77 -22.52 25.25
C PHE C 84 30.86 -21.02 25.01
N ALA C 85 29.71 -20.37 24.85
CA ALA C 85 29.67 -18.93 24.59
C ALA C 85 28.32 -18.35 25.01
N VAL C 86 27.91 -17.26 24.36
CA VAL C 86 26.61 -16.65 24.67
C VAL C 86 25.66 -16.87 23.49
N TYR C 87 24.42 -17.24 23.79
CA TYR C 87 23.44 -17.55 22.75
C TYR C 87 22.24 -16.62 22.77
N TYR C 88 21.93 -16.02 21.62
CA TYR C 88 20.79 -15.11 21.54
C TYR C 88 19.69 -15.68 20.65
N CYS C 89 18.44 -15.37 21.01
CA CYS C 89 17.32 -15.73 20.16
C CYS C 89 16.63 -14.46 19.65
N GLN C 90 16.18 -14.48 18.41
CA GLN C 90 15.63 -13.29 17.78
C GLN C 90 14.41 -13.62 16.93
N GLN C 91 13.30 -12.93 17.21
CA GLN C 91 12.11 -13.08 16.39
C GLN C 91 12.12 -12.05 15.27
N TYR C 92 11.76 -12.50 14.07
CA TYR C 92 11.73 -11.63 12.90
C TYR C 92 10.51 -11.87 12.03
N GLY C 93 9.40 -12.24 12.68
CA GLY C 93 8.15 -12.45 11.99
C GLY C 93 7.25 -11.23 12.06
N GLN C 94 7.75 -10.20 12.73
CA GLN C 94 7.01 -8.94 12.85
C GLN C 94 7.82 -7.83 12.20
N SER C 95 7.22 -6.65 12.02
CA SER C 95 7.95 -5.51 11.47
C SER C 95 9.14 -5.17 12.35
N LEU C 96 8.90 -5.03 13.65
CA LEU C 96 9.98 -4.87 14.60
C LEU C 96 10.56 -6.22 14.96
N SER C 97 11.88 -6.33 14.95
CA SER C 97 12.56 -7.56 15.34
C SER C 97 13.25 -7.32 16.68
N THR C 98 13.20 -8.30 17.56
CA THR C 98 13.82 -8.16 18.87
C THR C 98 14.61 -9.40 19.29
N PHE C 99 15.73 -9.18 19.97
CA PHE C 99 16.57 -10.25 20.47
C PHE C 99 16.22 -10.59 21.91
N GLY C 100 16.88 -11.62 22.45
CA GLY C 100 16.79 -11.92 23.87
C GLY C 100 17.87 -11.20 24.65
N GLN C 101 18.15 -11.69 25.85
CA GLN C 101 19.21 -11.10 26.66
C GLN C 101 20.42 -12.03 26.76
N GLY C 102 20.32 -13.19 26.11
CA GLY C 102 21.43 -14.11 26.05
C GLY C 102 21.45 -15.16 27.16
N THR C 103 22.20 -16.22 26.93
CA THR C 103 22.38 -17.28 27.91
C THR C 103 23.82 -17.75 27.86
N LYS C 104 24.58 -17.44 28.91
CA LYS C 104 26.00 -17.81 28.93
C LYS C 104 26.20 -19.27 29.31
N VAL C 105 26.85 -20.01 28.43
CA VAL C 105 27.19 -21.40 28.69
C VAL C 105 28.65 -21.52 29.09
N GLU C 106 28.91 -21.82 30.36
CA GLU C 106 30.29 -21.89 30.83
C GLU C 106 30.71 -23.33 31.10
N VAL C 107 32.02 -23.54 31.16
CA VAL C 107 32.60 -24.83 31.51
C VAL C 107 32.56 -25.02 33.03
N LYS C 108 32.10 -26.19 33.46
CA LYS C 108 32.05 -26.59 34.87
C LYS C 108 33.27 -27.40 35.32
N ARG C 109 34.00 -26.83 36.27
CA ARG C 109 35.18 -27.47 36.83
C ARG C 109 35.09 -27.65 38.33
N THR C 110 36.13 -28.28 38.90
CA THR C 110 36.20 -28.50 40.33
C THR C 110 36.44 -27.17 41.05
N VAL C 111 35.80 -27.02 42.21
CA VAL C 111 35.88 -25.78 42.97
C VAL C 111 37.31 -25.42 43.35
N ALA C 112 37.70 -24.19 42.99
CA ALA C 112 39.04 -23.71 43.28
C ALA C 112 38.97 -22.40 44.06
N ALA C 113 39.66 -22.36 45.19
CA ALA C 113 39.71 -21.17 46.02
C ALA C 113 40.54 -20.07 45.36
N PRO C 114 40.10 -18.81 45.50
CA PRO C 114 40.81 -17.70 44.85
C PRO C 114 42.12 -17.37 45.56
N SER C 115 43.16 -17.12 44.78
CA SER C 115 44.42 -16.66 45.35
C SER C 115 44.35 -15.16 45.57
N VAL C 116 44.16 -14.75 46.82
CA VAL C 116 43.92 -13.36 47.15
C VAL C 116 45.21 -12.58 47.39
N PHE C 117 45.33 -11.43 46.73
CA PHE C 117 46.46 -10.54 46.93
C PHE C 117 45.96 -9.11 47.17
N ILE C 118 46.82 -8.28 47.75
CA ILE C 118 46.47 -6.88 47.95
C ILE C 118 47.66 -5.96 47.68
N PHE C 119 47.40 -4.89 46.95
CA PHE C 119 48.44 -3.95 46.58
C PHE C 119 48.08 -2.55 47.06
N PRO C 120 48.93 -1.95 47.90
CA PRO C 120 48.78 -0.56 48.32
C PRO C 120 48.96 0.38 47.15
N PRO C 121 48.42 1.60 47.23
CA PRO C 121 48.60 2.57 46.13
C PRO C 121 50.06 2.92 45.93
N SER C 122 50.45 3.21 44.70
CA SER C 122 51.84 3.52 44.40
C SER C 122 52.28 4.83 45.03
N ASP C 123 53.58 4.94 45.30
CA ASP C 123 54.16 6.17 45.82
C ASP C 123 54.04 7.29 44.79
N GLU C 124 54.22 6.92 43.52
CA GLU C 124 54.07 7.85 42.42
C GLU C 124 52.63 8.33 42.34
N GLN C 125 51.71 7.40 42.54
CA GLN C 125 50.29 7.69 42.49
C GLN C 125 49.92 8.63 43.63
N LEU C 126 50.51 8.40 44.79
CA LEU C 126 50.30 9.28 45.95
C LEU C 126 50.86 10.66 45.64
N LYS C 127 51.97 10.69 44.90
CA LYS C 127 52.58 11.95 44.50
C LYS C 127 51.87 12.53 43.28
N SER C 128 50.80 11.87 42.84
CA SER C 128 49.97 12.39 41.76
C SER C 128 48.69 13.00 42.30
N GLY C 129 48.33 12.64 43.53
CA GLY C 129 47.18 13.23 44.20
C GLY C 129 46.06 12.26 44.54
N THR C 130 46.09 11.08 43.93
CA THR C 130 45.04 10.09 44.12
C THR C 130 45.62 8.75 44.57
N ALA C 131 44.84 8.01 45.35
CA ALA C 131 45.28 6.73 45.88
C ALA C 131 44.33 5.62 45.44
N SER C 132 44.89 4.46 45.13
CA SER C 132 44.09 3.33 44.65
C SER C 132 44.60 2.00 45.20
N VAL C 133 43.80 1.40 46.08
CA VAL C 133 44.15 0.09 46.64
C VAL C 133 43.57 -1.01 45.75
N VAL C 134 44.36 -2.04 45.48
CA VAL C 134 43.94 -3.08 44.55
C VAL C 134 43.86 -4.48 45.18
N CYS C 135 42.66 -5.04 45.22
CA CYS C 135 42.47 -6.41 45.71
C CYS C 135 42.32 -7.36 44.51
N LEU C 136 43.19 -8.38 44.48
CA LEU C 136 43.21 -9.32 43.37
C LEU C 136 42.73 -10.71 43.78
N LEU C 137 41.79 -11.26 43.01
CA LEU C 137 41.30 -12.62 43.21
C LEU C 137 41.76 -13.46 42.02
N ASN C 138 42.80 -14.27 42.22
CA ASN C 138 43.41 -14.98 41.10
C ASN C 138 42.99 -16.43 40.94
N ASN C 139 42.52 -16.74 39.72
CA ASN C 139 42.14 -18.10 39.32
C ASN C 139 41.19 -18.84 40.27
N PHE C 140 39.89 -18.66 40.07
CA PHE C 140 38.91 -19.34 40.91
C PHE C 140 37.65 -19.77 40.15
N TYR C 141 36.95 -20.76 40.69
CA TYR C 141 35.67 -21.18 40.15
C TYR C 141 34.78 -21.68 41.29
N PRO C 142 33.49 -21.32 41.27
CA PRO C 142 32.85 -20.52 40.22
C PRO C 142 33.10 -19.03 40.40
N ARG C 143 32.45 -18.23 39.55
CA ARG C 143 32.59 -16.79 39.58
C ARG C 143 32.11 -16.20 40.91
N GLU C 144 31.04 -16.76 41.47
CA GLU C 144 30.44 -16.22 42.69
C GLU C 144 31.42 -16.03 43.84
N ALA C 145 31.98 -14.82 43.87
CA ALA C 145 32.86 -14.39 44.93
C ALA C 145 32.49 -12.94 45.26
N LYS C 146 32.37 -12.63 46.54
CA LYS C 146 31.98 -11.28 46.93
C LYS C 146 33.12 -10.56 47.63
N VAL C 147 33.39 -9.32 47.18
CA VAL C 147 34.46 -8.54 47.76
C VAL C 147 33.96 -7.29 48.47
N GLN C 148 34.26 -7.19 49.76
CA GLN C 148 33.89 -6.04 50.57
C GLN C 148 35.11 -5.26 51.08
N TRP C 149 35.15 -3.97 50.79
CA TRP C 149 36.26 -3.12 51.22
C TRP C 149 36.05 -2.58 52.62
N LYS C 150 37.03 -2.81 53.48
CA LYS C 150 36.98 -2.37 54.86
C LYS C 150 38.17 -1.46 55.15
N VAL C 151 37.86 -0.19 55.38
CA VAL C 151 38.86 0.80 55.76
C VAL C 151 38.64 1.22 57.21
N ASP C 152 39.66 0.99 58.04
CA ASP C 152 39.55 1.16 59.50
C ASP C 152 38.40 0.33 60.06
N ASN C 153 38.27 -0.88 59.54
CA ASN C 153 37.20 -1.80 59.91
C ASN C 153 35.80 -1.21 59.73
N ALA C 154 35.59 -0.54 58.60
CA ALA C 154 34.28 0.02 58.27
C ALA C 154 33.99 -0.20 56.79
N LEU C 155 32.93 -0.95 56.49
CA LEU C 155 32.60 -1.28 55.10
C LEU C 155 32.31 -0.05 54.23
N GLN C 156 33.31 0.40 53.48
CA GLN C 156 33.15 1.51 52.54
C GLN C 156 32.42 1.03 51.29
N SER C 157 31.47 1.84 50.83
CA SER C 157 30.68 1.54 49.64
C SER C 157 30.35 2.81 48.88
N GLY C 158 30.25 2.68 47.56
CA GLY C 158 29.97 3.81 46.69
C GLY C 158 31.12 3.92 45.71
N ASN C 159 32.34 3.85 46.25
CA ASN C 159 33.52 3.79 45.42
C ASN C 159 33.85 2.35 45.10
N SER C 160 35.04 2.12 44.55
CA SER C 160 35.52 0.77 44.20
C SER C 160 34.71 0.07 43.12
N GLN C 161 35.36 -0.22 41.99
CA GLN C 161 34.75 -0.95 40.90
C GLN C 161 35.50 -2.26 40.70
N GLU C 162 34.83 -3.25 40.14
CA GLU C 162 35.46 -4.55 39.91
C GLU C 162 35.29 -5.04 38.49
N SER C 163 36.27 -5.81 38.02
CA SER C 163 36.19 -6.38 36.68
C SER C 163 36.68 -7.82 36.72
N VAL C 164 35.98 -8.69 36.00
CA VAL C 164 36.28 -10.11 35.98
C VAL C 164 36.70 -10.57 34.59
N THR C 165 37.82 -11.27 34.51
CA THR C 165 38.27 -11.80 33.22
C THR C 165 37.29 -12.87 32.74
N GLU C 166 37.30 -13.12 31.45
CA GLU C 166 36.52 -14.20 30.87
C GLU C 166 37.10 -15.52 31.35
N GLN C 167 36.29 -16.58 31.28
CA GLN C 167 36.71 -17.91 31.73
C GLN C 167 37.93 -18.36 30.92
N ASP C 168 38.99 -18.73 31.62
CA ASP C 168 40.27 -19.11 31.03
C ASP C 168 40.16 -20.28 30.06
N SER C 169 40.98 -20.24 29.01
CA SER C 169 40.97 -21.27 27.98
C SER C 169 41.80 -22.49 28.37
N LYS C 170 42.50 -22.40 29.50
CA LYS C 170 43.34 -23.50 29.94
C LYS C 170 42.79 -24.21 31.17
N ASP C 171 42.54 -23.44 32.23
CA ASP C 171 42.06 -24.00 33.49
C ASP C 171 40.59 -23.69 33.80
N SER C 172 39.96 -22.91 32.92
CA SER C 172 38.54 -22.58 33.05
C SER C 172 38.21 -21.88 34.37
N THR C 173 39.08 -20.96 34.78
CA THR C 173 38.87 -20.19 36.00
C THR C 173 38.74 -18.70 35.74
N TYR C 174 37.92 -18.04 36.54
CA TYR C 174 37.73 -16.61 36.43
C TYR C 174 38.72 -15.90 37.34
N SER C 175 39.01 -14.64 37.02
CA SER C 175 39.89 -13.83 37.85
C SER C 175 39.28 -12.45 38.06
N LEU C 176 39.17 -12.03 39.32
CA LEU C 176 38.52 -10.77 39.65
C LEU C 176 39.54 -9.72 40.08
N SER C 177 39.24 -8.46 39.79
CA SER C 177 40.06 -7.35 40.22
C SER C 177 39.21 -6.20 40.77
N SER C 178 39.45 -5.84 42.03
CA SER C 178 38.70 -4.73 42.64
C SER C 178 39.63 -3.56 42.98
N THR C 179 39.20 -2.35 42.62
CA THR C 179 40.04 -1.17 42.80
C THR C 179 39.36 -0.08 43.62
N LEU C 180 39.70 -0.02 44.91
CA LEU C 180 39.21 1.00 45.81
C LEU C 180 39.90 2.33 45.51
N THR C 181 39.11 3.36 45.19
CA THR C 181 39.66 4.66 44.82
C THR C 181 39.37 5.71 45.88
N LEU C 182 40.44 6.36 46.35
CA LEU C 182 40.32 7.46 47.31
C LEU C 182 41.20 8.63 46.91
N SER C 183 41.01 9.79 47.52
CA SER C 183 41.93 10.90 47.31
C SER C 183 43.05 10.75 48.34
N LYS C 184 44.16 11.46 48.14
CA LYS C 184 45.29 11.35 49.07
C LYS C 184 44.92 11.84 50.47
N ALA C 185 44.11 12.89 50.52
CA ALA C 185 43.65 13.46 51.77
C ALA C 185 42.77 12.47 52.53
N ASP C 186 41.79 11.94 51.81
CA ASP C 186 40.87 10.94 52.33
C ASP C 186 41.60 9.65 52.69
N TYR C 187 42.70 9.38 51.98
CA TYR C 187 43.50 8.17 52.17
C TYR C 187 44.35 8.20 53.45
N GLU C 188 44.84 9.37 53.81
CA GLU C 188 45.70 9.52 54.98
C GLU C 188 44.93 9.59 56.29
N LYS C 189 43.61 9.63 56.20
CA LYS C 189 42.79 9.70 57.39
C LYS C 189 42.65 8.32 58.03
N HIS C 190 43.19 7.30 57.37
CA HIS C 190 43.01 5.93 57.86
C HIS C 190 44.32 5.16 57.79
N LYS C 191 44.41 4.05 58.52
CA LYS C 191 45.66 3.30 58.57
C LYS C 191 45.48 1.86 58.12
N VAL C 192 44.38 1.24 58.55
CA VAL C 192 44.12 -0.16 58.27
C VAL C 192 43.25 -0.34 57.04
N TYR C 193 43.86 -0.89 56.00
CA TYR C 193 43.16 -1.18 54.75
C TYR C 193 43.06 -2.67 54.49
N ALA C 194 41.82 -3.14 54.39
CA ALA C 194 41.57 -4.57 54.32
C ALA C 194 40.55 -4.90 53.24
N CYS C 195 40.75 -6.02 52.58
CA CYS C 195 39.81 -6.50 51.58
CA CYS C 195 39.84 -6.51 51.55
C CYS C 195 39.29 -7.87 51.97
N GLU C 196 37.96 -7.98 52.00
CA GLU C 196 37.32 -9.22 52.42
C GLU C 196 36.77 -9.99 51.24
N VAL C 197 37.21 -11.23 51.09
CA VAL C 197 36.80 -12.05 49.97
C VAL C 197 36.01 -13.27 50.43
N THR C 198 34.81 -13.44 49.91
CA THR C 198 34.00 -14.62 50.22
C THR C 198 33.83 -15.46 48.96
N HIS C 199 34.05 -16.77 49.07
CA HIS C 199 33.98 -17.63 47.90
C HIS C 199 33.64 -19.07 48.31
N GLN C 200 33.25 -19.86 47.32
CA GLN C 200 32.88 -21.25 47.53
C GLN C 200 34.03 -22.07 48.13
N GLY C 201 35.21 -21.97 47.52
CA GLY C 201 36.36 -22.74 47.95
C GLY C 201 36.87 -22.33 49.33
N LEU C 202 36.40 -21.19 49.80
CA LEU C 202 36.80 -20.67 51.10
C LEU C 202 35.75 -20.91 52.19
N SER C 203 36.10 -21.75 53.16
CA SER C 203 35.21 -22.09 54.27
C SER C 203 34.83 -20.85 55.07
N SER C 204 35.84 -20.08 55.44
CA SER C 204 35.65 -18.79 56.11
C SER C 204 36.17 -17.65 55.24
N PRO C 205 35.53 -16.47 55.34
CA PRO C 205 35.93 -15.31 54.55
C PRO C 205 37.40 -14.98 54.78
N VAL C 206 38.13 -14.75 53.69
CA VAL C 206 39.53 -14.38 53.78
C VAL C 206 39.74 -12.88 53.68
N THR C 207 40.31 -12.31 54.72
CA THR C 207 40.54 -10.87 54.78
C THR C 207 42.03 -10.58 54.65
N LYS C 208 42.43 -10.05 53.50
CA LYS C 208 43.84 -9.68 53.29
C LYS C 208 44.02 -8.19 53.55
N SER C 209 45.04 -7.83 54.31
CA SER C 209 45.15 -6.43 54.72
C SER C 209 46.57 -5.89 54.87
N PHE C 210 46.66 -4.58 55.03
CA PHE C 210 47.91 -3.91 55.36
C PHE C 210 47.62 -2.64 56.17
N ASN C 211 48.69 -2.01 56.66
CA ASN C 211 48.56 -0.72 57.35
C ASN C 211 49.28 0.40 56.60
N ARG C 212 48.66 1.58 56.55
CA ARG C 212 49.22 2.68 55.77
C ARG C 212 50.60 3.11 56.24
N GLY C 213 51.60 2.90 55.38
CA GLY C 213 52.97 3.27 55.67
C GLY C 213 53.65 2.32 56.64
N GLU C 214 53.14 1.09 56.73
CA GLU C 214 53.73 0.11 57.63
C GLU C 214 54.22 -1.11 56.88
N GLN D 1 32.22 -16.51 -1.44
CA GLN D 1 31.50 -16.23 -0.21
C GLN D 1 31.31 -14.73 -0.01
N VAL D 2 30.32 -14.35 0.80
CA VAL D 2 30.05 -12.95 1.06
C VAL D 2 30.74 -12.48 2.34
N GLN D 3 31.26 -11.25 2.32
CA GLN D 3 31.79 -10.65 3.54
C GLN D 3 31.48 -9.16 3.59
N LEU D 4 31.26 -8.65 4.79
CA LEU D 4 30.92 -7.25 4.97
C LEU D 4 31.98 -6.53 5.78
N VAL D 5 32.63 -5.57 5.15
CA VAL D 5 33.69 -4.80 5.80
C VAL D 5 33.22 -3.38 6.10
N GLN D 6 33.16 -3.04 7.37
CA GLN D 6 32.66 -1.74 7.80
C GLN D 6 33.81 -0.74 7.93
N SER D 7 33.45 0.51 8.24
CA SER D 7 34.44 1.55 8.47
C SER D 7 35.10 1.33 9.82
N GLY D 8 36.24 1.97 10.04
CA GLY D 8 36.95 1.85 11.30
C GLY D 8 36.22 2.56 12.42
N ALA D 9 36.68 2.31 13.65
CA ALA D 9 36.10 2.90 14.84
C ALA D 9 36.32 4.41 14.88
N GLU D 10 35.41 5.14 15.52
CA GLU D 10 35.54 6.59 15.64
C GLU D 10 34.92 7.08 16.94
N VAL D 11 35.38 8.22 17.42
CA VAL D 11 34.92 8.77 18.68
C VAL D 11 34.21 10.08 18.43
N LYS D 12 32.99 10.19 18.96
CA LYS D 12 32.21 11.39 18.73
C LYS D 12 31.84 12.05 20.05
N ARG D 13 31.51 13.34 19.98
CA ARG D 13 31.06 14.08 21.14
C ARG D 13 29.55 14.12 21.27
N PRO D 14 29.05 14.29 22.51
CA PRO D 14 27.61 14.37 22.76
C PRO D 14 26.99 15.51 21.96
N GLY D 15 25.97 15.17 21.18
CA GLY D 15 25.27 16.13 20.35
C GLY D 15 25.56 15.96 18.86
N SER D 16 26.76 15.49 18.53
CA SER D 16 27.14 15.31 17.13
C SER D 16 26.50 14.05 16.55
N SER D 17 26.45 13.99 15.22
CA SER D 17 25.85 12.85 14.52
C SER D 17 26.94 11.97 13.93
N VAL D 18 26.78 10.66 14.00
CA VAL D 18 27.78 9.74 13.48
C VAL D 18 27.26 9.04 12.23
N THR D 19 28.18 8.60 11.37
CA THR D 19 27.81 7.91 10.14
C THR D 19 28.80 6.76 9.85
N VAL D 20 28.30 5.53 9.99
CA VAL D 20 29.11 4.33 9.77
C VAL D 20 28.77 3.64 8.45
N SER D 21 29.80 3.18 7.72
CA SER D 21 29.61 2.52 6.44
C SER D 21 29.74 0.99 6.53
N CYS D 22 29.40 0.31 5.44
CA CYS D 22 29.50 -1.15 5.37
C CYS D 22 29.49 -1.65 3.93
N LYS D 23 30.66 -2.04 3.41
CA LYS D 23 30.77 -2.49 2.03
C LYS D 23 30.70 -4.00 1.90
N ALA D 24 29.95 -4.46 0.90
CA ALA D 24 29.73 -5.89 0.64
C ALA D 24 30.65 -6.44 -0.45
N SER D 25 31.23 -7.61 -0.19
CA SER D 25 32.07 -8.30 -1.16
C SER D 25 31.54 -9.69 -1.44
N GLY D 26 31.52 -10.07 -2.72
CA GLY D 26 31.00 -11.35 -3.16
C GLY D 26 29.48 -11.31 -3.26
N GLY D 27 28.91 -12.24 -4.03
CA GLY D 27 27.46 -12.31 -4.17
C GLY D 27 26.81 -11.04 -4.66
N SER D 28 25.51 -10.91 -4.43
CA SER D 28 24.77 -9.73 -4.83
C SER D 28 24.61 -8.79 -3.63
N PHE D 29 23.73 -7.80 -3.75
CA PHE D 29 23.55 -6.81 -2.70
C PHE D 29 22.17 -6.16 -2.76
N SER D 30 21.69 -5.95 -3.97
CA SER D 30 20.47 -5.18 -4.21
C SER D 30 19.22 -5.83 -3.66
N THR D 31 19.17 -7.15 -3.65
CA THR D 31 17.93 -7.86 -3.31
C THR D 31 17.89 -8.56 -1.96
N TYR D 32 18.85 -8.29 -1.10
CA TYR D 32 18.87 -8.89 0.23
C TYR D 32 18.86 -7.79 1.30
N ALA D 33 17.99 -7.94 2.29
CA ALA D 33 17.79 -6.93 3.32
C ALA D 33 19.02 -6.73 4.19
N LEU D 34 19.42 -5.47 4.35
CA LEU D 34 20.59 -5.14 5.16
C LEU D 34 20.20 -4.39 6.43
N SER D 35 20.46 -5.00 7.58
CA SER D 35 20.11 -4.43 8.87
C SER D 35 21.33 -3.96 9.67
N TRP D 36 21.08 -3.15 10.70
CA TRP D 36 22.12 -2.67 11.60
C TRP D 36 21.78 -3.05 13.03
N VAL D 37 22.72 -3.71 13.71
CA VAL D 37 22.49 -4.16 15.09
C VAL D 37 23.62 -3.74 16.03
N ARG D 38 23.30 -2.94 17.05
CA ARG D 38 24.32 -2.47 17.99
C ARG D 38 24.35 -3.27 19.29
N GLN D 39 25.50 -3.25 19.95
CA GLN D 39 25.68 -3.97 21.21
C GLN D 39 26.51 -3.18 22.20
N ALA D 40 25.90 -2.72 23.28
CA ALA D 40 26.61 -1.99 24.32
C ALA D 40 27.59 -2.92 25.03
N PRO D 41 28.69 -2.37 25.56
CA PRO D 41 29.70 -3.17 26.27
C PRO D 41 29.10 -3.98 27.41
N GLY D 42 29.19 -5.30 27.32
CA GLY D 42 28.66 -6.17 28.35
C GLY D 42 27.17 -6.41 28.24
N ARG D 43 26.51 -5.69 27.34
CA ARG D 43 25.07 -5.82 27.16
C ARG D 43 24.76 -6.78 26.02
N GLY D 44 23.47 -6.95 25.73
CA GLY D 44 23.04 -7.86 24.69
C GLY D 44 22.90 -7.20 23.33
N LEU D 45 22.53 -8.00 22.33
CA LEU D 45 22.35 -7.48 20.99
C LEU D 45 21.07 -6.66 20.91
N GLU D 46 21.07 -5.60 20.13
CA GLU D 46 19.89 -4.75 20.01
C GLU D 46 19.67 -4.29 18.58
N TRP D 47 18.48 -4.55 18.04
CA TRP D 47 18.15 -4.20 16.67
C TRP D 47 17.83 -2.70 16.54
N MET D 48 18.39 -2.08 15.50
CA MET D 48 18.18 -0.65 15.25
C MET D 48 17.26 -0.44 14.05
N GLY D 49 17.52 -1.15 12.96
CA GLY D 49 16.71 -1.03 11.77
C GLY D 49 17.24 -1.81 10.59
N GLY D 50 16.53 -1.73 9.46
CA GLY D 50 16.90 -2.45 8.26
C GLY D 50 16.42 -1.76 7.01
N VAL D 51 16.98 -2.16 5.86
CA VAL D 51 16.60 -1.57 4.58
C VAL D 51 16.80 -2.57 3.44
N ILE D 52 15.81 -2.69 2.56
CA ILE D 52 15.99 -3.47 1.35
C ILE D 52 16.45 -2.47 0.29
N PRO D 53 17.72 -2.60 -0.14
CA PRO D 53 18.41 -1.64 -1.02
C PRO D 53 17.70 -1.34 -2.33
N LEU D 54 17.09 -2.39 -2.88
CA LEU D 54 16.40 -2.36 -4.15
C LEU D 54 15.14 -1.49 -4.05
N LEU D 55 14.31 -1.76 -3.03
CA LEU D 55 13.05 -1.04 -2.88
C LEU D 55 13.08 0.31 -2.14
N THR D 56 14.20 0.58 -1.51
CA THR D 56 14.49 1.76 -0.69
C THR D 56 13.43 1.91 0.39
N ILE D 57 13.03 0.80 0.98
CA ILE D 57 12.12 0.75 2.12
C ILE D 57 12.85 0.72 3.46
N THR D 58 12.79 1.79 4.24
CA THR D 58 13.53 1.80 5.50
C THR D 58 12.59 1.40 6.64
N ASN D 59 13.05 0.52 7.52
CA ASN D 59 12.30 0.10 8.69
C ASN D 59 13.10 0.28 9.98
N TYR D 60 12.68 1.26 10.77
CA TYR D 60 13.37 1.62 12.00
C TYR D 60 12.67 1.08 13.24
N ALA D 61 13.46 0.75 14.27
CA ALA D 61 12.90 0.34 15.55
C ALA D 61 12.38 1.56 16.30
N PRO D 62 11.19 1.43 16.91
CA PRO D 62 10.51 2.53 17.61
C PRO D 62 11.38 3.29 18.60
N ARG D 63 12.35 2.62 19.23
CA ARG D 63 13.21 3.29 20.18
C ARG D 63 14.14 4.29 19.50
N PHE D 64 14.45 4.04 18.22
CA PHE D 64 15.38 4.91 17.53
C PHE D 64 14.68 5.74 16.46
N GLN D 65 13.40 5.47 16.23
CA GLN D 65 12.67 6.16 15.18
C GLN D 65 12.68 7.68 15.36
N GLY D 66 13.36 8.36 14.46
CA GLY D 66 13.45 9.80 14.49
C GLY D 66 14.87 10.33 14.44
N ARG D 67 15.76 9.71 15.21
CA ARG D 67 17.15 10.14 15.25
C ARG D 67 18.03 9.25 14.39
N ILE D 68 17.43 8.19 13.85
CA ILE D 68 18.16 7.22 13.05
C ILE D 68 17.85 7.40 11.57
N THR D 69 18.82 7.10 10.71
CA THR D 69 18.63 7.17 9.27
C THR D 69 19.50 6.13 8.56
N ILE D 70 18.87 5.10 8.03
CA ILE D 70 19.60 4.03 7.36
C ILE D 70 19.36 4.04 5.86
N THR D 71 20.45 4.01 5.10
CA THR D 71 20.36 4.00 3.65
C THR D 71 21.27 2.92 3.06
N ALA D 72 21.17 2.73 1.75
CA ALA D 72 21.97 1.72 1.06
C ALA D 72 22.22 2.15 -0.38
N ASP D 73 23.50 2.40 -0.68
CA ASP D 73 23.93 2.78 -2.01
C ASP D 73 24.28 1.57 -2.86
N ARG D 74 23.51 1.38 -3.94
CA ARG D 74 23.70 0.24 -4.83
C ARG D 74 24.89 0.45 -5.75
N SER D 75 25.26 1.71 -5.97
CA SER D 75 26.35 2.06 -6.86
C SER D 75 27.71 1.67 -6.28
N THR D 76 27.76 1.55 -4.96
CA THR D 76 29.00 1.20 -4.29
C THR D 76 28.82 -0.07 -3.46
N SER D 77 27.62 -0.63 -3.50
CA SER D 77 27.27 -1.81 -2.71
C SER D 77 27.59 -1.55 -1.23
N THR D 78 27.23 -0.35 -0.77
CA THR D 78 27.62 0.09 0.57
C THR D 78 26.44 0.62 1.36
N ALA D 79 26.25 0.10 2.57
CA ALA D 79 25.18 0.57 3.44
C ALA D 79 25.67 1.62 4.41
N TYR D 80 24.83 2.61 4.68
CA TYR D 80 25.19 3.70 5.57
C TYR D 80 24.20 3.85 6.72
N LEU D 81 24.74 3.94 7.93
CA LEU D 81 23.94 4.20 9.11
C LEU D 81 24.27 5.58 9.68
N GLU D 82 23.27 6.42 9.87
CA GLU D 82 23.49 7.75 10.42
C GLU D 82 22.68 7.90 11.70
N LEU D 83 23.38 8.07 12.81
CA LEU D 83 22.72 8.24 14.10
C LEU D 83 22.88 9.68 14.56
N ASN D 84 21.75 10.37 14.74
CA ASN D 84 21.77 11.77 15.14
C ASN D 84 21.57 11.96 16.64
N SER D 85 22.04 13.10 17.15
CA SER D 85 21.91 13.46 18.56
C SER D 85 22.45 12.38 19.49
N LEU D 86 23.76 12.15 19.42
CA LEU D 86 24.41 11.13 20.24
C LEU D 86 24.53 11.53 21.71
N ARG D 87 24.59 10.52 22.58
CA ARG D 87 24.74 10.73 24.01
C ARG D 87 25.40 9.50 24.62
N PRO D 88 26.12 9.68 25.75
CA PRO D 88 26.92 8.63 26.41
C PRO D 88 26.32 7.21 26.40
N GLU D 89 25.00 7.09 26.38
CA GLU D 89 24.36 5.77 26.36
C GLU D 89 24.19 5.21 24.95
N ASP D 90 24.83 5.83 23.97
CA ASP D 90 24.81 5.34 22.59
C ASP D 90 26.09 4.57 22.26
N THR D 91 27.02 4.55 23.22
CA THR D 91 28.28 3.86 23.07
C THR D 91 28.11 2.35 22.96
N ALA D 92 28.44 1.81 21.79
CA ALA D 92 28.26 0.39 21.53
C ALA D 92 29.09 -0.07 20.34
N VAL D 93 28.97 -1.36 20.00
CA VAL D 93 29.60 -1.91 18.81
C VAL D 93 28.52 -2.11 17.77
N TYR D 94 28.65 -1.40 16.66
CA TYR D 94 27.62 -1.42 15.63
C TYR D 94 27.96 -2.41 14.52
N TYR D 95 27.13 -3.42 14.36
CA TYR D 95 27.35 -4.46 13.38
C TYR D 95 26.44 -4.27 12.17
N CYS D 96 27.00 -4.47 10.98
CA CYS D 96 26.20 -4.47 9.77
CA CYS D 96 26.23 -4.47 9.75
C CYS D 96 25.91 -5.91 9.36
N ALA D 97 24.63 -6.24 9.29
CA ALA D 97 24.24 -7.61 8.99
C ALA D 97 23.37 -7.73 7.75
N ARG D 98 23.36 -8.92 7.17
CA ARG D 98 22.53 -9.21 6.01
C ARG D 98 21.94 -10.62 6.12
N GLU D 99 20.70 -10.76 5.67
CA GLU D 99 20.00 -12.03 5.74
C GLU D 99 20.61 -13.04 4.78
N GLY D 100 20.58 -14.32 5.16
CA GLY D 100 21.20 -15.33 4.33
C GLY D 100 20.40 -15.69 3.10
N THR D 101 20.88 -16.71 2.39
CA THR D 101 20.26 -17.16 1.15
C THR D 101 20.44 -18.65 0.95
N THR D 102 19.85 -19.17 -0.12
CA THR D 102 20.09 -20.54 -0.54
C THR D 102 20.75 -20.50 -1.94
N GLY D 103 21.89 -19.81 -2.00
CA GLY D 103 22.68 -19.71 -3.21
C GLY D 103 22.27 -18.49 -4.01
N TRP D 104 23.00 -17.39 -3.88
CA TRP D 104 22.59 -16.14 -4.54
C TRP D 104 22.53 -16.12 -6.06
N GLY D 105 22.46 -14.89 -6.56
CA GLY D 105 21.97 -14.58 -7.88
C GLY D 105 20.65 -13.98 -7.42
N TRP D 106 20.14 -12.96 -8.08
CA TRP D 106 18.95 -12.22 -7.61
C TRP D 106 17.81 -13.09 -7.06
N LEU D 107 17.90 -14.40 -7.30
CA LEU D 107 16.97 -15.37 -6.72
C LEU D 107 17.44 -15.69 -5.31
N GLY D 108 17.92 -16.91 -5.06
CA GLY D 108 18.45 -17.29 -3.77
C GLY D 108 17.37 -17.03 -2.73
N LYS D 109 16.54 -18.05 -2.55
CA LYS D 109 15.42 -18.05 -1.62
C LYS D 109 15.85 -17.47 -0.27
N PRO D 110 15.38 -16.25 0.04
CA PRO D 110 15.91 -15.60 1.23
C PRO D 110 15.31 -16.14 2.53
N ILE D 111 16.17 -16.31 3.54
CA ILE D 111 15.78 -16.95 4.78
C ILE D 111 15.32 -15.95 5.84
N GLY D 112 15.73 -14.68 5.68
CA GLY D 112 15.33 -13.63 6.58
C GLY D 112 16.28 -13.43 7.74
N ALA D 113 16.80 -14.52 8.30
CA ALA D 113 17.71 -14.46 9.44
C ALA D 113 19.08 -13.94 9.04
N PHE D 114 19.70 -13.16 9.92
CA PHE D 114 20.98 -12.52 9.64
C PHE D 114 22.14 -13.53 9.62
N ALA D 115 22.51 -13.97 8.42
CA ALA D 115 23.56 -14.97 8.25
C ALA D 115 24.90 -14.36 7.84
N HIS D 116 24.94 -13.06 7.56
CA HIS D 116 26.21 -12.44 7.19
C HIS D 116 26.50 -11.18 7.99
N TRP D 117 27.47 -11.27 8.89
CA TRP D 117 27.80 -10.16 9.78
C TRP D 117 29.13 -9.49 9.41
N GLY D 118 29.25 -8.20 9.75
CA GLY D 118 30.48 -7.46 9.55
C GLY D 118 31.42 -7.71 10.71
N GLN D 119 32.52 -6.97 10.76
CA GLN D 119 33.49 -7.14 11.85
C GLN D 119 33.15 -6.22 13.02
N GLY D 120 32.16 -5.36 12.82
CA GLY D 120 31.73 -4.45 13.88
C GLY D 120 32.48 -3.14 13.90
N THR D 121 31.82 -2.10 14.40
CA THR D 121 32.43 -0.78 14.48
C THR D 121 32.19 -0.12 15.83
N LEU D 122 33.26 0.09 16.59
CA LEU D 122 33.14 0.71 17.90
C LEU D 122 32.93 2.22 17.78
N VAL D 123 31.77 2.68 18.20
CA VAL D 123 31.47 4.11 18.18
C VAL D 123 31.35 4.59 19.63
N THR D 124 32.36 5.32 20.08
CA THR D 124 32.40 5.80 21.45
C THR D 124 31.91 7.24 21.54
N VAL D 125 30.82 7.44 22.27
CA VAL D 125 30.26 8.77 22.46
C VAL D 125 30.57 9.30 23.85
N SER D 126 31.51 10.22 23.92
CA SER D 126 31.90 10.81 25.21
C SER D 126 32.45 12.22 25.01
N SER D 127 32.36 13.02 26.06
CA SER D 127 32.83 14.40 26.01
C SER D 127 34.24 14.52 26.57
N ALA D 128 35.01 13.45 26.49
CA ALA D 128 36.37 13.47 26.99
C ALA D 128 37.36 13.80 25.88
N SER D 129 38.64 13.81 26.24
CA SER D 129 39.70 14.15 25.29
C SER D 129 40.74 13.05 25.26
N THR D 130 41.27 12.77 24.07
CA THR D 130 42.25 11.70 23.90
C THR D 130 43.46 11.91 24.80
N LYS D 131 43.57 11.08 25.83
CA LYS D 131 44.64 11.22 26.81
C LYS D 131 45.39 9.90 27.00
N GLY D 132 46.71 9.98 27.06
CA GLY D 132 47.53 8.81 27.32
C GLY D 132 47.39 8.31 28.75
N PRO D 133 47.49 6.99 28.95
CA PRO D 133 47.32 6.37 30.25
C PRO D 133 48.53 6.55 31.16
N SER D 134 48.27 6.67 32.46
CA SER D 134 49.34 6.69 33.45
C SER D 134 49.54 5.28 33.98
N VAL D 135 50.79 4.81 33.96
CA VAL D 135 51.08 3.44 34.37
C VAL D 135 51.78 3.41 35.73
N PHE D 136 51.08 2.89 36.73
CA PHE D 136 51.64 2.81 38.08
C PHE D 136 51.96 1.36 38.42
N PRO D 137 52.99 1.14 39.26
CA PRO D 137 53.42 -0.22 39.60
C PRO D 137 52.64 -0.87 40.73
N LEU D 138 52.21 -2.11 40.50
CA LEU D 138 51.64 -2.96 41.53
C LEU D 138 52.72 -3.93 42.04
N ALA D 139 53.50 -3.46 43.02
CA ALA D 139 54.65 -4.20 43.52
C ALA D 139 54.24 -5.49 44.24
N PRO D 140 55.03 -6.55 44.08
CA PRO D 140 54.81 -7.84 44.75
C PRO D 140 54.92 -7.69 46.27
N SER D 141 54.00 -8.30 47.00
CA SER D 141 54.00 -8.21 48.46
C SER D 141 55.32 -8.67 49.07
N SER D 142 55.84 -7.89 50.00
CA SER D 142 57.10 -8.21 50.67
C SER D 142 57.00 -9.48 51.51
N LYS D 143 55.77 -9.89 51.81
CA LYS D 143 55.54 -11.09 52.60
C LYS D 143 55.11 -12.26 51.72
N SER D 144 54.78 -11.94 50.47
CA SER D 144 54.27 -12.92 49.51
C SER D 144 53.05 -13.65 50.05
N THR D 145 52.67 -14.73 49.39
CA THR D 145 51.58 -15.60 49.84
C THR D 145 51.47 -16.79 48.89
N SER D 146 50.74 -17.82 49.34
CA SER D 146 50.45 -19.04 48.57
C SER D 146 51.68 -19.96 48.41
N GLY D 147 52.88 -19.37 48.46
CA GLY D 147 54.13 -20.11 48.45
C GLY D 147 54.34 -21.25 47.45
N GLY D 148 55.03 -20.98 46.34
CA GLY D 148 55.45 -19.63 45.97
C GLY D 148 54.28 -18.86 45.40
N THR D 149 54.33 -18.61 44.09
CA THR D 149 53.27 -17.90 43.39
C THR D 149 52.99 -16.56 44.08
N ALA D 150 53.88 -15.60 43.86
CA ALA D 150 53.66 -14.24 44.29
C ALA D 150 53.09 -13.47 43.12
N ALA D 151 52.33 -12.42 43.42
CA ALA D 151 51.65 -11.67 42.38
C ALA D 151 52.18 -10.24 42.24
N LEU D 152 52.48 -9.86 41.01
CA LEU D 152 52.88 -8.48 40.73
C LEU D 152 52.04 -7.97 39.57
N GLY D 153 52.23 -6.71 39.20
CA GLY D 153 51.48 -6.20 38.05
C GLY D 153 51.60 -4.71 37.80
N CYS D 154 50.73 -4.20 36.94
CA CYS D 154 50.72 -2.78 36.58
CA CYS D 154 50.71 -2.77 36.65
C CYS D 154 49.30 -2.24 36.42
N LEU D 155 49.04 -1.09 37.05
CA LEU D 155 47.74 -0.41 36.95
C LEU D 155 47.80 0.65 35.86
N VAL D 156 47.00 0.43 34.81
CA VAL D 156 46.86 1.37 33.71
C VAL D 156 45.67 2.29 33.97
N LYS D 157 45.95 3.47 34.51
CA LYS D 157 44.90 4.36 34.99
C LYS D 157 44.70 5.60 34.12
N ASP D 158 43.44 6.00 33.97
CA ASP D 158 43.08 7.27 33.32
C ASP D 158 43.56 7.40 31.87
N TYR D 159 42.77 6.89 30.94
CA TYR D 159 43.06 7.07 29.51
C TYR D 159 41.78 7.18 28.69
N PHE D 160 41.93 7.58 27.43
CA PHE D 160 40.80 7.68 26.52
C PHE D 160 41.29 7.78 25.07
N PRO D 161 40.65 7.02 24.17
CA PRO D 161 39.59 6.05 24.50
C PRO D 161 40.13 4.63 24.43
N GLU D 162 39.23 3.65 24.45
CA GLU D 162 39.62 2.26 24.29
C GLU D 162 40.16 2.07 22.87
N PRO D 163 41.03 1.07 22.67
CA PRO D 163 41.54 0.13 23.67
C PRO D 163 43.01 0.41 24.01
N VAL D 164 43.56 -0.41 24.90
CA VAL D 164 44.96 -0.34 25.30
C VAL D 164 45.57 -1.73 25.31
N THR D 165 46.75 -1.87 24.71
CA THR D 165 47.40 -3.17 24.66
C THR D 165 48.53 -3.28 25.66
N VAL D 166 48.42 -4.25 26.58
CA VAL D 166 49.41 -4.43 27.62
C VAL D 166 50.10 -5.77 27.47
N SER D 167 51.43 -5.74 27.40
CA SER D 167 52.23 -6.96 27.30
C SER D 167 53.21 -7.07 28.46
N TRP D 168 53.90 -8.20 28.56
CA TRP D 168 54.86 -8.42 29.64
C TRP D 168 56.22 -8.87 29.13
N ASN D 169 57.27 -8.20 29.62
CA ASN D 169 58.64 -8.45 29.17
C ASN D 169 58.77 -8.38 27.66
N SER D 170 58.10 -7.40 27.06
CA SER D 170 58.08 -7.19 25.61
C SER D 170 57.49 -8.38 24.85
N GLY D 171 56.79 -9.26 25.56
CA GLY D 171 56.15 -10.41 24.95
C GLY D 171 56.69 -11.75 25.41
N ALA D 172 57.79 -11.72 26.15
CA ALA D 172 58.45 -12.94 26.61
C ALA D 172 57.87 -13.44 27.93
N LEU D 173 56.61 -13.10 28.19
CA LEU D 173 55.93 -13.53 29.41
C LEU D 173 54.42 -13.64 29.18
N THR D 174 53.93 -14.88 29.17
CA THR D 174 52.51 -15.12 28.90
C THR D 174 51.81 -16.01 29.94
N SER D 175 52.58 -16.85 30.63
CA SER D 175 51.99 -17.77 31.59
C SER D 175 51.59 -17.08 32.89
N GLY D 176 50.30 -17.12 33.20
CA GLY D 176 49.81 -16.53 34.44
C GLY D 176 49.48 -15.06 34.27
N VAL D 177 49.41 -14.60 33.03
CA VAL D 177 49.16 -13.20 32.76
C VAL D 177 47.66 -12.93 32.61
N HIS D 178 47.16 -11.98 33.38
CA HIS D 178 45.77 -11.56 33.28
C HIS D 178 45.62 -10.06 33.06
N THR D 179 45.04 -9.69 31.92
CA THR D 179 44.75 -8.28 31.62
C THR D 179 43.25 -8.05 31.70
N PHE D 180 42.80 -7.46 32.80
CA PHE D 180 41.37 -7.31 33.08
C PHE D 180 40.71 -6.30 32.13
N PRO D 181 39.41 -6.50 31.85
CA PRO D 181 38.65 -5.53 31.06
C PRO D 181 38.63 -4.16 31.75
N ALA D 182 38.69 -3.10 30.95
CA ALA D 182 38.74 -1.74 31.47
C ALA D 182 37.39 -1.29 32.01
N VAL D 183 37.42 -0.58 33.14
CA VAL D 183 36.21 -0.01 33.73
C VAL D 183 36.13 1.48 33.44
N LEU D 184 34.92 1.98 33.17
CA LEU D 184 34.73 3.40 32.87
C LEU D 184 34.46 4.20 34.13
N GLN D 185 35.42 5.05 34.48
CA GLN D 185 35.33 5.86 35.69
C GLN D 185 34.39 7.05 35.49
N SER D 186 34.06 7.72 36.59
CA SER D 186 33.14 8.86 36.54
C SER D 186 33.77 10.06 35.85
N SER D 187 35.10 10.06 35.76
CA SER D 187 35.83 11.15 35.12
C SER D 187 35.70 11.10 33.61
N GLY D 188 35.28 9.94 33.09
CA GLY D 188 35.15 9.75 31.67
C GLY D 188 36.34 9.02 31.08
N LEU D 189 37.31 8.72 31.93
CA LEU D 189 38.52 8.00 31.51
C LEU D 189 38.44 6.55 31.93
N TYR D 190 38.99 5.68 31.10
CA TYR D 190 39.00 4.24 31.35
C TYR D 190 40.17 3.86 32.25
N SER D 191 40.13 2.65 32.79
CA SER D 191 41.21 2.16 33.65
C SER D 191 41.18 0.64 33.75
N LEU D 192 42.33 0.00 33.62
CA LEU D 192 42.44 -1.44 33.76
C LEU D 192 43.68 -1.85 34.56
N SER D 193 43.81 -3.14 34.80
CA SER D 193 44.97 -3.66 35.53
CA SER D 193 44.96 -3.67 35.55
C SER D 193 45.50 -4.94 34.87
N SER D 194 46.81 -5.10 34.90
CA SER D 194 47.45 -6.29 34.34
C SER D 194 48.31 -6.98 35.38
N VAL D 195 47.88 -8.16 35.83
CA VAL D 195 48.59 -8.87 36.88
C VAL D 195 49.26 -10.13 36.36
N VAL D 196 50.24 -10.63 37.11
CA VAL D 196 50.92 -11.87 36.77
C VAL D 196 51.48 -12.53 38.03
N THR D 197 51.35 -13.86 38.08
CA THR D 197 51.84 -14.64 39.20
C THR D 197 53.11 -15.39 38.79
N VAL D 198 54.17 -15.22 39.59
CA VAL D 198 55.46 -15.84 39.32
C VAL D 198 56.00 -16.44 40.60
N PRO D 199 56.82 -17.50 40.48
CA PRO D 199 57.45 -18.16 41.64
C PRO D 199 58.12 -17.17 42.59
N SER D 200 57.91 -17.34 43.89
CA SER D 200 58.44 -16.40 44.88
C SER D 200 59.96 -16.39 44.96
N SER D 201 60.60 -17.46 44.46
CA SER D 201 62.06 -17.54 44.48
C SER D 201 62.65 -16.80 43.29
N SER D 202 61.78 -16.30 42.42
CA SER D 202 62.23 -15.63 41.21
C SER D 202 61.90 -14.14 41.21
N LEU D 203 61.62 -13.60 42.39
CA LEU D 203 61.28 -12.19 42.52
C LEU D 203 62.55 -11.34 42.45
N GLY D 204 63.63 -11.87 43.02
CA GLY D 204 64.88 -11.14 43.09
C GLY D 204 65.88 -11.53 42.00
N THR D 205 65.42 -12.29 41.01
CA THR D 205 66.30 -12.73 39.94
C THR D 205 65.81 -12.26 38.57
N GLN D 206 64.51 -12.41 38.32
CA GLN D 206 63.93 -12.06 37.02
C GLN D 206 63.42 -10.62 36.98
N THR D 207 63.65 -9.95 35.86
CA THR D 207 63.17 -8.58 35.66
C THR D 207 61.78 -8.59 35.02
N TYR D 208 60.79 -8.04 35.72
CA TYR D 208 59.43 -8.00 35.20
C TYR D 208 58.99 -6.58 34.84
N ILE D 209 58.84 -6.33 33.53
CA ILE D 209 58.37 -5.03 33.06
C ILE D 209 57.10 -5.19 32.23
N CYS D 210 56.15 -4.28 32.40
CA CYS D 210 54.92 -4.27 31.61
CA CYS D 210 54.94 -4.29 31.58
C CYS D 210 54.93 -3.16 30.56
N ASN D 211 54.53 -3.51 29.34
CA ASN D 211 54.49 -2.57 28.22
C ASN D 211 53.07 -2.15 27.87
N VAL D 212 52.74 -0.89 28.15
CA VAL D 212 51.42 -0.35 27.87
C VAL D 212 51.47 0.51 26.61
N ASN D 213 50.74 0.07 25.58
CA ASN D 213 50.66 0.78 24.31
C ASN D 213 49.26 1.33 24.06
N HIS D 214 49.19 2.63 23.84
CA HIS D 214 47.94 3.32 23.54
C HIS D 214 47.98 4.01 22.17
N LYS D 215 47.40 3.35 21.18
CA LYS D 215 47.42 3.83 19.80
C LYS D 215 46.88 5.26 19.54
N PRO D 216 45.65 5.57 20.01
CA PRO D 216 45.11 6.90 19.71
C PRO D 216 45.94 8.07 20.23
N SER D 217 46.53 7.93 21.41
CA SER D 217 47.33 9.00 21.99
C SER D 217 48.79 8.87 21.61
N ASN D 218 49.11 7.81 20.84
CA ASN D 218 50.48 7.55 20.41
C ASN D 218 51.41 7.47 21.62
N THR D 219 51.06 6.62 22.58
CA THR D 219 51.84 6.49 23.81
C THR D 219 52.26 5.06 24.11
N LYS D 220 53.51 4.92 24.52
CA LYS D 220 54.07 3.64 24.94
C LYS D 220 54.88 3.79 26.22
N VAL D 221 54.55 2.99 27.23
CA VAL D 221 55.22 3.03 28.53
C VAL D 221 55.76 1.67 28.94
N ASP D 222 57.05 1.60 29.24
CA ASP D 222 57.65 0.38 29.74
C ASP D 222 57.96 0.46 31.23
N LYS D 223 57.01 0.03 32.06
CA LYS D 223 57.16 0.19 33.50
C LYS D 223 57.76 -1.04 34.17
N LYS D 224 58.83 -0.83 34.93
CA LYS D 224 59.47 -1.93 35.64
C LYS D 224 58.88 -2.13 37.02
N VAL D 225 58.42 -3.34 37.32
CA VAL D 225 57.86 -3.61 38.63
C VAL D 225 58.81 -4.46 39.48
N GLU D 226 59.15 -3.93 40.65
CA GLU D 226 60.07 -4.61 41.55
C GLU D 226 59.60 -4.46 43.00
N PRO D 227 59.99 -5.40 43.87
CA PRO D 227 59.56 -5.40 45.28
C PRO D 227 59.89 -4.10 46.00
N LYS D 228 59.12 -3.77 47.03
CA LYS D 228 59.31 -2.55 47.78
C LYS D 228 60.37 -2.73 48.87
N GLU E 1 11.29 -11.20 -65.94
CA GLU E 1 10.33 -11.28 -64.84
C GLU E 1 9.34 -12.41 -65.06
N ILE E 2 9.12 -13.19 -64.01
CA ILE E 2 8.14 -14.27 -64.06
C ILE E 2 6.78 -13.71 -63.64
N VAL E 3 5.84 -13.76 -64.58
CA VAL E 3 4.50 -13.24 -64.34
C VAL E 3 3.55 -14.37 -63.99
N LEU E 4 2.94 -14.27 -62.82
CA LEU E 4 2.00 -15.29 -62.37
C LEU E 4 0.60 -14.85 -62.74
N THR E 5 -0.14 -15.76 -63.38
CA THR E 5 -1.51 -15.51 -63.77
C THR E 5 -2.45 -16.40 -63.00
N GLN E 6 -3.29 -15.80 -62.16
CA GLN E 6 -4.22 -16.61 -61.39
C GLN E 6 -5.50 -16.81 -62.18
N SER E 7 -6.13 -17.96 -61.96
CA SER E 7 -7.42 -18.21 -62.55
C SER E 7 -8.13 -19.11 -61.55
N PRO E 8 -9.45 -18.94 -61.38
CA PRO E 8 -10.19 -17.87 -62.04
C PRO E 8 -10.09 -16.58 -61.20
N GLY E 9 -10.79 -15.51 -61.60
CA GLY E 9 -10.72 -14.22 -60.92
C GLY E 9 -11.81 -13.83 -59.93
N THR E 10 -12.80 -14.70 -59.76
CA THR E 10 -13.85 -14.43 -58.79
C THR E 10 -14.43 -15.80 -58.50
N GLN E 11 -14.96 -16.03 -57.31
CA GLN E 11 -15.41 -17.38 -57.04
C GLN E 11 -16.80 -17.37 -56.44
N SER E 12 -17.78 -18.00 -57.06
CA SER E 12 -19.10 -17.99 -56.45
C SER E 12 -19.38 -19.40 -55.99
N LEU E 13 -19.00 -19.72 -54.75
CA LEU E 13 -19.20 -21.06 -54.25
C LEU E 13 -19.96 -21.05 -52.92
N SER E 14 -20.51 -22.20 -52.56
CA SER E 14 -21.28 -22.34 -51.34
C SER E 14 -20.45 -22.96 -50.21
N PRO E 15 -20.82 -22.66 -48.96
CA PRO E 15 -20.12 -23.23 -47.79
C PRO E 15 -20.19 -24.75 -47.80
N GLY E 16 -19.06 -25.40 -48.05
CA GLY E 16 -19.00 -26.85 -48.11
C GLY E 16 -18.56 -27.34 -49.47
N GLU E 17 -18.56 -26.43 -50.43
CA GLU E 17 -18.17 -26.76 -51.80
C GLU E 17 -16.65 -26.92 -51.89
N ARG E 18 -16.20 -27.63 -52.92
CA ARG E 18 -14.76 -27.81 -53.12
C ARG E 18 -14.21 -26.68 -53.98
N ALA E 19 -13.28 -25.91 -53.44
CA ALA E 19 -12.73 -24.77 -54.15
C ALA E 19 -11.34 -25.10 -54.70
N THR E 20 -11.19 -24.97 -56.01
CA THR E 20 -9.90 -25.21 -56.65
C THR E 20 -9.39 -23.95 -57.36
N LEU E 21 -8.38 -23.32 -56.79
CA LEU E 21 -7.84 -22.09 -57.37
C LEU E 21 -6.55 -22.40 -58.12
N SER E 22 -6.43 -21.86 -59.33
CA SER E 22 -5.31 -22.18 -60.20
C SER E 22 -4.34 -21.02 -60.36
N CYS E 23 -3.05 -21.34 -60.48
CA CYS E 23 -2.02 -20.33 -60.73
C CYS E 23 -1.11 -20.86 -61.83
N ARG E 24 -1.08 -20.15 -62.95
CA ARG E 24 -0.29 -20.58 -64.10
C ARG E 24 0.93 -19.67 -64.27
N ALA E 25 2.11 -20.26 -64.39
CA ALA E 25 3.34 -19.46 -64.49
C ALA E 25 3.73 -19.15 -65.93
N SER E 26 4.40 -18.01 -66.11
CA SER E 26 4.90 -17.58 -67.41
C SER E 26 6.06 -18.39 -67.98
N GLN E 27 6.95 -18.89 -67.12
CA GLN E 27 8.05 -19.72 -67.59
C GLN E 27 8.59 -20.70 -66.54
N SER E 28 7.70 -21.57 -66.07
CA SER E 28 7.99 -22.53 -65.00
C SER E 28 8.57 -21.89 -63.74
N VAL E 29 7.80 -21.83 -62.67
CA VAL E 29 8.38 -21.28 -61.45
C VAL E 29 9.54 -22.16 -60.99
N GLY E 30 10.75 -21.74 -61.31
CA GLY E 30 11.95 -22.50 -60.99
C GLY E 30 12.12 -22.64 -59.48
N ASN E 31 12.38 -23.82 -58.92
CA ASN E 31 11.73 -25.07 -59.26
C ASN E 31 10.99 -25.48 -58.00
N ASN E 32 9.68 -25.54 -58.20
CA ASN E 32 8.62 -25.86 -57.26
C ASN E 32 8.71 -25.08 -55.96
N LYS E 33 8.82 -23.76 -56.11
CA LYS E 33 8.84 -22.82 -55.00
C LYS E 33 7.56 -22.02 -55.18
N LEU E 34 6.39 -22.60 -55.03
CA LEU E 34 5.21 -21.77 -55.18
C LEU E 34 4.56 -21.64 -53.83
N ALA E 35 4.07 -20.45 -53.49
CA ALA E 35 3.51 -20.24 -52.16
C ALA E 35 2.12 -19.61 -52.22
N TRP E 36 1.21 -20.14 -51.41
CA TRP E 36 -0.14 -19.61 -51.32
C TRP E 36 -0.37 -18.85 -50.02
N TYR E 37 -0.81 -17.61 -50.14
CA TYR E 37 -1.12 -16.75 -49.02
C TYR E 37 -2.61 -16.42 -49.03
N GLN E 38 -3.16 -16.24 -47.84
CA GLN E 38 -4.54 -15.81 -47.69
C GLN E 38 -4.60 -14.42 -47.04
N GLN E 39 -5.46 -13.55 -47.57
CA GLN E 39 -5.64 -12.22 -47.01
C GLN E 39 -7.13 -11.89 -46.85
N ARG E 40 -7.54 -11.60 -45.62
CA ARG E 40 -8.89 -11.15 -45.32
C ARG E 40 -8.97 -9.62 -45.48
N PRO E 41 -10.18 -9.04 -45.39
CA PRO E 41 -10.04 -7.58 -45.46
C PRO E 41 -9.46 -6.88 -44.22
N GLY E 42 -8.43 -6.12 -44.48
CA GLY E 42 -7.69 -5.25 -43.56
C GLY E 42 -6.79 -6.06 -42.64
N GLN E 43 -6.23 -7.15 -43.13
CA GLN E 43 -5.37 -7.99 -42.31
C GLN E 43 -4.07 -8.26 -43.03
N ALA E 44 -3.02 -8.62 -42.30
CA ALA E 44 -1.78 -8.96 -42.98
C ALA E 44 -2.03 -10.33 -43.58
N PRO E 45 -1.48 -10.61 -44.77
CA PRO E 45 -1.69 -11.90 -45.44
C PRO E 45 -1.24 -13.06 -44.56
N ARG E 46 -1.86 -14.23 -44.71
CA ARG E 46 -1.47 -15.38 -43.90
C ARG E 46 -1.01 -16.52 -44.80
N LEU E 47 0.14 -17.09 -44.46
CA LEU E 47 0.72 -18.17 -45.26
C LEU E 47 -0.06 -19.48 -45.13
N LEU E 48 -0.51 -19.98 -46.27
CA LEU E 48 -1.23 -21.25 -46.32
C LEU E 48 -0.32 -22.37 -46.80
N ILE E 49 0.34 -22.15 -47.92
CA ILE E 49 1.18 -23.20 -48.51
C ILE E 49 2.56 -22.68 -48.91
N TYR E 50 3.60 -23.46 -48.65
CA TYR E 50 4.94 -23.13 -49.12
C TYR E 50 5.55 -24.34 -49.81
N GLY E 51 6.49 -24.10 -50.72
CA GLY E 51 7.12 -25.17 -51.46
C GLY E 51 6.12 -25.91 -52.34
N ALA E 52 5.16 -25.15 -52.86
CA ALA E 52 4.14 -25.66 -53.79
C ALA E 52 3.13 -26.64 -53.20
N SER E 53 3.52 -27.37 -52.15
CA SER E 53 2.64 -28.39 -51.59
C SER E 53 2.71 -28.53 -50.07
N SER E 54 3.82 -28.08 -49.49
CA SER E 54 4.01 -28.21 -48.04
C SER E 54 3.18 -27.20 -47.26
N ARG E 55 2.61 -27.66 -46.16
CA ARG E 55 1.77 -26.81 -45.32
C ARG E 55 2.38 -26.59 -43.94
N PRO E 56 2.51 -25.32 -43.52
CA PRO E 56 3.07 -25.01 -42.20
C PRO E 56 2.16 -25.53 -41.09
N SER E 57 2.70 -25.64 -39.88
CA SER E 57 1.93 -26.08 -38.73
C SER E 57 0.96 -24.97 -38.29
N GLY E 58 -0.22 -25.38 -37.84
CA GLY E 58 -1.24 -24.43 -37.40
C GLY E 58 -2.24 -24.14 -38.51
N VAL E 59 -1.84 -24.43 -39.74
CA VAL E 59 -2.73 -24.24 -40.89
C VAL E 59 -3.64 -25.46 -41.02
N ALA E 60 -4.93 -25.21 -41.21
CA ALA E 60 -5.93 -26.28 -41.34
C ALA E 60 -5.59 -27.22 -42.51
N ASP E 61 -5.83 -28.52 -42.30
CA ASP E 61 -5.45 -29.53 -43.29
C ASP E 61 -6.44 -29.65 -44.44
N ARG E 62 -7.41 -28.74 -44.48
CA ARG E 62 -8.36 -28.70 -45.58
C ARG E 62 -7.73 -27.99 -46.77
N PHE E 63 -6.63 -27.27 -46.50
CA PHE E 63 -5.87 -26.64 -47.56
C PHE E 63 -4.82 -27.61 -48.08
N SER E 64 -4.61 -27.64 -49.39
CA SER E 64 -3.58 -28.50 -49.96
C SER E 64 -3.08 -27.94 -51.28
N GLY E 65 -1.76 -27.79 -51.39
CA GLY E 65 -1.15 -27.28 -52.60
C GLY E 65 -0.65 -28.41 -53.48
N SER E 66 -0.74 -28.22 -54.80
CA SER E 66 -0.30 -29.23 -55.74
C SER E 66 0.22 -28.57 -57.01
N GLY E 67 0.78 -29.39 -57.90
CA GLY E 67 1.26 -28.89 -59.19
C GLY E 67 2.74 -28.56 -59.22
N SER E 68 3.25 -28.36 -60.42
CA SER E 68 4.65 -28.03 -60.64
C SER E 68 4.87 -27.40 -62.01
N GLY E 69 6.07 -26.90 -62.20
CA GLY E 69 6.47 -26.30 -63.46
C GLY E 69 5.78 -24.98 -63.70
N THR E 70 4.67 -25.04 -64.43
CA THR E 70 3.92 -23.85 -64.75
C THR E 70 2.52 -23.93 -64.17
N ASP E 71 2.05 -25.14 -63.88
CA ASP E 71 0.72 -25.27 -63.33
C ASP E 71 0.71 -25.57 -61.83
N PHE E 72 0.10 -24.69 -61.06
CA PHE E 72 -0.02 -24.92 -59.62
C PHE E 72 -1.48 -24.78 -59.21
N THR E 73 -1.88 -25.50 -58.18
CA THR E 73 -3.27 -25.50 -57.77
C THR E 73 -3.43 -25.59 -56.26
N LEU E 74 -4.15 -24.63 -55.71
CA LEU E 74 -4.49 -24.64 -54.30
C LEU E 74 -5.89 -25.17 -54.14
N THR E 75 -6.06 -26.16 -53.28
CA THR E 75 -7.36 -26.77 -53.14
C THR E 75 -7.84 -26.69 -51.70
N ILE E 76 -8.99 -26.07 -51.54
CA ILE E 76 -9.67 -26.05 -50.27
C ILE E 76 -10.82 -27.01 -50.48
N SER E 77 -10.69 -28.17 -49.87
CA SER E 77 -11.64 -29.23 -50.04
C SER E 77 -13.06 -28.83 -49.53
N ARG E 78 -13.13 -28.06 -48.44
CA ARG E 78 -14.42 -27.57 -47.87
C ARG E 78 -14.35 -26.12 -47.42
N LEU E 79 -15.15 -25.26 -48.05
CA LEU E 79 -15.16 -23.86 -47.67
C LEU E 79 -15.93 -23.70 -46.37
N GLU E 80 -15.31 -22.98 -45.44
CA GLU E 80 -15.87 -22.62 -44.14
C GLU E 80 -15.84 -21.11 -43.93
N PRO E 81 -16.79 -20.58 -43.13
CA PRO E 81 -16.99 -19.13 -42.96
C PRO E 81 -15.67 -18.34 -42.92
N GLU E 82 -14.58 -18.97 -42.49
CA GLU E 82 -13.27 -18.33 -42.44
C GLU E 82 -12.53 -18.20 -43.76
N ASP E 83 -12.68 -19.25 -44.57
CA ASP E 83 -12.00 -19.38 -45.86
C ASP E 83 -12.47 -18.49 -46.98
N PHE E 84 -13.51 -17.69 -46.74
CA PHE E 84 -13.96 -16.78 -47.77
C PHE E 84 -13.17 -15.47 -47.71
N ALA E 85 -12.16 -15.35 -48.56
CA ALA E 85 -11.33 -14.15 -48.59
C ALA E 85 -10.64 -14.01 -49.94
N VAL E 86 -9.47 -13.36 -49.95
CA VAL E 86 -8.72 -13.21 -51.20
C VAL E 86 -7.45 -14.06 -51.10
N TYR E 87 -7.12 -14.77 -52.16
CA TYR E 87 -5.97 -15.68 -52.15
C TYR E 87 -4.93 -15.27 -53.17
N TYR E 88 -3.68 -15.14 -52.71
CA TYR E 88 -2.59 -14.74 -53.57
C TYR E 88 -1.59 -15.88 -53.74
N CYS E 89 -0.98 -15.97 -54.93
CA CYS E 89 0.11 -16.91 -55.19
C CYS E 89 1.41 -16.17 -55.47
N GLN E 90 2.51 -16.73 -54.98
CA GLN E 90 3.82 -16.10 -55.05
C GLN E 90 4.97 -17.04 -55.39
N GLN E 91 5.72 -16.68 -56.42
CA GLN E 91 6.93 -17.43 -56.76
C GLN E 91 8.15 -16.84 -56.05
N TYR E 92 9.00 -17.68 -55.49
CA TYR E 92 10.19 -17.18 -54.80
C TYR E 92 11.40 -18.05 -55.12
N GLY E 93 11.41 -18.60 -56.32
CA GLY E 93 12.51 -19.41 -56.81
C GLY E 93 13.50 -18.63 -57.63
N GLN E 94 13.21 -17.35 -57.82
CA GLN E 94 14.09 -16.45 -58.57
C GLN E 94 14.59 -15.33 -57.66
N SER E 95 15.57 -14.57 -58.16
CA SER E 95 16.09 -13.42 -57.43
C SER E 95 14.96 -12.44 -57.17
N LEU E 96 14.24 -12.13 -58.23
CA LEU E 96 13.01 -11.33 -58.13
C LEU E 96 11.85 -12.21 -57.72
N SER E 97 11.07 -11.74 -56.74
CA SER E 97 9.89 -12.48 -56.31
C SER E 97 8.64 -11.74 -56.77
N THR E 98 7.64 -12.48 -57.22
CA THR E 98 6.41 -11.86 -57.68
C THR E 98 5.15 -12.59 -57.19
N PHE E 99 4.13 -11.80 -56.86
CA PHE E 99 2.85 -12.34 -56.45
C PHE E 99 1.89 -12.40 -57.62
N GLY E 100 0.70 -12.94 -57.40
CA GLY E 100 -0.36 -12.88 -58.38
C GLY E 100 -1.15 -11.60 -58.14
N GLN E 101 -2.37 -11.54 -58.65
CA GLN E 101 -3.22 -10.39 -58.41
C GLN E 101 -4.38 -10.74 -57.49
N GLY E 102 -4.42 -12.01 -57.06
CA GLY E 102 -5.41 -12.45 -56.10
C GLY E 102 -6.67 -13.04 -56.69
N THR E 103 -7.39 -13.80 -55.86
CA THR E 103 -8.66 -14.40 -56.24
C THR E 103 -9.64 -14.37 -55.08
N LYS E 104 -10.66 -13.54 -55.20
CA LYS E 104 -11.65 -13.38 -54.14
C LYS E 104 -12.66 -14.53 -54.17
N VAL E 105 -12.76 -15.24 -53.05
CA VAL E 105 -13.72 -16.33 -52.89
C VAL E 105 -14.91 -15.86 -52.06
N GLU E 106 -16.07 -15.72 -52.69
CA GLU E 106 -17.25 -15.21 -52.01
C GLU E 106 -18.28 -16.32 -51.74
N VAL E 107 -19.20 -16.03 -50.84
CA VAL E 107 -20.31 -16.92 -50.50
C VAL E 107 -21.46 -16.86 -51.50
N LYS E 108 -21.93 -18.02 -51.93
CA LYS E 108 -23.08 -18.08 -52.83
C LYS E 108 -24.43 -18.26 -52.14
N ARG E 109 -25.29 -17.25 -52.26
CA ARG E 109 -26.63 -17.30 -51.69
C ARG E 109 -27.75 -17.03 -52.70
N THR E 110 -29.01 -17.11 -52.26
CA THR E 110 -30.16 -16.82 -53.12
C THR E 110 -30.23 -15.33 -53.41
N VAL E 111 -30.61 -14.95 -54.63
CA VAL E 111 -30.66 -13.55 -55.04
C VAL E 111 -31.58 -12.68 -54.17
N ALA E 112 -31.03 -11.57 -53.65
CA ALA E 112 -31.81 -10.68 -52.80
C ALA E 112 -31.81 -9.26 -53.37
N ALA E 113 -33.00 -8.70 -53.53
CA ALA E 113 -33.15 -7.35 -54.05
C ALA E 113 -32.69 -6.29 -53.05
N PRO E 114 -32.04 -5.23 -53.54
CA PRO E 114 -31.50 -4.17 -52.68
C PRO E 114 -32.58 -3.27 -52.11
N SER E 115 -32.46 -2.92 -50.83
CA SER E 115 -33.36 -1.95 -50.22
C SER E 115 -32.86 -0.56 -50.55
N VAL E 116 -33.54 0.09 -51.49
CA VAL E 116 -33.10 1.38 -52.00
C VAL E 116 -33.66 2.54 -51.19
N PHE E 117 -32.77 3.44 -50.80
CA PHE E 117 -33.15 4.65 -50.08
C PHE E 117 -32.49 5.87 -50.75
N ILE E 118 -33.03 7.05 -50.49
CA ILE E 118 -32.41 8.26 -51.04
C ILE E 118 -32.44 9.42 -50.03
N PHE E 119 -31.30 10.10 -49.90
CA PHE E 119 -31.14 11.20 -48.96
C PHE E 119 -30.74 12.49 -49.66
N PRO E 120 -31.57 13.54 -49.50
CA PRO E 120 -31.29 14.90 -49.98
C PRO E 120 -30.13 15.52 -49.21
N PRO E 121 -29.46 16.52 -49.79
CA PRO E 121 -28.34 17.18 -49.10
C PRO E 121 -28.80 17.86 -47.80
N SER E 122 -27.92 17.91 -46.82
CA SER E 122 -28.23 18.50 -45.51
C SER E 122 -28.44 20.00 -45.61
N ASP E 123 -29.23 20.54 -44.68
CA ASP E 123 -29.44 21.98 -44.61
C ASP E 123 -28.12 22.67 -44.26
N GLU E 124 -27.35 22.05 -43.37
CA GLU E 124 -26.04 22.57 -42.98
C GLU E 124 -25.07 22.53 -44.16
N GLN E 125 -25.11 21.45 -44.93
CA GLN E 125 -24.22 21.31 -46.08
C GLN E 125 -24.56 22.35 -47.13
N LEU E 126 -25.85 22.62 -47.32
CA LEU E 126 -26.29 23.65 -48.24
C LEU E 126 -25.83 25.02 -47.76
N LYS E 127 -25.82 25.22 -46.45
CA LYS E 127 -25.34 26.48 -45.88
C LYS E 127 -23.82 26.51 -45.81
N SER E 128 -23.19 25.44 -46.31
CA SER E 128 -21.73 25.39 -46.40
C SER E 128 -21.27 25.65 -47.83
N GLY E 129 -22.18 25.48 -48.78
CA GLY E 129 -21.89 25.78 -50.18
C GLY E 129 -21.94 24.61 -51.16
N THR E 130 -21.95 23.38 -50.64
CA THR E 130 -21.94 22.20 -51.51
C THR E 130 -23.09 21.25 -51.20
N ALA E 131 -23.57 20.54 -52.23
CA ALA E 131 -24.69 19.61 -52.05
C ALA E 131 -24.31 18.19 -52.47
N SER E 132 -24.79 17.21 -51.73
CA SER E 132 -24.49 15.81 -52.02
C SER E 132 -25.70 14.91 -51.78
N VAL E 133 -26.26 14.37 -52.85
CA VAL E 133 -27.40 13.46 -52.76
C VAL E 133 -26.90 12.03 -52.62
N VAL E 134 -27.48 11.26 -51.71
CA VAL E 134 -26.99 9.91 -51.44
C VAL E 134 -28.01 8.82 -51.72
N CYS E 135 -27.71 7.95 -52.67
CA CYS E 135 -28.55 6.80 -52.97
C CYS E 135 -27.96 5.56 -52.32
N LEU E 136 -28.77 4.89 -51.50
CA LEU E 136 -28.30 3.73 -50.75
C LEU E 136 -28.92 2.43 -51.25
N LEU E 137 -28.07 1.45 -51.52
CA LEU E 137 -28.54 0.11 -51.88
C LEU E 137 -28.16 -0.81 -50.75
N ASN E 138 -29.14 -1.16 -49.91
CA ASN E 138 -28.85 -1.89 -48.69
C ASN E 138 -29.12 -3.40 -48.81
N ASN E 139 -28.11 -4.21 -48.49
CA ASN E 139 -28.23 -5.67 -48.47
C ASN E 139 -28.79 -6.35 -49.72
N PHE E 140 -27.90 -6.67 -50.65
CA PHE E 140 -28.27 -7.35 -51.88
C PHE E 140 -27.20 -8.34 -52.35
N TYR E 141 -27.62 -9.31 -53.15
CA TYR E 141 -26.73 -10.27 -53.79
C TYR E 141 -27.32 -10.62 -55.14
N PRO E 142 -26.49 -10.73 -56.18
CA PRO E 142 -25.04 -10.57 -56.22
C PRO E 142 -24.57 -9.12 -56.27
N ARG E 143 -23.27 -8.94 -56.43
CA ARG E 143 -22.64 -7.62 -56.50
C ARG E 143 -23.17 -6.76 -57.64
N GLU E 144 -23.42 -7.42 -58.77
CA GLU E 144 -23.83 -6.74 -59.99
C GLU E 144 -25.05 -5.82 -59.80
N ALA E 145 -24.77 -4.57 -59.49
CA ALA E 145 -25.85 -3.59 -59.37
C ALA E 145 -25.40 -2.29 -60.03
N LYS E 146 -26.28 -1.74 -60.85
CA LYS E 146 -25.97 -0.49 -61.55
C LYS E 146 -26.81 0.68 -61.07
N VAL E 147 -26.15 1.79 -60.77
CA VAL E 147 -26.86 2.97 -60.29
C VAL E 147 -26.74 4.12 -61.29
N GLN E 148 -27.88 4.61 -61.79
CA GLN E 148 -27.87 5.73 -62.71
C GLN E 148 -28.54 6.96 -62.09
N TRP E 149 -27.82 8.07 -62.05
CA TRP E 149 -28.33 9.33 -61.48
C TRP E 149 -29.09 10.19 -62.49
N LYS E 150 -30.32 10.56 -62.17
CA LYS E 150 -31.13 11.39 -63.06
C LYS E 150 -31.60 12.67 -62.39
N VAL E 151 -31.09 13.81 -62.85
CA VAL E 151 -31.55 15.10 -62.36
C VAL E 151 -32.32 15.81 -63.46
N ASP E 152 -33.59 16.11 -63.18
CA ASP E 152 -34.50 16.63 -64.20
C ASP E 152 -34.55 15.71 -65.41
N ASN E 153 -34.56 14.41 -65.15
CA ASN E 153 -34.53 13.38 -66.19
C ASN E 153 -33.37 13.52 -67.16
N ALA E 154 -32.18 13.76 -66.62
CA ALA E 154 -30.98 13.85 -67.43
C ALA E 154 -29.86 13.12 -66.71
N LEU E 155 -29.34 12.08 -67.36
CA LEU E 155 -28.32 11.23 -66.77
C LEU E 155 -27.07 12.03 -66.44
N GLN E 156 -26.92 12.41 -65.17
CA GLN E 156 -25.72 13.13 -64.79
C GLN E 156 -24.57 12.13 -64.72
N SER E 157 -23.43 12.53 -65.28
CA SER E 157 -22.24 11.72 -65.30
C SER E 157 -21.01 12.61 -65.22
N GLY E 158 -19.96 12.11 -64.58
CA GLY E 158 -18.72 12.86 -64.42
C GLY E 158 -18.55 12.98 -62.93
N ASN E 159 -19.66 13.36 -62.29
CA ASN E 159 -19.75 13.40 -60.84
C ASN E 159 -20.26 12.06 -60.34
N SER E 160 -20.62 12.02 -59.07
CA SER E 160 -21.15 10.82 -58.41
C SER E 160 -20.15 9.68 -58.33
N GLN E 161 -19.80 9.29 -57.11
CA GLN E 161 -18.92 8.16 -56.88
C GLN E 161 -19.67 7.09 -56.11
N GLU E 162 -19.24 5.84 -56.25
CA GLU E 162 -19.93 4.77 -55.54
C GLU E 162 -18.94 3.87 -54.79
N SER E 163 -19.39 3.32 -53.67
CA SER E 163 -18.57 2.40 -52.88
C SER E 163 -19.40 1.24 -52.36
N VAL E 164 -18.82 0.03 -52.41
CA VAL E 164 -19.53 -1.17 -51.99
C VAL E 164 -18.84 -1.80 -50.79
N THR E 165 -19.61 -2.09 -49.75
CA THR E 165 -19.06 -2.75 -48.56
C THR E 165 -18.62 -4.16 -48.90
N GLU E 166 -17.74 -4.72 -48.07
CA GLU E 166 -17.33 -6.11 -48.22
C GLU E 166 -18.52 -7.00 -47.91
N GLN E 167 -18.48 -8.25 -48.40
CA GLN E 167 -19.55 -9.19 -48.17
C GLN E 167 -19.77 -9.46 -46.69
N ASP E 168 -21.01 -9.27 -46.24
CA ASP E 168 -21.37 -9.40 -44.83
C ASP E 168 -21.06 -10.80 -44.29
N SER E 169 -20.67 -10.86 -43.02
CA SER E 169 -20.30 -12.12 -42.40
C SER E 169 -21.51 -12.88 -41.86
N LYS E 170 -22.68 -12.26 -41.95
CA LYS E 170 -23.90 -12.89 -41.43
C LYS E 170 -24.87 -13.33 -42.53
N ASP E 171 -25.26 -12.41 -43.40
CA ASP E 171 -26.23 -12.70 -44.45
C ASP E 171 -25.60 -12.76 -45.84
N SER E 172 -24.29 -12.48 -45.90
CA SER E 172 -23.53 -12.56 -47.15
C SER E 172 -24.10 -11.64 -48.23
N THR E 173 -24.50 -10.44 -47.83
CA THR E 173 -25.02 -9.46 -48.77
C THR E 173 -24.13 -8.23 -48.79
N TYR E 174 -24.03 -7.61 -49.96
CA TYR E 174 -23.25 -6.40 -50.17
C TYR E 174 -24.10 -5.17 -49.95
N SER E 175 -23.47 -4.04 -49.66
CA SER E 175 -24.19 -2.79 -49.49
C SER E 175 -23.49 -1.68 -50.26
N LEU E 176 -24.26 -1.01 -51.11
CA LEU E 176 -23.72 0.03 -51.99
C LEU E 176 -24.12 1.43 -51.55
N SER E 177 -23.25 2.39 -51.82
CA SER E 177 -23.51 3.79 -51.56
C SER E 177 -23.08 4.64 -52.73
N SER E 178 -24.02 5.37 -53.32
CA SER E 178 -23.68 6.25 -54.43
C SER E 178 -23.90 7.69 -54.00
N THR E 179 -22.93 8.54 -54.29
CA THR E 179 -23.00 9.92 -53.84
C THR E 179 -22.90 10.91 -54.98
N LEU E 180 -24.03 11.42 -55.44
CA LEU E 180 -24.02 12.44 -56.47
C LEU E 180 -23.57 13.74 -55.85
N THR E 181 -22.49 14.30 -56.36
CA THR E 181 -21.93 15.52 -55.80
C THR E 181 -22.06 16.73 -56.71
N LEU E 182 -22.68 17.79 -56.21
CA LEU E 182 -22.75 19.01 -56.99
C LEU E 182 -22.41 20.18 -56.07
N SER E 183 -22.13 21.33 -56.67
CA SER E 183 -21.96 22.57 -55.92
C SER E 183 -23.33 23.20 -55.80
N LYS E 184 -23.47 24.18 -54.90
CA LYS E 184 -24.75 24.84 -54.70
C LYS E 184 -25.11 25.57 -56.02
N ALA E 185 -26.08 26.47 -55.99
CA ALA E 185 -26.54 27.24 -57.14
C ALA E 185 -26.98 26.32 -58.29
N ASP E 186 -26.11 25.39 -58.70
CA ASP E 186 -26.46 24.42 -59.72
C ASP E 186 -27.55 23.50 -59.19
N TYR E 187 -27.56 23.33 -57.87
CA TYR E 187 -28.51 22.47 -57.17
C TYR E 187 -29.86 23.14 -57.12
N GLU E 188 -29.85 24.45 -57.00
CA GLU E 188 -31.08 25.22 -56.89
C GLU E 188 -31.70 25.46 -58.27
N LYS E 189 -30.95 25.07 -59.30
CA LYS E 189 -31.40 25.22 -60.68
C LYS E 189 -32.33 24.09 -61.09
N HIS E 190 -32.53 23.10 -60.22
CA HIS E 190 -33.31 21.93 -60.55
C HIS E 190 -34.28 21.53 -59.43
N LYS E 191 -35.26 20.70 -59.75
CA LYS E 191 -36.28 20.33 -58.78
C LYS E 191 -36.39 18.83 -58.51
N VAL E 192 -36.31 18.04 -59.57
CA VAL E 192 -36.46 16.58 -59.50
C VAL E 192 -35.13 15.86 -59.40
N TYR E 193 -34.88 15.25 -58.24
CA TYR E 193 -33.66 14.46 -58.05
C TYR E 193 -33.98 12.98 -57.89
N ALA E 194 -33.42 12.15 -58.78
CA ALA E 194 -33.79 10.74 -58.85
C ALA E 194 -32.61 9.80 -58.99
N CYS E 195 -32.75 8.62 -58.37
CA CYS E 195 -31.75 7.55 -58.47
C CYS E 195 -32.40 6.27 -58.99
N GLU E 196 -31.88 5.77 -60.11
CA GLU E 196 -32.42 4.55 -60.72
C GLU E 196 -31.50 3.36 -60.46
N VAL E 197 -32.06 2.31 -59.87
CA VAL E 197 -31.26 1.14 -59.50
C VAL E 197 -31.65 -0.12 -60.25
N THR E 198 -30.66 -0.74 -60.92
CA THR E 198 -30.89 -2.01 -61.61
C THR E 198 -30.11 -3.15 -60.96
N HIS E 199 -30.78 -4.27 -60.74
CA HIS E 199 -30.18 -5.42 -60.07
C HIS E 199 -30.91 -6.70 -60.47
N GLN E 200 -30.31 -7.86 -60.21
CA GLN E 200 -30.91 -9.15 -60.55
C GLN E 200 -32.25 -9.36 -59.84
N GLY E 201 -32.24 -9.13 -58.53
CA GLY E 201 -33.40 -9.34 -57.68
C GLY E 201 -34.55 -8.40 -57.97
N LEU E 202 -34.28 -7.36 -58.75
CA LEU E 202 -35.30 -6.39 -59.11
C LEU E 202 -35.83 -6.67 -60.52
N SER E 203 -37.10 -7.07 -60.60
CA SER E 203 -37.72 -7.38 -61.88
C SER E 203 -37.75 -6.18 -62.83
N SER E 204 -38.24 -5.05 -62.33
CA SER E 204 -38.20 -3.80 -63.06
C SER E 204 -37.34 -2.80 -62.28
N PRO E 205 -36.64 -1.91 -62.99
CA PRO E 205 -35.80 -0.91 -62.32
C PRO E 205 -36.59 -0.07 -61.33
N VAL E 206 -36.04 0.11 -60.14
CA VAL E 206 -36.67 0.95 -59.12
C VAL E 206 -36.04 2.33 -59.09
N THR E 207 -36.84 3.36 -59.35
CA THR E 207 -36.32 4.71 -59.36
C THR E 207 -36.85 5.41 -58.12
N LYS E 208 -35.97 5.64 -57.15
CA LYS E 208 -36.35 6.33 -55.94
C LYS E 208 -35.96 7.80 -56.08
N SER E 209 -36.87 8.70 -55.75
CA SER E 209 -36.64 10.11 -56.02
C SER E 209 -37.25 11.05 -54.99
N PHE E 210 -36.88 12.32 -55.09
CA PHE E 210 -37.51 13.37 -54.30
C PHE E 210 -37.50 14.69 -55.06
N ASN E 211 -38.19 15.69 -54.51
CA ASN E 211 -38.19 17.03 -55.07
C ASN E 211 -37.60 18.12 -54.18
N ARG E 212 -36.86 19.04 -54.78
CA ARG E 212 -36.15 20.08 -54.04
C ARG E 212 -37.10 20.99 -53.25
N GLY E 213 -36.99 20.94 -51.92
CA GLY E 213 -37.82 21.76 -51.05
C GLY E 213 -39.24 21.26 -50.91
N GLU E 214 -39.44 19.98 -51.14
CA GLU E 214 -40.77 19.38 -51.04
C GLU E 214 -40.78 18.27 -50.00
N GLN F 1 7.47 -17.14 -29.72
CA GLN F 1 6.92 -16.79 -31.03
C GLN F 1 7.55 -15.50 -31.55
N VAL F 2 7.49 -15.32 -32.87
CA VAL F 2 8.04 -14.14 -33.53
C VAL F 2 6.96 -13.07 -33.75
N GLN F 3 7.32 -11.80 -33.60
CA GLN F 3 6.40 -10.71 -33.95
C GLN F 3 7.15 -9.53 -34.57
N LEU F 4 6.51 -8.87 -35.54
CA LEU F 4 7.12 -7.75 -36.24
C LEU F 4 6.37 -6.42 -36.06
N VAL F 5 7.01 -5.44 -35.42
CA VAL F 5 6.38 -4.14 -35.23
C VAL F 5 7.01 -3.05 -36.09
N GLN F 6 6.23 -2.48 -37.02
CA GLN F 6 6.74 -1.47 -37.94
C GLN F 6 6.53 -0.06 -37.39
N SER F 7 7.02 0.94 -38.13
CA SER F 7 6.82 2.33 -37.74
C SER F 7 5.38 2.73 -38.03
N GLY F 8 4.91 3.82 -37.43
CA GLY F 8 3.56 4.29 -37.66
C GLY F 8 3.33 4.86 -39.04
N ALA F 9 2.07 5.08 -39.40
CA ALA F 9 1.72 5.63 -40.70
C ALA F 9 2.21 7.07 -40.83
N GLU F 10 2.52 7.49 -42.05
CA GLU F 10 2.98 8.86 -42.28
C GLU F 10 2.58 9.37 -43.67
N VAL F 11 2.49 10.69 -43.79
CA VAL F 11 2.08 11.35 -45.01
C VAL F 11 3.23 12.20 -45.56
N LYS F 12 3.56 11.99 -46.82
CA LYS F 12 4.68 12.69 -47.46
C LYS F 12 4.21 13.50 -48.68
N ARG F 13 5.02 14.47 -49.08
CA ARG F 13 4.72 15.28 -50.25
C ARG F 13 5.33 14.68 -51.50
N PRO F 14 4.71 14.95 -52.68
CA PRO F 14 5.26 14.47 -53.94
C PRO F 14 6.69 14.97 -54.18
N GLY F 15 7.61 14.04 -54.41
CA GLY F 15 9.00 14.40 -54.63
C GLY F 15 9.88 14.02 -53.44
N SER F 16 9.28 14.07 -52.26
CA SER F 16 9.99 13.76 -51.01
C SER F 16 10.19 12.27 -50.83
N SER F 17 11.12 11.89 -49.96
CA SER F 17 11.44 10.50 -49.70
C SER F 17 10.88 10.01 -48.37
N VAL F 18 10.35 8.79 -48.34
CA VAL F 18 9.78 8.24 -47.11
C VAL F 18 10.67 7.10 -46.59
N THR F 19 10.60 6.85 -45.28
CA THR F 19 11.41 5.80 -44.67
C THR F 19 10.63 5.05 -43.59
N VAL F 20 10.30 3.80 -43.87
CA VAL F 20 9.54 2.97 -42.95
C VAL F 20 10.45 1.96 -42.29
N SER F 21 10.27 1.77 -40.99
CA SER F 21 11.10 0.83 -40.24
C SER F 21 10.33 -0.46 -39.98
N CYS F 22 11.03 -1.45 -39.46
CA CYS F 22 10.44 -2.73 -39.14
C CYS F 22 11.33 -3.48 -38.17
N LYS F 23 10.95 -3.47 -36.90
CA LYS F 23 11.76 -4.10 -35.89
C LYS F 23 11.28 -5.51 -35.58
N ALA F 24 12.19 -6.47 -35.45
CA ALA F 24 11.71 -7.80 -35.16
C ALA F 24 11.87 -7.91 -33.65
N SER F 25 11.72 -9.11 -33.10
CA SER F 25 11.91 -9.37 -31.67
C SER F 25 11.31 -10.72 -31.32
N GLY F 26 12.01 -11.52 -30.52
CA GLY F 26 11.50 -12.84 -30.18
C GLY F 26 11.71 -13.91 -31.23
N GLY F 27 12.96 -14.11 -31.63
CA GLY F 27 13.33 -15.12 -32.60
C GLY F 27 14.67 -14.65 -33.15
N SER F 28 15.09 -15.14 -34.31
CA SER F 28 16.36 -14.63 -34.81
C SER F 28 16.15 -13.54 -35.85
N PHE F 29 17.22 -13.18 -36.55
CA PHE F 29 17.15 -12.12 -37.54
C PHE F 29 18.26 -12.16 -38.58
N SER F 30 19.45 -12.54 -38.13
CA SER F 30 20.66 -12.44 -38.93
C SER F 30 20.68 -13.34 -40.16
N THR F 31 20.06 -14.50 -40.04
CA THR F 31 20.15 -15.52 -41.08
C THR F 31 18.86 -15.74 -41.86
N TYR F 32 17.89 -14.85 -41.69
CA TYR F 32 16.64 -14.98 -42.44
C TYR F 32 16.28 -13.77 -43.29
N ALA F 33 15.91 -14.04 -44.54
CA ALA F 33 15.62 -13.00 -45.53
C ALA F 33 14.41 -12.16 -45.16
N LEU F 34 14.58 -10.83 -45.21
CA LEU F 34 13.49 -9.92 -44.87
C LEU F 34 13.02 -9.16 -46.11
N SER F 35 11.77 -9.36 -46.50
CA SER F 35 11.25 -8.72 -47.70
C SER F 35 10.24 -7.62 -47.39
N TRP F 36 9.96 -6.79 -48.38
CA TRP F 36 8.96 -5.72 -48.26
C TRP F 36 7.88 -5.83 -49.33
N VAL F 37 6.62 -5.83 -48.90
CA VAL F 37 5.51 -5.96 -49.86
C VAL F 37 4.47 -4.86 -49.64
N ARG F 38 4.26 -4.04 -50.67
CA ARG F 38 3.29 -2.96 -50.56
C ARG F 38 1.99 -3.34 -51.25
N GLN F 39 0.90 -2.71 -50.82
CA GLN F 39 -0.41 -3.01 -51.40
C GLN F 39 -1.24 -1.73 -51.55
N ALA F 40 -1.47 -1.32 -52.79
CA ALA F 40 -2.30 -0.14 -53.05
C ALA F 40 -3.74 -0.41 -52.64
N PRO F 41 -4.48 0.64 -52.27
CA PRO F 41 -5.88 0.48 -51.85
C PRO F 41 -6.74 -0.23 -52.89
N GLY F 42 -7.28 -1.39 -52.52
CA GLY F 42 -8.12 -2.14 -53.44
C GLY F 42 -7.33 -2.96 -54.44
N ARG F 43 -6.02 -2.76 -54.48
CA ARG F 43 -5.17 -3.47 -55.42
C ARG F 43 -4.54 -4.71 -54.78
N GLY F 44 -3.72 -5.43 -55.54
CA GLY F 44 -3.10 -6.65 -55.02
C GLY F 44 -1.74 -6.42 -54.39
N LEU F 45 -1.15 -7.48 -53.87
CA LEU F 45 0.17 -7.39 -53.26
C LEU F 45 1.24 -7.23 -54.33
N GLU F 46 2.28 -6.47 -54.02
CA GLU F 46 3.35 -6.23 -54.97
C GLU F 46 4.70 -6.26 -54.25
N TRP F 47 5.59 -7.09 -54.73
CA TRP F 47 6.91 -7.25 -54.13
C TRP F 47 7.81 -6.07 -54.51
N MET F 48 8.52 -5.54 -53.53
CA MET F 48 9.41 -4.41 -53.73
C MET F 48 10.87 -4.81 -53.72
N GLY F 49 11.25 -5.59 -52.70
CA GLY F 49 12.62 -6.03 -52.57
C GLY F 49 12.84 -6.79 -51.28
N GLY F 50 14.07 -7.25 -51.07
CA GLY F 50 14.39 -7.99 -49.87
C GLY F 50 15.85 -7.86 -49.49
N VAL F 51 16.17 -8.22 -48.25
CA VAL F 51 17.53 -8.13 -47.76
C VAL F 51 17.83 -9.18 -46.69
N ILE F 52 18.95 -9.86 -46.85
CA ILE F 52 19.46 -10.75 -45.82
C ILE F 52 20.44 -9.92 -44.99
N PRO F 53 20.09 -9.64 -43.73
CA PRO F 53 20.80 -8.71 -42.84
C PRO F 53 22.29 -8.95 -42.57
N LEU F 54 22.72 -10.20 -42.46
CA LEU F 54 24.12 -10.50 -42.14
C LEU F 54 25.10 -10.12 -43.25
N LEU F 55 24.84 -10.66 -44.44
CA LEU F 55 25.67 -10.42 -45.60
C LEU F 55 25.21 -9.18 -46.36
N THR F 56 24.06 -8.64 -45.97
CA THR F 56 23.48 -7.50 -46.65
C THR F 56 23.24 -7.73 -48.14
N ILE F 57 22.64 -8.88 -48.48
CA ILE F 57 22.30 -9.08 -49.88
C ILE F 57 20.95 -8.52 -50.19
N THR F 58 20.94 -7.40 -50.90
CA THR F 58 19.70 -6.74 -51.24
C THR F 58 19.30 -7.11 -52.65
N ASN F 59 18.03 -7.44 -52.84
CA ASN F 59 17.48 -7.75 -54.16
C ASN F 59 16.25 -6.89 -54.38
N TYR F 60 16.35 -5.92 -55.29
CA TYR F 60 15.26 -4.99 -55.53
C TYR F 60 14.51 -5.38 -56.79
N ALA F 61 13.22 -5.10 -56.81
CA ALA F 61 12.42 -5.32 -58.01
C ALA F 61 12.73 -4.24 -59.03
N PRO F 62 12.89 -4.66 -60.30
CA PRO F 62 13.26 -3.82 -61.45
C PRO F 62 12.41 -2.56 -61.56
N ARG F 63 11.16 -2.62 -61.13
CA ARG F 63 10.31 -1.44 -61.26
C ARG F 63 10.71 -0.30 -60.33
N PHE F 64 11.34 -0.58 -59.18
CA PHE F 64 11.68 0.52 -58.27
C PHE F 64 13.18 0.86 -58.05
N GLN F 65 14.10 0.05 -58.57
CA GLN F 65 15.55 0.27 -58.33
C GLN F 65 16.03 1.63 -58.82
N GLY F 66 16.48 2.46 -57.87
CA GLY F 66 16.95 3.80 -58.16
C GLY F 66 16.22 4.66 -57.18
N ARG F 67 14.93 4.43 -56.99
CA ARG F 67 14.23 5.27 -56.04
C ARG F 67 14.11 4.48 -54.72
N ILE F 68 14.49 3.21 -54.74
CA ILE F 68 14.37 2.34 -53.56
C ILE F 68 15.72 2.06 -52.86
N THR F 69 15.68 1.89 -51.54
CA THR F 69 16.87 1.54 -50.75
C THR F 69 16.51 0.72 -49.52
N ILE F 70 16.86 -0.56 -49.50
CA ILE F 70 16.52 -1.41 -48.37
C ILE F 70 17.76 -1.81 -47.57
N THR F 71 17.71 -1.60 -46.26
CA THR F 71 18.82 -1.95 -45.38
C THR F 71 18.34 -2.71 -44.15
N ALA F 72 19.29 -3.20 -43.35
CA ALA F 72 18.96 -3.95 -42.15
C ALA F 72 20.04 -3.78 -41.08
N ASP F 73 19.68 -3.15 -39.98
CA ASP F 73 20.58 -2.94 -38.86
C ASP F 73 20.48 -4.11 -37.87
N ARG F 74 21.58 -4.84 -37.73
CA ARG F 74 21.62 -6.01 -36.87
C ARG F 74 21.74 -5.61 -35.40
N SER F 75 22.25 -4.41 -35.16
CA SER F 75 22.46 -3.91 -33.80
C SER F 75 21.13 -3.60 -33.12
N THR F 76 20.10 -3.37 -33.93
CA THR F 76 18.78 -3.04 -33.41
C THR F 76 17.74 -4.04 -33.89
N SER F 77 18.21 -5.01 -34.68
CA SER F 77 17.35 -6.02 -35.30
C SER F 77 16.22 -5.36 -36.08
N THR F 78 16.54 -4.31 -36.82
CA THR F 78 15.52 -3.51 -37.49
C THR F 78 15.84 -3.28 -38.96
N ALA F 79 14.89 -3.59 -39.83
CA ALA F 79 15.05 -3.35 -41.27
C ALA F 79 14.43 -2.03 -41.66
N TYR F 80 15.06 -1.34 -42.60
CA TYR F 80 14.59 -0.04 -43.05
C TYR F 80 14.36 -0.03 -44.55
N LEU F 81 13.20 0.46 -44.95
CA LEU F 81 12.88 0.65 -46.36
C LEU F 81 12.78 2.14 -46.65
N GLU F 82 13.54 2.60 -47.64
CA GLU F 82 13.52 4.01 -48.02
C GLU F 82 13.12 4.20 -49.48
N LEU F 83 12.00 4.87 -49.69
CA LEU F 83 11.53 5.09 -51.05
C LEU F 83 11.70 6.56 -51.44
N ASN F 84 12.49 6.78 -52.49
CA ASN F 84 12.82 8.12 -52.97
C ASN F 84 11.93 8.55 -54.12
N SER F 85 11.82 9.86 -54.31
CA SER F 85 11.03 10.45 -55.40
C SER F 85 9.60 9.92 -55.40
N LEU F 86 8.85 10.25 -54.34
CA LEU F 86 7.49 9.78 -54.22
C LEU F 86 6.54 10.52 -55.16
N ARG F 87 5.46 9.83 -55.53
CA ARG F 87 4.44 10.38 -56.41
C ARG F 87 3.11 9.68 -56.13
N PRO F 88 1.98 10.37 -56.38
CA PRO F 88 0.61 9.93 -56.07
C PRO F 88 0.32 8.44 -56.24
N GLU F 89 1.01 7.75 -57.14
CA GLU F 89 0.77 6.33 -57.35
C GLU F 89 1.61 5.46 -56.41
N ASP F 90 2.21 6.07 -55.39
CA ASP F 90 2.96 5.34 -54.39
C ASP F 90 2.16 5.12 -53.10
N THR F 91 0.96 5.69 -53.05
CA THR F 91 0.10 5.55 -51.88
C THR F 91 -0.36 4.12 -51.70
N ALA F 92 0.09 3.49 -50.61
CA ALA F 92 -0.22 2.09 -50.36
C ALA F 92 0.03 1.71 -48.91
N VAL F 93 -0.21 0.45 -48.58
CA VAL F 93 0.12 -0.09 -47.27
C VAL F 93 1.36 -0.96 -47.37
N TYR F 94 2.42 -0.55 -46.68
CA TYR F 94 3.71 -1.22 -46.78
C TYR F 94 3.94 -2.22 -45.65
N TYR F 95 4.05 -3.50 -46.01
CA TYR F 95 4.24 -4.59 -45.06
C TYR F 95 5.68 -5.09 -45.03
N CYS F 96 6.18 -5.36 -43.83
CA CYS F 96 7.48 -6.01 -43.70
CA CYS F 96 7.48 -6.01 -43.67
C CYS F 96 7.30 -7.50 -43.39
N ALA F 97 7.92 -8.34 -44.21
CA ALA F 97 7.79 -9.78 -44.10
C ALA F 97 9.13 -10.47 -43.85
N ARG F 98 9.06 -11.68 -43.30
CA ARG F 98 10.24 -12.49 -43.06
C ARG F 98 9.91 -13.94 -43.38
N GLU F 99 10.89 -14.63 -43.94
CA GLU F 99 10.72 -16.01 -44.33
C GLU F 99 10.57 -16.90 -43.12
N GLY F 100 9.76 -17.93 -43.27
CA GLY F 100 9.49 -18.85 -42.18
C GLY F 100 10.68 -19.76 -41.97
N THR F 101 10.52 -20.74 -41.09
CA THR F 101 11.61 -21.65 -40.79
C THR F 101 10.99 -23.00 -40.49
N THR F 102 11.83 -24.01 -40.28
CA THR F 102 11.34 -25.30 -39.82
C THR F 102 11.89 -25.72 -38.46
N GLY F 103 13.12 -25.31 -38.15
CA GLY F 103 13.72 -25.61 -36.86
C GLY F 103 13.53 -24.54 -35.81
N TRP F 104 14.64 -23.93 -35.42
CA TRP F 104 14.64 -22.94 -34.34
C TRP F 104 15.48 -21.70 -34.64
N GLY F 105 16.51 -21.47 -33.82
CA GLY F 105 17.13 -20.17 -33.70
C GLY F 105 17.87 -19.72 -34.94
N GLY F 108 17.66 -23.32 -38.50
CA GLY F 108 17.40 -24.70 -38.90
C GLY F 108 16.47 -24.79 -40.09
N LYS F 109 17.09 -24.73 -41.27
CA LYS F 109 16.50 -24.78 -42.61
C LYS F 109 15.35 -23.81 -42.93
N PRO F 110 15.66 -22.78 -43.74
CA PRO F 110 14.78 -21.67 -44.12
C PRO F 110 13.79 -22.04 -45.23
N ILE F 111 12.53 -21.63 -45.19
CA ILE F 111 11.58 -22.10 -46.20
C ILE F 111 11.45 -21.12 -47.38
N GLY F 112 11.83 -19.87 -47.17
CA GLY F 112 11.80 -18.86 -48.22
C GLY F 112 10.47 -18.11 -48.26
N ALA F 113 9.37 -18.81 -48.04
CA ALA F 113 8.05 -18.19 -48.09
C ALA F 113 7.81 -17.32 -46.85
N PHE F 114 7.13 -16.21 -47.05
CA PHE F 114 6.90 -15.22 -45.98
C PHE F 114 5.90 -15.69 -44.92
N ALA F 115 6.42 -16.21 -43.82
CA ALA F 115 5.57 -16.73 -42.75
C ALA F 115 5.43 -15.74 -41.60
N HIS F 116 6.16 -14.64 -41.66
CA HIS F 116 6.03 -13.64 -40.59
C HIS F 116 5.82 -12.22 -41.10
N TRP F 117 4.60 -11.71 -40.90
CA TRP F 117 4.21 -10.40 -41.40
C TRP F 117 4.09 -9.36 -40.29
N GLY F 118 4.30 -8.09 -40.65
CA GLY F 118 4.11 -6.98 -39.73
C GLY F 118 2.66 -6.55 -39.70
N GLN F 119 2.38 -5.43 -39.03
CA GLN F 119 1.00 -4.93 -38.94
C GLN F 119 0.70 -3.96 -40.08
N GLY F 120 1.72 -3.63 -40.87
CA GLY F 120 1.56 -2.75 -42.01
C GLY F 120 1.73 -1.27 -41.69
N THR F 121 2.17 -0.50 -42.67
CA THR F 121 2.37 0.94 -42.48
C THR F 121 1.79 1.74 -43.65
N LEU F 122 0.77 2.55 -43.36
CA LEU F 122 0.11 3.37 -44.37
C LEU F 122 0.91 4.60 -44.78
N VAL F 123 1.34 4.64 -46.03
CA VAL F 123 2.06 5.79 -46.55
C VAL F 123 1.23 6.49 -47.63
N THR F 124 0.67 7.65 -47.30
CA THR F 124 -0.16 8.36 -48.26
C THR F 124 0.62 9.47 -48.95
N VAL F 125 0.78 9.37 -50.27
CA VAL F 125 1.49 10.39 -51.02
C VAL F 125 0.53 11.27 -51.83
N SER F 126 0.30 12.49 -51.35
CA SER F 126 -0.59 13.43 -52.02
C SER F 126 -0.19 14.86 -51.69
N SER F 127 -0.54 15.81 -52.55
CA SER F 127 -0.20 17.21 -52.34
C SER F 127 -1.33 18.00 -51.67
N ALA F 128 -2.18 17.30 -50.93
CA ALA F 128 -3.30 17.92 -50.23
C ALA F 128 -2.85 18.25 -48.82
N SER F 129 -3.76 18.79 -48.00
CA SER F 129 -3.38 19.16 -46.64
C SER F 129 -4.30 18.48 -45.65
N THR F 130 -3.71 18.05 -44.53
CA THR F 130 -4.42 17.34 -43.49
C THR F 130 -5.59 18.18 -42.97
N LYS F 131 -6.79 17.75 -43.32
CA LYS F 131 -8.00 18.48 -42.96
C LYS F 131 -9.00 17.58 -42.25
N GLY F 132 -9.60 18.09 -41.18
CA GLY F 132 -10.63 17.37 -40.47
C GLY F 132 -11.89 17.29 -41.31
N PRO F 133 -12.63 16.18 -41.16
CA PRO F 133 -13.84 15.93 -41.95
C PRO F 133 -15.04 16.73 -41.48
N SER F 134 -15.89 17.13 -42.44
CA SER F 134 -17.16 17.77 -42.11
C SER F 134 -18.23 16.70 -42.06
N VAL F 135 -18.99 16.64 -40.97
CA VAL F 135 -20.01 15.61 -40.80
C VAL F 135 -21.43 16.13 -40.95
N PHE F 136 -22.11 15.71 -42.00
CA PHE F 136 -23.49 16.15 -42.25
C PHE F 136 -24.48 15.01 -42.05
N PRO F 137 -25.72 15.36 -41.62
CA PRO F 137 -26.72 14.32 -41.34
C PRO F 137 -27.50 13.85 -42.58
N LEU F 138 -27.60 12.53 -42.71
CA LEU F 138 -28.48 11.88 -43.68
C LEU F 138 -29.74 11.48 -42.92
N ALA F 139 -30.67 12.43 -42.85
CA ALA F 139 -31.89 12.31 -42.07
C ALA F 139 -32.82 11.23 -42.61
N PRO F 140 -33.51 10.52 -41.69
CA PRO F 140 -34.49 9.50 -42.04
C PRO F 140 -35.65 10.09 -42.83
N SER F 141 -36.05 9.37 -43.87
CA SER F 141 -37.12 9.76 -44.78
C SER F 141 -38.49 10.05 -44.18
N SER F 142 -39.51 9.98 -45.03
CA SER F 142 -40.88 10.23 -44.63
C SER F 142 -41.77 9.01 -44.92
N GLY F 148 -41.73 0.41 -41.06
CA GLY F 148 -40.74 -0.61 -40.75
C GLY F 148 -39.45 -0.42 -41.52
N THR F 149 -38.32 -0.57 -40.80
CA THR F 149 -36.98 -0.44 -41.37
C THR F 149 -36.81 0.86 -42.18
N ALA F 150 -36.65 1.97 -41.47
CA ALA F 150 -36.29 3.24 -42.10
C ALA F 150 -34.77 3.40 -41.99
N ALA F 151 -34.19 4.14 -42.92
CA ALA F 151 -32.73 4.29 -42.97
C ALA F 151 -32.24 5.71 -42.69
N LEU F 152 -31.27 5.84 -41.79
CA LEU F 152 -30.65 7.13 -41.53
C LEU F 152 -29.13 6.98 -41.58
N GLY F 153 -28.38 8.06 -41.40
CA GLY F 153 -26.94 7.96 -41.37
C GLY F 153 -26.21 9.29 -41.34
N CYS F 154 -24.89 9.26 -41.59
CA CYS F 154 -24.07 10.48 -41.61
CA CYS F 154 -24.12 10.50 -41.67
C CYS F 154 -23.06 10.47 -42.75
N LEU F 155 -22.97 11.58 -43.48
CA LEU F 155 -22.00 11.76 -44.55
C LEU F 155 -20.75 12.46 -44.02
N VAL F 156 -19.64 11.73 -44.05
CA VAL F 156 -18.34 12.25 -43.65
C VAL F 156 -17.62 12.77 -44.90
N LYS F 157 -17.71 14.07 -45.13
CA LYS F 157 -17.24 14.67 -46.38
C LYS F 157 -15.99 15.52 -46.20
N ASP F 158 -15.11 15.43 -47.20
CA ASP F 158 -13.93 16.29 -47.32
C ASP F 158 -12.97 16.18 -46.14
N TYR F 159 -12.09 15.18 -46.19
CA TYR F 159 -11.03 15.05 -45.20
C TYR F 159 -9.79 14.46 -45.83
N PHE F 160 -8.69 14.50 -45.10
CA PHE F 160 -7.46 13.91 -45.57
C PHE F 160 -6.49 13.75 -44.43
N PRO F 161 -5.85 12.58 -44.33
CA PRO F 161 -6.05 11.38 -45.14
C PRO F 161 -6.82 10.29 -44.39
N GLU F 162 -6.79 9.08 -44.96
CA GLU F 162 -7.38 7.90 -44.34
C GLU F 162 -6.60 7.56 -43.08
N PRO F 163 -7.23 6.87 -42.12
CA PRO F 163 -8.61 6.41 -42.16
C PRO F 163 -9.50 7.20 -41.21
N VAL F 164 -10.78 6.84 -41.16
CA VAL F 164 -11.74 7.45 -40.26
C VAL F 164 -12.56 6.35 -39.59
N THR F 165 -12.68 6.42 -38.27
CA THR F 165 -13.46 5.43 -37.56
C THR F 165 -14.81 6.01 -37.17
N VAL F 166 -15.88 5.40 -37.65
CA VAL F 166 -17.22 5.91 -37.38
C VAL F 166 -18.01 4.90 -36.57
N SER F 167 -18.54 5.35 -35.44
CA SER F 167 -19.37 4.50 -34.61
C SER F 167 -20.77 5.08 -34.44
N TRP F 168 -21.65 4.31 -33.82
CA TRP F 168 -23.03 4.73 -33.59
C TRP F 168 -23.46 4.58 -32.14
N ASN F 169 -24.06 5.64 -31.61
CA ASN F 169 -24.47 5.70 -30.20
C ASN F 169 -23.33 5.38 -29.25
N SER F 170 -22.15 5.91 -29.57
CA SER F 170 -20.94 5.68 -28.78
C SER F 170 -20.56 4.19 -28.72
N GLY F 171 -21.14 3.40 -29.62
CA GLY F 171 -20.83 1.99 -29.68
C GLY F 171 -22.02 1.10 -29.35
N ALA F 172 -23.11 1.71 -28.89
CA ALA F 172 -24.29 0.95 -28.49
C ALA F 172 -25.23 0.70 -29.65
N LEU F 173 -24.68 0.67 -30.86
CA LEU F 173 -25.46 0.40 -32.07
C LEU F 173 -24.58 -0.24 -33.14
N THR F 174 -24.82 -1.53 -33.40
CA THR F 174 -24.01 -2.26 -34.36
C THR F 174 -24.86 -2.97 -35.42
N SER F 175 -26.10 -3.27 -35.07
CA SER F 175 -27.00 -3.99 -35.96
C SER F 175 -27.54 -3.11 -37.08
N GLY F 176 -27.22 -3.48 -38.31
CA GLY F 176 -27.71 -2.76 -39.48
C GLY F 176 -26.81 -1.61 -39.86
N VAL F 177 -25.61 -1.58 -39.28
CA VAL F 177 -24.66 -0.51 -39.53
C VAL F 177 -23.72 -0.83 -40.70
N HIS F 178 -23.66 0.08 -41.66
CA HIS F 178 -22.76 -0.05 -42.81
C HIS F 178 -21.89 1.20 -42.95
N THR F 179 -20.58 1.00 -42.84
CA THR F 179 -19.62 2.09 -43.05
C THR F 179 -18.85 1.85 -44.35
N PHE F 180 -19.25 2.57 -45.39
CA PHE F 180 -18.72 2.38 -46.74
C PHE F 180 -17.26 2.83 -46.86
N PRO F 181 -16.51 2.18 -47.76
CA PRO F 181 -15.13 2.58 -48.06
C PRO F 181 -15.08 4.01 -48.59
N ALA F 182 -14.05 4.75 -48.23
CA ALA F 182 -13.93 6.14 -48.62
C ALA F 182 -13.58 6.27 -50.09
N VAL F 183 -14.21 7.23 -50.75
CA VAL F 183 -13.90 7.51 -52.15
C VAL F 183 -13.03 8.76 -52.25
N LEU F 184 -12.06 8.74 -53.16
CA LEU F 184 -11.18 9.89 -53.32
C LEU F 184 -11.76 10.87 -54.34
N GLN F 185 -12.17 12.04 -53.86
CA GLN F 185 -12.76 13.05 -54.73
C GLN F 185 -11.71 13.77 -55.55
N SER F 186 -12.15 14.56 -56.52
CA SER F 186 -11.25 15.27 -57.41
C SER F 186 -10.49 16.39 -56.70
N SER F 187 -11.02 16.82 -55.55
CA SER F 187 -10.38 17.88 -54.77
C SER F 187 -9.13 17.35 -54.07
N GLY F 188 -9.03 16.03 -53.98
CA GLY F 188 -7.90 15.39 -53.31
C GLY F 188 -8.26 14.98 -51.90
N LEU F 189 -9.50 15.26 -51.51
CA LEU F 189 -9.99 14.91 -50.18
C LEU F 189 -10.89 13.67 -50.25
N TYR F 190 -10.83 12.84 -49.21
CA TYR F 190 -11.64 11.63 -49.15
C TYR F 190 -13.04 11.93 -48.63
N SER F 191 -13.94 10.97 -48.82
CA SER F 191 -15.32 11.11 -48.34
C SER F 191 -16.01 9.76 -48.25
N LEU F 192 -16.70 9.51 -47.14
CA LEU F 192 -17.45 8.27 -46.99
C LEU F 192 -18.81 8.53 -46.35
N SER F 193 -19.63 7.48 -46.25
CA SER F 193 -20.94 7.59 -45.62
C SER F 193 -21.17 6.41 -44.68
N SER F 194 -21.83 6.67 -43.56
CA SER F 194 -22.14 5.60 -42.60
C SER F 194 -23.63 5.55 -42.35
N VAL F 195 -24.28 4.50 -42.83
CA VAL F 195 -25.74 4.39 -42.72
C VAL F 195 -26.16 3.27 -41.76
N VAL F 196 -27.39 3.35 -41.29
CA VAL F 196 -27.98 2.34 -40.44
C VAL F 196 -29.50 2.30 -40.57
N THR F 197 -30.06 1.10 -40.59
CA THR F 197 -31.51 0.91 -40.69
C THR F 197 -32.10 0.49 -39.35
N VAL F 198 -33.11 1.24 -38.92
CA VAL F 198 -33.78 0.99 -37.64
C VAL F 198 -35.29 1.05 -37.85
N PRO F 199 -36.06 0.33 -37.02
CA PRO F 199 -37.53 0.32 -37.09
C PRO F 199 -38.13 1.73 -37.14
N SER F 200 -39.11 1.91 -38.02
CA SER F 200 -39.73 3.21 -38.25
C SER F 200 -40.49 3.70 -37.02
N SER F 201 -40.82 2.78 -36.13
CA SER F 201 -41.56 3.12 -34.91
C SER F 201 -40.62 3.63 -33.83
N SER F 202 -39.33 3.62 -34.12
CA SER F 202 -38.33 4.04 -33.15
C SER F 202 -37.62 5.32 -33.59
N LEU F 203 -38.23 6.03 -34.53
CA LEU F 203 -37.64 7.26 -35.03
C LEU F 203 -37.83 8.44 -34.08
N GLY F 204 -38.99 8.47 -33.42
CA GLY F 204 -39.32 9.57 -32.52
C GLY F 204 -39.09 9.23 -31.06
N THR F 205 -38.42 8.13 -30.80
CA THR F 205 -38.16 7.71 -29.43
C THR F 205 -36.68 7.57 -29.11
N GLN F 206 -35.93 6.95 -30.02
CA GLN F 206 -34.51 6.71 -29.78
C GLN F 206 -33.66 7.84 -30.33
N THR F 207 -32.63 8.23 -29.57
CA THR F 207 -31.70 9.27 -30.00
C THR F 207 -30.53 8.64 -30.76
N TYR F 208 -30.38 9.03 -32.02
CA TYR F 208 -29.31 8.49 -32.86
C TYR F 208 -28.21 9.50 -33.18
N ILE F 209 -27.03 9.27 -32.63
CA ILE F 209 -25.88 10.12 -32.89
C ILE F 209 -24.73 9.30 -33.47
N CYS F 210 -24.03 9.85 -34.45
CA CYS F 210 -22.89 9.18 -35.05
CA CYS F 210 -22.88 9.16 -35.02
C CYS F 210 -21.58 9.83 -34.60
N ASN F 211 -20.61 9.00 -34.26
CA ASN F 211 -19.31 9.48 -33.79
C ASN F 211 -18.27 9.28 -34.88
N VAL F 212 -17.83 10.39 -35.44
CA VAL F 212 -16.82 10.39 -36.49
C VAL F 212 -15.48 10.76 -35.89
N ASN F 213 -14.56 9.82 -35.93
CA ASN F 213 -13.23 10.03 -35.39
C ASN F 213 -12.15 10.03 -36.47
N HIS F 214 -11.41 11.12 -36.53
CA HIS F 214 -10.30 11.25 -37.47
C HIS F 214 -8.98 11.48 -36.74
N LYS F 215 -8.21 10.40 -36.55
CA LYS F 215 -6.95 10.48 -35.80
C LYS F 215 -5.91 11.50 -36.29
N PRO F 216 -5.58 11.48 -37.60
CA PRO F 216 -4.53 12.40 -38.09
C PRO F 216 -4.82 13.88 -37.91
N SER F 217 -6.06 14.31 -38.06
CA SER F 217 -6.39 15.72 -37.93
C SER F 217 -6.80 16.06 -36.51
N ASN F 218 -6.80 15.04 -35.64
CA ASN F 218 -7.18 15.19 -34.24
C ASN F 218 -8.56 15.81 -34.13
N THR F 219 -9.53 15.21 -34.82
CA THR F 219 -10.88 15.73 -34.84
C THR F 219 -11.88 14.64 -34.47
N LYS F 220 -12.84 15.00 -33.62
CA LYS F 220 -13.92 14.09 -33.27
C LYS F 220 -15.25 14.82 -33.29
N VAL F 221 -16.21 14.29 -34.03
CA VAL F 221 -17.51 14.92 -34.16
C VAL F 221 -18.65 13.96 -33.78
N ASP F 222 -19.50 14.40 -32.85
CA ASP F 222 -20.67 13.62 -32.48
C ASP F 222 -21.93 14.27 -33.03
N LYS F 223 -22.33 13.84 -34.23
CA LYS F 223 -23.45 14.48 -34.92
C LYS F 223 -24.77 13.78 -34.66
N LYS F 224 -25.77 14.54 -34.22
CA LYS F 224 -27.08 13.96 -33.95
C LYS F 224 -27.96 14.00 -35.20
N VAL F 225 -28.48 12.83 -35.57
CA VAL F 225 -29.35 12.75 -36.73
C VAL F 225 -30.79 12.55 -36.29
N GLU F 226 -31.66 13.46 -36.73
CA GLU F 226 -33.06 13.42 -36.35
C GLU F 226 -33.93 13.78 -37.56
N PRO F 227 -35.19 13.31 -37.58
CA PRO F 227 -36.09 13.57 -38.71
C PRO F 227 -36.24 15.06 -39.00
N LYS F 228 -36.54 15.40 -40.25
CA LYS F 228 -36.68 16.80 -40.65
C LYS F 228 -38.07 17.32 -40.37
N GLU G 1 7.74 15.37 -0.27
CA GLU G 1 8.43 15.73 -1.50
C GLU G 1 9.59 16.68 -1.22
N ILE G 2 10.75 16.37 -1.80
CA ILE G 2 11.92 17.23 -1.68
C ILE G 2 11.94 18.28 -2.78
N VAL G 3 11.86 19.55 -2.41
CA VAL G 3 11.84 20.62 -3.39
C VAL G 3 13.22 21.26 -3.53
N LEU G 4 13.77 21.20 -4.74
CA LEU G 4 15.07 21.79 -5.01
C LEU G 4 14.91 23.18 -5.59
N THR G 5 15.63 24.14 -5.00
CA THR G 5 15.59 25.52 -5.46
C THR G 5 16.94 25.91 -6.04
N GLN G 6 16.98 26.17 -7.34
CA GLN G 6 18.24 26.54 -7.96
C GLN G 6 18.39 28.05 -7.84
N SER G 7 19.65 28.50 -7.78
CA SER G 7 19.96 29.92 -7.75
C SER G 7 21.25 30.21 -8.50
N PRO G 8 21.33 31.37 -9.17
CA PRO G 8 20.27 32.36 -9.35
C PRO G 8 19.41 32.04 -10.56
N GLY G 9 18.49 32.93 -10.88
CA GLY G 9 17.56 32.76 -11.99
C GLY G 9 18.30 32.70 -13.31
N THR G 10 18.73 33.87 -13.76
CA THR G 10 19.47 34.05 -15.00
C THR G 10 20.92 34.33 -14.62
N GLN G 11 21.83 34.03 -15.54
CA GLN G 11 23.26 34.11 -15.29
C GLN G 11 23.85 34.93 -16.41
N SER G 12 24.48 36.03 -16.03
CA SER G 12 25.08 36.94 -16.99
C SER G 12 26.59 36.86 -16.90
N LEU G 13 27.20 35.99 -17.70
CA LEU G 13 28.64 35.84 -17.63
C LEU G 13 29.32 36.01 -18.97
N SER G 14 30.62 36.24 -18.93
CA SER G 14 31.38 36.45 -20.15
C SER G 14 32.07 35.14 -20.50
N PRO G 15 32.35 34.93 -21.80
CA PRO G 15 33.05 33.71 -22.20
C PRO G 15 34.40 33.60 -21.51
N GLY G 16 34.52 32.68 -20.57
CA GLY G 16 35.76 32.51 -19.83
C GLY G 16 35.58 32.72 -18.34
N GLU G 17 34.44 33.27 -17.93
CA GLU G 17 34.21 33.51 -16.51
C GLU G 17 33.95 32.18 -15.81
N ARG G 18 34.14 32.16 -14.50
CA ARG G 18 33.91 30.97 -13.69
C ARG G 18 32.46 30.96 -13.21
N ALA G 19 31.73 29.93 -13.61
CA ALA G 19 30.31 29.86 -13.26
C ALA G 19 30.04 28.93 -12.10
N THR G 20 29.43 29.48 -11.05
CA THR G 20 29.06 28.68 -9.89
C THR G 20 27.54 28.72 -9.72
N LEU G 21 26.90 27.59 -10.03
CA LEU G 21 25.45 27.47 -9.96
C LEU G 21 25.06 26.71 -8.70
N SER G 22 24.06 27.22 -8.00
CA SER G 22 23.66 26.67 -6.71
C SER G 22 22.34 25.91 -6.72
N CYS G 23 22.28 24.87 -5.90
CA CYS G 23 21.06 24.09 -5.73
C CYS G 23 20.84 23.83 -4.24
N ARG G 24 19.72 24.33 -3.72
CA ARG G 24 19.40 24.20 -2.31
C ARG G 24 18.27 23.20 -2.10
N ALA G 25 18.48 22.25 -1.21
CA ALA G 25 17.50 21.20 -0.97
C ALA G 25 16.53 21.57 0.15
N SER G 26 15.32 21.03 0.07
CA SER G 26 14.30 21.24 1.09
C SER G 26 14.67 20.52 2.38
N GLN G 27 15.34 19.37 2.21
CA GLN G 27 15.83 18.58 3.33
C GLN G 27 17.04 17.77 2.87
N SER G 28 17.77 17.20 3.83
CA SER G 28 19.01 16.49 3.55
C SER G 28 18.87 15.40 2.50
N VAL G 29 19.44 15.67 1.32
CA VAL G 29 19.46 14.72 0.23
C VAL G 29 20.21 13.47 0.67
N GLY G 30 19.46 12.42 0.98
CA GLY G 30 20.04 11.20 1.51
C GLY G 30 21.06 10.54 0.62
N ASN G 31 22.19 10.20 1.22
CA ASN G 31 23.30 9.53 0.55
C ASN G 31 23.97 10.35 -0.55
N ASN G 32 23.79 11.67 -0.51
CA ASN G 32 24.37 12.58 -1.50
C ASN G 32 24.11 12.17 -2.95
N LYS G 33 22.85 12.04 -3.31
CA LYS G 33 22.48 11.67 -4.65
C LYS G 33 21.83 12.81 -5.43
N LEU G 34 22.66 13.81 -5.74
CA LEU G 34 22.25 14.97 -6.52
C LEU G 34 22.94 14.89 -7.88
N ALA G 35 22.20 15.25 -8.94
CA ALA G 35 22.73 15.13 -10.30
C ALA G 35 22.54 16.41 -11.10
N TRP G 36 23.57 16.80 -11.85
CA TRP G 36 23.51 17.96 -12.69
C TRP G 36 23.43 17.58 -14.17
N TYR G 37 22.39 18.10 -14.83
CA TYR G 37 22.18 17.86 -16.25
C TYR G 37 22.29 19.18 -17.01
N GLN G 38 22.75 19.11 -18.25
CA GLN G 38 22.80 20.26 -19.13
C GLN G 38 21.85 20.02 -20.31
N GLN G 39 21.11 21.05 -20.68
CA GLN G 39 20.21 21.01 -21.81
C GLN G 39 20.49 22.25 -22.63
N ARG G 40 20.85 22.05 -23.90
CA ARG G 40 21.06 23.15 -24.83
C ARG G 40 19.70 23.53 -25.44
N PRO G 41 19.64 24.61 -26.24
CA PRO G 41 18.26 24.68 -26.74
C PRO G 41 17.85 23.65 -27.83
N GLY G 42 16.75 23.03 -27.49
CA GLY G 42 15.98 22.04 -28.23
C GLY G 42 16.60 20.64 -28.27
N GLN G 43 17.24 20.25 -27.17
CA GLN G 43 17.90 18.95 -27.07
C GLN G 43 17.50 18.17 -25.83
N ALA G 44 17.70 16.86 -25.87
CA ALA G 44 17.41 16.05 -24.71
C ALA G 44 18.59 16.36 -23.78
N PRO G 45 18.34 16.42 -22.46
CA PRO G 45 19.35 16.77 -21.45
C PRO G 45 20.60 15.88 -21.48
N ARG G 46 21.74 16.42 -21.08
CA ARG G 46 22.97 15.63 -21.06
C ARG G 46 23.48 15.61 -19.62
N LEU G 47 23.82 14.42 -19.13
CA LEU G 47 24.28 14.26 -17.76
C LEU G 47 25.68 14.82 -17.56
N LEU G 48 25.80 15.76 -16.62
CA LEU G 48 27.09 16.36 -16.30
C LEU G 48 27.67 15.75 -15.03
N ILE G 49 26.88 15.72 -13.97
CA ILE G 49 27.35 15.23 -12.68
C ILE G 49 26.37 14.24 -12.05
N TYR G 50 26.88 13.17 -11.46
CA TYR G 50 26.03 12.26 -10.70
C TYR G 50 26.65 12.01 -9.32
N GLY G 51 25.83 11.66 -8.34
CA GLY G 51 26.34 11.42 -7.00
C GLY G 51 26.94 12.68 -6.39
N ALA G 52 26.34 13.82 -6.71
CA ALA G 52 26.72 15.14 -6.18
C ALA G 52 28.10 15.65 -6.63
N SER G 53 29.01 14.74 -6.96
CA SER G 53 30.36 15.17 -7.32
C SER G 53 30.99 14.32 -8.43
N SER G 54 30.51 13.09 -8.61
CA SER G 54 31.12 12.22 -9.61
C SER G 54 30.69 12.63 -11.03
N ARG G 55 31.64 12.60 -11.96
CA ARG G 55 31.39 12.96 -13.35
C ARG G 55 31.61 11.76 -14.27
N PRO G 56 30.63 11.47 -15.14
CA PRO G 56 30.74 10.35 -16.08
C PRO G 56 31.87 10.58 -17.09
N SER G 57 32.28 9.51 -17.77
CA SER G 57 33.32 9.59 -18.79
C SER G 57 32.78 10.26 -20.03
N GLY G 58 33.63 11.04 -20.70
CA GLY G 58 33.20 11.77 -21.88
C GLY G 58 32.82 13.19 -21.52
N VAL G 59 32.56 13.42 -20.24
CA VAL G 59 32.22 14.75 -19.75
C VAL G 59 33.48 15.57 -19.51
N ALA G 60 33.50 16.80 -20.02
CA ALA G 60 34.65 17.69 -19.87
C ALA G 60 35.00 17.94 -18.41
N ASP G 61 36.30 17.99 -18.12
CA ASP G 61 36.76 18.11 -16.74
C ASP G 61 36.72 19.55 -16.22
N ARG G 62 36.15 20.46 -17.00
CA ARG G 62 35.98 21.85 -16.54
C ARG G 62 34.74 21.97 -15.67
N PHE G 63 33.90 20.94 -15.74
CA PHE G 63 32.72 20.82 -14.88
C PHE G 63 33.11 20.11 -13.59
N SER G 64 32.57 20.56 -12.48
CA SER G 64 32.84 19.90 -11.20
C SER G 64 31.72 20.11 -10.20
N GLY G 65 31.23 19.02 -9.63
CA GLY G 65 30.17 19.08 -8.64
C GLY G 65 30.68 19.05 -7.22
N SER G 66 29.99 19.77 -6.33
CA SER G 66 30.40 19.83 -4.94
C SER G 66 29.18 19.99 -4.03
N GLY G 67 29.44 19.93 -2.72
CA GLY G 67 28.40 20.14 -1.74
C GLY G 67 27.78 18.84 -1.25
N SER G 68 27.00 18.94 -0.16
CA SER G 68 26.33 17.78 0.41
C SER G 68 25.19 18.23 1.30
N GLY G 69 24.35 17.29 1.72
CA GLY G 69 23.25 17.60 2.61
C GLY G 69 22.14 18.41 1.95
N THR G 70 22.21 19.72 2.12
CA THR G 70 21.20 20.62 1.55
C THR G 70 21.80 21.60 0.55
N ASP G 71 23.11 21.83 0.63
CA ASP G 71 23.79 22.75 -0.28
C ASP G 71 24.58 22.02 -1.35
N PHE G 72 24.25 22.27 -2.62
CA PHE G 72 25.00 21.67 -3.72
C PHE G 72 25.44 22.75 -4.71
N THR G 73 26.57 22.52 -5.38
CA THR G 73 27.12 23.53 -6.28
C THR G 73 27.80 22.94 -7.51
N LEU G 74 27.37 23.36 -8.70
CA LEU G 74 28.03 22.97 -9.94
C LEU G 74 28.95 24.10 -10.38
N THR G 75 30.21 23.78 -10.66
CA THR G 75 31.18 24.81 -11.03
C THR G 75 31.82 24.51 -12.38
N ILE G 76 31.69 25.48 -13.28
CA ILE G 76 32.36 25.44 -14.57
C ILE G 76 33.53 26.41 -14.51
N SER G 77 34.73 25.86 -14.47
CA SER G 77 35.94 26.64 -14.32
C SER G 77 36.09 27.57 -15.53
N ARG G 78 35.71 27.07 -16.70
CA ARG G 78 35.78 27.87 -17.90
C ARG G 78 34.61 27.71 -18.87
N LEU G 79 33.86 28.78 -19.08
CA LEU G 79 32.73 28.73 -20.00
C LEU G 79 33.22 28.82 -21.45
N GLU G 80 32.73 27.90 -22.28
CA GLU G 80 33.01 27.91 -23.71
C GLU G 80 31.68 27.88 -24.46
N PRO G 81 31.63 28.47 -25.67
CA PRO G 81 30.41 28.68 -26.46
C PRO G 81 29.43 27.51 -26.39
N GLU G 82 29.96 26.32 -26.14
CA GLU G 82 29.13 25.13 -26.02
C GLU G 82 28.42 25.12 -24.67
N ASP G 83 29.12 25.60 -23.64
CA ASP G 83 28.62 25.60 -22.26
C ASP G 83 27.50 26.60 -21.92
N PHE G 84 27.11 27.46 -22.86
CA PHE G 84 26.00 28.38 -22.57
C PHE G 84 24.67 27.74 -22.87
N ALA G 85 24.03 27.24 -21.83
CA ALA G 85 22.73 26.58 -21.94
C ALA G 85 21.99 26.62 -20.61
N VAL G 86 21.12 25.63 -20.40
CA VAL G 86 20.36 25.52 -19.16
C VAL G 86 20.80 24.35 -18.29
N TYR G 87 20.91 24.58 -17.00
CA TYR G 87 21.40 23.53 -16.09
C TYR G 87 20.36 23.15 -15.06
N TYR G 88 20.08 21.84 -14.96
CA TYR G 88 19.09 21.33 -14.01
C TYR G 88 19.75 20.49 -12.93
N CYS G 89 19.21 20.54 -11.72
CA CYS G 89 19.66 19.65 -10.65
C CYS G 89 18.53 18.71 -10.24
N GLN G 90 18.87 17.46 -9.94
CA GLN G 90 17.87 16.44 -9.64
C GLN G 90 18.30 15.54 -8.50
N GLN G 91 17.45 15.42 -7.49
CA GLN G 91 17.69 14.49 -6.39
C GLN G 91 17.06 13.13 -6.68
N TYR G 92 17.80 12.06 -6.39
CA TYR G 92 17.31 10.70 -6.64
C TYR G 92 17.65 9.76 -5.49
N GLY G 93 17.67 10.30 -4.28
CA GLY G 93 17.94 9.53 -3.08
C GLY G 93 16.67 9.06 -2.38
N GLN G 94 15.53 9.44 -2.96
CA GLN G 94 14.22 9.05 -2.44
C GLN G 94 13.53 8.22 -3.51
N SER G 95 12.40 7.60 -3.16
CA SER G 95 11.62 6.84 -4.12
C SER G 95 11.21 7.77 -5.25
N LEU G 96 10.66 8.92 -4.87
CA LEU G 96 10.35 9.98 -5.82
C LEU G 96 11.58 10.84 -6.11
N SER G 97 11.80 11.12 -7.40
CA SER G 97 12.89 11.98 -7.82
C SER G 97 12.32 13.30 -8.33
N THR G 98 12.98 14.41 -8.02
CA THR G 98 12.50 15.73 -8.43
C THR G 98 13.63 16.60 -8.96
N PHE G 99 13.32 17.40 -9.99
CA PHE G 99 14.28 18.32 -10.57
C PHE G 99 14.16 19.72 -9.98
N GLY G 100 15.06 20.61 -10.40
CA GLY G 100 14.95 22.02 -10.08
C GLY G 100 14.15 22.73 -11.14
N GLN G 101 14.28 24.05 -11.24
CA GLN G 101 13.59 24.79 -12.28
C GLN G 101 14.56 25.32 -13.33
N GLY G 102 15.84 25.05 -13.14
CA GLY G 102 16.86 25.41 -14.12
C GLY G 102 17.49 26.76 -13.89
N THR G 103 18.66 26.96 -14.50
CA THR G 103 19.37 28.23 -14.44
C THR G 103 20.01 28.49 -15.80
N LYS G 104 19.48 29.46 -16.53
CA LYS G 104 19.99 29.76 -17.86
C LYS G 104 21.26 30.59 -17.76
N VAL G 105 22.34 30.09 -18.34
CA VAL G 105 23.61 30.82 -18.37
C VAL G 105 23.83 31.47 -19.73
N GLU G 106 23.74 32.80 -19.75
CA GLU G 106 23.87 33.60 -20.96
C GLU G 106 25.18 34.37 -21.02
N VAL G 107 25.51 34.80 -22.23
CA VAL G 107 26.66 35.63 -22.47
C VAL G 107 26.35 37.08 -22.10
N LYS G 108 27.25 37.70 -21.34
CA LYS G 108 27.12 39.11 -20.99
C LYS G 108 27.93 39.96 -21.95
N ARG G 109 27.22 40.80 -22.68
CA ARG G 109 27.83 41.71 -23.63
C ARG G 109 27.52 43.17 -23.39
N THR G 110 28.11 44.01 -24.23
CA THR G 110 27.89 45.45 -24.18
C THR G 110 26.46 45.78 -24.63
N VAL G 111 25.86 46.77 -23.97
CA VAL G 111 24.48 47.15 -24.25
C VAL G 111 24.28 47.56 -25.70
N ALA G 112 23.32 46.94 -26.36
CA ALA G 112 23.04 47.25 -27.76
C ALA G 112 21.58 47.64 -27.96
N ALA G 113 21.37 48.79 -28.58
CA ALA G 113 20.02 49.27 -28.86
C ALA G 113 19.36 48.43 -29.95
N PRO G 114 18.05 48.16 -29.80
CA PRO G 114 17.35 47.32 -30.76
C PRO G 114 17.08 48.05 -32.08
N SER G 115 17.27 47.34 -33.19
CA SER G 115 16.92 47.88 -34.50
C SER G 115 15.42 47.65 -34.72
N VAL G 116 14.64 48.72 -34.57
CA VAL G 116 13.18 48.61 -34.61
C VAL G 116 12.60 48.76 -36.01
N PHE G 117 11.75 47.81 -36.38
CA PHE G 117 11.03 47.85 -37.66
C PHE G 117 9.54 47.60 -37.46
N ILE G 118 8.75 48.00 -38.46
CA ILE G 118 7.30 47.75 -38.43
C ILE G 118 6.75 47.35 -39.80
N PHE G 119 5.91 46.31 -39.79
CA PHE G 119 5.33 45.77 -41.00
C PHE G 119 3.81 45.80 -40.94
N PRO G 120 3.19 46.50 -41.90
CA PRO G 120 1.73 46.54 -42.07
C PRO G 120 1.23 45.17 -42.47
N PRO G 121 -0.06 44.87 -42.22
CA PRO G 121 -0.60 43.58 -42.62
C PRO G 121 -0.55 43.41 -44.13
N SER G 122 -0.38 42.16 -44.59
CA SER G 122 -0.26 41.89 -46.02
C SER G 122 -1.55 42.19 -46.75
N ASP G 123 -1.43 42.49 -48.04
CA ASP G 123 -2.58 42.72 -48.89
C ASP G 123 -3.39 41.44 -49.02
N GLU G 124 -2.68 40.32 -49.12
CA GLU G 124 -3.32 39.01 -49.17
C GLU G 124 -4.02 38.74 -47.85
N GLN G 125 -3.36 39.11 -46.76
CA GLN G 125 -3.89 38.90 -45.43
C GLN G 125 -5.14 39.74 -45.21
N LEU G 126 -5.12 40.98 -45.70
CA LEU G 126 -6.28 41.86 -45.62
C LEU G 126 -7.42 41.29 -46.47
N LYS G 127 -7.05 40.67 -47.59
CA LYS G 127 -8.01 40.04 -48.48
C LYS G 127 -8.40 38.64 -47.98
N SER G 128 -7.88 38.26 -46.82
CA SER G 128 -8.26 37.02 -46.18
C SER G 128 -9.24 37.27 -45.05
N GLY G 129 -9.29 38.51 -44.58
CA GLY G 129 -10.24 38.91 -43.56
C GLY G 129 -9.60 39.36 -42.26
N THR G 130 -8.31 39.06 -42.11
CA THR G 130 -7.60 39.38 -40.88
C THR G 130 -6.33 40.20 -41.13
N ALA G 131 -6.00 41.05 -40.17
CA ALA G 131 -4.84 41.92 -40.26
C ALA G 131 -3.89 41.67 -39.10
N SER G 132 -2.60 41.71 -39.38
CA SER G 132 -1.59 41.47 -38.36
C SER G 132 -0.41 42.40 -38.56
N VAL G 133 -0.25 43.34 -37.62
CA VAL G 133 0.86 44.28 -37.66
C VAL G 133 2.04 43.68 -36.90
N VAL G 134 3.24 43.80 -37.47
CA VAL G 134 4.40 43.16 -36.88
C VAL G 134 5.49 44.16 -36.47
N CYS G 135 5.76 44.23 -35.18
CA CYS G 135 6.84 45.08 -34.67
C CYS G 135 8.06 44.21 -34.37
N LEU G 136 9.19 44.56 -34.99
CA LEU G 136 10.42 43.81 -34.88
C LEU G 136 11.50 44.53 -34.09
N LEU G 137 12.07 43.85 -33.10
CA LEU G 137 13.19 44.38 -32.34
C LEU G 137 14.40 43.52 -32.69
N ASN G 138 15.27 44.03 -33.54
CA ASN G 138 16.36 43.22 -34.07
C ASN G 138 17.70 43.46 -33.37
N ASN G 139 18.30 42.36 -32.90
CA ASN G 139 19.63 42.39 -32.27
C ASN G 139 19.81 43.42 -31.15
N PHE G 140 19.50 43.01 -29.93
CA PHE G 140 19.63 43.89 -28.77
C PHE G 140 20.07 43.11 -27.53
N TYR G 141 20.67 43.83 -26.58
CA TYR G 141 21.03 43.24 -25.29
C TYR G 141 20.92 44.33 -24.22
N PRO G 142 20.38 43.98 -23.03
CA PRO G 142 19.89 42.66 -22.62
C PRO G 142 18.49 42.34 -23.12
N ARG G 143 17.96 41.21 -22.67
CA ARG G 143 16.64 40.75 -23.05
C ARG G 143 15.52 41.72 -22.65
N GLU G 144 15.65 42.32 -21.46
CA GLU G 144 14.61 43.18 -20.93
C GLU G 144 14.16 44.29 -21.88
N ALA G 145 13.16 43.99 -22.70
CA ALA G 145 12.56 44.96 -23.59
C ALA G 145 11.05 44.81 -23.60
N LYS G 146 10.33 45.92 -23.47
CA LYS G 146 8.86 45.89 -23.43
C LYS G 146 8.22 46.54 -24.65
N VAL G 147 7.26 45.86 -25.28
CA VAL G 147 6.59 46.43 -26.45
C VAL G 147 5.11 46.70 -26.17
N GLN G 148 4.71 47.96 -26.29
CA GLN G 148 3.32 48.37 -26.10
C GLN G 148 2.69 48.92 -27.38
N TRP G 149 1.56 48.35 -27.78
CA TRP G 149 0.83 48.75 -28.99
C TRP G 149 -0.15 49.91 -28.83
N LYS G 150 -0.01 50.94 -29.67
CA LYS G 150 -0.88 52.13 -29.65
C LYS G 150 -1.56 52.35 -30.98
N VAL G 151 -2.89 52.18 -31.01
CA VAL G 151 -3.67 52.44 -32.22
C VAL G 151 -4.55 53.69 -32.07
N ASP G 152 -4.30 54.66 -32.94
CA ASP G 152 -4.90 55.99 -32.87
C ASP G 152 -4.61 56.64 -31.52
N ASN G 153 -3.38 56.44 -31.04
CA ASN G 153 -2.97 56.94 -29.74
C ASN G 153 -3.93 56.45 -28.65
N ALA G 154 -4.25 55.16 -28.70
CA ALA G 154 -5.11 54.52 -27.71
C ALA G 154 -4.52 53.16 -27.36
N LEU G 155 -4.18 53.01 -26.08
CA LEU G 155 -3.53 51.81 -25.56
C LEU G 155 -4.30 50.51 -25.74
N GLN G 156 -3.94 49.76 -26.78
CA GLN G 156 -4.54 48.46 -27.04
C GLN G 156 -4.02 47.39 -26.09
N SER G 157 -4.93 46.59 -25.56
CA SER G 157 -4.55 45.52 -24.66
C SER G 157 -5.45 44.29 -24.80
N GLY G 158 -4.87 43.12 -24.61
CA GLY G 158 -5.61 41.87 -24.70
C GLY G 158 -5.04 41.01 -25.81
N ASN G 159 -4.86 41.65 -26.96
CA ASN G 159 -4.19 41.03 -28.09
C ASN G 159 -2.70 41.26 -28.10
N SER G 160 -2.09 40.91 -29.22
CA SER G 160 -0.66 41.07 -29.46
C SER G 160 0.18 40.21 -28.52
N GLN G 161 0.91 39.27 -29.10
CA GLN G 161 1.82 38.42 -28.36
C GLN G 161 3.23 38.67 -28.84
N GLU G 162 4.19 38.37 -27.99
CA GLU G 162 5.59 38.59 -28.33
C GLU G 162 6.42 37.34 -28.09
N SER G 163 7.46 37.17 -28.90
CA SER G 163 8.37 36.04 -28.76
C SER G 163 9.82 36.45 -28.97
N VAL G 164 10.71 35.91 -28.14
CA VAL G 164 12.13 36.27 -28.21
C VAL G 164 13.00 35.07 -28.58
N THR G 165 13.86 35.28 -29.58
CA THR G 165 14.82 34.27 -30.03
C THR G 165 15.86 33.99 -28.96
N GLU G 166 16.51 32.83 -29.05
CA GLU G 166 17.62 32.54 -28.15
C GLU G 166 18.79 33.47 -28.43
N GLN G 167 19.66 33.62 -27.44
CA GLN G 167 20.83 34.48 -27.55
C GLN G 167 21.73 34.01 -28.69
N ASP G 168 22.04 34.91 -29.61
CA ASP G 168 22.82 34.56 -30.80
C ASP G 168 24.18 33.99 -30.43
N SER G 169 24.65 33.04 -31.24
CA SER G 169 25.91 32.36 -30.97
C SER G 169 27.08 33.18 -31.51
N LYS G 170 26.78 34.27 -32.21
CA LYS G 170 27.82 35.11 -32.80
C LYS G 170 27.96 36.46 -32.11
N ASP G 171 26.86 37.21 -32.02
CA ASP G 171 26.92 38.55 -31.43
C ASP G 171 26.25 38.60 -30.06
N SER G 172 25.66 37.47 -29.65
CA SER G 172 25.04 37.35 -28.33
C SER G 172 23.92 38.37 -28.08
N THR G 173 23.10 38.62 -29.11
CA THR G 173 21.99 39.55 -28.96
C THR G 173 20.65 38.85 -29.16
N TYR G 174 19.64 39.30 -28.42
CA TYR G 174 18.29 38.76 -28.53
C TYR G 174 17.47 39.52 -29.55
N SER G 175 16.44 38.88 -30.08
CA SER G 175 15.52 39.51 -31.03
C SER G 175 14.07 39.22 -30.67
N LEU G 176 13.26 40.28 -30.55
CA LEU G 176 11.86 40.13 -30.14
C LEU G 176 10.94 40.38 -31.34
N SER G 177 9.79 39.71 -31.35
CA SER G 177 8.78 39.92 -32.38
C SER G 177 7.40 40.01 -31.76
N SER G 178 6.72 41.13 -31.97
CA SER G 178 5.37 41.32 -31.44
C SER G 178 4.36 41.43 -32.59
N THR G 179 3.25 40.70 -32.48
CA THR G 179 2.26 40.64 -33.55
C THR G 179 0.83 41.03 -33.14
N LEU G 180 0.45 42.27 -33.42
CA LEU G 180 -0.91 42.78 -33.16
C LEU G 180 -1.95 42.24 -34.14
N THR G 181 -2.98 41.58 -33.64
CA THR G 181 -4.00 40.96 -34.48
C THR G 181 -5.37 41.66 -34.41
N LEU G 182 -5.86 42.06 -35.58
CA LEU G 182 -7.18 42.68 -35.75
C LEU G 182 -7.94 42.09 -36.92
N SER G 183 -9.22 42.40 -36.99
CA SER G 183 -10.05 42.06 -38.15
C SER G 183 -9.89 43.16 -39.19
N LYS G 184 -10.34 42.89 -40.41
CA LYS G 184 -10.20 43.84 -41.50
C LYS G 184 -11.00 45.11 -41.19
N ALA G 185 -12.14 44.95 -40.53
CA ALA G 185 -12.96 46.11 -40.18
C ALA G 185 -12.25 47.04 -39.19
N ASP G 186 -11.72 46.53 -38.06
CA ASP G 186 -10.98 47.41 -37.14
C ASP G 186 -9.72 47.97 -37.75
N TYR G 187 -9.15 47.24 -38.70
CA TYR G 187 -7.93 47.75 -39.26
C TYR G 187 -8.30 48.90 -40.17
N GLU G 188 -9.43 48.80 -40.85
CA GLU G 188 -9.81 49.86 -41.77
C GLU G 188 -10.54 51.00 -41.04
N LYS G 189 -10.84 50.81 -39.76
CA LYS G 189 -11.52 51.83 -38.96
C LYS G 189 -10.58 52.92 -38.43
N HIS G 190 -9.29 52.73 -38.65
CA HIS G 190 -8.26 53.60 -38.10
C HIS G 190 -7.16 53.98 -39.08
N LYS G 191 -6.39 54.99 -38.71
CA LYS G 191 -5.36 55.56 -39.56
C LYS G 191 -4.01 55.43 -38.87
N VAL G 192 -3.96 55.67 -37.56
CA VAL G 192 -2.67 55.59 -36.87
C VAL G 192 -2.38 54.25 -36.18
N TYR G 193 -1.44 53.48 -36.71
CA TYR G 193 -1.02 52.21 -36.08
C TYR G 193 0.43 52.35 -35.63
N ALA G 194 0.68 52.19 -34.33
CA ALA G 194 2.00 52.50 -33.78
C ALA G 194 2.51 51.46 -32.80
N CYS G 195 3.82 51.23 -32.81
CA CYS G 195 4.44 50.34 -31.84
CA CYS G 195 4.47 50.32 -31.89
C CYS G 195 5.46 51.08 -30.98
N GLU G 196 5.32 50.89 -29.67
CA GLU G 196 6.18 51.54 -28.69
C GLU G 196 7.19 50.55 -28.12
N VAL G 197 8.45 50.93 -28.27
CA VAL G 197 9.63 50.15 -27.90
C VAL G 197 10.41 50.88 -26.79
N THR G 198 10.71 50.19 -25.69
CA THR G 198 11.50 50.85 -24.65
C THR G 198 12.91 50.27 -24.50
N HIS G 199 13.15 49.39 -23.52
CA HIS G 199 14.48 48.82 -23.25
C HIS G 199 15.53 49.83 -22.74
N GLN G 200 16.60 49.28 -22.16
CA GLN G 200 17.74 50.01 -21.60
C GLN G 200 18.57 50.87 -22.57
N GLY G 201 18.95 50.30 -23.70
CA GLY G 201 19.81 50.98 -24.66
C GLY G 201 19.23 52.20 -25.35
N LEU G 202 17.92 52.36 -25.23
CA LEU G 202 17.23 53.50 -25.82
C LEU G 202 16.97 54.47 -24.67
N SER G 203 17.62 55.64 -24.72
CA SER G 203 17.48 56.63 -23.66
C SER G 203 16.03 57.04 -23.50
N SER G 204 15.40 57.39 -24.61
CA SER G 204 13.98 57.68 -24.59
C SER G 204 13.34 56.61 -25.48
N PRO G 205 12.12 56.20 -25.16
CA PRO G 205 11.43 55.18 -25.95
C PRO G 205 11.29 55.55 -27.43
N VAL G 206 11.61 54.60 -28.31
CA VAL G 206 11.47 54.82 -29.74
C VAL G 206 10.17 54.19 -30.23
N THR G 207 9.30 55.02 -30.78
CA THR G 207 8.01 54.55 -31.27
C THR G 207 7.93 54.58 -32.78
N LYS G 208 7.95 53.41 -33.42
CA LYS G 208 7.84 53.38 -34.88
C LYS G 208 6.41 53.09 -35.32
N SER G 209 5.96 53.89 -36.28
CA SER G 209 4.57 53.89 -36.71
C SER G 209 4.42 54.19 -38.20
N PHE G 210 3.19 54.01 -38.69
CA PHE G 210 2.82 54.40 -40.04
C PHE G 210 1.36 54.79 -39.99
N ASN G 211 0.86 55.29 -41.11
CA ASN G 211 -0.55 55.61 -41.25
C ASN G 211 -1.10 54.68 -42.31
N ARG G 212 -2.33 54.20 -42.09
CA ARG G 212 -2.92 53.21 -42.98
C ARG G 212 -3.02 53.73 -44.40
N GLY G 213 -2.26 53.05 -45.26
CA GLY G 213 -2.17 53.36 -46.67
C GLY G 213 -1.29 54.57 -46.90
N GLU G 214 -0.41 54.83 -45.94
CA GLU G 214 0.51 55.96 -46.01
C GLU G 214 1.95 55.46 -45.98
N GLN H 1 27.37 0.89 -27.62
CA GLN H 1 26.74 1.95 -26.84
C GLN H 1 25.22 1.79 -26.82
N VAL H 2 24.58 2.38 -25.83
CA VAL H 2 23.12 2.31 -25.70
C VAL H 2 22.47 3.54 -26.32
N GLN H 3 21.32 3.35 -26.98
CA GLN H 3 20.53 4.46 -27.49
C GLN H 3 19.04 4.18 -27.35
N LEU H 4 18.26 5.22 -27.09
CA LEU H 4 16.83 5.05 -26.93
C LEU H 4 16.07 5.79 -28.01
N VAL H 5 15.37 5.03 -28.85
CA VAL H 5 14.59 5.63 -29.93
C VAL H 5 13.11 5.50 -29.60
N GLN H 6 12.45 6.64 -29.42
CA GLN H 6 11.05 6.65 -29.03
C GLN H 6 10.15 6.71 -30.25
N SER H 7 8.85 6.67 -30.02
CA SER H 7 7.87 6.78 -31.09
C SER H 7 7.78 8.21 -31.58
N GLY H 8 7.21 8.39 -32.76
CA GLY H 8 7.05 9.71 -33.36
C GLY H 8 6.03 10.54 -32.60
N ALA H 9 5.98 11.83 -32.91
CA ALA H 9 5.06 12.75 -32.27
C ALA H 9 3.62 12.39 -32.63
N GLU H 10 2.69 12.70 -31.73
CA GLU H 10 1.28 12.42 -31.97
C GLU H 10 0.38 13.44 -31.29
N VAL H 11 -0.83 13.63 -31.83
CA VAL H 11 -1.72 14.63 -31.26
C VAL H 11 -3.01 14.04 -30.69
N LYS H 12 -3.32 14.35 -29.43
CA LYS H 12 -4.53 13.82 -28.81
C LYS H 12 -5.46 14.92 -28.31
N ARG H 13 -6.73 14.55 -28.14
CA ARG H 13 -7.77 15.43 -27.62
C ARG H 13 -7.94 15.28 -26.10
N PRO H 14 -8.42 16.34 -25.42
CA PRO H 14 -8.67 16.26 -23.98
C PRO H 14 -9.64 15.14 -23.60
N GLY H 15 -9.20 14.25 -22.71
CA GLY H 15 -9.99 13.12 -22.28
C GLY H 15 -9.47 11.83 -22.85
N SER H 16 -8.88 11.89 -24.04
CA SER H 16 -8.35 10.69 -24.66
C SER H 16 -7.04 10.33 -23.98
N SER H 17 -6.61 9.08 -24.15
CA SER H 17 -5.39 8.59 -23.53
C SER H 17 -4.26 8.45 -24.54
N VAL H 18 -3.04 8.82 -24.16
CA VAL H 18 -1.94 8.71 -25.10
C VAL H 18 -1.01 7.59 -24.64
N THR H 19 -0.29 6.98 -25.57
CA THR H 19 0.64 5.91 -25.25
C THR H 19 1.90 6.03 -26.11
N VAL H 20 3.00 6.37 -25.46
CA VAL H 20 4.28 6.56 -26.13
C VAL H 20 5.22 5.39 -25.86
N SER H 21 5.93 4.94 -26.89
CA SER H 21 6.83 3.81 -26.75
C SER H 21 8.28 4.29 -26.67
N CYS H 22 9.18 3.37 -26.36
CA CYS H 22 10.59 3.68 -26.24
C CYS H 22 11.42 2.41 -26.34
N LYS H 23 12.02 2.22 -27.51
CA LYS H 23 12.81 1.03 -27.79
C LYS H 23 14.28 1.30 -27.54
N ALA H 24 14.91 0.29 -26.93
CA ALA H 24 16.31 0.31 -26.56
C ALA H 24 17.15 -0.38 -27.61
N SER H 25 18.39 -0.66 -27.22
CA SER H 25 19.38 -1.36 -28.02
C SER H 25 20.70 -1.18 -27.31
N GLY H 26 21.43 -2.29 -27.27
CA GLY H 26 22.69 -2.43 -26.59
C GLY H 26 22.43 -2.65 -25.12
N GLY H 27 23.42 -3.24 -24.45
CA GLY H 27 23.44 -3.54 -23.04
C GLY H 27 22.30 -4.37 -22.46
N SER H 28 22.17 -4.32 -21.13
CA SER H 28 21.11 -5.03 -20.41
C SER H 28 19.89 -4.22 -19.93
N PHE H 29 18.93 -3.93 -20.81
CA PHE H 29 17.76 -3.13 -20.43
C PHE H 29 17.08 -3.73 -19.21
N SER H 30 17.13 -5.05 -19.11
CA SER H 30 16.35 -5.81 -18.14
C SER H 30 16.68 -5.47 -16.69
N THR H 31 17.92 -5.11 -16.39
CA THR H 31 18.27 -4.93 -14.97
C THR H 31 18.50 -3.46 -14.60
N TYR H 32 18.12 -2.52 -15.48
CA TYR H 32 18.28 -1.09 -15.18
C TYR H 32 16.98 -0.27 -15.25
N ALA H 33 16.74 0.55 -14.23
CA ALA H 33 15.51 1.32 -14.13
C ALA H 33 15.35 2.35 -15.25
N LEU H 34 14.19 2.33 -15.90
CA LEU H 34 13.88 3.25 -17.00
C LEU H 34 12.78 4.21 -16.56
N SER H 35 13.12 5.49 -16.55
CA SER H 35 12.18 6.51 -16.10
C SER H 35 11.67 7.34 -17.28
N TRP H 36 10.59 8.07 -17.04
CA TRP H 36 10.02 8.98 -18.03
C TRP H 36 9.97 10.39 -17.50
N VAL H 37 10.52 11.33 -18.27
CA VAL H 37 10.58 12.73 -17.85
C VAL H 37 10.03 13.64 -18.94
N ARG H 38 8.95 14.35 -18.63
CA ARG H 38 8.34 15.25 -19.59
C ARG H 38 8.75 16.70 -19.35
N GLN H 39 8.68 17.51 -20.40
CA GLN H 39 9.07 18.92 -20.33
C GLN H 39 8.12 19.81 -21.12
N ALA H 40 7.36 20.65 -20.42
CA ALA H 40 6.45 21.59 -21.06
C ALA H 40 7.25 22.63 -21.83
N PRO H 41 6.65 23.19 -22.91
CA PRO H 41 7.32 24.18 -23.74
C PRO H 41 7.82 25.39 -22.95
N GLY H 42 9.14 25.58 -22.97
CA GLY H 42 9.78 26.70 -22.28
C GLY H 42 9.98 26.47 -20.79
N ARG H 43 9.41 25.39 -20.28
CA ARG H 43 9.51 25.05 -18.87
C ARG H 43 10.61 24.05 -18.58
N GLY H 44 10.73 23.67 -17.31
CA GLY H 44 11.75 22.76 -16.88
C GLY H 44 11.35 21.30 -16.91
N LEU H 45 12.30 20.45 -16.52
CA LEU H 45 12.09 19.00 -16.48
C LEU H 45 11.20 18.56 -15.32
N GLU H 46 10.40 17.52 -15.56
CA GLU H 46 9.48 17.00 -14.56
C GLU H 46 9.45 15.48 -14.58
N TRP H 47 9.71 14.89 -13.42
CA TRP H 47 9.73 13.43 -13.30
C TRP H 47 8.28 12.93 -13.25
N MET H 48 7.99 11.88 -14.00
CA MET H 48 6.64 11.31 -14.02
C MET H 48 6.65 10.00 -13.24
N GLY H 49 7.62 9.16 -13.55
CA GLY H 49 7.75 7.88 -12.90
C GLY H 49 8.85 7.04 -13.50
N GLY H 50 9.05 5.84 -12.97
CA GLY H 50 10.09 4.98 -13.47
C GLY H 50 9.77 3.52 -13.23
N VAL H 51 10.47 2.62 -13.92
CA VAL H 51 10.21 1.20 -13.75
C VAL H 51 11.43 0.33 -14.02
N ILE H 52 11.68 -0.59 -13.10
CA ILE H 52 12.69 -1.62 -13.31
C ILE H 52 12.01 -2.85 -13.86
N PRO H 53 12.30 -3.19 -15.13
CA PRO H 53 11.57 -4.29 -15.80
C PRO H 53 11.69 -5.61 -15.01
N LEU H 54 11.64 -6.75 -15.69
CA LEU H 54 11.68 -8.04 -15.00
C LEU H 54 10.83 -8.17 -13.74
N LEU H 55 11.08 -7.32 -12.75
CA LEU H 55 10.30 -7.35 -11.52
C LEU H 55 9.09 -6.43 -11.60
N THR H 56 9.06 -5.59 -12.63
CA THR H 56 7.99 -4.62 -12.83
C THR H 56 7.75 -3.70 -11.63
N ILE H 57 8.77 -3.12 -11.04
CA ILE H 57 8.49 -2.18 -9.96
C ILE H 57 8.26 -0.81 -10.51
N THR H 58 7.00 -0.37 -10.47
CA THR H 58 6.66 0.92 -11.02
C THR H 58 6.62 1.90 -9.86
N ASN H 59 7.23 3.05 -10.06
CA ASN H 59 7.21 4.10 -9.06
C ASN H 59 6.73 5.38 -9.72
N TYR H 60 5.52 5.82 -9.38
CA TYR H 60 4.93 7.00 -10.01
C TYR H 60 5.02 8.23 -9.13
N ALA H 61 5.14 9.39 -9.76
CA ALA H 61 5.11 10.65 -9.02
C ALA H 61 3.68 10.98 -8.62
N PRO H 62 3.49 11.43 -7.36
CA PRO H 62 2.21 11.76 -6.72
C PRO H 62 1.31 12.67 -7.54
N ARG H 63 1.91 13.55 -8.34
CA ARG H 63 1.15 14.49 -9.17
C ARG H 63 0.41 13.79 -10.29
N PHE H 64 0.93 12.64 -10.70
CA PHE H 64 0.37 11.89 -11.81
C PHE H 64 -0.27 10.61 -11.31
N GLN H 65 -0.12 10.35 -10.01
CA GLN H 65 -0.61 9.11 -9.41
C GLN H 65 -2.10 8.89 -9.63
N GLY H 66 -2.43 7.89 -10.43
CA GLY H 66 -3.81 7.53 -10.72
C GLY H 66 -4.13 7.47 -12.20
N ARG H 67 -3.65 8.46 -12.94
CA ARG H 67 -3.88 8.57 -14.37
C ARG H 67 -2.70 8.11 -15.23
N ILE H 68 -1.59 7.79 -14.57
CA ILE H 68 -0.38 7.39 -15.29
C ILE H 68 -0.17 5.88 -15.18
N THR H 69 0.43 5.29 -16.21
CA THR H 69 0.73 3.86 -16.20
C THR H 69 1.97 3.53 -17.03
N ILE H 70 3.04 3.15 -16.34
CA ILE H 70 4.31 2.86 -17.02
C ILE H 70 4.63 1.37 -16.97
N THR H 71 4.93 0.79 -18.12
CA THR H 71 5.29 -0.62 -18.17
C THR H 71 6.54 -0.83 -19.01
N ALA H 72 7.05 -2.06 -19.02
CA ALA H 72 8.24 -2.35 -19.79
C ALA H 72 8.24 -3.82 -20.21
N ASP H 73 8.13 -4.02 -21.53
CA ASP H 73 8.14 -5.35 -22.11
C ASP H 73 9.57 -5.77 -22.46
N ARG H 74 10.03 -6.83 -21.81
CA ARG H 74 11.38 -7.35 -21.98
C ARG H 74 11.50 -8.13 -23.28
N SER H 75 10.39 -8.61 -23.79
CA SER H 75 10.38 -9.42 -25.01
C SER H 75 10.71 -8.57 -26.24
N THR H 76 10.50 -7.26 -26.12
CA THR H 76 10.78 -6.35 -27.23
C THR H 76 11.79 -5.28 -26.80
N SER H 77 12.25 -5.39 -25.56
CA SER H 77 13.17 -4.40 -24.98
C SER H 77 12.59 -3.01 -25.11
N THR H 78 11.30 -2.88 -24.82
CA THR H 78 10.59 -1.64 -25.07
C THR H 78 9.78 -1.17 -23.86
N ALA H 79 10.00 0.08 -23.46
CA ALA H 79 9.23 0.66 -22.36
C ALA H 79 8.06 1.44 -22.92
N TYR H 80 6.92 1.37 -22.23
CA TYR H 80 5.71 2.05 -22.67
C TYR H 80 5.18 2.98 -21.58
N LEU H 81 4.87 4.21 -21.95
CA LEU H 81 4.24 5.16 -21.03
C LEU H 81 2.82 5.45 -21.50
N GLU H 82 1.85 5.27 -20.61
CA GLU H 82 0.45 5.53 -20.95
C GLU H 82 -0.18 6.57 -20.02
N LEU H 83 -0.58 7.70 -20.59
CA LEU H 83 -1.19 8.77 -19.81
C LEU H 83 -2.68 8.90 -20.11
N ASN H 84 -3.50 8.72 -19.08
CA ASN H 84 -4.95 8.78 -19.21
C ASN H 84 -5.51 10.15 -18.84
N SER H 85 -6.70 10.45 -19.36
CA SER H 85 -7.40 11.71 -19.08
C SER H 85 -6.55 12.93 -19.38
N LEU H 86 -6.21 13.11 -20.65
CA LEU H 86 -5.36 14.23 -21.06
C LEU H 86 -6.11 15.55 -21.04
N ARG H 87 -5.35 16.62 -20.86
CA ARG H 87 -5.89 17.98 -20.83
C ARG H 87 -4.79 18.95 -21.26
N PRO H 88 -5.17 20.10 -21.85
CA PRO H 88 -4.26 21.09 -22.45
C PRO H 88 -2.93 21.35 -21.74
N GLU H 89 -2.87 21.15 -20.43
CA GLU H 89 -1.62 21.36 -19.70
C GLU H 89 -0.75 20.11 -19.68
N ASP H 90 -1.10 19.14 -20.51
CA ASP H 90 -0.29 17.92 -20.64
C ASP H 90 0.60 18.01 -21.87
N THR H 91 0.43 19.10 -22.63
CA THR H 91 1.22 19.32 -23.83
C THR H 91 2.68 19.52 -23.45
N ALA H 92 3.52 18.57 -23.85
CA ALA H 92 4.94 18.62 -23.49
C ALA H 92 5.77 17.71 -24.38
N VAL H 93 7.07 17.69 -24.12
CA VAL H 93 7.98 16.76 -24.78
C VAL H 93 8.34 15.64 -23.83
N TYR H 94 7.98 14.41 -24.18
CA TYR H 94 8.18 13.29 -23.29
C TYR H 94 9.47 12.54 -23.61
N TYR H 95 10.40 12.54 -22.66
CA TYR H 95 11.68 11.90 -22.87
C TYR H 95 11.73 10.58 -22.12
N CYS H 96 12.28 9.57 -22.76
CA CYS H 96 12.50 8.29 -22.09
CA CYS H 96 12.51 8.27 -22.14
C CYS H 96 13.96 8.20 -21.68
N ALA H 97 14.18 8.00 -20.39
CA ALA H 97 15.53 8.00 -19.86
C ALA H 97 15.87 6.69 -19.17
N ARG H 98 17.17 6.42 -19.07
CA ARG H 98 17.66 5.25 -18.38
C ARG H 98 18.90 5.61 -17.58
N GLU H 99 18.99 4.97 -16.42
CA GLU H 99 20.06 5.17 -15.47
C GLU H 99 21.36 4.62 -16.00
N GLY H 100 22.46 5.26 -15.61
CA GLY H 100 23.76 4.86 -16.09
C GLY H 100 24.24 3.55 -15.50
N THR H 101 25.49 3.27 -15.84
CA THR H 101 26.20 2.08 -15.48
C THR H 101 27.69 2.50 -15.32
N THR H 102 28.52 1.55 -14.86
CA THR H 102 29.99 1.71 -14.78
C THR H 102 30.78 0.42 -15.01
N GLY H 103 30.58 -0.22 -16.16
CA GLY H 103 31.35 -1.41 -16.45
C GLY H 103 30.71 -2.43 -17.38
N TRP H 106 29.83 -5.40 -17.20
CA TRP H 106 29.37 -6.52 -16.37
C TRP H 106 29.25 -6.08 -14.92
N LEU H 107 29.83 -4.92 -14.64
CA LEU H 107 29.72 -4.19 -13.39
C LEU H 107 28.44 -3.40 -13.40
N GLY H 108 28.65 -2.10 -13.50
CA GLY H 108 27.61 -1.11 -13.59
C GLY H 108 26.56 -0.99 -12.53
N LYS H 109 27.07 -1.15 -11.31
CA LYS H 109 26.37 -1.03 -10.04
C LYS H 109 25.71 0.30 -10.35
N PRO H 110 24.38 0.33 -10.48
CA PRO H 110 23.76 1.54 -11.03
C PRO H 110 23.75 2.74 -10.12
N ILE H 111 23.96 3.83 -10.84
CA ILE H 111 24.21 5.15 -10.33
C ILE H 111 22.94 5.95 -10.13
N GLY H 112 21.87 5.55 -10.80
CA GLY H 112 20.60 6.22 -10.59
C GLY H 112 20.32 7.36 -11.52
N ALA H 113 21.36 8.15 -11.81
CA ALA H 113 21.18 9.31 -12.66
C ALA H 113 20.98 8.90 -14.11
N PHE H 114 20.11 9.63 -14.79
CA PHE H 114 19.73 9.35 -16.17
C PHE H 114 20.88 9.66 -17.12
N ALA H 115 21.63 8.64 -17.50
CA ALA H 115 22.78 8.83 -18.36
C ALA H 115 22.47 8.46 -19.81
N HIS H 116 21.28 7.92 -20.05
CA HIS H 116 20.91 7.57 -21.42
C HIS H 116 19.53 8.12 -21.78
N TRP H 117 19.50 9.14 -22.63
CA TRP H 117 18.24 9.79 -22.98
C TRP H 117 17.77 9.46 -24.39
N GLY H 118 16.46 9.51 -24.61
CA GLY H 118 15.90 9.32 -25.92
C GLY H 118 15.91 10.61 -26.72
N GLN H 119 15.27 10.62 -27.88
CA GLN H 119 15.24 11.83 -28.71
C GLN H 119 14.04 12.68 -28.37
N GLY H 120 13.16 12.16 -27.52
CA GLY H 120 11.98 12.89 -27.09
C GLY H 120 10.80 12.67 -28.01
N THR H 121 9.60 12.78 -27.46
CA THR H 121 8.37 12.60 -28.24
C THR H 121 7.37 13.71 -27.91
N LEU H 122 7.07 14.53 -28.92
CA LEU H 122 6.14 15.64 -28.74
C LEU H 122 4.69 15.18 -28.73
N VAL H 123 4.03 15.37 -27.58
CA VAL H 123 2.63 15.04 -27.42
C VAL H 123 1.79 16.30 -27.22
N THR H 124 1.04 16.68 -28.25
CA THR H 124 0.23 17.89 -28.19
C THR H 124 -1.23 17.58 -27.83
N VAL H 125 -1.67 18.11 -26.70
CA VAL H 125 -3.04 17.93 -26.24
C VAL H 125 -3.86 19.20 -26.44
N SER H 126 -4.72 19.19 -27.45
CA SER H 126 -5.55 20.34 -27.76
C SER H 126 -6.85 19.95 -28.46
N SER H 127 -7.86 20.80 -28.34
CA SER H 127 -9.16 20.55 -28.95
C SER H 127 -9.22 21.25 -30.31
N ALA H 128 -8.03 21.45 -30.89
CA ALA H 128 -7.88 22.10 -32.18
C ALA H 128 -7.81 21.07 -33.31
N SER H 129 -7.64 21.57 -34.54
CA SER H 129 -7.59 20.69 -35.71
C SER H 129 -6.32 20.91 -36.51
N THR H 130 -5.75 19.82 -37.02
CA THR H 130 -4.51 19.88 -37.80
C THR H 130 -4.69 20.81 -38.99
N LYS H 131 -4.06 21.97 -38.93
CA LYS H 131 -4.23 22.95 -40.00
C LYS H 131 -2.90 23.44 -40.58
N GLY H 132 -2.85 23.55 -41.90
CA GLY H 132 -1.69 24.08 -42.58
C GLY H 132 -1.57 25.56 -42.33
N PRO H 133 -0.33 26.08 -42.26
CA PRO H 133 -0.08 27.48 -41.95
C PRO H 133 -0.34 28.41 -43.14
N SER H 134 -0.81 29.62 -42.87
CA SER H 134 -0.93 30.62 -43.92
C SER H 134 0.32 31.48 -43.91
N VAL H 135 0.96 31.63 -45.07
CA VAL H 135 2.20 32.37 -45.15
C VAL H 135 2.00 33.73 -45.82
N PHE H 136 2.16 34.80 -45.04
CA PHE H 136 1.98 36.14 -45.59
C PHE H 136 3.32 36.87 -45.68
N PRO H 137 3.47 37.78 -46.65
CA PRO H 137 4.76 38.44 -46.80
C PRO H 137 4.92 39.66 -45.89
N LEU H 138 6.07 39.73 -45.21
CA LEU H 138 6.46 40.93 -44.50
C LEU H 138 7.45 41.70 -45.36
N ALA H 139 6.90 42.53 -46.24
CA ALA H 139 7.69 43.25 -47.24
C ALA H 139 8.61 44.29 -46.60
N PRO H 140 9.82 44.44 -47.17
CA PRO H 140 10.77 45.46 -46.70
C PRO H 140 10.20 46.87 -46.88
N SER H 141 10.37 47.71 -45.87
CA SER H 141 9.85 49.07 -45.89
C SER H 141 10.38 49.86 -47.08
N THR H 145 15.38 51.49 -43.60
CA THR H 145 15.98 52.15 -42.45
C THR H 145 17.39 51.63 -42.20
N SER H 146 18.14 52.37 -41.39
CA SER H 146 19.51 52.03 -40.96
C SER H 146 20.56 52.16 -42.07
N GLY H 147 20.11 52.04 -43.31
CA GLY H 147 20.92 52.26 -44.50
C GLY H 147 22.33 51.68 -44.58
N GLY H 148 22.50 50.54 -45.25
CA GLY H 148 21.40 49.76 -45.77
C GLY H 148 20.73 48.96 -44.67
N THR H 149 20.86 47.64 -44.73
CA THR H 149 20.32 46.73 -43.73
C THR H 149 18.81 47.00 -43.60
N ALA H 150 18.07 46.52 -44.59
CA ALA H 150 16.62 46.53 -44.55
C ALA H 150 16.12 45.20 -44.07
N ALA H 151 14.94 45.18 -43.46
CA ALA H 151 14.43 43.96 -42.89
C ALA H 151 13.19 43.50 -43.65
N LEU H 152 13.20 42.23 -44.04
CA LEU H 152 12.05 41.61 -44.68
C LEU H 152 11.75 40.30 -43.98
N GLY H 153 10.70 39.61 -44.40
CA GLY H 153 10.40 38.32 -43.82
C GLY H 153 9.08 37.73 -44.26
N CYS H 154 8.64 36.70 -43.54
CA CYS H 154 7.31 36.16 -43.74
C CYS H 154 6.66 35.73 -42.43
N LEU H 155 5.36 36.00 -42.34
CA LEU H 155 4.55 35.69 -41.18
C LEU H 155 3.83 34.36 -41.38
N VAL H 156 4.18 33.38 -40.55
CA VAL H 156 3.55 32.07 -40.58
C VAL H 156 2.42 32.05 -39.56
N LYS H 157 1.20 32.29 -40.03
CA LYS H 157 0.07 32.48 -39.14
C LYS H 157 -0.95 31.34 -39.16
N ASP H 158 -1.48 31.03 -37.99
CA ASP H 158 -2.60 30.08 -37.85
C ASP H 158 -2.30 28.69 -38.38
N TYR H 159 -1.70 27.86 -37.52
CA TYR H 159 -1.48 26.45 -37.85
C TYR H 159 -1.59 25.56 -36.62
N PHE H 160 -1.63 24.26 -36.85
CA PHE H 160 -1.69 23.28 -35.78
C PHE H 160 -1.34 21.90 -36.32
N PRO H 161 -0.49 21.16 -35.60
CA PRO H 161 0.16 21.66 -34.39
C PRO H 161 1.61 22.00 -34.65
N GLU H 162 2.37 22.22 -33.57
CA GLU H 162 3.80 22.46 -33.66
C GLU H 162 4.49 21.22 -34.19
N PRO H 163 5.67 21.37 -34.82
CA PRO H 163 6.44 22.57 -35.11
C PRO H 163 6.40 22.93 -36.60
N VAL H 164 7.10 24.01 -36.96
CA VAL H 164 7.22 24.44 -38.35
C VAL H 164 8.67 24.77 -38.68
N THR H 165 9.16 24.25 -39.81
CA THR H 165 10.54 24.53 -40.21
C THR H 165 10.59 25.55 -41.33
N VAL H 166 11.26 26.67 -41.07
CA VAL H 166 11.33 27.76 -42.05
C VAL H 166 12.76 28.01 -42.52
N SER H 167 12.96 28.00 -43.83
CA SER H 167 14.27 28.29 -44.41
C SER H 167 14.20 29.49 -45.37
N TRP H 168 15.35 29.94 -45.83
CA TRP H 168 15.41 31.08 -46.75
C TRP H 168 16.24 30.76 -47.99
N ASN H 169 15.69 31.08 -49.16
CA ASN H 169 16.32 30.76 -50.43
C ASN H 169 16.71 29.29 -50.56
N SER H 170 15.82 28.42 -50.09
CA SER H 170 16.04 26.98 -50.08
C SER H 170 17.25 26.54 -49.26
N GLY H 171 17.74 27.44 -48.40
CA GLY H 171 18.87 27.13 -47.55
C GLY H 171 20.08 27.98 -47.87
N ALA H 172 19.98 28.74 -48.96
CA ALA H 172 21.10 29.56 -49.42
C ALA H 172 21.10 30.95 -48.78
N LEU H 173 20.52 31.04 -47.58
CA LEU H 173 20.48 32.28 -46.83
C LEU H 173 20.41 31.98 -45.33
N THR H 174 21.50 32.26 -44.63
CA THR H 174 21.58 31.94 -43.20
C THR H 174 21.98 33.15 -42.35
N SER H 175 22.70 34.08 -42.96
CA SER H 175 23.20 35.25 -42.25
C SER H 175 22.12 36.31 -41.97
N GLY H 176 21.87 36.57 -40.70
CA GLY H 176 20.90 37.58 -40.31
C GLY H 176 19.49 37.07 -40.21
N VAL H 177 19.34 35.75 -40.20
CA VAL H 177 18.02 35.12 -40.16
C VAL H 177 17.56 34.83 -38.73
N HIS H 178 16.37 35.32 -38.40
CA HIS H 178 15.78 35.04 -37.09
C HIS H 178 14.39 34.44 -37.27
N THR H 179 14.22 33.20 -36.80
CA THR H 179 12.93 32.53 -36.83
C THR H 179 12.39 32.42 -35.41
N PHE H 180 11.46 33.30 -35.07
CA PHE H 180 10.97 33.40 -33.70
C PHE H 180 10.16 32.16 -33.27
N PRO H 181 10.20 31.84 -31.98
CA PRO H 181 9.40 30.77 -31.39
C PRO H 181 7.92 31.06 -31.58
N ALA H 182 7.13 30.01 -31.80
CA ALA H 182 5.71 30.19 -32.06
C ALA H 182 4.93 30.54 -30.80
N VAL H 183 4.00 31.46 -30.94
CA VAL H 183 3.12 31.85 -29.85
C VAL H 183 1.75 31.21 -30.06
N LEU H 184 1.14 30.76 -28.97
CA LEU H 184 -0.17 30.11 -29.04
C LEU H 184 -1.28 31.14 -28.94
N GLN H 185 -2.02 31.33 -30.03
CA GLN H 185 -3.10 32.29 -30.08
C GLN H 185 -4.32 31.80 -29.33
N SER H 186 -5.28 32.68 -29.12
CA SER H 186 -6.50 32.35 -28.38
C SER H 186 -7.40 31.40 -29.17
N SER H 187 -7.19 31.33 -30.47
CA SER H 187 -7.98 30.45 -31.34
C SER H 187 -7.58 29.00 -31.15
N GLY H 188 -6.40 28.77 -30.56
CA GLY H 188 -5.89 27.44 -30.37
C GLY H 188 -4.87 27.07 -31.43
N LEU H 189 -4.63 28.00 -32.34
CA LEU H 189 -3.67 27.81 -33.42
C LEU H 189 -2.37 28.56 -33.14
N TYR H 190 -1.24 27.98 -33.56
CA TYR H 190 0.06 28.62 -33.34
C TYR H 190 0.36 29.63 -34.44
N SER H 191 1.37 30.46 -34.19
CA SER H 191 1.80 31.47 -35.15
C SER H 191 3.21 31.97 -34.83
N LEU H 192 4.05 32.07 -35.85
CA LEU H 192 5.41 32.59 -35.68
C LEU H 192 5.78 33.52 -36.82
N SER H 193 6.96 34.13 -36.73
CA SER H 193 7.45 35.02 -37.77
C SER H 193 8.91 34.73 -38.10
N SER H 194 9.26 34.83 -39.38
CA SER H 194 10.65 34.60 -39.79
C SER H 194 11.20 35.80 -40.56
N VAL H 195 12.15 36.51 -39.94
CA VAL H 195 12.71 37.72 -40.53
C VAL H 195 14.17 37.55 -40.97
N VAL H 196 14.60 38.44 -41.86
CA VAL H 196 15.98 38.48 -42.31
C VAL H 196 16.35 39.90 -42.76
N THR H 197 17.57 40.32 -42.40
CA THR H 197 18.08 41.63 -42.77
C THR H 197 19.11 41.55 -43.88
N VAL H 198 18.92 42.31 -44.95
CA VAL H 198 19.84 42.31 -46.08
C VAL H 198 20.12 43.72 -46.52
N PRO H 199 21.33 43.97 -47.09
CA PRO H 199 21.70 45.30 -47.59
C PRO H 199 20.63 45.91 -48.49
N SER H 200 20.34 47.19 -48.29
CA SER H 200 19.28 47.87 -49.03
C SER H 200 19.59 48.01 -50.51
N SER H 201 20.87 47.85 -50.87
CA SER H 201 21.28 47.97 -52.26
C SER H 201 21.03 46.65 -52.99
N SER H 202 20.58 45.64 -52.25
CA SER H 202 20.36 44.32 -52.82
C SER H 202 18.88 43.93 -52.81
N LEU H 203 17.99 44.91 -52.66
CA LEU H 203 16.55 44.62 -52.64
C LEU H 203 15.97 44.37 -54.02
N GLY H 204 16.46 45.10 -55.02
CA GLY H 204 15.93 45.00 -56.36
C GLY H 204 16.78 44.11 -57.25
N THR H 205 17.72 43.39 -56.64
CA THR H 205 18.61 42.53 -57.40
C THR H 205 18.52 41.07 -56.96
N GLN H 206 18.51 40.85 -55.64
CA GLN H 206 18.49 39.50 -55.11
C GLN H 206 17.05 39.06 -54.86
N THR H 207 16.76 37.80 -55.18
CA THR H 207 15.42 37.23 -54.96
C THR H 207 15.33 36.60 -53.57
N TYR H 208 14.42 37.12 -52.74
CA TYR H 208 14.25 36.59 -51.39
C TYR H 208 12.93 35.84 -51.24
N ILE H 209 13.05 34.52 -51.09
CA ILE H 209 11.88 33.66 -50.88
C ILE H 209 12.00 32.87 -49.58
N CYS H 210 10.89 32.73 -48.85
CA CYS H 210 10.88 31.92 -47.64
C CYS H 210 10.17 30.60 -47.83
N ASN H 211 10.79 29.52 -47.32
CA ASN H 211 10.23 28.18 -47.43
C ASN H 211 9.68 27.70 -46.10
N VAL H 212 8.36 27.60 -46.02
CA VAL H 212 7.68 27.15 -44.82
C VAL H 212 7.24 25.70 -44.96
N ASN H 213 7.80 24.82 -44.15
CA ASN H 213 7.46 23.41 -44.19
C ASN H 213 6.75 23.01 -42.90
N HIS H 214 5.54 22.47 -43.05
CA HIS H 214 4.76 22.00 -41.92
C HIS H 214 4.48 20.50 -42.06
N LYS H 215 5.28 19.69 -41.38
CA LYS H 215 5.20 18.23 -41.47
C LYS H 215 3.83 17.60 -41.16
N PRO H 216 3.21 17.94 -40.01
CA PRO H 216 1.94 17.30 -39.64
C PRO H 216 0.80 17.51 -40.65
N SER H 217 0.72 18.69 -41.25
CA SER H 217 -0.36 18.99 -42.20
C SER H 217 0.04 18.66 -43.63
N ASN H 218 1.27 18.19 -43.81
CA ASN H 218 1.81 17.84 -45.12
C ASN H 218 1.71 19.04 -46.06
N THR H 219 2.22 20.17 -45.62
CA THR H 219 2.14 21.41 -46.37
C THR H 219 3.52 22.06 -46.55
N LYS H 220 3.79 22.53 -47.76
CA LYS H 220 5.01 23.26 -48.05
C LYS H 220 4.72 24.49 -48.90
N VAL H 221 5.15 25.66 -48.43
CA VAL H 221 4.90 26.89 -49.16
C VAL H 221 6.20 27.64 -49.44
N ASP H 222 6.45 27.95 -50.70
CA ASP H 222 7.61 28.74 -51.07
C ASP H 222 7.11 30.13 -51.45
N LYS H 223 7.05 31.02 -50.47
CA LYS H 223 6.46 32.33 -50.68
C LYS H 223 7.54 33.36 -51.04
N LYS H 224 7.35 34.08 -52.15
CA LYS H 224 8.32 35.09 -52.58
C LYS H 224 8.01 36.47 -51.98
N VAL H 225 9.01 37.06 -51.31
CA VAL H 225 8.83 38.38 -50.72
C VAL H 225 9.57 39.47 -51.49
N GLU H 226 8.82 40.47 -51.92
CA GLU H 226 9.35 41.58 -52.71
C GLU H 226 8.73 42.91 -52.29
N PRO H 227 9.43 44.03 -52.51
CA PRO H 227 8.94 45.35 -52.10
C PRO H 227 7.56 45.67 -52.68
N LYS H 228 6.80 46.52 -51.98
CA LYS H 228 5.46 46.87 -52.44
C LYS H 228 5.48 48.02 -53.45
N GLU I 1 -32.74 8.69 13.89
CA GLU I 1 -32.20 10.00 14.25
C GLU I 1 -33.20 11.11 14.00
N ILE I 2 -33.37 11.98 14.97
CA ILE I 2 -34.24 13.15 14.82
C ILE I 2 -33.49 14.34 14.25
N VAL I 3 -33.88 14.77 13.06
CA VAL I 3 -33.21 15.89 12.39
C VAL I 3 -34.00 17.17 12.59
N LEU I 4 -33.37 18.17 13.19
CA LEU I 4 -33.99 19.47 13.44
C LEU I 4 -33.66 20.46 12.34
N THR I 5 -34.69 21.09 11.81
CA THR I 5 -34.53 22.10 10.77
C THR I 5 -34.91 23.47 11.30
N GLN I 6 -33.93 24.35 11.38
CA GLN I 6 -34.20 25.69 11.88
C GLN I 6 -34.63 26.52 10.68
N SER I 7 -35.45 27.52 10.94
CA SER I 7 -35.88 28.44 9.92
C SER I 7 -36.04 29.81 10.57
N PRO I 8 -35.72 30.88 9.83
CA PRO I 8 -35.13 30.80 8.49
C PRO I 8 -33.62 30.69 8.59
N GLY I 9 -32.93 30.71 7.44
CA GLY I 9 -31.49 30.55 7.42
C GLY I 9 -30.80 31.70 8.12
N THR I 10 -30.75 32.84 7.45
CA THR I 10 -30.14 34.06 7.97
C THR I 10 -31.26 35.06 8.32
N GLN I 11 -30.98 35.97 9.24
CA GLN I 11 -31.97 36.90 9.80
C GLN I 11 -31.46 38.34 9.73
N SER I 12 -32.22 39.20 9.07
CA SER I 12 -31.83 40.61 8.92
C SER I 12 -32.74 41.55 9.72
N LEU I 13 -32.36 41.86 10.96
CA LEU I 13 -33.21 42.72 11.79
C LEU I 13 -32.49 43.93 12.38
N SER I 14 -33.26 44.91 12.82
CA SER I 14 -32.71 46.14 13.39
C SER I 14 -32.70 46.08 14.91
N PRO I 15 -31.77 46.83 15.54
CA PRO I 15 -31.67 46.89 17.01
C PRO I 15 -32.95 47.39 17.69
N GLY I 16 -33.65 46.49 18.35
CA GLY I 16 -34.89 46.83 19.04
C GLY I 16 -36.07 46.04 18.51
N GLU I 17 -35.88 45.41 17.37
CA GLU I 17 -36.93 44.62 16.73
C GLU I 17 -37.20 43.31 17.44
N ARG I 18 -38.39 42.74 17.21
CA ARG I 18 -38.77 41.46 17.80
C ARG I 18 -38.36 40.31 16.89
N ALA I 19 -37.51 39.43 17.41
CA ALA I 19 -36.98 38.30 16.64
C ALA I 19 -37.67 36.98 16.96
N THR I 20 -38.23 36.33 15.95
CA THR I 20 -38.86 35.02 16.15
C THR I 20 -38.18 33.94 15.33
N LEU I 21 -37.43 33.07 16.00
CA LEU I 21 -36.69 32.01 15.34
C LEU I 21 -37.42 30.68 15.51
N SER I 22 -37.55 29.94 14.41
CA SER I 22 -38.33 28.71 14.40
C SER I 22 -37.47 27.44 14.30
N CYS I 23 -37.93 26.38 14.95
CA CYS I 23 -37.26 25.08 14.90
C CYS I 23 -38.31 24.01 14.68
N ARG I 24 -38.18 23.31 13.56
CA ARG I 24 -39.13 22.26 13.18
C ARG I 24 -38.47 20.90 13.33
N ALA I 25 -39.16 20.00 14.04
CA ALA I 25 -38.61 18.67 14.30
C ALA I 25 -39.04 17.67 13.25
N SER I 26 -38.20 16.66 13.04
CA SER I 26 -38.49 15.60 12.09
C SER I 26 -39.63 14.74 12.62
N GLN I 27 -39.68 14.61 13.95
CA GLN I 27 -40.74 13.87 14.62
C GLN I 27 -40.92 14.42 16.03
N SER I 28 -42.02 14.05 16.67
CA SER I 28 -42.37 14.56 17.99
C SER I 28 -41.28 14.40 19.04
N VAL I 29 -40.67 15.53 19.41
CA VAL I 29 -39.65 15.59 20.45
C VAL I 29 -40.25 15.13 21.77
N GLY I 30 -39.91 13.90 22.17
CA GLY I 30 -40.50 13.32 23.36
C GLY I 30 -40.26 14.11 24.62
N ASN I 31 -41.35 14.34 25.35
CA ASN I 31 -41.39 15.05 26.62
C ASN I 31 -40.98 16.52 26.51
N ASN I 32 -41.06 17.08 25.30
CA ASN I 32 -40.70 18.49 25.06
C ASN I 32 -39.35 18.91 25.63
N LYS I 33 -38.31 18.21 25.19
CA LYS I 33 -36.96 18.50 25.65
C LYS I 33 -36.15 19.13 24.54
N LEU I 34 -36.53 20.37 24.20
CA LEU I 34 -35.86 21.17 23.19
C LEU I 34 -35.14 22.33 23.87
N ALA I 35 -33.93 22.62 23.40
CA ALA I 35 -33.10 23.64 24.01
C ALA I 35 -32.53 24.65 23.02
N TRP I 36 -32.56 25.93 23.40
CA TRP I 36 -32.02 27.01 22.58
C TRP I 36 -30.72 27.54 23.17
N TYR I 37 -29.67 27.54 22.38
CA TYR I 37 -28.36 28.06 22.77
C TYR I 37 -27.98 29.27 21.91
N GLN I 38 -27.21 30.19 22.49
CA GLN I 38 -26.69 31.30 21.72
C GLN I 38 -25.16 31.21 21.67
N GLN I 39 -24.60 31.43 20.50
CA GLN I 39 -23.16 31.43 20.33
C GLN I 39 -22.64 32.61 19.52
N ARG I 40 -21.75 33.38 20.13
CA ARG I 40 -21.07 34.46 19.43
C ARG I 40 -19.84 33.82 18.77
N PRO I 41 -19.10 34.60 17.97
CA PRO I 41 -17.87 34.03 17.41
C PRO I 41 -16.78 33.87 18.45
N GLY I 42 -16.18 32.69 18.50
CA GLY I 42 -15.08 32.39 19.41
C GLY I 42 -15.52 32.04 20.82
N GLN I 43 -16.76 32.36 21.16
CA GLN I 43 -17.23 32.10 22.50
C GLN I 43 -17.87 30.72 22.55
N ALA I 44 -17.92 30.14 23.73
CA ALA I 44 -18.55 28.84 23.90
C ALA I 44 -20.04 29.08 23.84
N PRO I 45 -20.81 28.15 23.25
CA PRO I 45 -22.25 28.42 23.17
C PRO I 45 -22.84 28.64 24.57
N ARG I 46 -23.89 29.44 24.67
CA ARG I 46 -24.51 29.71 25.96
C ARG I 46 -25.97 29.30 25.97
N LEU I 47 -26.39 28.57 27.00
CA LEU I 47 -27.77 28.09 27.09
C LEU I 47 -28.78 29.19 27.39
N LEU I 48 -29.75 29.34 26.50
CA LEU I 48 -30.81 30.32 26.66
C LEU I 48 -32.09 29.68 27.19
N ILE I 49 -32.53 28.60 26.54
CA ILE I 49 -33.79 27.95 26.91
C ILE I 49 -33.63 26.44 27.04
N TYR I 50 -34.26 25.86 28.06
CA TYR I 50 -34.30 24.41 28.21
C TYR I 50 -35.73 23.95 28.46
N GLY I 51 -36.02 22.70 28.11
CA GLY I 51 -37.36 22.15 28.29
C GLY I 51 -38.41 22.87 27.46
N ALA I 52 -38.01 23.30 26.26
CA ALA I 52 -38.89 23.94 25.29
C ALA I 52 -39.41 25.33 25.69
N SER I 53 -39.51 25.60 26.98
CA SER I 53 -40.07 26.87 27.44
C SER I 53 -39.40 27.45 28.70
N SER I 54 -38.76 26.58 29.48
CA SER I 54 -38.14 27.03 30.73
C SER I 54 -36.84 27.81 30.52
N ARG I 55 -36.66 28.85 31.31
CA ARG I 55 -35.46 29.69 31.23
C ARG I 55 -34.64 29.64 32.52
N PRO I 56 -33.33 29.34 32.38
CA PRO I 56 -32.40 29.28 33.52
C PRO I 56 -32.21 30.64 34.18
N SER I 57 -31.69 30.66 35.40
CA SER I 57 -31.40 31.89 36.12
C SER I 57 -30.18 32.57 35.52
N GLY I 58 -30.20 33.90 35.47
CA GLY I 58 -29.10 34.66 34.91
C GLY I 58 -29.33 35.03 33.46
N VAL I 59 -30.26 34.31 32.82
CA VAL I 59 -30.61 34.57 31.43
C VAL I 59 -31.64 35.69 31.35
N ALA I 60 -31.40 36.65 30.46
CA ALA I 60 -32.32 37.78 30.30
C ALA I 60 -33.73 37.31 29.94
N ASP I 61 -34.74 37.97 30.52
CA ASP I 61 -36.12 37.55 30.35
C ASP I 61 -36.74 38.01 29.03
N ARG I 62 -35.92 38.59 28.14
CA ARG I 62 -36.40 38.98 26.82
C ARG I 62 -36.44 37.79 25.89
N PHE I 63 -35.75 36.73 26.29
CA PHE I 63 -35.77 35.47 25.57
C PHE I 63 -36.91 34.61 26.10
N SER I 64 -37.61 33.91 25.21
CA SER I 64 -38.69 33.03 25.64
C SER I 64 -38.94 31.90 24.66
N GLY I 65 -38.94 30.67 25.17
CA GLY I 65 -39.19 29.50 24.33
C GLY I 65 -40.64 29.08 24.39
N SER I 66 -41.15 28.59 23.26
CA SER I 66 -42.54 28.15 23.18
C SER I 66 -42.67 27.00 22.18
N GLY I 67 -43.86 26.44 22.09
CA GLY I 67 -44.12 25.38 21.13
C GLY I 67 -43.99 23.98 21.69
N SER I 68 -44.46 23.00 20.91
CA SER I 68 -44.41 21.60 21.30
C SER I 68 -44.54 20.67 20.10
N GLY I 69 -44.30 19.39 20.36
CA GLY I 69 -44.42 18.36 19.34
C GLY I 69 -43.29 18.47 18.34
N THR I 70 -43.59 19.16 17.24
CA THR I 70 -42.62 19.35 16.18
C THR I 70 -42.31 20.83 15.96
N ASP I 71 -43.20 21.71 16.43
CA ASP I 71 -42.95 23.14 16.24
C ASP I 71 -42.47 23.84 17.51
N PHE I 72 -41.28 24.42 17.45
CA PHE I 72 -40.76 25.17 18.58
C PHE I 72 -40.32 26.56 18.14
N THR I 73 -40.39 27.53 19.05
CA THR I 73 -40.09 28.92 18.69
C THR I 73 -39.40 29.68 19.81
N LEU I 74 -38.25 30.25 19.49
CA LEU I 74 -37.54 31.13 20.41
C LEU I 74 -37.82 32.58 20.04
N THR I 75 -38.23 33.37 21.03
CA THR I 75 -38.62 34.75 20.78
C THR I 75 -37.82 35.75 21.63
N ILE I 76 -37.16 36.68 20.94
CA ILE I 76 -36.47 37.79 21.59
C ILE I 76 -37.27 39.07 21.40
N SER I 77 -37.89 39.52 22.49
CA SER I 77 -38.77 40.69 22.47
C SER I 77 -38.05 41.98 22.07
N ARG I 78 -36.80 42.11 22.51
CA ARG I 78 -36.00 43.29 22.19
C ARG I 78 -34.55 42.95 21.87
N LEU I 79 -34.14 43.21 20.63
CA LEU I 79 -32.77 42.94 20.23
C LEU I 79 -31.84 44.03 20.77
N GLU I 80 -30.75 43.60 21.39
CA GLU I 80 -29.72 44.52 21.87
C GLU I 80 -28.39 44.05 21.27
N PRO I 81 -27.44 44.98 21.03
CA PRO I 81 -26.19 44.70 20.29
C PRO I 81 -25.54 43.34 20.59
N GLU I 82 -25.74 42.84 21.80
CA GLU I 82 -25.23 41.53 22.23
C GLU I 82 -26.11 40.41 21.67
N ASP I 83 -27.41 40.65 21.54
CA ASP I 83 -28.31 39.58 21.09
C ASP I 83 -28.14 39.12 19.63
N PHE I 84 -27.25 39.79 18.88
CA PHE I 84 -26.94 39.39 17.50
C PHE I 84 -25.84 38.34 17.41
N ALA I 85 -26.23 37.08 17.25
CA ALA I 85 -25.26 35.99 17.16
C ALA I 85 -25.88 34.81 16.43
N VAL I 86 -25.42 33.59 16.73
CA VAL I 86 -25.98 32.41 16.08
C VAL I 86 -26.77 31.61 17.11
N TYR I 87 -27.95 31.13 16.74
CA TYR I 87 -28.79 30.42 17.70
C TYR I 87 -29.01 28.99 17.25
N TYR I 88 -28.74 28.04 18.14
CA TYR I 88 -28.91 26.63 17.83
C TYR I 88 -30.03 26.00 18.65
N CYS I 89 -30.73 25.05 18.06
CA CYS I 89 -31.73 24.29 18.80
C CYS I 89 -31.30 22.83 18.88
N GLN I 90 -31.56 22.20 20.02
CA GLN I 90 -31.10 20.84 20.28
C GLN I 90 -32.15 20.03 21.01
N GLN I 91 -32.51 18.87 20.44
CA GLN I 91 -33.43 17.94 21.10
C GLN I 91 -32.68 16.94 21.95
N TYR I 92 -33.19 16.68 23.15
CA TYR I 92 -32.55 15.74 24.06
C TYR I 92 -33.54 14.82 24.78
N GLY I 93 -34.63 14.49 24.10
CA GLY I 93 -35.62 13.59 24.66
C GLY I 93 -35.42 12.16 24.18
N GLN I 94 -34.42 11.96 23.33
CA GLN I 94 -34.08 10.63 22.81
C GLN I 94 -32.67 10.26 23.25
N SER I 95 -32.29 9.01 23.04
CA SER I 95 -30.93 8.56 23.37
C SER I 95 -29.88 9.36 22.60
N LEU I 96 -30.04 9.45 21.28
CA LEU I 96 -29.19 10.30 20.47
C LEU I 96 -29.71 11.73 20.54
N SER I 97 -28.80 12.68 20.75
CA SER I 97 -29.16 14.09 20.78
C SER I 97 -28.60 14.75 19.53
N THR I 98 -29.39 15.65 18.94
CA THR I 98 -28.98 16.33 17.72
C THR I 98 -29.25 17.82 17.74
N PHE I 99 -28.34 18.59 17.15
CA PHE I 99 -28.50 20.03 17.05
C PHE I 99 -29.10 20.41 15.71
N GLY I 100 -29.37 21.70 15.55
CA GLY I 100 -29.77 22.25 14.27
C GLY I 100 -28.54 22.65 13.50
N GLN I 101 -28.71 23.53 12.52
CA GLN I 101 -27.57 24.04 11.75
C GLN I 101 -27.33 25.50 12.10
N GLY I 102 -28.14 26.04 12.99
CA GLY I 102 -27.95 27.39 13.48
C GLY I 102 -28.72 28.43 12.71
N THR I 103 -28.90 29.60 13.32
CA THR I 103 -29.58 30.72 12.66
C THR I 103 -28.89 32.02 13.05
N LYS I 104 -28.20 32.63 12.08
CA LYS I 104 -27.46 33.87 12.33
C LYS I 104 -28.36 35.10 12.32
N VAL I 105 -28.37 35.85 13.41
CA VAL I 105 -29.13 37.08 13.50
C VAL I 105 -28.19 38.27 13.29
N GLU I 106 -28.34 38.92 12.15
CA GLU I 106 -27.50 40.04 11.74
C GLU I 106 -28.27 41.35 11.83
N VAL I 107 -27.53 42.45 11.84
CA VAL I 107 -28.13 43.77 11.84
C VAL I 107 -28.57 44.14 10.44
N LYS I 108 -29.79 44.62 10.33
CA LYS I 108 -30.29 45.06 9.04
C LYS I 108 -30.08 46.56 8.85
N ARG I 109 -29.26 46.87 7.85
CA ARG I 109 -28.93 48.23 7.47
C ARG I 109 -29.22 48.53 6.00
N THR I 110 -28.97 49.76 5.60
CA THR I 110 -29.17 50.19 4.22
C THR I 110 -28.13 49.54 3.31
N VAL I 111 -28.56 49.16 2.11
CA VAL I 111 -27.70 48.45 1.16
C VAL I 111 -26.45 49.27 0.80
N ALA I 112 -25.27 48.66 0.96
CA ALA I 112 -24.01 49.34 0.66
C ALA I 112 -23.16 48.59 -0.35
N ALA I 113 -22.75 49.30 -1.40
CA ALA I 113 -21.89 48.74 -2.45
C ALA I 113 -20.48 48.49 -1.93
N PRO I 114 -19.86 47.38 -2.38
CA PRO I 114 -18.51 47.01 -1.90
C PRO I 114 -17.42 47.90 -2.50
N SER I 115 -16.46 48.29 -1.68
CA SER I 115 -15.30 49.02 -2.16
C SER I 115 -14.29 48.04 -2.72
N VAL I 116 -14.22 47.94 -4.05
CA VAL I 116 -13.39 46.93 -4.69
C VAL I 116 -11.97 47.43 -4.93
N PHE I 117 -11.00 46.63 -4.51
CA PHE I 117 -9.60 46.91 -4.74
C PHE I 117 -8.94 45.68 -5.34
N ILE I 118 -7.79 45.86 -5.96
CA ILE I 118 -7.04 44.74 -6.50
C ILE I 118 -5.54 44.92 -6.28
N PHE I 119 -4.89 43.85 -5.81
CA PHE I 119 -3.47 43.89 -5.51
C PHE I 119 -2.71 42.82 -6.28
N PRO I 120 -1.73 43.25 -7.10
CA PRO I 120 -0.81 42.35 -7.81
C PRO I 120 0.10 41.63 -6.81
N PRO I 121 0.66 40.47 -7.19
CA PRO I 121 1.58 39.74 -6.32
C PRO I 121 2.85 40.54 -6.02
N SER I 122 3.42 40.35 -4.84
CA SER I 122 4.61 41.08 -4.42
C SER I 122 5.84 40.71 -5.25
N ASP I 123 6.79 41.64 -5.33
CA ASP I 123 8.06 41.39 -6.02
C ASP I 123 8.86 40.32 -5.27
N GLU I 124 8.79 40.40 -3.94
CA GLU I 124 9.44 39.41 -3.08
C GLU I 124 8.80 38.06 -3.28
N GLN I 125 7.47 38.06 -3.39
CA GLN I 125 6.71 36.83 -3.57
C GLN I 125 7.03 36.19 -4.92
N LEU I 126 7.18 37.02 -5.95
CA LEU I 126 7.56 36.52 -7.26
C LEU I 126 8.98 35.95 -7.20
N LYS I 127 9.82 36.57 -6.39
CA LYS I 127 11.19 36.10 -6.21
C LYS I 127 11.24 34.95 -5.20
N SER I 128 10.07 34.52 -4.74
CA SER I 128 9.98 33.36 -3.86
C SER I 128 9.50 32.14 -4.64
N GLY I 129 8.88 32.39 -5.79
CA GLY I 129 8.45 31.32 -6.68
C GLY I 129 6.95 31.22 -6.89
N THR I 130 6.17 31.88 -6.04
CA THR I 130 4.72 31.80 -6.13
C THR I 130 4.05 33.17 -6.23
N ALA I 131 2.93 33.24 -6.93
CA ALA I 131 2.21 34.49 -7.12
C ALA I 131 0.77 34.41 -6.60
N SER I 132 0.31 35.49 -5.99
CA SER I 132 -1.04 35.53 -5.44
C SER I 132 -1.68 36.90 -5.65
N VAL I 133 -2.71 36.93 -6.50
CA VAL I 133 -3.44 38.16 -6.76
C VAL I 133 -4.58 38.28 -5.76
N VAL I 134 -4.75 39.47 -5.19
CA VAL I 134 -5.75 39.65 -4.12
C VAL I 134 -6.85 40.67 -4.45
N CYS I 135 -8.09 40.20 -4.53
CA CYS I 135 -9.21 41.11 -4.73
C CYS I 135 -9.89 41.36 -3.39
N LEU I 136 -10.01 42.64 -3.05
CA LEU I 136 -10.56 43.05 -1.76
C LEU I 136 -11.92 43.72 -1.92
N LEU I 137 -12.89 43.24 -1.16
CA LEU I 137 -14.23 43.83 -1.12
C LEU I 137 -14.47 44.46 0.25
N ASN I 138 -14.38 45.79 0.31
CA ASN I 138 -14.41 46.49 1.59
C ASN I 138 -15.76 47.12 1.97
N ASN I 139 -16.24 46.76 3.16
CA ASN I 139 -17.46 47.31 3.74
C ASN I 139 -18.71 47.31 2.85
N PHE I 140 -19.47 46.22 2.90
CA PHE I 140 -20.70 46.12 2.10
C PHE I 140 -21.81 45.35 2.81
N TYR I 141 -23.04 45.61 2.39
CA TYR I 141 -24.20 44.87 2.88
C TYR I 141 -25.24 44.73 1.77
N PRO I 142 -25.86 43.54 1.66
CA PRO I 142 -25.63 42.37 2.50
C PRO I 142 -24.39 41.57 2.10
N ARG I 143 -24.20 40.42 2.75
CA ARG I 143 -23.07 39.53 2.50
C ARG I 143 -23.03 39.02 1.06
N GLU I 144 -24.20 38.75 0.50
CA GLU I 144 -24.34 38.14 -0.82
C GLU I 144 -23.56 38.86 -1.92
N ALA I 145 -22.33 38.43 -2.15
CA ALA I 145 -21.49 38.97 -3.22
C ALA I 145 -20.72 37.86 -3.94
N LYS I 146 -20.73 37.88 -5.27
CA LYS I 146 -20.05 36.86 -6.05
C LYS I 146 -18.85 37.45 -6.79
N VAL I 147 -17.72 36.77 -6.65
CA VAL I 147 -16.45 37.16 -7.25
C VAL I 147 -16.00 36.13 -8.28
N GLN I 148 -15.75 36.56 -9.51
CA GLN I 148 -15.28 35.63 -10.52
C GLN I 148 -13.86 36.03 -10.77
N TRP I 149 -13.15 35.25 -11.56
CA TRP I 149 -11.77 35.60 -11.77
C TRP I 149 -11.42 35.58 -13.26
N LYS I 150 -10.89 36.67 -13.78
CA LYS I 150 -10.56 36.70 -15.21
C LYS I 150 -9.11 37.04 -15.53
N VAL I 151 -8.39 36.06 -16.06
CA VAL I 151 -7.03 36.25 -16.51
C VAL I 151 -7.00 36.15 -18.04
N ASP I 152 -6.56 37.21 -18.71
CA ASP I 152 -6.64 37.30 -20.18
C ASP I 152 -8.07 37.08 -20.67
N ASN I 153 -9.02 37.65 -19.94
CA ASN I 153 -10.44 37.52 -20.21
C ASN I 153 -10.95 36.08 -20.29
N ALA I 154 -10.52 35.24 -19.36
CA ALA I 154 -10.99 33.86 -19.31
C ALA I 154 -11.26 33.44 -17.86
N LEU I 155 -12.51 33.10 -17.57
CA LEU I 155 -12.90 32.74 -16.21
C LEU I 155 -12.18 31.51 -15.64
N GLN I 156 -11.13 31.75 -14.87
CA GLN I 156 -10.39 30.69 -14.18
C GLN I 156 -11.12 30.16 -12.94
N SER I 157 -11.11 28.84 -12.80
CA SER I 157 -11.76 28.17 -11.68
C SER I 157 -10.92 26.96 -11.29
N GLY I 158 -10.95 26.64 -10.00
CA GLY I 158 -10.19 25.53 -9.45
C GLY I 158 -9.28 26.14 -8.39
N ASN I 159 -8.61 27.23 -8.73
CA ASN I 159 -7.80 27.97 -7.74
C ASN I 159 -8.63 29.07 -7.05
N SER I 160 -7.94 29.96 -6.31
CA SER I 160 -8.58 31.08 -5.59
C SER I 160 -9.55 30.72 -4.46
N GLN I 161 -9.20 31.16 -3.24
CA GLN I 161 -10.06 30.97 -2.08
C GLN I 161 -10.49 32.33 -1.54
N GLU I 162 -11.63 32.36 -0.86
CA GLU I 162 -12.15 33.61 -0.31
C GLU I 162 -12.54 33.49 1.17
N SER I 163 -12.41 34.60 1.89
CA SER I 163 -12.78 34.64 3.30
C SER I 163 -13.50 35.95 3.65
N VAL I 164 -14.55 35.85 4.46
CA VAL I 164 -15.35 37.01 4.82
C VAL I 164 -15.30 37.31 6.32
N THR I 165 -15.02 38.56 6.66
CA THR I 165 -15.00 38.99 8.04
C THR I 165 -16.41 38.93 8.62
N GLU I 166 -16.50 38.88 9.95
CA GLU I 166 -17.79 38.94 10.64
C GLU I 166 -18.42 40.31 10.45
N GLN I 167 -19.74 40.38 10.66
CA GLN I 167 -20.44 41.64 10.52
C GLN I 167 -19.84 42.65 11.48
N ASP I 168 -19.43 43.80 10.95
CA ASP I 168 -18.75 44.81 11.74
C ASP I 168 -19.63 45.28 12.89
N SER I 169 -18.99 45.60 14.01
CA SER I 169 -19.71 46.02 15.21
C SER I 169 -20.04 47.50 15.19
N LYS I 170 -19.57 48.20 14.16
CA LYS I 170 -19.78 49.63 14.05
C LYS I 170 -20.74 49.99 12.91
N ASP I 171 -20.42 49.53 11.70
CA ASP I 171 -21.23 49.88 10.53
C ASP I 171 -22.06 48.72 9.99
N SER I 172 -21.90 47.55 10.59
CA SER I 172 -22.65 46.35 10.23
C SER I 172 -22.48 45.97 8.75
N THR I 173 -21.26 46.09 8.26
CA THR I 173 -20.94 45.72 6.88
C THR I 173 -19.93 44.57 6.83
N TYR I 174 -20.06 43.71 5.83
CA TYR I 174 -19.13 42.60 5.66
C TYR I 174 -17.97 42.99 4.76
N SER I 175 -16.86 42.29 4.88
CA SER I 175 -15.70 42.51 4.01
C SER I 175 -15.14 41.19 3.52
N LEU I 176 -14.99 41.06 2.20
CA LEU I 176 -14.52 39.82 1.59
C LEU I 176 -13.10 39.96 1.06
N SER I 177 -12.33 38.87 1.09
CA SER I 177 -11.00 38.87 0.51
C SER I 177 -10.82 37.59 -0.28
N SER I 178 -10.58 37.71 -1.58
CA SER I 178 -10.37 36.52 -2.40
C SER I 178 -8.94 36.51 -2.96
N THR I 179 -8.27 35.37 -2.87
CA THR I 179 -6.87 35.26 -3.26
C THR I 179 -6.60 34.19 -4.34
N LEU I 180 -6.47 34.66 -5.57
CA LEU I 180 -6.14 33.81 -6.72
C LEU I 180 -4.67 33.40 -6.66
N THR I 181 -4.42 32.09 -6.64
CA THR I 181 -3.06 31.58 -6.49
C THR I 181 -2.54 30.90 -7.77
N LEU I 182 -1.40 31.40 -8.25
CA LEU I 182 -0.73 30.83 -9.41
C LEU I 182 0.77 30.68 -9.11
N SER I 183 1.47 29.95 -9.96
CA SER I 183 2.92 29.89 -9.86
C SER I 183 3.50 31.05 -10.66
N LYS I 184 4.78 31.36 -10.44
CA LYS I 184 5.43 32.48 -11.14
C LYS I 184 5.46 32.24 -12.65
N ALA I 185 5.67 30.99 -13.01
CA ALA I 185 5.72 30.59 -14.40
C ALA I 185 4.36 30.81 -15.04
N ASP I 186 3.32 30.30 -14.40
CA ASP I 186 1.96 30.48 -14.88
C ASP I 186 1.55 31.95 -14.84
N TYR I 187 2.13 32.71 -13.91
CA TYR I 187 1.80 34.13 -13.77
C TYR I 187 2.40 35.04 -14.84
N GLU I 188 3.61 34.75 -15.29
CA GLU I 188 4.29 35.60 -16.27
C GLU I 188 3.85 35.31 -17.71
N LYS I 189 3.04 34.28 -17.89
CA LYS I 189 2.57 33.89 -19.22
C LYS I 189 1.40 34.76 -19.68
N HIS I 190 0.92 35.65 -18.82
CA HIS I 190 -0.26 36.45 -19.12
C HIS I 190 -0.10 37.92 -18.75
N LYS I 191 -0.98 38.77 -19.28
CA LYS I 191 -0.87 40.21 -19.07
C LYS I 191 -2.08 40.83 -18.39
N VAL I 192 -3.28 40.42 -18.77
CA VAL I 192 -4.48 41.03 -18.20
C VAL I 192 -5.02 40.23 -17.01
N TYR I 193 -4.92 40.80 -15.82
CA TYR I 193 -5.46 40.16 -14.62
C TYR I 193 -6.62 40.96 -14.06
N ALA I 194 -7.78 40.34 -13.97
CA ALA I 194 -9.02 41.04 -13.63
C ALA I 194 -9.87 40.32 -12.60
N CYS I 195 -10.52 41.09 -11.75
CA CYS I 195 -11.45 40.58 -10.75
C CYS I 195 -12.82 41.24 -10.91
N GLU I 196 -13.83 40.41 -11.12
CA GLU I 196 -15.19 40.88 -11.33
C GLU I 196 -16.07 40.65 -10.11
N VAL I 197 -16.66 41.72 -9.60
CA VAL I 197 -17.46 41.65 -8.38
C VAL I 197 -18.93 41.97 -8.67
N THR I 198 -19.81 41.05 -8.29
CA THR I 198 -21.25 41.23 -8.42
C THR I 198 -21.87 41.34 -7.03
N HIS I 199 -22.72 42.32 -6.84
CA HIS I 199 -23.33 42.57 -5.54
C HIS I 199 -24.66 43.29 -5.72
N GLN I 200 -25.48 43.29 -4.67
CA GLN I 200 -26.78 43.95 -4.70
C GLN I 200 -26.65 45.46 -4.96
N GLY I 201 -25.78 46.12 -4.20
CA GLY I 201 -25.62 47.55 -4.31
C GLY I 201 -25.05 48.00 -5.65
N LEU I 202 -24.52 47.05 -6.41
CA LEU I 202 -23.97 47.35 -7.72
C LEU I 202 -24.95 46.95 -8.82
N SER I 203 -24.53 47.13 -10.07
CA SER I 203 -25.38 46.80 -11.21
C SER I 203 -24.53 46.39 -12.41
N PRO I 205 -21.82 44.55 -12.60
CA PRO I 205 -20.56 44.05 -12.03
C PRO I 205 -19.42 45.05 -12.19
N VAL I 206 -18.67 45.27 -11.11
CA VAL I 206 -17.51 46.15 -11.14
C VAL I 206 -16.26 45.31 -11.30
N THR I 207 -15.53 45.54 -12.40
CA THR I 207 -14.33 44.76 -12.68
C THR I 207 -13.06 45.57 -12.49
N LYS I 208 -12.32 45.26 -11.43
CA LYS I 208 -11.06 45.94 -11.19
C LYS I 208 -9.92 45.09 -11.74
N SER I 209 -9.00 45.70 -12.47
CA SER I 209 -7.98 44.93 -13.16
C SER I 209 -6.63 45.65 -13.27
N PHE I 210 -5.62 44.91 -13.68
CA PHE I 210 -4.33 45.48 -14.00
C PHE I 210 -3.61 44.69 -15.10
N ASN I 211 -2.47 45.22 -15.54
CA ASN I 211 -1.64 44.50 -16.49
C ASN I 211 -0.29 44.18 -15.86
N ARG I 212 0.20 42.98 -16.13
CA ARG I 212 1.43 42.48 -15.51
C ARG I 212 2.64 43.35 -15.85
N VAL J 2 -20.13 26.66 38.68
CA VAL J 2 -19.38 25.56 38.07
C VAL J 2 -18.62 26.06 36.84
N GLN J 3 -17.40 25.55 36.64
CA GLN J 3 -16.65 25.86 35.43
C GLN J 3 -15.84 24.67 34.92
N LEU J 4 -15.72 24.55 33.60
CA LEU J 4 -15.00 23.43 33.01
C LEU J 4 -13.79 23.92 32.22
N VAL J 5 -12.59 23.56 32.68
CA VAL J 5 -11.35 23.94 32.03
C VAL J 5 -10.69 22.75 31.31
N GLN J 6 -10.59 22.86 30.00
CA GLN J 6 -10.06 21.77 29.18
C GLN J 6 -8.56 21.89 28.95
N SER J 7 -8.00 20.90 28.27
CA SER J 7 -6.58 20.92 27.91
C SER J 7 -6.33 21.91 26.78
N GLY J 8 -5.07 22.27 26.59
CA GLY J 8 -4.72 23.21 25.53
C GLY J 8 -4.87 22.55 24.17
N ALA J 9 -4.80 23.37 23.12
CA ALA J 9 -4.93 22.89 21.75
C ALA J 9 -3.75 22.00 21.40
N GLU J 10 -3.98 21.04 20.49
CA GLU J 10 -2.92 20.15 20.06
C GLU J 10 -3.10 19.68 18.62
N VAL J 11 -1.99 19.31 17.99
CA VAL J 11 -1.98 18.91 16.59
C VAL J 11 -1.56 17.46 16.43
N LYS J 12 -2.38 16.69 15.72
CA LYS J 12 -2.14 15.26 15.51
C LYS J 12 -2.02 14.92 14.03
N ARG J 13 -1.39 13.78 13.74
CA ARG J 13 -1.26 13.29 12.36
C ARG J 13 -2.41 12.35 12.02
N PRO J 14 -2.75 12.25 10.72
CA PRO J 14 -3.81 11.35 10.24
C PRO J 14 -3.55 9.89 10.61
N GLY J 15 -4.50 9.27 11.29
CA GLY J 15 -4.36 7.88 11.71
C GLY J 15 -4.15 7.75 13.20
N SER J 16 -3.51 8.76 13.79
CA SER J 16 -3.19 8.79 15.20
C SER J 16 -4.41 9.11 16.06
N SER J 17 -4.33 8.80 17.35
CA SER J 17 -5.43 9.03 18.28
C SER J 17 -5.20 10.24 19.18
N VAL J 18 -6.25 11.02 19.41
CA VAL J 18 -6.17 12.22 20.25
C VAL J 18 -6.91 12.02 21.57
N THR J 19 -6.50 12.75 22.60
CA THR J 19 -7.13 12.67 23.93
C THR J 19 -7.24 14.04 24.60
N VAL J 20 -8.46 14.53 24.73
CA VAL J 20 -8.72 15.85 25.33
C VAL J 20 -9.29 15.72 26.74
N SER J 21 -8.81 16.56 27.66
CA SER J 21 -9.27 16.51 29.04
C SER J 21 -10.27 17.63 29.35
N CYS J 22 -10.87 17.57 30.53
CA CYS J 22 -11.84 18.57 30.97
C CYS J 22 -12.06 18.52 32.48
N LYS J 23 -11.47 19.47 33.22
CA LYS J 23 -11.59 19.46 34.68
C LYS J 23 -12.70 20.38 35.19
N ALA J 24 -13.47 19.87 36.16
CA ALA J 24 -14.59 20.60 36.74
C ALA J 24 -14.24 21.30 38.05
N SER J 25 -14.66 22.55 38.17
CA SER J 25 -14.46 23.33 39.39
C SER J 25 -15.80 23.81 39.93
N GLY J 26 -15.97 23.72 41.26
CA GLY J 26 -17.21 24.08 41.91
C GLY J 26 -18.25 22.98 41.81
N GLY J 27 -19.24 23.02 42.70
CA GLY J 27 -20.31 22.04 42.68
C GLY J 27 -19.84 20.60 42.78
N SER J 28 -20.70 19.68 42.37
CA SER J 28 -20.37 18.25 42.39
C SER J 28 -19.93 17.85 40.99
N PHE J 29 -19.86 16.55 40.73
CA PHE J 29 -19.38 16.08 39.44
C PHE J 29 -19.89 14.69 39.11
N SER J 30 -19.99 13.86 40.14
CA SER J 30 -20.29 12.43 39.99
C SER J 30 -21.68 12.11 39.43
N THR J 31 -22.67 12.94 39.73
CA THR J 31 -24.06 12.62 39.40
C THR J 31 -24.70 13.44 38.27
N TYR J 32 -23.89 14.17 37.53
CA TYR J 32 -24.40 14.96 36.40
C TYR J 32 -23.73 14.57 35.08
N ALA J 33 -24.55 14.37 34.05
CA ALA J 33 -24.10 13.90 32.76
C ALA J 33 -23.15 14.88 32.06
N LEU J 34 -22.02 14.36 31.61
CA LEU J 34 -21.02 15.17 30.94
C LEU J 34 -20.90 14.78 29.47
N SER J 35 -21.23 15.70 28.56
CA SER J 35 -21.19 15.41 27.14
C SER J 35 -20.04 16.13 26.43
N TRP J 36 -19.73 15.67 25.22
CA TRP J 36 -18.72 16.29 24.39
C TRP J 36 -19.33 16.70 23.05
N VAL J 37 -19.14 17.96 22.67
CA VAL J 37 -19.71 18.48 21.42
C VAL J 37 -18.67 19.19 20.58
N ARG J 38 -18.43 18.68 19.38
CA ARG J 38 -17.43 19.28 18.50
C ARG J 38 -18.08 20.18 17.45
N GLN J 39 -17.31 21.12 16.94
CA GLN J 39 -17.80 22.06 15.93
C GLN J 39 -16.72 22.32 14.90
N ALA J 40 -16.95 21.85 13.67
CA ALA J 40 -16.03 22.08 12.58
C ALA J 40 -16.01 23.56 12.20
N PRO J 41 -14.87 24.04 11.67
CA PRO J 41 -14.74 25.44 11.26
C PRO J 41 -15.84 25.85 10.29
N GLY J 42 -16.66 26.82 10.69
CA GLY J 42 -17.74 27.29 9.84
C GLY J 42 -18.98 26.42 9.87
N ARG J 43 -18.88 25.25 10.51
CA ARG J 43 -20.02 24.34 10.58
C ARG J 43 -20.79 24.52 11.89
N GLY J 44 -21.83 23.71 12.07
CA GLY J 44 -22.67 23.79 13.24
C GLY J 44 -22.23 22.86 14.36
N LEU J 45 -22.94 22.90 15.48
CA LEU J 45 -22.64 22.04 16.62
C LEU J 45 -23.04 20.61 16.32
N GLU J 46 -22.26 19.66 16.84
CA GLU J 46 -22.51 18.24 16.60
C GLU J 46 -22.26 17.42 17.86
N TRP J 47 -23.26 16.65 18.27
CA TRP J 47 -23.15 15.83 19.47
C TRP J 47 -22.32 14.58 19.22
N MET J 48 -21.40 14.29 20.14
CA MET J 48 -20.54 13.12 20.00
C MET J 48 -20.92 12.00 20.97
N GLY J 49 -21.10 12.37 22.24
CA GLY J 49 -21.46 11.40 23.26
C GLY J 49 -21.47 12.00 24.65
N GLY J 50 -21.81 11.17 25.64
CA GLY J 50 -21.86 11.63 27.02
C GLY J 50 -21.60 10.52 28.02
N VAL J 51 -21.31 10.90 29.27
CA VAL J 51 -21.05 9.94 30.32
C VAL J 51 -21.42 10.51 31.70
N ILE J 52 -22.14 9.71 32.50
CA ILE J 52 -22.39 10.07 33.88
C ILE J 52 -21.28 9.39 34.69
N PRO J 53 -20.38 10.20 35.28
CA PRO J 53 -19.15 9.69 35.90
C PRO J 53 -19.36 8.63 36.98
N LEU J 54 -20.40 8.75 37.79
CA LEU J 54 -20.61 7.77 38.86
C LEU J 54 -20.95 6.46 38.13
N LEU J 55 -19.94 5.60 37.94
CA LEU J 55 -19.97 4.26 37.26
C LEU J 55 -19.58 4.30 35.76
N THR J 56 -19.37 5.47 35.14
CA THR J 56 -19.01 5.52 33.71
C THR J 56 -19.98 4.90 32.67
N ILE J 57 -21.25 5.26 32.75
CA ILE J 57 -22.20 4.80 31.74
C ILE J 57 -22.17 5.79 30.57
N THR J 58 -21.62 5.28 29.48
CA THR J 58 -21.38 6.00 28.23
C THR J 58 -22.46 5.83 27.16
N ASN J 59 -22.81 6.95 26.54
CA ASN J 59 -23.77 6.99 25.45
C ASN J 59 -23.16 7.69 24.23
N TYR J 60 -22.87 6.91 23.20
CA TYR J 60 -22.22 7.43 22.00
C TYR J 60 -23.19 7.62 20.84
N ALA J 61 -22.90 8.63 20.02
CA ALA J 61 -23.63 8.86 18.79
C ALA J 61 -23.19 7.86 17.72
N PRO J 62 -24.16 7.29 16.98
CA PRO J 62 -23.90 6.27 15.97
C PRO J 62 -22.79 6.66 14.99
N ARG J 63 -22.63 7.96 14.73
CA ARG J 63 -21.60 8.39 13.80
C ARG J 63 -20.20 8.21 14.37
N PHE J 64 -20.06 8.23 15.68
CA PHE J 64 -18.72 8.10 16.27
C PHE J 64 -18.56 6.79 17.01
N GLN J 65 -19.65 6.04 17.17
CA GLN J 65 -19.60 4.80 17.94
C GLN J 65 -18.58 3.82 17.39
N GLY J 66 -17.52 3.57 18.16
CA GLY J 66 -16.49 2.64 17.74
C GLY J 66 -15.10 3.24 17.78
N ARG J 67 -14.99 4.47 17.28
CA ARG J 67 -13.72 5.18 17.22
C ARG J 67 -13.60 6.17 18.37
N ILE J 68 -14.70 6.29 19.10
CA ILE J 68 -14.80 7.23 20.21
C ILE J 68 -14.69 6.47 21.52
N THR J 69 -14.13 7.12 22.54
CA THR J 69 -14.04 6.52 23.86
C THR J 69 -14.09 7.62 24.91
N ILE J 70 -15.20 7.69 25.64
CA ILE J 70 -15.37 8.73 26.64
C ILE J 70 -15.32 8.17 28.05
N THR J 71 -14.48 8.78 28.89
CA THR J 71 -14.37 8.35 30.27
C THR J 71 -14.42 9.55 31.21
N ALA J 72 -14.47 9.26 32.51
CA ALA J 72 -14.53 10.31 33.52
C ALA J 72 -13.91 9.81 34.82
N ASP J 73 -12.80 10.43 35.20
CA ASP J 73 -12.12 10.08 36.44
C ASP J 73 -12.68 10.92 37.58
N ARG J 74 -13.29 10.24 38.53
CA ARG J 74 -13.92 10.87 39.68
C ARG J 74 -12.86 11.31 40.69
N SER J 75 -11.70 10.67 40.63
CA SER J 75 -10.64 10.98 41.58
C SER J 75 -10.04 12.34 41.31
N THR J 76 -10.20 12.82 40.07
CA THR J 76 -9.67 14.10 39.67
C THR J 76 -10.78 15.04 39.15
N SER J 77 -12.01 14.55 39.15
CA SER J 77 -13.16 15.29 38.62
C SER J 77 -12.88 15.73 37.19
N THR J 78 -12.33 14.82 36.38
CA THR J 78 -11.87 15.18 35.05
C THR J 78 -12.38 14.21 34.00
N ALA J 79 -13.01 14.74 32.95
CA ALA J 79 -13.50 13.91 31.86
C ALA J 79 -12.50 13.85 30.72
N TYR J 80 -12.41 12.67 30.10
CA TYR J 80 -11.45 12.46 29.02
C TYR J 80 -12.18 11.96 27.78
N LEU J 81 -11.88 12.60 26.64
CA LEU J 81 -12.41 12.16 25.36
C LEU J 81 -11.27 11.65 24.49
N GLU J 82 -11.42 10.43 23.98
CA GLU J 82 -10.39 9.84 23.13
C GLU J 82 -10.93 9.46 21.75
N LEU J 83 -10.40 10.11 20.72
CA LEU J 83 -10.83 9.84 19.35
C LEU J 83 -9.72 9.11 18.60
N ASN J 84 -10.03 7.90 18.14
CA ASN J 84 -9.06 7.07 17.44
C ASN J 84 -9.18 7.19 15.92
N SER J 85 -8.09 6.87 15.23
CA SER J 85 -8.05 6.88 13.76
C SER J 85 -8.49 8.23 13.17
N LEU J 86 -7.72 9.28 13.45
CA LEU J 86 -8.03 10.62 12.98
C LEU J 86 -7.79 10.83 11.49
N ARG J 87 -8.52 11.77 10.91
CA ARG J 87 -8.40 12.12 9.50
C ARG J 87 -8.83 13.57 9.31
N PRO J 88 -8.27 14.24 8.27
CA PRO J 88 -8.46 15.68 7.99
C PRO J 88 -9.84 16.27 8.27
N GLU J 89 -10.90 15.48 8.13
CA GLU J 89 -12.24 15.99 8.39
C GLU J 89 -12.68 15.89 9.85
N ASP J 90 -11.73 15.59 10.75
CA ASP J 90 -12.03 15.55 12.17
C ASP J 90 -11.56 16.83 12.84
N THR J 91 -10.91 17.69 12.05
CA THR J 91 -10.41 18.97 12.55
C THR J 91 -11.56 19.88 12.95
N ALA J 92 -11.65 20.16 14.24
CA ALA J 92 -12.74 20.96 14.79
C ALA J 92 -12.40 21.49 16.17
N VAL J 93 -13.34 22.22 16.76
CA VAL J 93 -13.19 22.67 18.14
C VAL J 93 -14.07 21.83 19.05
N TYR J 94 -13.42 21.13 19.97
CA TYR J 94 -14.11 20.18 20.85
C TYR J 94 -14.44 20.79 22.21
N TYR J 95 -15.74 20.89 22.50
CA TYR J 95 -16.20 21.48 23.74
C TYR J 95 -16.65 20.43 24.74
N CYS J 96 -16.30 20.63 26.01
CA CYS J 96 -16.78 19.76 27.06
CA CYS J 96 -16.76 19.78 27.09
C CYS J 96 -17.92 20.46 27.82
N ALA J 97 -19.07 19.82 27.82
CA ALA J 97 -20.25 20.39 28.46
C ALA J 97 -20.81 19.51 29.56
N ARG J 98 -21.54 20.12 30.49
CA ARG J 98 -22.22 19.39 31.55
C ARG J 98 -23.58 20.01 31.77
N GLU J 99 -24.56 19.16 32.05
CA GLU J 99 -25.91 19.64 32.26
C GLU J 99 -26.04 20.43 33.57
N GLY J 100 -26.90 21.45 33.51
CA GLY J 100 -27.15 22.35 34.63
C GLY J 100 -28.02 21.68 35.69
N THR J 101 -28.43 22.46 36.69
CA THR J 101 -29.25 21.91 37.76
C THR J 101 -30.21 22.97 38.25
N THR J 102 -31.10 22.58 39.16
CA THR J 102 -31.96 23.54 39.85
C THR J 102 -31.71 23.55 41.36
N LYS J 109 -32.20 18.36 40.71
CA LYS J 109 -33.04 18.05 39.55
C LYS J 109 -32.30 18.34 38.25
N PRO J 110 -31.92 17.29 37.51
CA PRO J 110 -31.08 17.50 36.32
C PRO J 110 -31.90 18.02 35.15
N ILE J 111 -31.35 18.96 34.38
CA ILE J 111 -32.11 19.61 33.32
C ILE J 111 -31.95 18.95 31.95
N GLY J 112 -30.86 18.21 31.79
CA GLY J 112 -30.59 17.47 30.57
C GLY J 112 -29.81 18.32 29.60
N ALA J 113 -30.18 19.60 29.53
CA ALA J 113 -29.58 20.57 28.62
C ALA J 113 -28.19 21.01 29.09
N PHE J 114 -27.30 21.23 28.13
CA PHE J 114 -25.92 21.60 28.44
C PHE J 114 -25.87 23.03 28.96
N ALA J 115 -25.85 23.22 30.27
CA ALA J 115 -25.86 24.58 30.82
C ALA J 115 -24.47 25.04 31.25
N HIS J 116 -23.49 24.14 31.21
CA HIS J 116 -22.12 24.51 31.59
C HIS J 116 -21.10 24.06 30.53
N TRP J 117 -20.55 25.02 29.81
CA TRP J 117 -19.62 24.70 28.72
C TRP J 117 -18.17 25.02 29.06
N GLY J 118 -17.25 24.30 28.43
CA GLY J 118 -15.83 24.57 28.58
C GLY J 118 -15.38 25.68 27.66
N GLN J 119 -14.07 25.91 27.57
CA GLN J 119 -13.56 26.97 26.71
C GLN J 119 -13.24 26.46 25.30
N GLY J 120 -13.35 25.15 25.11
CA GLY J 120 -13.11 24.54 23.81
C GLY J 120 -11.67 24.17 23.59
N THR J 121 -11.44 23.15 22.77
CA THR J 121 -10.09 22.68 22.47
C THR J 121 -9.92 22.43 20.98
N LEU J 122 -9.04 23.20 20.34
CA LEU J 122 -8.80 23.06 18.91
C LEU J 122 -7.95 21.83 18.61
N VAL J 123 -8.54 20.86 17.92
CA VAL J 123 -7.81 19.66 17.52
C VAL J 123 -7.66 19.63 16.00
N THR J 124 -6.46 19.91 15.53
CA THR J 124 -6.15 19.96 14.11
C THR J 124 -5.53 18.65 13.63
N VAL J 125 -6.20 17.98 12.70
CA VAL J 125 -5.68 16.74 12.18
C VAL J 125 -5.11 16.97 10.78
N SER J 126 -3.79 17.00 10.71
CA SER J 126 -3.11 17.22 9.44
C SER J 126 -1.71 16.61 9.45
N SER J 127 -1.22 16.30 8.25
CA SER J 127 0.09 15.70 8.08
C SER J 127 1.17 16.74 7.77
N ALA J 128 0.98 17.98 8.22
CA ALA J 128 1.97 19.01 7.95
C ALA J 128 3.00 19.21 9.05
N SER J 129 3.90 20.18 8.83
CA SER J 129 5.00 20.50 9.73
C SER J 129 5.04 21.97 10.15
N THR J 130 5.40 22.20 11.41
CA THR J 130 5.45 23.55 11.98
C THR J 130 6.35 24.54 11.22
N LYS J 131 5.71 25.49 10.52
CA LYS J 131 6.42 26.47 9.70
C LYS J 131 6.02 27.90 10.04
N GLY J 132 6.99 28.80 10.12
CA GLY J 132 6.72 30.21 10.34
C GLY J 132 6.08 30.85 9.10
N PRO J 133 5.20 31.83 9.30
CA PRO J 133 4.49 32.44 8.17
C PRO J 133 5.36 33.41 7.38
N SER J 134 5.14 33.47 6.07
CA SER J 134 5.80 34.45 5.20
C SER J 134 4.93 35.69 4.98
N VAL J 135 5.50 36.86 5.21
CA VAL J 135 4.73 38.11 5.10
C VAL J 135 5.07 38.92 3.86
N PHE J 136 4.12 39.04 2.94
CA PHE J 136 4.32 39.78 1.70
C PHE J 136 3.49 41.07 1.75
N PRO J 137 3.97 42.14 1.09
CA PRO J 137 3.25 43.41 1.16
C PRO J 137 2.11 43.57 0.16
N LEU J 138 0.95 44.02 0.64
CA LEU J 138 -0.13 44.45 -0.23
C LEU J 138 -0.07 45.96 -0.34
N ALA J 139 0.76 46.43 -1.27
CA ALA J 139 1.03 47.86 -1.43
C ALA J 139 -0.18 48.64 -1.91
N PRO J 140 -0.34 49.88 -1.42
CA PRO J 140 -1.43 50.74 -1.89
C PRO J 140 -1.27 51.05 -3.37
N SER J 141 -2.36 50.98 -4.13
CA SER J 141 -2.32 51.23 -5.57
C SER J 141 -1.75 52.61 -5.89
N SER J 146 -11.39 56.14 -4.95
CA SER J 146 -12.35 56.37 -3.89
C SER J 146 -12.18 57.72 -3.22
N GLY J 147 -10.97 58.26 -3.29
CA GLY J 147 -10.72 59.61 -2.81
C GLY J 147 -9.26 59.89 -2.46
N GLY J 148 -8.89 59.63 -1.21
CA GLY J 148 -9.86 59.25 -0.20
C GLY J 148 -10.00 57.74 -0.05
N THR J 149 -9.63 57.22 1.10
CA THR J 149 -9.74 55.79 1.40
C THR J 149 -9.00 54.91 0.38
N ALA J 150 -7.69 54.87 0.52
CA ALA J 150 -6.86 53.95 -0.24
C ALA J 150 -6.63 52.74 0.65
N ALA J 151 -6.40 51.58 0.05
CA ALA J 151 -6.26 50.35 0.82
C ALA J 151 -4.87 49.74 0.76
N LEU J 152 -4.33 49.40 1.93
CA LEU J 152 -3.05 48.70 1.98
C LEU J 152 -3.19 47.49 2.88
N GLY J 153 -2.12 46.71 3.01
CA GLY J 153 -2.16 45.56 3.90
C GLY J 153 -0.97 44.63 3.83
N CYS J 154 -1.12 43.46 4.43
CA CYS J 154 -0.08 42.43 4.43
CA CYS J 154 -0.08 42.44 4.36
C CYS J 154 -0.69 41.05 4.23
N LEU J 155 -0.11 40.26 3.34
CA LEU J 155 -0.53 38.89 3.10
C LEU J 155 0.33 37.94 3.92
N VAL J 156 -0.31 37.26 4.87
CA VAL J 156 0.36 36.27 5.70
C VAL J 156 0.15 34.90 5.08
N LYS J 157 1.15 34.45 4.31
CA LYS J 157 1.02 33.25 3.50
C LYS J 157 1.85 32.09 4.03
N ASP J 158 1.29 30.90 3.92
CA ASP J 158 1.98 29.64 4.20
C ASP J 158 2.50 29.50 5.63
N TYR J 159 1.63 29.03 6.51
CA TYR J 159 2.03 28.71 7.87
C TYR J 159 1.26 27.52 8.43
N PHE J 160 1.72 27.00 9.55
CA PHE J 160 1.07 25.89 10.23
C PHE J 160 1.60 25.79 11.66
N PRO J 161 0.70 25.61 12.64
CA PRO J 161 -0.74 25.57 12.44
C PRO J 161 -1.38 26.87 12.92
N GLU J 162 -2.70 26.87 13.06
CA GLU J 162 -3.42 28.02 13.59
C GLU J 162 -3.06 28.21 15.05
N PRO J 163 -3.20 29.45 15.56
CA PRO J 163 -3.64 30.68 14.89
C PRO J 163 -2.51 31.67 14.66
N VAL J 164 -2.85 32.82 14.08
CA VAL J 164 -1.88 33.89 13.86
C VAL J 164 -2.50 35.21 14.31
N THR J 165 -1.75 35.97 15.10
CA THR J 165 -2.23 37.26 15.60
C THR J 165 -1.59 38.43 14.86
N VAL J 166 -2.42 39.25 14.22
CA VAL J 166 -1.94 40.37 13.43
C VAL J 166 -2.37 41.73 13.98
N SER J 167 -1.41 42.62 14.21
CA SER J 167 -1.74 43.97 14.66
C SER J 167 -1.21 45.02 13.68
N TRP J 168 -1.58 46.28 13.90
CA TRP J 168 -1.14 47.36 13.03
C TRP J 168 -0.55 48.52 13.82
N ASN J 169 0.62 49.00 13.41
CA ASN J 169 1.34 50.06 14.13
C ASN J 169 1.51 49.73 15.61
N SER J 170 1.83 48.46 15.89
CA SER J 170 2.00 47.97 17.26
C SER J 170 0.74 48.09 18.12
N GLY J 171 -0.41 48.29 17.49
CA GLY J 171 -1.66 48.39 18.22
C GLY J 171 -2.29 49.77 18.11
N ALA J 172 -1.55 50.69 17.53
CA ALA J 172 -1.97 52.09 17.40
C ALA J 172 -2.78 52.34 16.14
N LEU J 173 -3.44 51.30 15.65
CA LEU J 173 -4.27 51.42 14.46
C LEU J 173 -5.41 50.42 14.51
N THR J 174 -6.63 50.92 14.69
CA THR J 174 -7.79 50.03 14.84
C THR J 174 -8.89 50.39 13.85
N SER J 175 -8.92 51.64 13.43
CA SER J 175 -9.96 52.12 12.52
C SER J 175 -9.71 51.64 11.09
N GLY J 176 -10.64 50.85 10.55
CA GLY J 176 -10.56 50.36 9.18
C GLY J 176 -9.77 49.09 8.97
N VAL J 177 -9.47 48.38 10.06
CA VAL J 177 -8.67 47.16 9.99
C VAL J 177 -9.53 45.89 9.84
N HIS J 178 -9.22 45.08 8.83
CA HIS J 178 -9.90 43.80 8.65
C HIS J 178 -8.89 42.66 8.56
N THR J 179 -8.98 41.74 9.52
CA THR J 179 -8.14 40.57 9.51
C THR J 179 -8.99 39.34 9.19
N PHE J 180 -8.91 38.91 7.94
CA PHE J 180 -9.77 37.84 7.43
C PHE J 180 -9.41 36.48 8.03
N PRO J 181 -10.42 35.60 8.16
CA PRO J 181 -10.19 34.23 8.60
C PRO J 181 -9.24 33.52 7.63
N ALA J 182 -8.38 32.66 8.17
CA ALA J 182 -7.38 31.98 7.36
C ALA J 182 -7.98 30.87 6.51
N VAL J 183 -7.50 30.76 5.28
CA VAL J 183 -7.95 29.68 4.39
C VAL J 183 -6.91 28.58 4.32
N LEU J 184 -7.36 27.33 4.30
CA LEU J 184 -6.46 26.19 4.24
C LEU J 184 -6.15 25.80 2.80
N GLN J 185 -4.91 26.01 2.38
CA GLN J 185 -4.50 25.70 1.02
C GLN J 185 -4.31 24.20 0.86
N SER J 186 -4.14 23.75 -0.38
CA SER J 186 -3.97 22.34 -0.69
C SER J 186 -2.62 21.83 -0.20
N SER J 187 -1.69 22.74 0.05
CA SER J 187 -0.37 22.38 0.53
C SER J 187 -0.41 21.95 1.99
N GLY J 188 -1.49 22.29 2.68
CA GLY J 188 -1.62 21.95 4.09
C GLY J 188 -1.26 23.12 4.97
N LEU J 189 -0.86 24.23 4.35
CA LEU J 189 -0.51 25.42 5.10
C LEU J 189 -1.62 26.47 5.05
N TYR J 190 -1.80 27.20 6.14
CA TYR J 190 -2.82 28.23 6.19
C TYR J 190 -2.29 29.52 5.59
N SER J 191 -3.22 30.44 5.33
CA SER J 191 -2.88 31.75 4.77
C SER J 191 -4.02 32.72 5.00
N LEU J 192 -3.67 33.93 5.42
CA LEU J 192 -4.66 34.98 5.64
C LEU J 192 -4.18 36.32 5.12
N SER J 193 -5.05 37.31 5.18
CA SER J 193 -4.70 38.65 4.74
C SER J 193 -5.18 39.67 5.77
N SER J 194 -4.38 40.70 5.99
CA SER J 194 -4.74 41.76 6.92
C SER J 194 -4.72 43.10 6.21
N VAL J 195 -5.90 43.68 6.01
CA VAL J 195 -6.00 44.92 5.26
C VAL J 195 -6.42 46.10 6.13
N VAL J 196 -6.15 47.30 5.64
CA VAL J 196 -6.56 48.53 6.31
C VAL J 196 -6.74 49.65 5.30
N THR J 197 -7.81 50.43 5.48
CA THR J 197 -8.09 51.56 4.60
C THR J 197 -7.75 52.87 5.30
N VAL J 198 -6.94 53.70 4.65
CA VAL J 198 -6.52 54.98 5.22
C VAL J 198 -6.63 56.08 4.17
N PRO J 199 -6.85 57.33 4.61
CA PRO J 199 -6.94 58.50 3.71
C PRO J 199 -5.77 58.57 2.72
N SER J 200 -6.07 58.87 1.46
CA SER J 200 -5.05 58.89 0.42
C SER J 200 -4.00 59.99 0.58
N SER J 201 -4.34 61.01 1.36
CA SER J 201 -3.41 62.12 1.58
C SER J 201 -2.39 61.82 2.69
N SER J 202 -2.54 60.66 3.33
CA SER J 202 -1.68 60.27 4.44
C SER J 202 -0.80 59.07 4.10
N LEU J 203 -0.64 58.80 2.81
CA LEU J 203 0.15 57.68 2.34
C LEU J 203 1.65 58.00 2.42
N GLY J 204 1.99 59.25 2.16
CA GLY J 204 3.38 59.68 2.13
C GLY J 204 3.81 60.34 3.41
N THR J 205 2.99 60.24 4.45
CA THR J 205 3.29 60.86 5.74
C THR J 205 3.36 59.85 6.88
N GLN J 206 2.39 58.95 6.95
CA GLN J 206 2.31 57.96 8.03
C GLN J 206 3.03 56.65 7.70
N THR J 207 3.74 56.10 8.68
CA THR J 207 4.43 54.83 8.52
C THR J 207 3.50 53.67 8.91
N TYR J 208 3.21 52.80 7.95
CA TYR J 208 2.33 51.65 8.19
C TYR J 208 3.05 50.31 8.19
N ILE J 209 3.12 49.70 9.36
CA ILE J 209 3.72 48.38 9.52
C ILE J 209 2.71 47.39 10.11
N CYS J 210 2.71 46.17 9.60
CA CYS J 210 1.84 45.13 10.15
C CYS J 210 2.69 44.15 10.96
N ASN J 211 2.18 43.80 12.14
CA ASN J 211 2.88 42.89 13.03
C ASN J 211 2.24 41.52 13.05
N VAL J 212 2.93 40.55 12.46
CA VAL J 212 2.45 39.17 12.42
C VAL J 212 3.16 38.31 13.46
N ASN J 213 2.39 37.84 14.44
CA ASN J 213 2.94 36.98 15.48
C ASN J 213 2.33 35.58 15.39
N HIS J 214 3.20 34.57 15.27
CA HIS J 214 2.73 33.19 15.23
C HIS J 214 3.34 32.43 16.42
N LYS J 215 2.56 32.30 17.48
CA LYS J 215 3.03 31.68 18.73
C LYS J 215 3.59 30.26 18.64
N PRO J 216 2.85 29.31 18.03
CA PRO J 216 3.36 27.94 18.01
C PRO J 216 4.71 27.78 17.29
N SER J 217 4.91 28.51 16.21
CA SER J 217 6.15 28.39 15.45
C SER J 217 7.20 29.40 15.94
N ASN J 218 6.80 30.21 16.90
CA ASN J 218 7.66 31.25 17.51
C ASN J 218 8.29 32.23 16.52
N THR J 219 7.49 32.85 15.67
CA THR J 219 8.01 33.77 14.66
C THR J 219 7.26 35.10 14.78
N LYS J 220 7.99 36.20 14.73
CA LYS J 220 7.34 37.50 14.72
C LYS J 220 7.96 38.41 13.67
N VAL J 221 7.12 38.95 12.81
CA VAL J 221 7.57 39.81 11.72
C VAL J 221 6.86 41.16 11.71
N ASP J 222 7.63 42.24 11.72
CA ASP J 222 7.07 43.58 11.62
C ASP J 222 7.35 44.12 10.23
N LYS J 223 6.44 43.89 9.30
CA LYS J 223 6.66 44.23 7.90
C LYS J 223 6.12 45.62 7.54
N LYS J 224 6.96 46.45 6.96
CA LYS J 224 6.57 47.79 6.56
C LYS J 224 6.01 47.83 5.14
N VAL J 225 4.80 48.37 5.00
CA VAL J 225 4.15 48.50 3.70
C VAL J 225 4.14 49.95 3.22
N GLU J 226 4.70 50.18 2.03
CA GLU J 226 4.80 51.51 1.46
C GLU J 226 4.51 51.46 -0.03
N PRO J 227 4.05 52.59 -0.62
CA PRO J 227 3.69 52.64 -2.04
C PRO J 227 4.82 52.19 -2.98
N GLU K 1 -10.32 3.60 -13.21
CA GLU K 1 -10.67 2.22 -13.51
C GLU K 1 -11.22 2.06 -14.93
N ILE K 2 -10.70 1.06 -15.64
CA ILE K 2 -11.19 0.73 -16.98
C ILE K 2 -12.33 -0.26 -16.85
N VAL K 3 -13.52 0.15 -17.28
CA VAL K 3 -14.70 -0.71 -17.19
C VAL K 3 -15.01 -1.40 -18.51
N LEU K 4 -15.03 -2.73 -18.47
CA LEU K 4 -15.33 -3.51 -19.66
C LEU K 4 -16.79 -3.90 -19.71
N THR K 5 -17.42 -3.63 -20.85
CA THR K 5 -18.82 -3.98 -21.07
C THR K 5 -18.91 -5.04 -22.15
N GLN K 6 -19.36 -6.24 -21.79
CA GLN K 6 -19.46 -7.28 -22.79
C GLN K 6 -20.83 -7.17 -23.44
N SER K 7 -20.91 -7.58 -24.70
CA SER K 7 -22.19 -7.61 -25.40
C SER K 7 -22.20 -8.80 -26.35
N PRO K 8 -23.37 -9.42 -26.52
CA PRO K 8 -24.62 -9.14 -25.80
C PRO K 8 -24.66 -9.94 -24.50
N GLY K 9 -25.80 -9.85 -23.80
CA GLY K 9 -25.98 -10.52 -22.54
C GLY K 9 -25.92 -12.03 -22.72
N THR K 10 -27.00 -12.57 -23.26
CA THR K 10 -27.15 -13.99 -23.54
C THR K 10 -27.04 -14.22 -25.04
N GLN K 11 -26.65 -15.43 -25.44
CA GLN K 11 -26.36 -15.79 -26.83
C GLN K 11 -27.15 -17.04 -27.19
N SER K 12 -27.98 -16.95 -28.22
CA SER K 12 -28.80 -18.07 -28.66
C SER K 12 -28.37 -18.65 -30.00
N LEU K 13 -27.48 -19.65 -29.99
CA LEU K 13 -27.01 -20.21 -31.25
C LEU K 13 -27.14 -21.72 -31.40
N SER K 14 -27.05 -22.19 -32.65
CA SER K 14 -27.17 -23.61 -32.97
C SER K 14 -25.78 -24.23 -33.11
N PRO K 15 -25.67 -25.55 -32.87
CA PRO K 15 -24.40 -26.27 -33.01
C PRO K 15 -23.81 -26.19 -34.41
N GLY K 16 -22.72 -25.44 -34.57
CA GLY K 16 -22.10 -25.32 -35.89
C GLY K 16 -22.08 -23.88 -36.38
N GLU K 17 -22.83 -23.03 -35.71
CA GLU K 17 -22.93 -21.62 -36.08
C GLU K 17 -21.70 -20.79 -35.73
N ARG K 18 -21.56 -19.65 -36.40
CA ARG K 18 -20.46 -18.74 -36.17
C ARG K 18 -20.83 -17.75 -35.08
N ALA K 19 -20.07 -17.79 -33.99
CA ALA K 19 -20.33 -16.96 -32.80
C ALA K 19 -19.44 -15.73 -32.72
N THR K 20 -20.05 -14.54 -32.65
CA THR K 20 -19.28 -13.30 -32.52
C THR K 20 -19.60 -12.56 -31.22
N LEU K 21 -18.65 -12.59 -30.28
CA LEU K 21 -18.82 -11.96 -28.98
C LEU K 21 -18.06 -10.64 -28.91
N SER K 22 -18.72 -9.61 -28.40
CA SER K 22 -18.14 -8.26 -28.38
C SER K 22 -17.73 -7.80 -26.97
N CYS K 23 -16.65 -7.03 -26.91
CA CYS K 23 -16.18 -6.44 -25.66
C CYS K 23 -15.80 -4.98 -25.87
N ARG K 24 -16.49 -4.08 -25.17
CA ARG K 24 -16.26 -2.65 -25.31
C ARG K 24 -15.55 -2.09 -24.08
N ALA K 25 -14.46 -1.37 -24.32
CA ALA K 25 -13.65 -0.81 -23.24
C ALA K 25 -14.09 0.61 -22.89
N SER K 26 -13.89 0.99 -21.64
CA SER K 26 -14.22 2.35 -21.20
C SER K 26 -13.25 3.35 -21.81
N GLN K 27 -12.01 2.92 -22.01
CA GLN K 27 -10.98 3.75 -22.65
C GLN K 27 -9.93 2.86 -23.32
N SER K 28 -9.09 3.47 -24.14
CA SER K 28 -8.10 2.74 -24.94
C SER K 28 -7.20 1.85 -24.10
N VAL K 29 -7.42 0.54 -24.25
CA VAL K 29 -6.63 -0.49 -23.60
C VAL K 29 -5.16 -0.45 -24.03
N GLY K 30 -4.31 0.09 -23.17
CA GLY K 30 -2.91 0.29 -23.51
C GLY K 30 -2.18 -1.00 -23.86
N ASN K 31 -1.48 -0.93 -25.00
CA ASN K 31 -0.68 -2.03 -25.53
C ASN K 31 -1.49 -3.27 -25.92
N ASN K 32 -2.79 -3.10 -26.14
CA ASN K 32 -3.64 -4.21 -26.54
C ASN K 32 -3.52 -5.47 -25.67
N LYS K 33 -3.76 -5.32 -24.37
CA LYS K 33 -3.67 -6.44 -23.45
C LYS K 33 -5.04 -6.87 -22.95
N LEU K 34 -5.82 -7.43 -23.88
CA LEU K 34 -7.15 -7.96 -23.59
C LEU K 34 -7.13 -9.47 -23.70
N ALA K 35 -7.84 -10.14 -22.77
CA ALA K 35 -7.83 -11.60 -22.73
C ALA K 35 -9.22 -12.20 -22.66
N TRP K 36 -9.44 -13.26 -23.43
CA TRP K 36 -10.71 -13.96 -23.43
C TRP K 36 -10.56 -15.31 -22.72
N TYR K 37 -11.42 -15.52 -21.72
CA TYR K 37 -11.46 -16.76 -20.95
C TYR K 37 -12.80 -17.48 -21.12
N GLN K 38 -12.76 -18.80 -21.04
CA GLN K 38 -13.97 -19.60 -21.05
C GLN K 38 -14.16 -20.31 -19.72
N GLN K 39 -15.40 -20.29 -19.22
CA GLN K 39 -15.73 -20.98 -18.00
C GLN K 39 -17.00 -21.79 -18.11
N ARG K 40 -16.88 -23.09 -17.88
CA ARG K 40 -18.04 -23.95 -17.81
C ARG K 40 -18.54 -23.91 -16.35
N PRO K 41 -19.66 -24.57 -16.08
CA PRO K 41 -20.26 -24.73 -14.75
C PRO K 41 -19.41 -25.67 -13.91
N GLY K 42 -19.13 -25.32 -12.65
CA GLY K 42 -18.33 -26.20 -11.81
C GLY K 42 -16.83 -26.13 -11.97
N GLN K 43 -16.33 -25.50 -13.01
CA GLN K 43 -14.88 -25.46 -13.21
C GLN K 43 -14.30 -24.05 -13.34
N ALA K 44 -13.00 -23.96 -13.08
CA ALA K 44 -12.22 -22.72 -13.17
C ALA K 44 -12.03 -22.33 -14.63
N PRO K 45 -12.04 -21.01 -14.89
CA PRO K 45 -11.92 -20.47 -16.25
C PRO K 45 -10.68 -20.93 -17.01
N ARG K 46 -10.81 -20.98 -18.33
CA ARG K 46 -9.72 -21.41 -19.19
C ARG K 46 -9.37 -20.28 -20.16
N LEU K 47 -8.08 -19.97 -20.27
CA LEU K 47 -7.63 -18.89 -21.13
C LEU K 47 -7.77 -19.28 -22.60
N LEU K 48 -8.52 -18.47 -23.35
CA LEU K 48 -8.69 -18.73 -24.78
C LEU K 48 -7.79 -17.83 -25.61
N ILE K 49 -7.84 -16.53 -25.35
CA ILE K 49 -7.06 -15.57 -26.14
C ILE K 49 -6.31 -14.60 -25.23
N TYR K 50 -5.06 -14.29 -25.58
CA TYR K 50 -4.32 -13.27 -24.86
C TYR K 50 -3.70 -12.27 -25.84
N GLY K 51 -3.43 -11.06 -25.37
CA GLY K 51 -2.86 -10.03 -26.23
C GLY K 51 -3.80 -9.66 -27.36
N ALA K 52 -5.09 -9.67 -27.05
CA ALA K 52 -6.16 -9.26 -27.99
C ALA K 52 -6.38 -10.18 -29.18
N SER K 53 -5.34 -10.90 -29.61
CA SER K 53 -5.46 -11.73 -30.81
C SER K 53 -4.70 -13.06 -30.74
N SER K 54 -3.68 -13.13 -29.87
CA SER K 54 -2.85 -14.32 -29.77
C SER K 54 -3.51 -15.49 -29.06
N ARG K 55 -3.27 -16.69 -29.57
CA ARG K 55 -3.85 -17.91 -29.00
C ARG K 55 -2.76 -18.84 -28.47
N PRO K 56 -2.91 -19.25 -27.19
CA PRO K 56 -2.01 -20.17 -26.49
C PRO K 56 -2.03 -21.56 -27.10
N SER K 57 -1.03 -22.37 -26.78
CA SER K 57 -0.97 -23.74 -27.28
C SER K 57 -2.01 -24.59 -26.54
N GLY K 58 -2.62 -25.52 -27.26
CA GLY K 58 -3.63 -26.40 -26.71
C GLY K 58 -5.05 -25.91 -26.96
N VAL K 59 -5.20 -24.62 -27.26
CA VAL K 59 -6.50 -24.05 -27.56
C VAL K 59 -6.86 -24.28 -29.02
N ALA K 60 -8.07 -24.74 -29.27
CA ALA K 60 -8.55 -25.00 -30.63
C ALA K 60 -8.48 -23.75 -31.50
N ASP K 61 -8.10 -23.92 -32.76
CA ASP K 61 -7.87 -22.80 -33.66
C ASP K 61 -9.18 -22.26 -34.25
N ARG K 62 -10.31 -22.76 -33.74
CA ARG K 62 -11.61 -22.25 -34.19
C ARG K 62 -11.95 -20.95 -33.46
N PHE K 63 -11.23 -20.68 -32.38
CA PHE K 63 -11.34 -19.42 -31.64
C PHE K 63 -10.37 -18.40 -32.22
N SER K 64 -10.81 -17.14 -32.32
CA SER K 64 -9.93 -16.09 -32.81
C SER K 64 -10.31 -14.71 -32.28
N GLY K 65 -9.34 -14.02 -31.69
CA GLY K 65 -9.54 -12.69 -31.17
C GLY K 65 -9.12 -11.61 -32.14
N SER K 66 -9.83 -10.49 -32.12
CA SER K 66 -9.53 -9.37 -33.02
C SER K 66 -9.89 -8.06 -32.35
N GLY K 67 -9.55 -6.96 -33.00
CA GLY K 67 -9.90 -5.64 -32.50
C GLY K 67 -8.80 -4.96 -31.70
N SER K 68 -9.00 -3.68 -31.43
CA SER K 68 -8.05 -2.88 -30.68
C SER K 68 -8.69 -1.62 -30.10
N GLY K 69 -7.94 -0.95 -29.23
CA GLY K 69 -8.39 0.29 -28.62
C GLY K 69 -9.49 0.04 -27.62
N THR K 70 -10.72 0.18 -28.09
CA THR K 70 -11.90 -0.01 -27.26
C THR K 70 -12.75 -1.16 -27.77
N ASP K 71 -12.58 -1.53 -29.04
CA ASP K 71 -13.40 -2.62 -29.57
C ASP K 71 -12.63 -3.93 -29.69
N PHE K 72 -13.12 -4.96 -29.00
CA PHE K 72 -12.50 -6.28 -29.10
C PHE K 72 -13.56 -7.34 -29.43
N THR K 73 -13.15 -8.39 -30.12
CA THR K 73 -14.10 -9.40 -30.57
C THR K 73 -13.55 -10.82 -30.54
N LEU K 74 -14.25 -11.71 -29.84
CA LEU K 74 -13.91 -13.12 -29.85
C LEU K 74 -14.83 -13.86 -30.83
N THR K 75 -14.24 -14.63 -31.73
CA THR K 75 -15.02 -15.31 -32.77
C THR K 75 -14.80 -16.83 -32.77
N ILE K 76 -15.90 -17.56 -32.64
CA ILE K 76 -15.87 -19.02 -32.77
C ILE K 76 -16.46 -19.45 -34.11
N SER K 77 -15.58 -19.89 -35.00
CA SER K 77 -15.93 -20.28 -36.36
C SER K 77 -16.90 -21.46 -36.40
N ARG K 78 -16.71 -22.37 -35.46
CA ARG K 78 -17.56 -23.55 -35.33
C ARG K 78 -17.91 -23.88 -33.89
N LEU K 79 -19.18 -23.79 -33.55
CA LEU K 79 -19.63 -24.10 -32.20
C LEU K 79 -19.73 -25.60 -32.00
N GLU K 80 -19.14 -26.10 -30.93
CA GLU K 80 -19.27 -27.51 -30.58
C GLU K 80 -19.78 -27.59 -29.14
N PRO K 81 -20.54 -28.65 -28.79
CA PRO K 81 -21.24 -28.81 -27.51
C PRO K 81 -20.48 -28.31 -26.27
N GLU K 82 -19.15 -28.36 -26.34
CA GLU K 82 -18.29 -27.90 -25.27
C GLU K 82 -18.19 -26.37 -25.27
N ASP K 83 -18.22 -25.76 -26.44
CA ASP K 83 -18.08 -24.31 -26.55
C ASP K 83 -19.26 -23.52 -26.00
N PHE K 84 -20.31 -24.21 -25.58
CA PHE K 84 -21.45 -23.54 -24.98
C PHE K 84 -21.19 -23.36 -23.48
N ALA K 85 -20.74 -22.17 -23.09
CA ALA K 85 -20.44 -21.89 -21.69
C ALA K 85 -20.50 -20.38 -21.44
N VAL K 86 -19.72 -19.91 -20.46
CA VAL K 86 -19.69 -18.47 -20.17
C VAL K 86 -18.33 -17.89 -20.56
N TYR K 87 -18.33 -16.74 -21.21
CA TYR K 87 -17.08 -16.14 -21.69
C TYR K 87 -16.79 -14.77 -21.08
N TYR K 88 -15.59 -14.61 -20.53
CA TYR K 88 -15.20 -13.35 -19.90
C TYR K 88 -14.07 -12.65 -20.66
N CYS K 89 -14.09 -11.32 -20.66
CA CYS K 89 -12.98 -10.55 -21.20
C CYS K 89 -12.31 -9.75 -20.08
N GLN K 90 -10.99 -9.64 -20.14
CA GLN K 90 -10.22 -9.01 -19.06
C GLN K 90 -9.08 -8.15 -19.59
N GLN K 91 -9.04 -6.88 -19.18
CA GLN K 91 -7.92 -6.02 -19.54
C GLN K 91 -6.82 -6.08 -18.50
N TYR K 92 -5.58 -6.16 -18.96
CA TYR K 92 -4.43 -6.23 -18.06
C TYR K 92 -3.26 -5.38 -18.54
N GLY K 93 -3.58 -4.27 -19.20
CA GLY K 93 -2.57 -3.35 -19.66
C GLY K 93 -2.37 -2.21 -18.68
N GLN K 94 -3.16 -2.23 -17.60
CA GLN K 94 -3.06 -1.22 -16.55
C GLN K 94 -2.67 -1.87 -15.23
N SER K 95 -2.33 -1.05 -14.24
CA SER K 95 -2.01 -1.57 -12.91
C SER K 95 -3.18 -2.33 -12.31
N LEU K 96 -4.36 -1.71 -12.32
CA LEU K 96 -5.59 -2.37 -11.91
C LEU K 96 -6.16 -3.20 -13.06
N SER K 97 -6.55 -4.43 -12.77
CA SER K 97 -7.16 -5.29 -13.76
C SER K 97 -8.64 -5.50 -13.48
N THR K 98 -9.45 -5.50 -14.53
CA THR K 98 -10.89 -5.68 -14.39
C THR K 98 -11.44 -6.63 -15.46
N PHE K 99 -12.43 -7.43 -15.06
CA PHE K 99 -13.08 -8.36 -15.98
C PHE K 99 -14.35 -7.73 -16.53
N GLY K 100 -15.01 -8.45 -17.43
CA GLY K 100 -16.32 -8.07 -17.91
C GLY K 100 -17.35 -8.69 -17.00
N GLN K 101 -18.59 -8.81 -17.47
CA GLN K 101 -19.63 -9.46 -16.67
C GLN K 101 -20.01 -10.81 -17.26
N GLY K 102 -19.37 -11.16 -18.36
CA GLY K 102 -19.57 -12.47 -18.97
C GLY K 102 -20.65 -12.50 -20.04
N THR K 103 -20.60 -13.53 -20.88
CA THR K 103 -21.59 -13.74 -21.92
C THR K 103 -21.89 -15.22 -22.07
N LYS K 104 -23.09 -15.64 -21.65
CA LYS K 104 -23.46 -17.05 -21.71
C LYS K 104 -23.90 -17.45 -23.11
N VAL K 105 -23.23 -18.44 -23.69
CA VAL K 105 -23.62 -18.93 -25.00
C VAL K 105 -24.42 -20.23 -24.87
N GLU K 106 -25.72 -20.13 -25.14
CA GLU K 106 -26.62 -21.26 -25.01
C GLU K 106 -27.07 -21.77 -26.38
N VAL K 107 -27.58 -23.00 -26.39
CA VAL K 107 -28.13 -23.55 -27.60
C VAL K 107 -29.53 -23.04 -27.84
N LYS K 108 -29.80 -22.56 -29.05
CA LYS K 108 -31.14 -22.14 -29.38
C LYS K 108 -31.76 -23.34 -30.07
N ARG K 109 -32.79 -23.92 -29.47
CA ARG K 109 -33.48 -25.06 -30.06
C ARG K 109 -34.95 -24.72 -30.18
N THR K 110 -35.73 -25.66 -30.71
CA THR K 110 -37.16 -25.44 -30.84
C THR K 110 -37.82 -25.38 -29.45
N VAL K 111 -38.79 -24.48 -29.36
CA VAL K 111 -39.51 -24.18 -28.13
C VAL K 111 -40.22 -25.38 -27.50
N ALA K 112 -39.95 -25.61 -26.22
CA ALA K 112 -40.55 -26.72 -25.51
C ALA K 112 -41.29 -26.25 -24.25
N ALA K 113 -42.55 -26.66 -24.14
CA ALA K 113 -43.38 -26.32 -23.00
C ALA K 113 -42.93 -27.07 -21.75
N PRO K 114 -42.97 -26.41 -20.58
CA PRO K 114 -42.50 -27.06 -19.36
C PRO K 114 -43.45 -28.13 -18.83
N SER K 115 -42.91 -29.27 -18.41
CA SER K 115 -43.71 -30.29 -17.77
C SER K 115 -43.87 -29.94 -16.29
N VAL K 116 -45.04 -29.43 -15.93
CA VAL K 116 -45.28 -28.93 -14.58
C VAL K 116 -45.81 -29.97 -13.60
N PHE K 117 -45.19 -30.03 -12.43
CA PHE K 117 -45.61 -30.90 -11.34
C PHE K 117 -45.70 -30.10 -10.06
N ILE K 118 -46.46 -30.62 -9.09
CA ILE K 118 -46.57 -29.99 -7.78
C ILE K 118 -46.56 -31.03 -6.65
N PHE K 119 -45.78 -30.74 -5.61
CA PHE K 119 -45.64 -31.66 -4.49
C PHE K 119 -46.04 -30.96 -3.20
N PRO K 120 -47.05 -31.52 -2.51
CA PRO K 120 -47.46 -31.07 -1.18
C PRO K 120 -46.34 -31.35 -0.18
N PRO K 121 -46.33 -30.62 0.95
CA PRO K 121 -45.30 -30.85 1.97
C PRO K 121 -45.39 -32.25 2.57
N SER K 122 -44.24 -32.78 2.97
CA SER K 122 -44.17 -34.13 3.53
C SER K 122 -44.88 -34.20 4.88
N ASP K 123 -45.36 -35.39 5.22
CA ASP K 123 -45.99 -35.63 6.51
C ASP K 123 -44.95 -35.45 7.63
N GLU K 124 -43.72 -35.89 7.36
CA GLU K 124 -42.63 -35.72 8.32
C GLU K 124 -42.29 -34.25 8.54
N GLN K 125 -42.29 -33.49 7.46
CA GLN K 125 -41.98 -32.06 7.53
C GLN K 125 -43.06 -31.34 8.33
N LEU K 126 -44.31 -31.74 8.11
CA LEU K 126 -45.43 -31.20 8.86
C LEU K 126 -45.30 -31.57 10.34
N LYS K 127 -44.79 -32.77 10.59
CA LYS K 127 -44.56 -33.22 11.95
C LYS K 127 -43.26 -32.65 12.51
N SER K 128 -42.59 -31.82 11.71
CA SER K 128 -41.39 -31.12 12.16
C SER K 128 -41.71 -29.66 12.49
N GLY K 129 -42.83 -29.16 11.98
CA GLY K 129 -43.27 -27.82 12.30
C GLY K 129 -43.34 -26.88 11.11
N THR K 130 -42.73 -27.27 9.99
CA THR K 130 -42.67 -26.41 8.81
C THR K 130 -43.21 -27.10 7.55
N ALA K 131 -43.79 -26.33 6.65
CA ALA K 131 -44.37 -26.86 5.41
C ALA K 131 -43.75 -26.22 4.17
N SER K 132 -43.54 -27.03 3.13
CA SER K 132 -42.93 -26.54 1.89
C SER K 132 -43.56 -27.17 0.64
N VAL K 133 -44.29 -26.36 -0.12
CA VAL K 133 -44.89 -26.82 -1.36
C VAL K 133 -43.92 -26.61 -2.51
N VAL K 134 -43.78 -27.60 -3.38
CA VAL K 134 -42.79 -27.52 -4.45
C VAL K 134 -43.37 -27.58 -5.86
N CYS K 135 -43.20 -26.49 -6.62
CA CYS K 135 -43.63 -26.49 -8.01
C CYS K 135 -42.43 -26.74 -8.90
N LEU K 136 -42.52 -27.77 -9.73
CA LEU K 136 -41.44 -28.19 -10.60
C LEU K 136 -41.77 -27.93 -12.06
N LEU K 137 -40.85 -27.26 -12.76
CA LEU K 137 -40.97 -27.02 -14.19
C LEU K 137 -39.91 -27.82 -14.92
N ASN K 138 -40.31 -28.93 -15.53
CA ASN K 138 -39.36 -29.88 -16.09
C ASN K 138 -39.13 -29.79 -17.60
N ASN K 139 -37.86 -29.65 -17.98
CA ASN K 139 -37.42 -29.64 -19.37
C ASN K 139 -38.17 -28.67 -20.28
N PHE K 140 -37.69 -27.43 -20.34
CA PHE K 140 -38.30 -26.41 -21.18
C PHE K 140 -37.28 -25.45 -21.79
N TYR K 141 -37.69 -24.82 -22.89
CA TYR K 141 -36.90 -23.79 -23.55
C TYR K 141 -37.83 -22.75 -24.17
N PRO K 142 -37.48 -21.46 -24.06
CA PRO K 142 -36.31 -20.92 -23.38
C PRO K 142 -36.45 -20.82 -21.87
N ARG K 143 -35.47 -20.22 -21.21
CA ARG K 143 -35.45 -20.05 -19.76
C ARG K 143 -36.63 -19.20 -19.29
N GLU K 144 -36.99 -18.20 -20.08
CA GLU K 144 -38.03 -17.24 -19.72
C GLU K 144 -39.34 -17.93 -19.33
N ALA K 145 -39.49 -18.22 -18.05
CA ALA K 145 -40.71 -18.81 -17.49
C ALA K 145 -41.09 -18.16 -16.17
N LYS K 146 -42.37 -17.82 -16.01
CA LYS K 146 -42.84 -17.17 -14.80
C LYS K 146 -43.75 -18.10 -13.98
N VAL K 147 -43.46 -18.17 -12.69
CA VAL K 147 -44.19 -19.00 -11.74
C VAL K 147 -44.92 -18.15 -10.72
N GLN K 148 -46.24 -18.31 -10.64
CA GLN K 148 -47.02 -17.56 -9.69
C GLN K 148 -47.65 -18.45 -8.61
N TRP K 149 -47.37 -18.19 -7.33
CA TRP K 149 -47.97 -19.00 -6.27
C TRP K 149 -49.32 -18.45 -5.85
N LYS K 150 -50.34 -19.31 -5.88
CA LYS K 150 -51.69 -18.91 -5.50
C LYS K 150 -52.20 -19.82 -4.38
N VAL K 151 -52.37 -19.24 -3.20
CA VAL K 151 -52.94 -19.96 -2.06
C VAL K 151 -54.32 -19.38 -1.79
N ASP K 152 -55.33 -20.26 -1.87
CA ASP K 152 -56.73 -19.85 -1.82
C ASP K 152 -57.04 -18.79 -2.86
N ASN K 153 -56.47 -18.98 -4.05
CA ASN K 153 -56.60 -18.05 -5.18
C ASN K 153 -56.17 -16.63 -4.83
N LEU K 155 -52.41 -14.64 -4.88
CA LEU K 155 -51.02 -14.47 -5.27
C LEU K 155 -50.11 -14.22 -4.07
N GLN K 156 -49.46 -15.27 -3.59
CA GLN K 156 -48.50 -15.16 -2.49
C GLN K 156 -47.16 -14.57 -2.92
N SER K 157 -46.65 -13.65 -2.11
CA SER K 157 -45.37 -13.01 -2.42
C SER K 157 -44.57 -12.68 -1.16
N GLY K 158 -43.25 -12.77 -1.28
CA GLY K 158 -42.33 -12.48 -0.18
C GLY K 158 -41.49 -13.70 0.14
N ASN K 159 -42.17 -14.83 0.28
CA ASN K 159 -41.56 -16.14 0.45
C ASN K 159 -41.32 -16.77 -0.90
N SER K 160 -40.99 -18.07 -0.88
CA SER K 160 -40.74 -18.86 -2.08
C SER K 160 -39.52 -18.40 -2.88
N GLN K 161 -38.55 -19.31 -3.01
CA GLN K 161 -37.36 -19.05 -3.79
C GLN K 161 -37.30 -20.04 -4.95
N GLU K 162 -36.61 -19.67 -6.02
CA GLU K 162 -36.50 -20.53 -7.18
C GLU K 162 -35.07 -20.72 -7.64
N SER K 163 -34.80 -21.88 -8.22
CA SER K 163 -33.47 -22.16 -8.76
C SER K 163 -33.61 -22.88 -10.09
N VAL K 164 -32.78 -22.49 -11.04
CA VAL K 164 -32.83 -23.04 -12.39
C VAL K 164 -31.54 -23.78 -12.73
N THR K 165 -31.68 -25.01 -13.20
CA THR K 165 -30.55 -25.81 -13.62
C THR K 165 -29.89 -25.21 -14.86
N GLU K 166 -28.64 -25.59 -15.08
CA GLU K 166 -27.91 -25.18 -16.28
C GLU K 166 -28.57 -25.83 -17.49
N GLN K 167 -28.33 -25.28 -18.68
CA GLN K 167 -28.90 -25.83 -19.89
C GLN K 167 -28.43 -27.27 -20.05
N ASP K 168 -29.38 -28.19 -20.20
CA ASP K 168 -29.05 -29.60 -20.27
C ASP K 168 -28.11 -29.84 -21.46
N SER K 169 -27.18 -30.79 -21.30
CA SER K 169 -26.20 -31.08 -22.32
C SER K 169 -26.72 -32.04 -23.39
N LYS K 170 -27.94 -32.55 -23.19
CA LYS K 170 -28.53 -33.50 -24.10
C LYS K 170 -29.69 -32.91 -24.91
N ASP K 171 -30.67 -32.35 -24.20
CA ASP K 171 -31.87 -31.82 -24.86
C ASP K 171 -31.92 -30.29 -24.86
N SER K 172 -30.93 -29.68 -24.22
CA SER K 172 -30.77 -28.22 -24.18
C SER K 172 -31.99 -27.51 -23.60
N THR K 173 -32.57 -28.09 -22.56
CA THR K 173 -33.71 -27.48 -21.89
C THR K 173 -33.40 -27.14 -20.44
N TYR K 174 -33.97 -26.04 -19.95
CA TYR K 174 -33.79 -25.66 -18.55
C TYR K 174 -34.89 -26.28 -17.71
N SER K 175 -34.62 -26.41 -16.42
CA SER K 175 -35.60 -26.92 -15.47
C SER K 175 -35.61 -26.03 -14.24
N LEU K 176 -36.79 -25.55 -13.87
CA LEU K 176 -36.93 -24.62 -12.76
C LEU K 176 -37.55 -25.31 -11.55
N SER K 177 -37.17 -24.85 -10.36
CA SER K 177 -37.76 -25.37 -9.14
C SER K 177 -38.10 -24.23 -8.19
N SER K 178 -39.38 -24.13 -7.85
CA SER K 178 -39.84 -23.10 -6.92
C SER K 178 -40.37 -23.72 -5.64
N THR K 179 -39.95 -23.18 -4.49
CA THR K 179 -40.30 -23.76 -3.21
C THR K 179 -41.00 -22.77 -2.29
N LEU K 180 -42.33 -22.85 -2.24
CA LEU K 180 -43.13 -22.02 -1.36
C LEU K 180 -43.00 -22.51 0.09
N THR K 181 -42.55 -21.64 0.98
CA THR K 181 -42.32 -22.01 2.37
C THR K 181 -43.31 -21.34 3.33
N LEU K 182 -43.99 -22.17 4.11
CA LEU K 182 -44.91 -21.68 5.15
C LEU K 182 -44.68 -22.44 6.45
N SER K 183 -45.24 -21.94 7.54
CA SER K 183 -45.23 -22.70 8.79
C SER K 183 -46.44 -23.63 8.82
N LYS K 184 -46.43 -24.61 9.73
CA LYS K 184 -47.53 -25.58 9.80
C LYS K 184 -48.86 -24.93 10.17
N ALA K 185 -48.80 -23.93 11.04
CA ALA K 185 -49.99 -23.20 11.47
C ALA K 185 -50.60 -22.42 10.31
N ASP K 186 -49.75 -21.66 9.64
CA ASP K 186 -50.12 -20.88 8.47
C ASP K 186 -50.56 -21.76 7.31
N TYR K 187 -50.03 -22.98 7.27
CA TYR K 187 -50.35 -23.94 6.21
C TYR K 187 -51.75 -24.54 6.36
N GLU K 188 -52.17 -24.74 7.61
CA GLU K 188 -53.47 -25.35 7.88
C GLU K 188 -54.62 -24.35 7.81
N LYS K 189 -54.28 -23.08 7.64
CA LYS K 189 -55.30 -22.03 7.56
C LYS K 189 -55.92 -21.97 6.17
N HIS K 190 -55.40 -22.77 5.23
CA HIS K 190 -55.85 -22.72 3.84
C HIS K 190 -56.06 -24.12 3.28
N LYS K 191 -56.76 -24.21 2.15
CA LYS K 191 -57.09 -25.52 1.59
C LYS K 191 -56.59 -25.72 0.15
N VAL K 192 -56.73 -24.70 -0.68
CA VAL K 192 -56.37 -24.77 -2.09
C VAL K 192 -54.96 -24.24 -2.35
N TYR K 193 -54.06 -25.13 -2.74
CA TYR K 193 -52.70 -24.72 -3.08
C TYR K 193 -52.40 -24.91 -4.56
N ALA K 194 -52.06 -23.82 -5.24
CA ALA K 194 -51.93 -23.83 -6.69
C ALA K 194 -50.69 -23.10 -7.19
N CYS K 195 -50.10 -23.60 -8.26
CA CYS K 195 -48.97 -22.94 -8.90
CA CYS K 195 -48.94 -22.98 -8.90
C CYS K 195 -49.24 -22.72 -10.38
N GLU K 196 -49.12 -21.47 -10.81
CA GLU K 196 -49.45 -21.08 -12.17
C GLU K 196 -48.18 -20.85 -13.00
N VAL K 197 -48.05 -21.54 -14.12
CA VAL K 197 -46.85 -21.42 -14.92
C VAL K 197 -47.12 -20.81 -16.28
N THR K 198 -46.41 -19.73 -16.58
CA THR K 198 -46.50 -19.08 -17.88
C THR K 198 -45.18 -19.24 -18.62
N HIS K 199 -45.27 -19.65 -19.88
CA HIS K 199 -44.10 -19.91 -20.69
C HIS K 199 -44.45 -19.74 -22.17
N GLN K 200 -43.44 -19.65 -23.02
CA GLN K 200 -43.66 -19.48 -24.45
C GLN K 200 -44.44 -20.63 -25.07
N GLY K 201 -44.02 -21.86 -24.79
CA GLY K 201 -44.64 -23.04 -25.38
C GLY K 201 -46.07 -23.25 -24.91
N SER K 203 -49.54 -21.65 -24.74
CA SER K 203 -50.48 -20.63 -25.21
C SER K 203 -51.19 -19.96 -24.04
N SER K 204 -51.76 -20.78 -23.15
CA SER K 204 -52.37 -20.29 -21.93
C SER K 204 -51.62 -20.80 -20.69
N PRO K 205 -51.59 -20.01 -19.62
CA PRO K 205 -50.92 -20.36 -18.36
C PRO K 205 -51.41 -21.68 -17.79
N VAL K 206 -50.50 -22.55 -17.37
CA VAL K 206 -50.88 -23.82 -16.76
C VAL K 206 -50.82 -23.76 -15.23
N THR K 207 -51.97 -23.98 -14.58
CA THR K 207 -52.05 -23.93 -13.13
C THR K 207 -52.25 -25.34 -12.56
N LYS K 208 -51.20 -25.88 -11.93
CA LYS K 208 -51.28 -27.19 -11.30
C LYS K 208 -51.54 -27.04 -9.80
N SER K 209 -52.49 -27.80 -9.26
CA SER K 209 -52.90 -27.58 -7.87
C SER K 209 -53.33 -28.83 -7.10
N PHE K 210 -53.50 -28.66 -5.78
CA PHE K 210 -54.06 -29.71 -4.93
C PHE K 210 -54.82 -29.08 -3.76
N ASN K 211 -55.50 -29.91 -2.98
CA ASN K 211 -56.17 -29.45 -1.77
C ASN K 211 -55.59 -30.07 -0.51
N ARG K 212 -55.45 -29.26 0.54
CA ARG K 212 -54.80 -29.70 1.78
C ARG K 212 -55.50 -30.87 2.47
N GLY K 213 -54.81 -32.01 2.53
CA GLY K 213 -55.31 -33.20 3.17
C GLY K 213 -56.36 -33.91 2.32
N GLU K 214 -56.31 -33.67 1.03
CA GLU K 214 -57.25 -34.29 0.10
C GLU K 214 -56.53 -35.14 -0.94
N GLN L 1 4.01 -29.94 -16.74
CA GLN L 1 2.98 -28.91 -16.68
C GLN L 1 2.88 -28.32 -15.28
N VAL L 2 2.33 -27.11 -15.19
CA VAL L 2 2.16 -26.42 -13.92
C VAL L 2 0.77 -26.64 -13.36
N GLN L 3 0.67 -26.80 -12.05
CA GLN L 3 -0.62 -26.86 -11.38
C GLN L 3 -0.61 -26.15 -10.03
N LEU L 4 -1.73 -25.53 -9.68
CA LEU L 4 -1.84 -24.80 -8.42
C LEU L 4 -2.90 -25.43 -7.54
N VAL L 5 -2.47 -25.96 -6.39
CA VAL L 5 -3.40 -26.58 -5.46
C VAL L 5 -3.61 -25.71 -4.23
N GLN L 6 -4.84 -25.25 -4.04
CA GLN L 6 -5.17 -24.35 -2.95
C GLN L 6 -5.63 -25.14 -1.73
N SER L 7 -5.89 -24.41 -0.63
CA SER L 7 -6.39 -25.02 0.58
C SER L 7 -7.86 -25.40 0.43
N GLY L 8 -8.35 -26.25 1.33
CA GLY L 8 -9.73 -26.67 1.29
C GLY L 8 -10.66 -25.54 1.68
N ALA L 9 -11.96 -25.72 1.46
CA ALA L 9 -12.94 -24.71 1.79
C ALA L 9 -13.04 -24.48 3.29
N GLU L 10 -13.40 -23.26 3.68
CA GLU L 10 -13.54 -22.94 5.09
C GLU L 10 -14.60 -21.86 5.34
N VAL L 11 -15.15 -21.88 6.54
CA VAL L 11 -16.21 -20.96 6.94
C VAL L 11 -15.73 -20.07 8.07
N LYS L 12 -15.86 -18.76 7.91
CA LYS L 12 -15.39 -17.83 8.93
C LYS L 12 -16.52 -16.94 9.44
N ARG L 13 -16.31 -16.39 10.63
CA ARG L 13 -17.25 -15.47 11.22
C ARG L 13 -16.82 -14.06 10.82
N PRO L 14 -17.77 -13.11 10.75
CA PRO L 14 -17.46 -11.72 10.43
C PRO L 14 -16.43 -11.13 11.38
N GLY L 15 -15.34 -10.59 10.85
CA GLY L 15 -14.30 -10.03 11.70
C GLY L 15 -13.02 -10.84 11.76
N SER L 16 -13.14 -12.15 11.62
CA SER L 16 -11.97 -13.00 11.68
C SER L 16 -11.24 -12.81 10.37
N SER L 17 -9.97 -13.18 10.33
CA SER L 17 -9.20 -13.00 9.12
C SER L 17 -9.08 -14.34 8.45
N VAL L 18 -9.20 -14.36 7.13
CA VAL L 18 -9.11 -15.64 6.46
C VAL L 18 -7.79 -15.65 5.73
N THR L 19 -7.27 -16.86 5.53
CA THR L 19 -6.00 -17.05 4.84
C THR L 19 -6.08 -18.28 3.96
N VAL L 20 -6.06 -18.06 2.65
CA VAL L 20 -6.15 -19.14 1.70
C VAL L 20 -4.76 -19.37 1.11
N SER L 21 -4.37 -20.63 0.97
CA SER L 21 -3.05 -20.95 0.44
C SER L 21 -3.16 -21.39 -1.02
N CYS L 22 -2.00 -21.54 -1.66
CA CYS L 22 -1.94 -21.97 -3.04
C CYS L 22 -0.53 -22.46 -3.37
N LYS L 23 -0.35 -23.77 -3.43
CA LYS L 23 0.97 -24.33 -3.68
C LYS L 23 1.17 -24.64 -5.16
N ALA L 24 2.34 -24.29 -5.68
CA ALA L 24 2.66 -24.50 -7.10
C ALA L 24 3.45 -25.79 -7.31
N SER L 25 3.04 -26.56 -8.31
CA SER L 25 3.74 -27.79 -8.68
C SER L 25 4.15 -27.75 -10.15
N GLY L 26 5.37 -28.18 -10.43
CA GLY L 26 5.90 -28.15 -11.78
C GLY L 26 6.39 -26.75 -12.11
N GLY L 27 7.26 -26.63 -13.11
CA GLY L 27 7.75 -25.32 -13.52
C GLY L 27 8.39 -24.51 -12.40
N SER L 28 8.47 -23.20 -12.61
CA SER L 28 9.03 -22.27 -11.65
C SER L 28 7.94 -21.60 -10.84
N PHE L 29 8.29 -20.54 -10.13
CA PHE L 29 7.34 -19.84 -9.27
C PHE L 29 7.75 -18.38 -9.02
N SER L 30 9.06 -18.15 -8.91
CA SER L 30 9.61 -16.86 -8.49
C SER L 30 9.42 -15.62 -9.39
N THR L 31 9.42 -15.77 -10.70
CA THR L 31 9.43 -14.60 -11.59
C THR L 31 8.13 -14.38 -12.36
N TYR L 32 7.07 -15.06 -11.97
CA TYR L 32 5.79 -14.90 -12.64
C TYR L 32 4.72 -14.45 -11.66
N ALA L 33 3.96 -13.44 -12.05
CA ALA L 33 2.96 -12.82 -11.18
C ALA L 33 1.85 -13.78 -10.79
N LEU L 34 1.58 -13.84 -9.50
CA LEU L 34 0.55 -14.73 -8.96
C LEU L 34 -0.58 -13.86 -8.45
N SER L 35 -1.75 -14.00 -9.06
CA SER L 35 -2.91 -13.18 -8.70
C SER L 35 -3.99 -13.99 -7.99
N TRP L 36 -4.91 -13.27 -7.34
CA TRP L 36 -6.04 -13.90 -6.70
C TRP L 36 -7.34 -13.32 -7.27
N VAL L 37 -8.23 -14.20 -7.71
CA VAL L 37 -9.49 -13.77 -8.32
C VAL L 37 -10.66 -14.50 -7.69
N ARG L 38 -11.57 -13.74 -7.07
CA ARG L 38 -12.73 -14.35 -6.42
C ARG L 38 -14.00 -14.25 -7.27
N GLN L 39 -14.93 -15.17 -7.03
CA GLN L 39 -16.19 -15.17 -7.78
C GLN L 39 -17.36 -15.52 -6.88
N ALA L 40 -18.23 -14.54 -6.66
CA ALA L 40 -19.44 -14.73 -5.88
C ALA L 40 -20.42 -15.67 -6.60
N PRO L 41 -21.26 -16.39 -5.84
CA PRO L 41 -22.25 -17.31 -6.40
C PRO L 41 -23.18 -16.63 -7.40
N GLY L 42 -23.16 -17.09 -8.65
CA GLY L 42 -23.99 -16.52 -9.69
C GLY L 42 -23.44 -15.25 -10.29
N ARG L 43 -22.37 -14.74 -9.71
CA ARG L 43 -21.74 -13.51 -10.18
C ARG L 43 -20.57 -13.77 -11.11
N GLY L 44 -19.94 -12.69 -11.56
CA GLY L 44 -18.82 -12.75 -12.48
C GLY L 44 -17.48 -12.81 -11.76
N LEU L 45 -16.42 -12.89 -12.54
CA LEU L 45 -15.06 -12.94 -12.01
C LEU L 45 -14.66 -11.56 -11.48
N GLU L 46 -13.86 -11.54 -10.41
CA GLU L 46 -13.45 -10.28 -9.81
C GLU L 46 -11.99 -10.28 -9.39
N TRP L 47 -11.24 -9.31 -9.89
CA TRP L 47 -9.82 -9.21 -9.57
C TRP L 47 -9.62 -8.63 -8.19
N MET L 48 -8.75 -9.25 -7.38
CA MET L 48 -8.50 -8.74 -6.04
C MET L 48 -7.13 -8.08 -5.94
N GLY L 49 -6.13 -8.78 -6.44
CA GLY L 49 -4.76 -8.30 -6.41
C GLY L 49 -3.79 -9.34 -6.92
N GLY L 50 -2.51 -8.99 -6.92
CA GLY L 50 -1.48 -9.89 -7.39
C GLY L 50 -0.14 -9.62 -6.73
N VAL L 51 0.77 -10.58 -6.84
CA VAL L 51 2.08 -10.43 -6.25
C VAL L 51 3.14 -11.19 -7.02
N ILE L 52 4.25 -10.51 -7.27
CA ILE L 52 5.43 -11.13 -7.82
C ILE L 52 6.33 -11.52 -6.66
N PRO L 53 6.48 -12.83 -6.45
CA PRO L 53 7.12 -13.59 -5.35
C PRO L 53 8.57 -13.23 -5.06
N LEU L 54 9.39 -12.85 -6.05
CA LEU L 54 10.80 -12.59 -5.71
C LEU L 54 11.01 -11.40 -4.77
N LEU L 55 10.55 -10.22 -5.13
CA LEU L 55 10.68 -9.07 -4.25
C LEU L 55 9.44 -9.01 -3.37
N THR L 56 8.45 -9.87 -3.66
CA THR L 56 7.20 -9.82 -2.92
C THR L 56 6.57 -8.43 -3.09
N ILE L 57 6.51 -8.04 -4.37
CA ILE L 57 5.88 -6.80 -4.81
C ILE L 57 4.38 -7.01 -5.04
N THR L 58 3.62 -6.39 -4.15
CA THR L 58 2.16 -6.50 -4.11
C THR L 58 1.40 -5.37 -4.80
N ASN L 59 0.38 -5.75 -5.56
CA ASN L 59 -0.50 -4.82 -6.24
C ASN L 59 -1.96 -5.11 -5.92
N TYR L 60 -2.59 -4.23 -5.13
CA TYR L 60 -3.97 -4.44 -4.70
C TYR L 60 -4.97 -3.60 -5.48
N ALA L 61 -6.17 -4.14 -5.66
CA ALA L 61 -7.27 -3.40 -6.26
C ALA L 61 -7.85 -2.43 -5.24
N PRO L 62 -8.14 -1.19 -5.67
CA PRO L 62 -8.65 -0.11 -4.82
C PRO L 62 -9.85 -0.51 -3.96
N ARG L 63 -10.68 -1.43 -4.44
CA ARG L 63 -11.87 -1.85 -3.69
C ARG L 63 -11.52 -2.64 -2.43
N PHE L 64 -10.38 -3.32 -2.44
CA PHE L 64 -9.98 -4.15 -1.31
C PHE L 64 -8.77 -3.57 -0.58
N GLN L 65 -8.21 -2.49 -1.13
CA GLN L 65 -7.01 -1.89 -0.58
C GLN L 65 -7.20 -1.48 0.88
N GLY L 66 -6.48 -2.16 1.78
CA GLY L 66 -6.56 -1.87 3.19
C GLY L 66 -6.88 -3.10 4.02
N ARG L 67 -7.83 -3.90 3.53
CA ARG L 67 -8.26 -5.11 4.23
C ARG L 67 -7.64 -6.37 3.64
N ILE L 68 -6.92 -6.20 2.54
CA ILE L 68 -6.33 -7.33 1.84
C ILE L 68 -4.83 -7.39 2.10
N THR L 69 -4.29 -8.60 2.12
CA THR L 69 -2.85 -8.78 2.29
C THR L 69 -2.41 -10.04 1.55
N ILE L 70 -1.68 -9.86 0.46
CA ILE L 70 -1.26 -10.98 -0.35
C ILE L 70 0.25 -11.18 -0.24
N THR L 71 0.65 -12.41 0.06
CA THR L 71 2.07 -12.74 0.18
C THR L 71 2.43 -14.01 -0.59
N ALA L 72 3.72 -14.31 -0.66
CA ALA L 72 4.20 -15.49 -1.38
C ALA L 72 5.49 -16.04 -0.80
N ASP L 73 5.43 -17.26 -0.27
CA ASP L 73 6.63 -17.91 0.27
C ASP L 73 7.31 -18.68 -0.84
N ARG L 74 8.52 -18.26 -1.18
CA ARG L 74 9.27 -18.89 -2.26
C ARG L 74 9.89 -20.20 -1.82
N SER L 75 10.10 -20.34 -0.52
CA SER L 75 10.73 -21.53 0.05
C SER L 75 9.84 -22.76 0.00
N THR L 76 8.54 -22.53 -0.09
CA THR L 76 7.56 -23.59 -0.13
C THR L 76 6.72 -23.51 -1.41
N SER L 77 7.04 -22.51 -2.23
CA SER L 77 6.31 -22.23 -3.46
C SER L 77 4.81 -22.05 -3.22
N THR L 78 4.46 -21.30 -2.18
CA THR L 78 3.05 -21.20 -1.79
C THR L 78 2.62 -19.75 -1.61
N ALA L 79 1.54 -19.37 -2.29
CA ALA L 79 1.00 -18.03 -2.16
C ALA L 79 -0.12 -17.99 -1.13
N TYR L 80 -0.19 -16.89 -0.38
CA TYR L 80 -1.20 -16.74 0.65
C TYR L 80 -2.01 -15.47 0.46
N LEU L 81 -3.33 -15.61 0.54
CA LEU L 81 -4.23 -14.46 0.49
C LEU L 81 -4.90 -14.30 1.83
N GLU L 82 -4.80 -13.11 2.41
CA GLU L 82 -5.42 -12.86 3.70
C GLU L 82 -6.41 -11.73 3.64
N LEU L 83 -7.68 -12.06 3.88
CA LEU L 83 -8.73 -11.04 3.86
C LEU L 83 -9.21 -10.77 5.28
N ASN L 84 -9.05 -9.51 5.69
CA ASN L 84 -9.42 -9.07 7.03
C ASN L 84 -10.80 -8.44 7.07
N SER L 85 -11.41 -8.42 8.26
CA SER L 85 -12.72 -7.82 8.46
C SER L 85 -13.76 -8.38 7.49
N LEU L 86 -14.05 -9.67 7.62
CA LEU L 86 -14.99 -10.33 6.73
C LEU L 86 -16.44 -9.93 7.04
N ARG L 87 -17.28 -10.02 6.01
CA ARG L 87 -18.70 -9.70 6.13
C ARG L 87 -19.45 -10.49 5.06
N PRO L 88 -20.74 -10.79 5.30
CA PRO L 88 -21.59 -11.64 4.45
C PRO L 88 -21.38 -11.50 2.94
N GLU L 89 -20.96 -10.33 2.46
CA GLU L 89 -20.74 -10.14 1.03
C GLU L 89 -19.34 -10.55 0.58
N ASP L 90 -18.62 -11.24 1.45
CA ASP L 90 -17.30 -11.75 1.08
C ASP L 90 -17.38 -13.23 0.71
N THR L 91 -18.58 -13.79 0.84
CA THR L 91 -18.79 -15.19 0.50
C THR L 91 -18.62 -15.41 -1.00
N ALA L 92 -17.59 -16.15 -1.37
CA ALA L 92 -17.28 -16.39 -2.78
C ALA L 92 -16.34 -17.56 -2.94
N VAL L 93 -15.97 -17.86 -4.18
CA VAL L 93 -14.96 -18.87 -4.45
C VAL L 93 -13.67 -18.17 -4.86
N TYR L 94 -12.62 -18.36 -4.07
CA TYR L 94 -11.37 -17.66 -4.31
C TYR L 94 -10.39 -18.52 -5.08
N TYR L 95 -10.04 -18.06 -6.28
CA TYR L 95 -9.14 -18.78 -7.18
C TYR L 95 -7.74 -18.18 -7.20
N CYS L 96 -6.73 -19.05 -7.21
CA CYS L 96 -5.36 -18.59 -7.36
CA CYS L 96 -5.34 -18.63 -7.35
C CYS L 96 -4.89 -18.83 -8.79
N ALA L 97 -4.50 -17.74 -9.45
CA ALA L 97 -4.08 -17.83 -10.84
C ALA L 97 -2.65 -17.34 -11.06
N ARG L 98 -2.02 -17.80 -12.13
CA ARG L 98 -0.68 -17.34 -12.47
C ARG L 98 -0.62 -17.17 -13.98
N GLU L 99 0.11 -16.14 -14.42
CA GLU L 99 0.23 -15.82 -15.83
C GLU L 99 1.03 -16.88 -16.58
N GLY L 100 0.65 -17.11 -17.83
CA GLY L 100 1.30 -18.11 -18.64
C GLY L 100 2.67 -17.68 -19.13
N THR L 101 3.27 -18.51 -19.98
CA THR L 101 4.59 -18.23 -20.50
C THR L 101 4.75 -18.77 -21.91
N THR L 102 5.89 -18.50 -22.52
CA THR L 102 6.24 -19.10 -23.80
C THR L 102 7.49 -19.97 -23.71
N LEU L 107 13.78 -18.22 -18.07
CA LEU L 107 13.52 -17.40 -19.25
C LEU L 107 12.01 -17.27 -19.43
N GLY L 108 11.50 -17.86 -20.51
CA GLY L 108 10.07 -17.91 -20.77
C GLY L 108 9.34 -16.58 -20.78
N LYS L 109 9.30 -15.92 -21.95
CA LYS L 109 8.64 -14.62 -22.09
C LYS L 109 7.23 -14.63 -21.47
N PRO L 110 7.03 -13.92 -20.35
CA PRO L 110 5.75 -14.05 -19.66
C PRO L 110 4.67 -13.26 -20.37
N ILE L 111 3.47 -13.84 -20.46
CA ILE L 111 2.38 -13.27 -21.25
C ILE L 111 1.44 -12.36 -20.46
N GLY L 112 1.43 -12.51 -19.14
CA GLY L 112 0.61 -11.65 -18.29
C GLY L 112 -0.77 -12.19 -18.02
N ALA L 113 -1.39 -12.80 -19.03
CA ALA L 113 -2.75 -13.32 -18.89
C ALA L 113 -2.74 -14.61 -18.06
N PHE L 114 -3.78 -14.79 -17.24
CA PHE L 114 -3.86 -15.93 -16.33
C PHE L 114 -4.09 -17.24 -17.07
N ALA L 115 -3.01 -17.97 -17.33
CA ALA L 115 -3.09 -19.22 -18.06
C ALA L 115 -3.04 -20.43 -17.13
N HIS L 116 -2.81 -20.20 -15.85
CA HIS L 116 -2.78 -21.31 -14.89
C HIS L 116 -3.66 -21.07 -13.67
N TRP L 117 -4.77 -21.78 -13.58
CA TRP L 117 -5.71 -21.57 -12.47
C TRP L 117 -5.69 -22.70 -11.46
N GLY L 118 -6.03 -22.38 -10.22
CA GLY L 118 -6.17 -23.37 -9.17
C GLY L 118 -7.54 -24.01 -9.25
N GLN L 119 -7.88 -24.82 -8.26
CA GLN L 119 -9.18 -25.48 -8.23
C GLN L 119 -10.24 -24.67 -7.49
N GLY L 120 -9.83 -23.57 -6.88
CA GLY L 120 -10.75 -22.69 -6.16
C GLY L 120 -10.97 -23.07 -4.71
N THR L 121 -11.30 -22.07 -3.90
CA THR L 121 -11.54 -22.29 -2.47
C THR L 121 -12.79 -21.57 -1.98
N LEU L 122 -13.79 -22.33 -1.56
CA LEU L 122 -15.04 -21.74 -1.08
C LEU L 122 -14.89 -21.16 0.32
N VAL L 123 -15.01 -19.85 0.43
CA VAL L 123 -14.95 -19.17 1.72
C VAL L 123 -16.30 -18.56 2.06
N THR L 124 -16.99 -19.18 3.01
CA THR L 124 -18.32 -18.75 3.40
C THR L 124 -18.29 -17.88 4.66
N VAL L 125 -18.73 -16.64 4.51
CA VAL L 125 -18.79 -15.72 5.64
C VAL L 125 -20.23 -15.57 6.11
N SER L 126 -20.53 -16.20 7.24
CA SER L 126 -21.86 -16.18 7.82
C SER L 126 -21.78 -16.37 9.33
N SER L 127 -22.79 -15.90 10.04
CA SER L 127 -22.83 -16.02 11.49
C SER L 127 -23.61 -17.25 11.91
N ALA L 128 -23.67 -18.25 11.04
CA ALA L 128 -24.38 -19.49 11.34
C ALA L 128 -23.48 -20.59 11.89
N SER L 129 -24.09 -21.75 12.14
CA SER L 129 -23.40 -22.92 12.71
C SER L 129 -23.59 -24.16 11.83
N THR L 130 -22.53 -24.97 11.72
CA THR L 130 -22.57 -26.18 10.89
C THR L 130 -23.69 -27.15 11.27
N LYS L 131 -24.72 -27.24 10.42
CA LYS L 131 -25.88 -28.09 10.71
C LYS L 131 -26.20 -29.07 9.57
N GLY L 132 -26.51 -30.31 9.92
CA GLY L 132 -26.92 -31.32 8.96
C GLY L 132 -28.30 -31.07 8.36
N PRO L 133 -28.47 -31.46 7.09
CA PRO L 133 -29.71 -31.24 6.33
C PRO L 133 -30.84 -32.21 6.70
N SER L 134 -32.08 -31.72 6.64
CA SER L 134 -33.25 -32.58 6.81
C SER L 134 -33.71 -32.98 5.42
N VAL L 135 -33.88 -34.28 5.20
CA VAL L 135 -34.25 -34.79 3.88
C VAL L 135 -35.70 -35.25 3.86
N PHE L 136 -36.55 -34.55 3.12
CA PHE L 136 -37.96 -34.91 3.04
C PHE L 136 -38.31 -35.49 1.68
N PRO L 137 -39.30 -36.40 1.63
CA PRO L 137 -39.63 -37.02 0.35
C PRO L 137 -40.62 -36.20 -0.48
N LEU L 138 -40.31 -36.02 -1.76
CA LEU L 138 -41.25 -35.47 -2.72
C LEU L 138 -41.88 -36.60 -3.51
N ALA L 139 -42.95 -37.17 -2.97
CA ALA L 139 -43.60 -38.35 -3.54
C ALA L 139 -44.26 -38.04 -4.88
N PRO L 140 -44.22 -39.00 -5.81
CA PRO L 140 -44.88 -38.85 -7.11
C PRO L 140 -46.39 -38.74 -6.96
N SER L 141 -47.00 -37.80 -7.69
CA SER L 141 -48.44 -37.56 -7.62
C SER L 141 -49.25 -38.81 -7.93
N THR L 145 -49.02 -37.42 -14.57
CA THR L 145 -49.28 -36.56 -15.72
C THR L 145 -48.35 -36.94 -16.87
N SER L 146 -48.69 -36.46 -18.08
CA SER L 146 -47.86 -36.66 -19.28
C SER L 146 -47.90 -38.10 -19.80
N GLY L 147 -48.19 -39.07 -18.93
CA GLY L 147 -48.35 -40.44 -19.36
C GLY L 147 -48.18 -41.50 -18.30
N GLY L 148 -46.96 -41.99 -18.10
CA GLY L 148 -45.82 -41.63 -18.92
C GLY L 148 -45.09 -40.46 -18.30
N THR L 149 -43.85 -40.70 -17.87
CA THR L 149 -43.01 -39.66 -17.27
C THR L 149 -43.65 -39.00 -16.04
N ALA L 150 -43.63 -39.70 -14.92
CA ALA L 150 -44.04 -39.10 -13.66
C ALA L 150 -42.79 -38.60 -12.93
N ALA L 151 -42.96 -37.58 -12.09
CA ALA L 151 -41.83 -36.96 -11.41
C ALA L 151 -41.84 -37.16 -9.90
N LEU L 152 -40.71 -37.59 -9.35
CA LEU L 152 -40.53 -37.74 -7.92
C LEU L 152 -39.25 -37.05 -7.48
N GLY L 153 -38.94 -37.06 -6.19
CA GLY L 153 -37.68 -36.47 -5.74
C GLY L 153 -37.50 -36.35 -4.24
N CYS L 154 -36.50 -35.58 -3.81
CA CYS L 154 -36.22 -35.34 -2.39
CA CYS L 154 -36.31 -35.31 -2.40
C CYS L 154 -35.87 -33.88 -2.14
N LEU L 155 -36.51 -33.26 -1.15
CA LEU L 155 -36.23 -31.89 -0.76
C LEU L 155 -35.23 -31.87 0.40
N VAL L 156 -34.05 -31.33 0.13
CA VAL L 156 -32.99 -31.19 1.12
C VAL L 156 -33.04 -29.81 1.78
N LYS L 157 -33.66 -29.74 2.96
CA LYS L 157 -33.94 -28.45 3.60
C LYS L 157 -33.08 -28.18 4.83
N ASP L 158 -32.69 -26.92 5.00
CA ASP L 158 -32.02 -26.43 6.20
C ASP L 158 -30.69 -27.10 6.53
N TYR L 159 -29.61 -26.61 5.93
CA TYR L 159 -28.27 -27.09 6.26
C TYR L 159 -27.23 -25.96 6.16
N PHE L 160 -26.04 -26.25 6.68
CA PHE L 160 -24.92 -25.31 6.62
C PHE L 160 -23.62 -26.02 6.93
N PRO L 161 -22.57 -25.75 6.14
CA PRO L 161 -22.62 -24.91 4.94
C PRO L 161 -22.59 -25.74 3.67
N GLU L 162 -22.37 -25.09 2.54
CA GLU L 162 -22.21 -25.77 1.26
C GLU L 162 -20.93 -26.61 1.26
N PRO L 163 -20.88 -27.65 0.42
CA PRO L 163 -21.93 -28.10 -0.49
C PRO L 163 -22.60 -29.39 -0.03
N VAL L 164 -23.55 -29.86 -0.84
CA VAL L 164 -24.23 -31.13 -0.57
C VAL L 164 -24.29 -31.95 -1.85
N THR L 165 -23.91 -33.22 -1.75
CA THR L 165 -23.91 -34.10 -2.92
C THR L 165 -25.09 -35.06 -2.86
N VAL L 166 -25.96 -34.99 -3.87
CA VAL L 166 -27.14 -35.83 -3.91
C VAL L 166 -27.10 -36.80 -5.09
N SER L 167 -27.25 -38.09 -4.78
CA SER L 167 -27.29 -39.11 -5.82
C SER L 167 -28.60 -39.87 -5.77
N TRP L 168 -28.82 -40.74 -6.75
CA TRP L 168 -30.05 -41.53 -6.83
C TRP L 168 -29.77 -43.01 -6.99
N ASN L 169 -30.45 -43.81 -6.16
CA ASN L 169 -30.25 -45.26 -6.13
C ASN L 169 -28.78 -45.64 -5.98
N SER L 170 -28.08 -44.91 -5.13
CA SER L 170 -26.65 -45.11 -4.88
C SER L 170 -25.79 -44.89 -6.13
N GLY L 171 -26.36 -44.25 -7.13
CA GLY L 171 -25.63 -43.95 -8.36
C GLY L 171 -26.17 -44.66 -9.59
N ALA L 172 -27.10 -45.58 -9.40
CA ALA L 172 -27.66 -46.37 -10.50
C ALA L 172 -28.84 -45.66 -11.16
N LEU L 173 -28.87 -44.34 -11.08
CA LEU L 173 -29.93 -43.56 -11.69
C LEU L 173 -29.43 -42.16 -12.07
N THR L 174 -29.30 -41.93 -13.37
CA THR L 174 -28.78 -40.67 -13.88
C THR L 174 -29.71 -40.04 -14.91
N SER L 175 -30.52 -40.87 -15.56
CA SER L 175 -31.42 -40.40 -16.61
C SER L 175 -32.62 -39.68 -16.01
N GLY L 176 -32.76 -38.40 -16.34
CA GLY L 176 -33.88 -37.61 -15.88
C GLY L 176 -33.63 -36.98 -14.53
N VAL L 177 -32.37 -36.97 -14.10
CA VAL L 177 -32.02 -36.42 -12.79
C VAL L 177 -31.67 -34.95 -12.86
N HIS L 178 -32.34 -34.15 -12.03
CA HIS L 178 -32.05 -32.73 -11.93
C HIS L 178 -31.77 -32.35 -10.47
N THR L 179 -30.56 -31.89 -10.20
CA THR L 179 -30.20 -31.42 -8.87
C THR L 179 -30.04 -29.90 -8.88
N PHE L 180 -31.06 -29.20 -8.41
CA PHE L 180 -31.08 -27.75 -8.48
C PHE L 180 -30.04 -27.08 -7.58
N PRO L 181 -29.54 -25.90 -7.99
CA PRO L 181 -28.63 -25.11 -7.17
C PRO L 181 -29.28 -24.72 -5.84
N ALA L 182 -28.49 -24.69 -4.78
CA ALA L 182 -29.03 -24.41 -3.45
C ALA L 182 -29.36 -22.93 -3.30
N VAL L 183 -30.49 -22.65 -2.65
CA VAL L 183 -30.90 -21.29 -2.35
C VAL L 183 -30.65 -20.96 -0.88
N LEU L 184 -30.22 -19.73 -0.61
CA LEU L 184 -29.93 -19.30 0.75
C LEU L 184 -31.18 -18.72 1.40
N GLN L 185 -31.70 -19.42 2.40
CA GLN L 185 -32.92 -18.98 3.09
C GLN L 185 -32.60 -17.82 4.03
N SER L 186 -33.65 -17.18 4.54
CA SER L 186 -33.47 -16.04 5.42
C SER L 186 -32.93 -16.44 6.79
N SER L 187 -33.07 -17.72 7.12
CA SER L 187 -32.59 -18.24 8.40
C SER L 187 -31.08 -18.38 8.40
N GLY L 188 -30.49 -18.36 7.21
CA GLY L 188 -29.06 -18.52 7.05
C GLY L 188 -28.67 -19.94 6.66
N LEU L 189 -29.65 -20.82 6.54
CA LEU L 189 -29.41 -22.20 6.16
C LEU L 189 -29.78 -22.41 4.69
N TYR L 190 -29.02 -23.26 4.00
CA TYR L 190 -29.30 -23.54 2.60
C TYR L 190 -30.37 -24.61 2.42
N SER L 191 -30.88 -24.72 1.20
CA SER L 191 -31.91 -25.71 0.88
C SER L 191 -31.98 -25.93 -0.64
N LEU L 192 -32.05 -27.20 -1.04
CA LEU L 192 -32.18 -27.53 -2.45
C LEU L 192 -33.17 -28.67 -2.67
N SER L 193 -33.43 -28.99 -3.93
CA SER L 193 -34.33 -30.07 -4.28
C SER L 193 -33.70 -30.92 -5.37
N SER L 194 -33.91 -32.23 -5.29
CA SER L 194 -33.38 -33.14 -6.30
C SER L 194 -34.52 -33.96 -6.89
N VAL L 195 -34.85 -33.71 -8.15
CA VAL L 195 -35.97 -34.39 -8.78
C VAL L 195 -35.52 -35.36 -9.86
N VAL L 196 -36.40 -36.29 -10.21
CA VAL L 196 -36.13 -37.25 -11.27
C VAL L 196 -37.45 -37.72 -11.90
N THR L 197 -37.45 -37.84 -13.22
CA THR L 197 -38.60 -38.30 -13.96
C THR L 197 -38.42 -39.74 -14.43
N VAL L 198 -39.38 -40.59 -14.11
CA VAL L 198 -39.33 -42.00 -14.47
C VAL L 198 -40.67 -42.44 -15.02
N PRO L 199 -40.67 -43.45 -15.90
CA PRO L 199 -41.91 -43.99 -16.47
C PRO L 199 -42.95 -44.30 -15.40
N SER L 200 -44.19 -43.93 -15.65
CA SER L 200 -45.27 -44.08 -14.68
C SER L 200 -45.58 -45.55 -14.40
N SER L 201 -45.15 -46.43 -15.30
CA SER L 201 -45.39 -47.86 -15.14
C SER L 201 -44.36 -48.52 -14.22
N SER L 202 -43.38 -47.75 -13.77
CA SER L 202 -42.32 -48.29 -12.94
C SER L 202 -42.34 -47.72 -11.51
N LEU L 203 -43.48 -47.13 -11.13
CA LEU L 203 -43.61 -46.54 -9.79
C LEU L 203 -43.83 -47.51 -8.64
N GLY L 204 -44.60 -48.57 -8.86
CA GLY L 204 -44.91 -49.51 -7.80
C GLY L 204 -44.06 -50.75 -7.82
N THR L 205 -43.01 -50.71 -8.64
CA THR L 205 -42.12 -51.85 -8.78
C THR L 205 -40.69 -51.49 -8.43
N GLN L 206 -40.22 -50.35 -8.92
CA GLN L 206 -38.83 -49.93 -8.73
C GLN L 206 -38.65 -49.08 -7.48
N THR L 207 -37.57 -49.34 -6.76
CA THR L 207 -37.24 -48.58 -5.56
C THR L 207 -36.39 -47.36 -5.86
N TYR L 208 -36.93 -46.19 -5.54
CA TYR L 208 -36.22 -44.95 -5.79
C TYR L 208 -35.80 -44.32 -4.46
N ILE L 209 -34.49 -44.32 -4.19
CA ILE L 209 -33.98 -43.70 -2.99
C ILE L 209 -32.95 -42.61 -3.34
N CYS L 210 -33.00 -41.50 -2.61
CA CYS L 210 -32.02 -40.44 -2.81
C CYS L 210 -31.00 -40.41 -1.68
N ASN L 211 -29.73 -40.28 -2.04
CA ASN L 211 -28.64 -40.24 -1.09
C ASN L 211 -28.08 -38.84 -0.95
N VAL L 212 -28.35 -38.24 0.20
CA VAL L 212 -27.89 -36.88 0.50
C VAL L 212 -26.66 -36.94 1.40
N ASN L 213 -25.54 -36.48 0.88
CA ASN L 213 -24.29 -36.45 1.63
C ASN L 213 -23.85 -35.02 1.91
N HIS L 214 -23.64 -34.72 3.20
CA HIS L 214 -23.17 -33.41 3.62
C HIS L 214 -21.84 -33.54 4.36
N LYS L 215 -20.75 -33.27 3.63
CA LYS L 215 -19.39 -33.43 4.14
C LYS L 215 -19.07 -32.66 5.43
N PRO L 216 -19.35 -31.33 5.48
CA PRO L 216 -18.97 -30.59 6.68
C PRO L 216 -19.61 -31.09 7.97
N SER L 217 -20.87 -31.52 7.91
CA SER L 217 -21.55 -31.99 9.12
C SER L 217 -21.40 -33.49 9.29
N ASN L 218 -20.71 -34.13 8.35
CA ASN L 218 -20.50 -35.57 8.37
C ASN L 218 -21.83 -36.30 8.47
N THR L 219 -22.74 -35.99 7.56
CA THR L 219 -24.07 -36.57 7.58
C THR L 219 -24.42 -37.19 6.24
N LYS L 220 -25.00 -38.38 6.29
CA LYS L 220 -25.48 -39.05 5.10
C LYS L 220 -26.87 -39.63 5.35
N VAL L 221 -27.81 -39.28 4.48
CA VAL L 221 -29.19 -39.74 4.62
C VAL L 221 -29.65 -40.41 3.34
N ASP L 222 -30.13 -41.65 3.47
CA ASP L 222 -30.69 -42.38 2.35
C ASP L 222 -32.20 -42.47 2.44
N LYS L 223 -32.89 -41.50 1.82
CA LYS L 223 -34.34 -41.40 1.95
C LYS L 223 -35.06 -42.11 0.81
N LYS L 224 -35.98 -43.00 1.17
CA LYS L 224 -36.75 -43.75 0.19
C LYS L 224 -38.02 -43.00 -0.19
N VAL L 225 -38.20 -42.79 -1.48
CA VAL L 225 -39.35 -42.10 -2.04
C VAL L 225 -40.29 -43.09 -2.69
N GLU L 226 -41.55 -43.09 -2.24
CA GLU L 226 -42.54 -44.03 -2.74
C GLU L 226 -43.88 -43.31 -2.94
N PRO L 227 -44.73 -43.84 -3.84
CA PRO L 227 -46.04 -43.31 -4.26
C PRO L 227 -47.09 -43.02 -3.20
N LYS L 228 -48.33 -42.92 -3.67
CA LYS L 228 -49.48 -42.62 -2.83
C LYS L 228 -50.72 -43.36 -3.31
OXT UNL M . -0.87 -21.92 45.64
C1 UNL M . -0.26 -22.58 46.73
C2 UNL M . 1.11 -21.95 47.00
O1 UNL M . 1.08 -20.60 46.57
C3 UNL M . 1.84 -20.35 45.40
C4 UNL M . 3.25 -19.90 45.80
O2 UNL M . 3.72 -19.00 44.80
C5 UNL M . 3.92 -19.62 43.53
C6 UNL M . 3.97 -18.52 42.48
O3 UNL M . 4.39 -19.09 41.25
C7 UNL M . 4.93 -18.14 40.33
C8 UNL M . 6.28 -18.68 39.88
O4 UNL M . 6.66 -18.02 38.67
C9 UNL M . 7.63 -17.01 38.83
C10 UNL M . 9.00 -17.52 38.39
O5 UNL M . 9.22 -18.82 38.92
C11 UNL M . 9.81 -18.84 40.20
C12 UNL M . 9.56 -20.21 40.82
O6 UNL M . 9.87 -21.20 39.84
C13 UNL M . 9.17 -22.42 40.00
C14 UNL M . 8.89 -22.99 38.61
C32 44G N . -25.78 4.06 49.57
C31 44G N . -25.87 2.88 50.56
O31 44G N . -25.48 3.03 51.70
O2 44G N . -25.71 1.68 49.91
C2 44G N . -25.29 0.48 50.64
C1 44G N . -24.93 -0.58 49.64
O3P 44G N . -25.66 -1.77 49.90
P 44G N . -26.38 -2.50 48.68
O1P 44G N . -25.36 -3.02 47.71
O2P 44G N . -27.20 -3.66 49.21
O4P 44G N . -27.34 -1.49 47.97
C4 44G N . -28.23 -1.96 46.99
C5 44G N . -29.60 -1.50 47.31
O5 44G N . -30.28 -1.16 46.14
C6 44G N . -29.63 -0.28 48.20
O6 44G N . -30.73 -0.11 49.01
OXT UNL O . 32.82 -8.51 22.23
C1 UNL O . 32.34 -8.14 23.50
C2 UNL O . 31.29 -9.16 23.92
O1 UNL O . 31.81 -10.46 23.70
C3 UNL O . 30.82 -11.48 23.62
C4 UNL O . 30.18 -11.64 25.00
O2 UNL O . 28.90 -11.02 24.96
C5 UNL O . 28.61 -10.23 26.09
C6 UNL O . 28.76 -11.08 27.35
O3 UNL O . 27.70 -10.76 28.24
C7 UNL O . 26.43 -11.18 27.78
C8 UNL O . 25.40 -10.83 28.86
O4 UNL O . 24.54 -11.94 29.02
C9 UNL O . 25.19 -13.10 29.51
C10 UNL O . 24.26 -13.81 30.49
O5 UNL O . 24.58 -13.36 31.80
C11 UNL O . 25.91 -13.61 32.20
C12 UNL O . 26.20 -12.76 33.44
O6 UNL O . 27.33 -11.94 33.16
C13 UNL O . 27.54 -10.91 34.11
C14 UNL O . 28.71 -10.04 33.63
C32 44G P . 26.78 -12.67 -9.38
C31 44G P . 26.57 -11.19 -8.96
O31 44G P . 27.17 -10.76 -8.00
O2 44G P . 25.30 -10.76 -9.25
C2 44G P . 25.10 -9.58 -10.09
C1 44G P . 25.40 -8.34 -9.28
O3P 44G P . 24.51 -8.22 -8.19
P 44G P . 24.67 -6.96 -7.23
O1P 44G P . 26.08 -6.91 -6.68
O2P 44G P . 23.68 -7.02 -6.10
O4P 44G P . 24.39 -5.67 -8.06
C4 44G P . 23.10 -5.52 -8.61
C5 44G P . 23.11 -4.40 -9.56
O5 44G P . 21.85 -3.82 -9.64
C6 44G P . 23.48 -4.83 -10.96
O6 44G P . 22.65 -4.46 -11.99
C10 44G P . 23.69 -9.52 -10.67
O1 44G P . 23.13 -10.82 -10.67
C12 44G P . 22.36 -11.23 -11.77
C13 44G P . 21.53 -12.52 -11.68
O3 44G P . 22.47 -10.63 -12.84
C1 GOL Q . 36.85 -3.33 16.44
O1 GOL Q . 37.44 -3.71 15.21
C2 GOL Q . 36.79 -4.53 17.38
O2 GOL Q . 36.35 -5.66 16.66
C3 GOL Q . 35.82 -4.23 18.52
O3 GOL Q . 35.04 -5.38 18.78
OXT UNL R . -7.14 -3.43 -46.21
C1 UNL R . -8.26 -3.84 -46.96
C2 UNL R . -7.76 -4.56 -48.22
O1 UNL R . -8.22 -5.90 -48.18
C3 UNL R . -7.71 -6.71 -49.24
C4 UNL R . -8.89 -7.20 -50.09
O2 UNL R . -8.81 -6.56 -51.35
C5 UNL R . -9.56 -7.20 -52.37
C6 UNL R . -8.58 -7.64 -53.47
O3 UNL R . -9.08 -7.21 -54.72
C7 UNL R . -8.11 -7.21 -55.76
C8 UNL R . -8.56 -8.14 -56.89
O4 UNL R . -9.07 -9.35 -56.35
C9 UNL R . -10.49 -9.45 -56.37
C10 UNL R . -10.99 -9.31 -57.80
O5 UNL R . -11.51 -7.99 -57.96
C11 UNL R . -12.91 -7.88 -57.76
C12 UNL R . -13.18 -6.68 -56.86
O6 UNL R . -13.60 -5.59 -57.66
C13 UNL R . -13.73 -4.37 -56.96
C14 UNL R . -12.33 -3.80 -56.69
OXT UNL S . 10.22 21.64 -25.78
C1 UNL S . 11.46 21.97 -26.40
C2 UNL S . 12.17 22.98 -25.50
O1 UNL S . 13.41 23.33 -26.12
C3 UNL S . 14.40 23.77 -25.20
C4 UNL S . 13.85 25.01 -24.46
O2 UNL S . 14.74 25.34 -23.41
C5 UNL S . 14.17 26.26 -22.49
C6 UNL S . 15.12 26.44 -21.32
O3 UNL S . 14.54 25.83 -20.18
C7 UNL S . 14.87 26.46 -18.95
C8 UNL S . 14.13 27.79 -18.86
O4 UNL S . 13.94 28.09 -17.49
C9 UNL S . 15.13 28.23 -16.74
C10 UNL S . 15.37 29.72 -16.47
O5 UNL S . 15.36 30.42 -17.69
C11 UNL S . 14.82 31.73 -17.61
C12 UNL S . 14.61 32.25 -19.03
O6 UNL S . 13.30 31.89 -19.47
C13 UNL S . 12.36 32.93 -19.36
C14 UNL S . 11.14 32.57 -20.22
OXT UNL T . -19.87 -21.94 -9.81
C1 UNL T . -20.13 -22.89 -10.82
C2 UNL T . -19.94 -22.22 -12.18
O1 UNL T . -20.58 -20.96 -12.15
C3 UNL T . -20.44 -20.21 -13.35
C4 UNL T . -21.76 -20.27 -14.09
O2 UNL T . -22.58 -19.23 -13.60
C5 UNL T . -23.08 -18.37 -14.61
C6 UNL T . -22.15 -17.16 -14.72
O3 UNL T . -22.96 -16.09 -15.19
C7 UNL T . -22.29 -14.85 -15.37
C8 UNL T . -23.37 -13.77 -15.46
O4 UNL T . -23.66 -13.51 -16.83
C9 UNL T . -24.29 -14.59 -17.51
C10 UNL T . -25.49 -14.06 -18.28
O5 UNL T . -26.68 -14.57 -17.70
C11 UNL T . -26.83 -15.97 -17.78
C12 UNL T . -27.15 -16.52 -16.39
O6 UNL T . -27.95 -15.57 -15.71
C13 UNL T . -28.67 -16.11 -14.61
C14 UNL T . -27.66 -16.47 -13.51
#